data_5NG6
#
_entry.id   5NG6
#
_cell.length_a   214.684
_cell.length_b   277.061
_cell.length_c   135.636
_cell.angle_alpha   90.00
_cell.angle_beta   90.00
_cell.angle_gamma   90.00
#
_symmetry.space_group_name_H-M   'P 21 21 2'
#
loop_
_entity.id
_entity.type
_entity.pdbx_description
1 polymer 'CRISPR-associated endonuclease Cpf1'
2 polymer crRNA
3 non-polymer 'MAGNESIUM ION'
4 water water
#
loop_
_entity_poly.entity_id
_entity_poly.type
_entity_poly.pdbx_seq_one_letter_code
_entity_poly.pdbx_strand_id
1 'polypeptide(L)'
;SNASIYQEFVNKYSLSKTLRFELIPQGKTLENIKARGLILDDEKRAKDYKKAKQIIDKYHQFFIEEILSSVCISEDLLQN
YSDVYFKLKKSDDDNLQKDFKSAKDTIKKQISEYIKDSEKFKNLFNQNLIDAKKGQESDLILWLKQSKDNGIELFKANSD
ITDIDEALEIIKSFKGWTTYFKGFHENRKNVYSSNDIPTSIIYRIVDDNLPKFLENKAKYESLKDKAPEAINYEQIKKDL
AEELTFDIDYKTSEVNQRVFSLDEVFEIANFNNYLNQSGITKFNTIIGGKFVNGENTKRKGINEYINLYSQQINDKTLKK
YKMSVLFKQILSDTESKSFVIDKLEDDSDVVTTMQSFYEQIAAFKTVEEKSIKETLSLLFDDLKAQKLDLSKIYFKNDKS
LTDLSQQVFDDYSVIGTAVLEYITQQIAPKNLDNPSKKEQELIAKKTEKAKYLSLETIKLALEEFNKHRDIDKQCRFEEI
LANFAAIPMIFDEIAQNKDNLAQISIKYQNQGKKDLLQASAEDDVKAIKDLLDQTNNLLHKLKIFHISQSEDKANILDKD
EHFYLVFEECYFELANIVPLYNKIRNYITQKPYSDEKFKLNFENSTLANGWDKNKEPDNTAILFIKDDKYYLGVMNKKNN
KIFDDKAIKENKGEGYKKIVYKLLPGANKMLPKVFFSAKSIKFYNPSEDILRIRNHSTHTKNGSPQKGYEKFEFNIEDCR
KFIDFYKQSISKHPEWKDFGFRFSDTQRYNSIDEFYREVENQGYKLTFENISESYIDSVVNQGKLYLFQIYNKDFSAYSK
GRPNLHTLYWKALFDERNLQDVVYKLNGEAELFYRKQSIPKKITHPAKEAIANKNKDNPKKESVFEYDLIKDKRFTEDKF
FFHCPITINFKSSGANKFNDEINLLLKEKANDVHILSIDRGERHLAYYTLVDGKGNIIKQDTFNIIGNDRMKTNYHDKLA
AIEKDRDSARKDWKKINNIKEMKEGYLSQVVHEIAKLVIEYNAIVVFEDLNFGFKRGRFKVEKQVYQKLEKMLIEKLNYL
VFKDNEFDKTGGVLRAYQLTAPFETFKKMGKQTGIIYYVPAGFTSKICPVTGFVNQLYPKYESVSKSQEFFSKFDKICYN
LDKGYFEFSFDYKNFGDKAAKGKWTIASFGSRLINFRNSDKNHNWDTREVYPTKELEKLLKDYSIEYGHGECIKAAICGE
SDKKFFAKLTSVLNTILQMRNSKTGTELDYLISPVADVNGNFFDSRQAPKNMPQDADANGAYHIGLKGLMLLGRIKNNQE
GKKLNLVIKNEEYFEFVQNRNN
;
A,C,E,G
2 'polyribonucleotide' AAUUUCUACUGUUGUAGAUAGAUUAAAAGGUAAUUCUAUCUUG B,D,F,H
#
# COMPACT_ATOMS: atom_id res chain seq x y z
N ASN A 2 -14.09 -11.61 12.04
CA ASN A 2 -15.36 -12.19 11.63
C ASN A 2 -16.20 -12.60 12.83
N ALA A 3 -17.13 -11.72 13.22
CA ALA A 3 -18.04 -12.03 14.31
C ALA A 3 -18.95 -13.19 13.90
N SER A 4 -19.48 -13.89 14.91
CA SER A 4 -20.40 -14.97 14.64
C SER A 4 -21.76 -14.39 14.31
N ILE A 5 -22.25 -14.66 13.10
CA ILE A 5 -23.52 -14.09 12.71
C ILE A 5 -24.65 -14.65 13.55
N TYR A 6 -24.43 -15.81 14.16
CA TYR A 6 -25.40 -16.41 15.06
C TYR A 6 -25.17 -16.03 16.52
N GLN A 7 -24.21 -15.15 16.80
CA GLN A 7 -23.86 -14.82 18.18
C GLN A 7 -25.09 -14.44 19.00
N GLU A 8 -26.00 -13.68 18.40
CA GLU A 8 -27.17 -13.25 19.12
C GLU A 8 -28.37 -14.15 18.89
N PHE A 9 -28.22 -15.24 18.14
CA PHE A 9 -29.30 -16.20 18.04
C PHE A 9 -29.05 -17.21 19.12
N VAL A 10 -29.77 -17.03 20.24
CA VAL A 10 -29.65 -17.91 21.39
C VAL A 10 -30.86 -17.62 22.25
N ASN A 11 -31.23 -18.56 23.10
CA ASN A 11 -32.41 -18.40 23.95
C ASN A 11 -33.61 -17.90 23.15
N LYS A 12 -33.75 -18.37 21.91
CA LYS A 12 -34.79 -17.83 21.04
C LYS A 12 -36.17 -18.41 21.34
N TYR A 13 -36.27 -19.72 21.53
CA TYR A 13 -37.58 -20.32 21.76
C TYR A 13 -37.45 -21.53 22.66
N SER A 14 -38.59 -21.92 23.22
CA SER A 14 -38.65 -22.95 24.25
C SER A 14 -39.11 -24.27 23.67
N LEU A 15 -38.55 -25.36 24.19
CA LEU A 15 -38.94 -26.68 23.75
C LEU A 15 -38.77 -27.64 24.92
N SER A 16 -39.51 -28.74 24.85
CA SER A 16 -39.55 -29.73 25.90
C SER A 16 -38.69 -30.94 25.52
N LYS A 17 -38.07 -31.53 26.54
CA LYS A 17 -37.27 -32.74 26.37
C LYS A 17 -37.38 -33.56 27.63
N THR A 18 -37.23 -34.88 27.50
CA THR A 18 -37.31 -35.78 28.64
C THR A 18 -35.98 -36.52 28.79
N LEU A 19 -35.41 -36.43 29.97
CA LEU A 19 -34.12 -37.02 30.28
C LEU A 19 -34.36 -38.39 30.88
N ARG A 20 -33.50 -39.34 30.58
CA ARG A 20 -33.60 -40.68 31.13
C ARG A 20 -32.42 -40.98 32.05
N PHE A 21 -32.70 -41.72 33.10
CA PHE A 21 -31.69 -42.08 34.08
C PHE A 21 -32.05 -43.45 34.64
N GLU A 22 -31.08 -44.07 35.29
CA GLU A 22 -31.30 -45.31 36.01
C GLU A 22 -31.42 -44.98 37.49
N LEU A 23 -32.31 -45.70 38.17
CA LEU A 23 -32.49 -45.57 39.61
C LEU A 23 -31.85 -46.79 40.27
N ILE A 24 -30.96 -46.55 41.21
CA ILE A 24 -30.27 -47.61 41.94
C ILE A 24 -30.84 -47.63 43.35
N PRO A 25 -31.47 -48.73 43.77
CA PRO A 25 -32.02 -48.77 45.12
C PRO A 25 -30.93 -48.57 46.15
N GLN A 26 -31.25 -47.82 47.19
CA GLN A 26 -30.28 -47.45 48.20
C GLN A 26 -30.74 -47.93 49.57
N GLY A 27 -29.79 -48.45 50.34
CA GLY A 27 -30.11 -48.90 51.68
C GLY A 27 -31.02 -50.10 51.64
N LYS A 28 -32.01 -50.08 52.52
CA LYS A 28 -32.95 -51.18 52.63
C LYS A 28 -34.13 -51.02 51.69
N THR A 29 -34.09 -50.03 50.79
CA THR A 29 -35.20 -49.75 49.89
C THR A 29 -35.67 -51.02 49.19
N LEU A 30 -34.78 -51.67 48.45
CA LEU A 30 -35.17 -52.85 47.69
C LEU A 30 -35.81 -53.88 48.60
N GLU A 31 -35.25 -54.07 49.78
CA GLU A 31 -35.76 -55.06 50.71
C GLU A 31 -37.22 -54.79 51.05
N ASN A 32 -37.55 -53.53 51.28
CA ASN A 32 -38.93 -53.20 51.63
C ASN A 32 -39.85 -53.33 50.42
N ILE A 33 -39.36 -52.92 49.24
CA ILE A 33 -40.19 -52.99 48.04
C ILE A 33 -40.55 -54.43 47.74
N LYS A 34 -39.56 -55.32 47.74
CA LYS A 34 -39.85 -56.73 47.53
C LYS A 34 -40.73 -57.28 48.65
N ALA A 35 -40.57 -56.76 49.86
CA ALA A 35 -41.37 -57.24 50.97
C ALA A 35 -42.85 -56.91 50.77
N ARG A 36 -43.14 -55.69 50.32
CA ARG A 36 -44.52 -55.33 50.00
C ARG A 36 -44.96 -55.89 48.67
N GLY A 37 -44.04 -56.41 47.85
CA GLY A 37 -44.41 -56.94 46.56
C GLY A 37 -45.01 -55.90 45.63
N LEU A 38 -44.49 -54.68 45.64
CA LEU A 38 -45.03 -53.63 44.80
C LEU A 38 -44.74 -53.89 43.33
N ILE A 39 -43.52 -54.33 43.02
CA ILE A 39 -43.11 -54.54 41.64
C ILE A 39 -43.99 -55.60 41.00
N LEU A 40 -44.19 -56.72 41.69
CA LEU A 40 -44.99 -57.80 41.11
C LEU A 40 -46.42 -57.35 40.88
N ASP A 41 -46.95 -56.49 41.76
CA ASP A 41 -48.30 -55.99 41.57
C ASP A 41 -48.40 -55.15 40.31
N ASP A 42 -47.43 -54.27 40.09
CA ASP A 42 -47.46 -53.45 38.89
C ASP A 42 -47.19 -54.27 37.65
N GLU A 43 -46.37 -55.32 37.76
CA GLU A 43 -46.16 -56.22 36.64
C GLU A 43 -47.46 -56.88 36.22
N LYS A 44 -48.22 -57.38 37.20
CA LYS A 44 -49.53 -57.93 36.89
C LYS A 44 -50.43 -56.85 36.31
N ARG A 45 -50.29 -55.62 36.78
CA ARG A 45 -51.13 -54.55 36.25
C ARG A 45 -50.84 -54.33 34.78
N ALA A 46 -49.61 -54.56 34.34
CA ALA A 46 -49.28 -54.40 32.94
C ALA A 46 -49.92 -55.50 32.10
N LYS A 47 -49.86 -56.74 32.57
CA LYS A 47 -50.55 -57.81 31.87
C LYS A 47 -52.05 -57.57 31.83
N ASP A 48 -52.62 -57.13 32.95
CA ASP A 48 -54.04 -56.79 32.96
C ASP A 48 -54.33 -55.64 32.00
N TYR A 49 -53.39 -54.73 31.80
CA TYR A 49 -53.55 -53.71 30.76
C TYR A 49 -53.71 -54.36 29.40
N LYS A 50 -52.85 -55.32 29.08
CA LYS A 50 -52.93 -55.99 27.79
C LYS A 50 -54.31 -56.60 27.57
N LYS A 51 -54.83 -57.27 28.60
CA LYS A 51 -56.16 -57.83 28.47
C LYS A 51 -57.21 -56.73 28.42
N ALA A 52 -57.04 -55.70 29.24
CA ALA A 52 -58.06 -54.66 29.32
C ALA A 52 -58.25 -53.97 27.98
N LYS A 53 -57.17 -53.79 27.23
CA LYS A 53 -57.32 -53.26 25.89
C LYS A 53 -58.27 -54.12 25.08
N GLN A 54 -58.18 -55.44 25.27
CA GLN A 54 -59.02 -56.33 24.48
C GLN A 54 -60.48 -56.19 24.87
N ILE A 55 -60.77 -56.04 26.15
CA ILE A 55 -62.14 -55.81 26.56
C ILE A 55 -62.66 -54.52 25.95
N ILE A 56 -61.90 -53.44 26.10
CA ILE A 56 -62.36 -52.16 25.55
C ILE A 56 -62.56 -52.26 24.05
N ASP A 57 -61.82 -53.15 23.39
CA ASP A 57 -62.06 -53.40 21.98
C ASP A 57 -63.43 -54.02 21.75
N LYS A 58 -63.77 -55.04 22.54
CA LYS A 58 -65.09 -55.65 22.42
C LYS A 58 -66.19 -54.62 22.58
N TYR A 59 -66.04 -53.72 23.56
CA TYR A 59 -67.03 -52.67 23.73
C TYR A 59 -67.05 -51.73 22.54
N HIS A 60 -65.87 -51.42 21.99
CA HIS A 60 -65.84 -50.59 20.79
C HIS A 60 -66.60 -51.24 19.65
N GLN A 61 -66.36 -52.53 19.43
CA GLN A 61 -67.02 -53.25 18.36
C GLN A 61 -68.52 -53.25 18.55
N PHE A 62 -68.99 -53.50 19.78
CA PHE A 62 -70.41 -53.43 20.05
C PHE A 62 -70.95 -52.04 19.73
N PHE A 63 -70.26 -51.00 20.19
CA PHE A 63 -70.75 -49.65 19.96
C PHE A 63 -70.82 -49.34 18.48
N ILE A 64 -69.82 -49.79 17.71
CA ILE A 64 -69.83 -49.56 16.28
C ILE A 64 -71.09 -50.15 15.65
N GLU A 65 -71.38 -51.40 15.98
CA GLU A 65 -72.58 -52.03 15.45
C GLU A 65 -73.83 -51.27 15.84
N GLU A 66 -73.96 -50.95 17.12
CA GLU A 66 -75.19 -50.31 17.58
C GLU A 66 -75.37 -48.94 16.96
N ILE A 67 -74.33 -48.10 17.02
CA ILE A 67 -74.51 -46.74 16.54
C ILE A 67 -74.73 -46.75 15.03
N LEU A 68 -73.96 -47.54 14.29
CA LEU A 68 -74.11 -47.56 12.85
C LEU A 68 -75.49 -48.10 12.46
N SER A 69 -75.98 -49.08 13.21
CA SER A 69 -77.34 -49.55 12.97
C SER A 69 -78.34 -48.42 13.15
N SER A 70 -78.12 -47.56 14.13
CA SER A 70 -79.02 -46.44 14.35
C SER A 70 -78.85 -45.36 13.30
N VAL A 71 -77.64 -45.21 12.76
CA VAL A 71 -77.39 -44.09 11.84
C VAL A 71 -78.20 -44.26 10.57
N CYS A 72 -78.76 -43.15 10.11
CA CYS A 72 -79.42 -43.05 8.82
C CYS A 72 -78.82 -41.86 8.08
N ILE A 73 -78.77 -41.93 6.76
CA ILE A 73 -78.30 -40.80 5.96
C ILE A 73 -79.30 -40.54 4.84
N SER A 74 -79.52 -39.26 4.57
CA SER A 74 -80.58 -38.83 3.66
C SER A 74 -80.31 -39.27 2.23
N GLU A 75 -81.38 -39.55 1.51
CA GLU A 75 -81.25 -40.02 0.14
C GLU A 75 -80.64 -38.96 -0.75
N ASP A 76 -80.96 -37.69 -0.50
CA ASP A 76 -80.46 -36.63 -1.37
C ASP A 76 -78.94 -36.64 -1.41
N LEU A 77 -78.30 -36.83 -0.26
CA LEU A 77 -76.84 -36.80 -0.24
C LEU A 77 -76.27 -38.03 -0.92
N LEU A 78 -76.83 -39.21 -0.66
CA LEU A 78 -76.34 -40.40 -1.33
C LEU A 78 -76.52 -40.29 -2.84
N GLN A 79 -77.64 -39.73 -3.29
CA GLN A 79 -77.85 -39.57 -4.72
C GLN A 79 -76.88 -38.57 -5.31
N ASN A 80 -76.61 -37.48 -4.58
CA ASN A 80 -75.57 -36.56 -5.01
C ASN A 80 -74.25 -37.28 -5.18
N TYR A 81 -73.91 -38.16 -4.25
CA TYR A 81 -72.69 -38.94 -4.37
C TYR A 81 -72.69 -39.77 -5.64
N SER A 82 -73.73 -40.59 -5.81
CA SER A 82 -73.79 -41.47 -6.97
C SER A 82 -73.70 -40.67 -8.26
N ASP A 83 -74.36 -39.53 -8.31
CA ASP A 83 -74.35 -38.72 -9.52
C ASP A 83 -72.94 -38.21 -9.84
N VAL A 84 -72.30 -37.56 -8.87
CA VAL A 84 -70.97 -37.01 -9.13
C VAL A 84 -69.97 -38.12 -9.37
N TYR A 85 -70.15 -39.26 -8.68
CA TYR A 85 -69.25 -40.39 -8.86
C TYR A 85 -69.32 -40.89 -10.29
N PHE A 86 -70.51 -41.24 -10.76
CA PHE A 86 -70.64 -41.79 -12.11
C PHE A 86 -70.26 -40.76 -13.17
N LYS A 87 -70.55 -39.48 -12.92
CA LYS A 87 -70.07 -38.44 -13.82
C LYS A 87 -68.56 -38.40 -13.85
N LEU A 88 -67.93 -38.71 -12.71
CA LEU A 88 -66.48 -38.62 -12.63
C LEU A 88 -65.81 -39.79 -13.34
N LYS A 89 -66.53 -40.89 -13.53
CA LYS A 89 -65.93 -42.06 -14.17
C LYS A 89 -65.47 -41.72 -15.58
N LYS A 90 -66.37 -41.16 -16.39
CA LYS A 90 -66.07 -40.96 -17.81
C LYS A 90 -65.25 -39.71 -18.05
N SER A 91 -65.57 -38.61 -17.38
CA SER A 91 -64.86 -37.36 -17.57
C SER A 91 -64.27 -36.92 -16.25
N ASP A 92 -62.98 -36.57 -16.26
CA ASP A 92 -62.32 -36.07 -15.06
C ASP A 92 -62.25 -34.55 -15.17
N ASP A 93 -63.10 -33.89 -14.42
CA ASP A 93 -63.14 -32.44 -14.34
C ASP A 93 -62.70 -32.05 -12.94
N ASP A 94 -61.85 -31.02 -12.84
CA ASP A 94 -61.54 -30.50 -11.52
C ASP A 94 -62.79 -30.07 -10.76
N ASN A 95 -63.81 -29.60 -11.50
CA ASN A 95 -65.09 -29.29 -10.87
C ASN A 95 -65.70 -30.52 -10.23
N LEU A 96 -65.67 -31.66 -10.91
CA LEU A 96 -66.15 -32.89 -10.31
C LEU A 96 -65.25 -33.36 -9.19
N GLN A 97 -63.98 -32.96 -9.19
CA GLN A 97 -63.10 -33.31 -8.08
C GLN A 97 -63.52 -32.59 -6.82
N LYS A 98 -63.68 -31.27 -6.90
CA LYS A 98 -64.19 -30.52 -5.76
C LYS A 98 -65.59 -30.98 -5.39
N ASP A 99 -66.44 -31.22 -6.38
CA ASP A 99 -67.79 -31.68 -6.10
C ASP A 99 -67.76 -33.04 -5.41
N PHE A 100 -66.90 -33.94 -5.84
CA PHE A 100 -66.86 -35.26 -5.23
C PHE A 100 -66.35 -35.18 -3.80
N LYS A 101 -65.29 -34.42 -3.57
CA LYS A 101 -64.77 -34.29 -2.22
C LYS A 101 -65.82 -33.71 -1.29
N SER A 102 -66.50 -32.65 -1.73
CA SER A 102 -67.47 -32.01 -0.86
C SER A 102 -68.70 -32.89 -0.67
N ALA A 103 -69.13 -33.57 -1.73
CA ALA A 103 -70.27 -34.47 -1.59
C ALA A 103 -69.93 -35.63 -0.67
N LYS A 104 -68.68 -36.07 -0.70
CA LYS A 104 -68.25 -37.10 0.23
C LYS A 104 -68.18 -36.53 1.64
N ASP A 105 -67.65 -35.32 1.79
CA ASP A 105 -67.41 -34.76 3.11
C ASP A 105 -68.71 -34.51 3.85
N THR A 106 -69.76 -34.13 3.12
CA THR A 106 -71.03 -33.89 3.80
C THR A 106 -71.64 -35.20 4.26
N ILE A 107 -71.35 -36.30 3.59
CA ILE A 107 -71.79 -37.60 4.09
C ILE A 107 -71.05 -37.94 5.38
N LYS A 108 -69.73 -37.80 5.36
CA LYS A 108 -68.95 -38.06 6.56
C LYS A 108 -69.40 -37.15 7.70
N LYS A 109 -69.63 -35.87 7.41
CA LYS A 109 -70.09 -34.96 8.45
C LYS A 109 -71.39 -35.46 9.07
N GLN A 110 -72.31 -35.96 8.25
CA GLN A 110 -73.57 -36.44 8.82
C GLN A 110 -73.34 -37.66 9.69
N ILE A 111 -72.49 -38.58 9.25
CA ILE A 111 -72.24 -39.78 10.05
C ILE A 111 -71.56 -39.40 11.36
N SER A 112 -70.49 -38.61 11.27
CA SER A 112 -69.74 -38.27 12.47
C SER A 112 -70.59 -37.44 13.42
N GLU A 113 -71.25 -36.41 12.90
CA GLU A 113 -72.08 -35.57 13.76
C GLU A 113 -73.16 -36.39 14.44
N TYR A 114 -73.60 -37.49 13.83
CA TYR A 114 -74.59 -38.32 14.49
C TYR A 114 -73.97 -39.12 15.63
N ILE A 115 -72.81 -39.73 15.38
CA ILE A 115 -72.28 -40.63 16.39
C ILE A 115 -71.75 -39.85 17.58
N LYS A 116 -71.22 -38.66 17.35
CA LYS A 116 -70.58 -37.93 18.43
C LYS A 116 -71.58 -37.43 19.45
N ASP A 117 -72.82 -37.18 19.04
CA ASP A 117 -73.83 -36.73 19.97
C ASP A 117 -74.39 -37.85 20.82
N SER A 118 -74.02 -39.10 20.56
CA SER A 118 -74.54 -40.22 21.34
C SER A 118 -73.87 -40.28 22.70
N GLU A 119 -74.59 -40.83 23.68
CA GLU A 119 -74.08 -40.80 25.04
C GLU A 119 -72.97 -41.81 25.25
N LYS A 120 -73.08 -42.99 24.63
CA LYS A 120 -72.04 -43.99 24.81
C LYS A 120 -70.71 -43.49 24.28
N PHE A 121 -70.72 -42.56 23.31
CA PHE A 121 -69.48 -42.08 22.73
C PHE A 121 -68.78 -41.09 23.65
N LYS A 122 -69.55 -40.30 24.38
CA LYS A 122 -68.93 -39.22 25.13
C LYS A 122 -68.07 -39.75 26.25
N ASN A 123 -68.51 -40.79 26.93
CA ASN A 123 -67.76 -41.39 28.02
C ASN A 123 -66.80 -42.46 27.51
N LEU A 124 -66.66 -42.60 26.19
CA LEU A 124 -65.91 -43.70 25.62
C LEU A 124 -64.41 -43.51 25.76
N PHE A 125 -63.93 -42.29 25.53
CA PHE A 125 -62.50 -42.02 25.49
C PHE A 125 -61.94 -41.39 26.75
N ASN A 126 -62.74 -41.17 27.78
CA ASN A 126 -62.30 -40.41 28.93
C ASN A 126 -62.32 -41.26 30.20
N GLN A 127 -62.08 -40.61 31.33
CA GLN A 127 -62.00 -41.30 32.60
C GLN A 127 -63.30 -42.02 32.95
N ASN A 128 -64.43 -41.48 32.51
CA ASN A 128 -65.73 -42.01 32.92
C ASN A 128 -66.02 -43.41 32.36
N LEU A 129 -65.21 -43.90 31.43
CA LEU A 129 -65.48 -45.21 30.85
C LEU A 129 -65.33 -46.30 31.89
N ILE A 130 -64.18 -46.33 32.56
CA ILE A 130 -63.92 -47.34 33.58
C ILE A 130 -64.27 -46.86 34.96
N ASP A 131 -64.54 -45.58 35.14
CA ASP A 131 -64.80 -45.00 36.45
C ASP A 131 -66.28 -44.73 36.63
N ALA A 132 -66.74 -44.80 37.88
CA ALA A 132 -68.13 -44.52 38.20
C ALA A 132 -68.28 -43.05 38.55
N LYS A 133 -69.11 -42.34 37.79
CA LYS A 133 -69.36 -40.92 38.02
C LYS A 133 -70.58 -40.73 38.90
N LYS A 134 -70.49 -39.77 39.83
CA LYS A 134 -71.57 -39.49 40.76
C LYS A 134 -72.08 -40.79 41.36
N GLY A 135 -73.36 -41.07 41.19
CA GLY A 135 -73.88 -42.38 41.55
C GLY A 135 -73.77 -43.36 40.40
N GLN A 136 -73.75 -42.84 39.17
CA GLN A 136 -73.77 -43.68 37.99
C GLN A 136 -72.62 -44.70 38.00
N GLU A 137 -72.92 -45.91 37.58
CA GLU A 137 -71.91 -46.94 37.44
C GLU A 137 -71.25 -46.82 36.07
N SER A 138 -70.27 -47.68 35.83
CA SER A 138 -69.44 -47.56 34.64
C SER A 138 -70.18 -48.08 33.42
N ASP A 139 -70.16 -47.29 32.34
CA ASP A 139 -70.77 -47.72 31.09
C ASP A 139 -70.21 -49.06 30.65
N LEU A 140 -68.89 -49.24 30.76
CA LEU A 140 -68.27 -50.49 30.34
C LEU A 140 -68.68 -51.64 31.24
N ILE A 141 -68.77 -51.38 32.55
CA ILE A 141 -69.20 -52.42 33.47
C ILE A 141 -70.67 -52.76 33.25
N LEU A 142 -71.50 -51.73 33.06
CA LEU A 142 -72.90 -51.99 32.72
C LEU A 142 -73.02 -52.89 31.51
N TRP A 143 -72.23 -52.62 30.47
CA TRP A 143 -72.25 -53.43 29.27
C TRP A 143 -71.83 -54.87 29.58
N LEU A 144 -70.81 -55.04 30.41
CA LEU A 144 -70.35 -56.38 30.73
C LEU A 144 -71.40 -57.12 31.55
N LYS A 145 -72.00 -56.43 32.53
CA LYS A 145 -73.04 -57.05 33.34
C LYS A 145 -74.22 -57.45 32.47
N GLN A 146 -74.65 -56.55 31.59
CA GLN A 146 -75.73 -56.88 30.67
C GLN A 146 -75.36 -58.08 29.81
N SER A 147 -74.08 -58.22 29.48
CA SER A 147 -73.67 -59.35 28.66
C SER A 147 -73.72 -60.66 29.43
N LYS A 148 -73.52 -60.59 30.75
CA LYS A 148 -73.67 -61.79 31.56
C LYS A 148 -75.15 -62.12 31.76
N ASP A 149 -75.97 -61.09 31.99
CA ASP A 149 -77.39 -61.30 32.26
C ASP A 149 -78.08 -61.90 31.05
N ASN A 150 -77.73 -61.43 29.85
CA ASN A 150 -78.37 -61.92 28.64
C ASN A 150 -77.75 -63.22 28.15
N GLY A 151 -76.76 -63.75 28.86
CA GLY A 151 -76.26 -65.07 28.55
C GLY A 151 -75.43 -65.16 27.30
N ILE A 152 -74.86 -64.05 26.82
CA ILE A 152 -74.01 -64.07 25.65
C ILE A 152 -72.56 -64.25 26.10
N GLU A 153 -71.84 -65.14 25.44
CA GLU A 153 -70.44 -65.38 25.76
C GLU A 153 -69.60 -64.49 24.86
N LEU A 154 -69.04 -63.44 25.43
CA LEU A 154 -68.28 -62.49 24.62
C LEU A 154 -66.88 -63.02 24.32
N PHE A 155 -66.19 -63.49 25.34
CA PHE A 155 -64.76 -63.69 25.30
C PHE A 155 -64.35 -65.11 24.96
N LYS A 156 -65.30 -65.98 24.58
CA LYS A 156 -64.92 -67.34 24.21
C LYS A 156 -63.85 -67.36 23.13
N ALA A 157 -63.87 -66.41 22.22
CA ALA A 157 -62.83 -66.36 21.20
C ALA A 157 -61.47 -66.04 21.82
N ASN A 158 -61.43 -65.11 22.79
CA ASN A 158 -60.17 -64.67 23.35
C ASN A 158 -59.54 -65.75 24.21
N SER A 159 -58.27 -66.05 23.93
CA SER A 159 -57.55 -67.02 24.73
C SER A 159 -57.21 -66.45 26.10
N ASP A 160 -56.86 -65.17 26.18
CA ASP A 160 -56.41 -64.60 27.44
C ASP A 160 -57.54 -64.56 28.47
N ILE A 161 -58.73 -64.17 28.06
CA ILE A 161 -59.84 -63.97 28.98
C ILE A 161 -60.72 -65.21 28.95
N THR A 162 -60.91 -65.81 30.13
CA THR A 162 -61.73 -67.02 30.21
C THR A 162 -63.21 -66.68 30.12
N ASP A 163 -63.73 -65.96 31.11
CA ASP A 163 -65.17 -65.71 31.21
C ASP A 163 -65.42 -64.27 31.62
N ILE A 164 -66.69 -63.86 31.50
CA ILE A 164 -67.05 -62.47 31.70
C ILE A 164 -66.77 -61.99 33.11
N ASP A 165 -66.82 -62.88 34.09
CA ASP A 165 -66.50 -62.47 35.45
C ASP A 165 -65.06 -61.97 35.54
N GLU A 166 -64.14 -62.66 34.86
CA GLU A 166 -62.76 -62.22 34.85
C GLU A 166 -62.63 -60.84 34.21
N ALA A 167 -63.26 -60.66 33.05
CA ALA A 167 -63.23 -59.35 32.40
C ALA A 167 -63.75 -58.27 33.32
N LEU A 168 -64.83 -58.55 34.05
CA LEU A 168 -65.37 -57.57 34.97
C LEU A 168 -64.38 -57.27 36.09
N GLU A 169 -63.66 -58.28 36.57
CA GLU A 169 -62.69 -58.04 37.63
C GLU A 169 -61.48 -57.27 37.10
N ILE A 170 -61.05 -57.60 35.89
CA ILE A 170 -59.94 -56.87 35.29
C ILE A 170 -60.30 -55.40 35.12
N ILE A 171 -61.49 -55.14 34.59
CA ILE A 171 -61.91 -53.76 34.37
C ILE A 171 -62.06 -53.03 35.70
N LYS A 172 -62.59 -53.72 36.72
CA LYS A 172 -62.74 -53.06 38.02
C LYS A 172 -61.38 -52.76 38.62
N SER A 173 -60.39 -53.59 38.32
CA SER A 173 -59.05 -53.36 38.86
C SER A 173 -58.51 -52.01 38.44
N PHE A 174 -58.99 -51.46 37.34
CA PHE A 174 -58.45 -50.24 36.78
C PHE A 174 -59.21 -49.01 37.22
N LYS A 175 -60.13 -49.13 38.16
CA LYS A 175 -61.06 -48.04 38.43
C LYS A 175 -60.33 -46.78 38.85
N GLY A 176 -59.30 -46.90 39.67
CA GLY A 176 -58.56 -45.70 40.00
C GLY A 176 -57.39 -45.45 39.05
N TRP A 177 -57.05 -46.45 38.24
CA TRP A 177 -55.88 -46.48 37.36
C TRP A 177 -56.18 -46.01 35.95
N THR A 178 -57.35 -45.39 35.73
CA THR A 178 -57.80 -45.08 34.37
C THR A 178 -56.73 -44.42 33.53
N THR A 179 -55.79 -43.72 34.15
CA THR A 179 -54.76 -43.06 33.38
C THR A 179 -53.92 -44.05 32.57
N TYR A 180 -53.97 -45.34 32.91
CA TYR A 180 -53.23 -46.34 32.14
C TYR A 180 -53.64 -46.34 30.68
N PHE A 181 -54.88 -45.96 30.39
CA PHE A 181 -55.42 -46.01 29.04
C PHE A 181 -55.32 -44.68 28.29
N LYS A 182 -54.69 -43.67 28.90
CA LYS A 182 -54.69 -42.33 28.30
C LYS A 182 -54.06 -42.35 26.91
N GLY A 183 -53.02 -43.13 26.71
CA GLY A 183 -52.46 -43.27 25.39
C GLY A 183 -53.35 -44.11 24.49
N PHE A 184 -53.82 -45.24 25.01
CA PHE A 184 -54.68 -46.13 24.23
C PHE A 184 -55.88 -45.39 23.66
N HIS A 185 -56.62 -44.69 24.50
CA HIS A 185 -57.81 -44.01 24.02
C HIS A 185 -57.48 -43.03 22.89
N GLU A 186 -56.34 -42.35 22.98
CA GLU A 186 -55.95 -41.43 21.93
C GLU A 186 -55.87 -42.12 20.57
N ASN A 187 -55.28 -43.30 20.53
CA ASN A 187 -55.20 -44.04 19.28
C ASN A 187 -56.58 -44.47 18.80
N ARG A 188 -57.42 -44.93 19.71
CA ARG A 188 -58.77 -45.32 19.33
C ARG A 188 -59.63 -44.13 18.92
N LYS A 189 -59.23 -42.91 19.27
CA LYS A 189 -59.99 -41.74 18.87
C LYS A 189 -60.20 -41.72 17.36
N ASN A 190 -59.29 -42.32 16.60
CA ASN A 190 -59.35 -42.23 15.15
C ASN A 190 -60.47 -43.10 14.58
N VAL A 191 -60.75 -44.22 15.24
CA VAL A 191 -61.66 -45.24 14.75
C VAL A 191 -62.95 -44.56 14.32
N TYR A 192 -63.38 -43.56 15.08
CA TYR A 192 -64.60 -42.82 14.80
C TYR A 192 -64.34 -41.51 14.07
N SER A 193 -63.12 -41.25 13.63
CA SER A 193 -62.81 -39.95 13.02
C SER A 193 -63.43 -39.82 11.63
N SER A 194 -63.71 -38.58 11.24
CA SER A 194 -64.27 -38.26 9.94
C SER A 194 -63.22 -37.88 8.91
N ASN A 195 -61.96 -37.94 9.26
CA ASN A 195 -60.87 -37.48 8.40
C ASN A 195 -60.46 -38.56 7.43
N ASP A 196 -59.30 -38.38 6.80
CA ASP A 196 -58.79 -39.22 5.73
C ASP A 196 -58.14 -40.51 6.22
N ILE A 197 -58.15 -40.76 7.52
CA ILE A 197 -57.43 -41.92 8.09
C ILE A 197 -58.01 -43.21 7.52
N PRO A 198 -57.18 -44.10 6.96
CA PRO A 198 -57.71 -45.36 6.43
C PRO A 198 -58.33 -46.24 7.50
N THR A 199 -57.99 -46.06 8.76
CA THR A 199 -58.61 -46.82 9.84
C THR A 199 -59.63 -45.90 10.48
N SER A 200 -60.89 -46.09 10.08
CA SER A 200 -62.01 -45.37 10.65
C SER A 200 -63.28 -46.12 10.28
N ILE A 201 -64.34 -45.92 11.05
CA ILE A 201 -65.59 -46.54 10.64
C ILE A 201 -66.21 -45.71 9.52
N ILE A 202 -66.07 -44.39 9.59
CA ILE A 202 -66.63 -43.54 8.55
C ILE A 202 -65.91 -43.78 7.24
N TYR A 203 -64.58 -43.74 7.27
CA TYR A 203 -63.80 -43.96 6.05
C TYR A 203 -64.20 -45.27 5.39
N ARG A 204 -64.44 -46.31 6.16
CA ARG A 204 -64.82 -47.56 5.53
C ARG A 204 -66.21 -47.45 4.92
N ILE A 205 -67.12 -46.74 5.57
CA ILE A 205 -68.47 -46.62 5.05
C ILE A 205 -68.47 -45.89 3.71
N VAL A 206 -68.02 -44.64 3.72
CA VAL A 206 -68.12 -43.84 2.50
C VAL A 206 -66.95 -44.10 1.56
N ASP A 207 -65.72 -44.10 2.06
CA ASP A 207 -64.56 -44.15 1.16
C ASP A 207 -64.37 -45.53 0.56
N ASP A 208 -64.78 -46.58 1.28
CA ASP A 208 -64.56 -47.95 0.83
C ASP A 208 -65.84 -48.58 0.29
N ASN A 209 -66.85 -48.71 1.15
CA ASN A 209 -67.99 -49.57 0.84
C ASN A 209 -68.96 -48.92 -0.14
N LEU A 210 -69.18 -47.61 0.00
CA LEU A 210 -70.22 -46.98 -0.81
C LEU A 210 -69.96 -47.14 -2.29
N PRO A 211 -68.78 -46.84 -2.83
CA PRO A 211 -68.58 -47.08 -4.27
C PRO A 211 -68.85 -48.51 -4.68
N LYS A 212 -68.33 -49.48 -3.93
CA LYS A 212 -68.58 -50.87 -4.27
C LYS A 212 -70.08 -51.15 -4.32
N PHE A 213 -70.84 -50.58 -3.40
CA PHE A 213 -72.27 -50.81 -3.40
C PHE A 213 -72.92 -50.19 -4.63
N LEU A 214 -72.50 -48.99 -4.99
CA LEU A 214 -73.06 -48.37 -6.18
C LEU A 214 -72.79 -49.20 -7.41
N GLU A 215 -71.55 -49.66 -7.59
CA GLU A 215 -71.25 -50.54 -8.70
C GLU A 215 -72.12 -51.79 -8.65
N ASN A 216 -72.25 -52.39 -7.48
CA ASN A 216 -73.12 -53.56 -7.35
C ASN A 216 -74.55 -53.24 -7.74
N LYS A 217 -75.02 -52.06 -7.38
CA LYS A 217 -76.37 -51.66 -7.79
C LYS A 217 -76.46 -51.60 -9.30
N ALA A 218 -75.55 -50.88 -9.93
CA ALA A 218 -75.59 -50.75 -11.39
C ALA A 218 -75.48 -52.11 -12.05
N LYS A 219 -74.67 -53.00 -11.48
CA LYS A 219 -74.59 -54.35 -12.04
C LYS A 219 -75.89 -55.10 -11.85
N TYR A 220 -76.61 -54.83 -10.76
CA TYR A 220 -77.87 -55.52 -10.53
C TYR A 220 -78.95 -55.03 -11.48
N GLU A 221 -79.08 -53.71 -11.62
CA GLU A 221 -80.05 -53.16 -12.55
C GLU A 221 -79.79 -53.65 -13.96
N SER A 222 -78.54 -53.52 -14.43
CA SER A 222 -78.21 -54.04 -15.75
C SER A 222 -78.45 -55.54 -15.84
N LEU A 223 -78.26 -56.27 -14.74
CA LEU A 223 -78.52 -57.70 -14.76
C LEU A 223 -79.99 -57.99 -14.97
N LYS A 224 -80.86 -57.27 -14.27
CA LYS A 224 -82.30 -57.44 -14.46
C LYS A 224 -82.69 -57.12 -15.90
N ASP A 225 -82.08 -56.09 -16.46
CA ASP A 225 -82.41 -55.69 -17.83
C ASP A 225 -81.99 -56.75 -18.83
N LYS A 226 -80.69 -57.06 -18.86
CA LYS A 226 -80.14 -57.94 -19.87
C LYS A 226 -80.29 -59.43 -19.54
N ALA A 227 -80.46 -59.81 -18.28
CA ALA A 227 -80.53 -61.21 -17.88
C ALA A 227 -81.67 -61.40 -16.90
N PRO A 228 -82.91 -61.36 -17.37
CA PRO A 228 -84.04 -61.29 -16.44
C PRO A 228 -84.23 -62.55 -15.61
N GLU A 229 -83.97 -63.72 -16.16
CA GLU A 229 -84.16 -64.96 -15.42
C GLU A 229 -82.88 -65.45 -14.78
N ALA A 230 -81.80 -64.67 -14.85
CA ALA A 230 -80.52 -65.10 -14.29
C ALA A 230 -80.65 -65.49 -12.83
N ILE A 231 -81.19 -64.61 -12.01
CA ILE A 231 -81.37 -64.89 -10.61
C ILE A 231 -82.70 -65.58 -10.41
N ASN A 232 -82.75 -66.58 -9.55
CA ASN A 232 -84.02 -67.17 -9.14
C ASN A 232 -84.47 -66.40 -7.91
N TYR A 233 -85.47 -65.55 -8.10
CA TYR A 233 -85.86 -64.64 -7.04
C TYR A 233 -86.66 -65.37 -5.97
N GLU A 234 -87.42 -66.38 -6.37
CA GLU A 234 -88.18 -67.13 -5.39
C GLU A 234 -87.25 -67.95 -4.51
N GLN A 235 -86.22 -68.56 -5.10
CA GLN A 235 -85.41 -69.51 -4.34
C GLN A 235 -84.47 -68.80 -3.39
N ILE A 236 -83.92 -67.65 -3.82
CA ILE A 236 -83.00 -66.93 -2.96
C ILE A 236 -83.69 -66.51 -1.68
N LYS A 237 -85.02 -66.32 -1.72
CA LYS A 237 -85.75 -65.99 -0.52
C LYS A 237 -85.81 -67.19 0.42
N LYS A 238 -86.10 -68.37 -0.12
CA LYS A 238 -86.21 -69.54 0.74
C LYS A 238 -84.89 -69.87 1.40
N ASP A 239 -83.79 -69.79 0.64
CA ASP A 239 -82.49 -70.18 1.18
C ASP A 239 -81.94 -69.11 2.11
N LEU A 240 -81.92 -67.86 1.66
CA LEU A 240 -81.23 -66.76 2.32
C LEU A 240 -82.13 -65.93 3.22
N ALA A 241 -83.35 -66.39 3.50
CA ALA A 241 -84.34 -65.57 4.20
C ALA A 241 -83.75 -64.87 5.41
N GLU A 242 -82.93 -65.56 6.19
CA GLU A 242 -82.33 -64.94 7.36
C GLU A 242 -81.61 -63.66 6.98
N GLU A 243 -80.87 -63.69 5.88
CA GLU A 243 -80.13 -62.52 5.46
C GLU A 243 -81.03 -61.50 4.79
N LEU A 244 -82.08 -61.97 4.11
CA LEU A 244 -82.95 -61.04 3.42
C LEU A 244 -83.78 -60.21 4.38
N THR A 245 -83.87 -60.62 5.64
CA THR A 245 -84.68 -59.89 6.60
C THR A 245 -83.95 -58.63 7.04
N PHE A 246 -84.66 -57.50 6.99
CA PHE A 246 -84.10 -56.21 7.39
C PHE A 246 -85.11 -55.49 8.28
N ASP A 247 -84.60 -54.76 9.27
CA ASP A 247 -85.49 -54.20 10.28
C ASP A 247 -86.26 -53.00 9.77
N ILE A 248 -85.58 -52.09 9.07
CA ILE A 248 -86.20 -50.85 8.63
C ILE A 248 -85.86 -50.61 7.17
N ASP A 249 -86.88 -50.24 6.39
CA ASP A 249 -86.74 -49.93 4.98
C ASP A 249 -86.50 -48.43 4.83
N TYR A 250 -85.30 -48.05 4.39
CA TYR A 250 -84.96 -46.64 4.35
C TYR A 250 -85.56 -45.95 3.14
N LYS A 251 -85.96 -46.69 2.12
CA LYS A 251 -86.59 -46.08 0.97
C LYS A 251 -87.89 -45.40 1.38
N THR A 252 -88.78 -46.16 2.00
CA THR A 252 -90.06 -45.64 2.43
C THR A 252 -90.05 -45.12 3.85
N SER A 253 -88.97 -45.34 4.60
CA SER A 253 -88.86 -44.96 6.00
C SER A 253 -89.90 -45.65 6.88
N GLU A 254 -90.42 -46.79 6.45
CA GLU A 254 -91.38 -47.54 7.25
C GLU A 254 -90.65 -48.62 8.02
N VAL A 255 -91.08 -48.85 9.26
CA VAL A 255 -90.40 -49.80 10.13
C VAL A 255 -91.22 -51.06 10.17
N ASN A 256 -90.74 -52.11 9.50
CA ASN A 256 -91.38 -53.42 9.53
C ASN A 256 -90.32 -54.47 9.24
N GLN A 257 -90.45 -55.63 9.88
CA GLN A 257 -89.48 -56.71 9.70
C GLN A 257 -90.05 -57.69 8.69
N ARG A 258 -89.43 -57.75 7.52
CA ARG A 258 -89.86 -58.65 6.46
C ARG A 258 -88.69 -58.93 5.53
N VAL A 259 -88.79 -60.02 4.79
CA VAL A 259 -87.81 -60.26 3.74
C VAL A 259 -87.91 -59.14 2.73
N PHE A 260 -86.76 -58.69 2.25
CA PHE A 260 -86.70 -57.60 1.28
C PHE A 260 -86.52 -58.17 -0.12
N SER A 261 -87.09 -57.49 -1.09
CA SER A 261 -86.89 -57.88 -2.47
C SER A 261 -85.51 -57.47 -2.94
N LEU A 262 -84.94 -58.27 -3.85
CA LEU A 262 -83.65 -57.91 -4.42
C LEU A 262 -83.69 -56.52 -5.02
N ASP A 263 -84.86 -56.09 -5.50
CA ASP A 263 -85.01 -54.70 -5.90
C ASP A 263 -84.89 -53.77 -4.71
N GLU A 264 -85.47 -54.16 -3.58
CA GLU A 264 -85.43 -53.29 -2.41
C GLU A 264 -84.03 -53.21 -1.84
N VAL A 265 -83.34 -54.35 -1.75
CA VAL A 265 -82.01 -54.35 -1.14
C VAL A 265 -81.05 -53.51 -1.95
N PHE A 266 -81.30 -53.38 -3.24
CA PHE A 266 -80.42 -52.61 -4.09
C PHE A 266 -80.86 -51.16 -4.26
N GLU A 267 -81.90 -50.73 -3.57
CA GLU A 267 -82.24 -49.32 -3.56
C GLU A 267 -81.15 -48.51 -2.89
N ILE A 268 -80.81 -47.35 -3.46
CA ILE A 268 -79.68 -46.61 -2.93
C ILE A 268 -79.95 -46.19 -1.50
N ALA A 269 -81.20 -45.85 -1.19
CA ALA A 269 -81.53 -45.45 0.18
C ALA A 269 -81.26 -46.56 1.17
N ASN A 270 -81.32 -47.80 0.73
CA ASN A 270 -81.19 -48.93 1.64
C ASN A 270 -79.74 -49.28 1.92
N PHE A 271 -78.79 -48.51 1.40
CA PHE A 271 -77.40 -48.69 1.80
C PHE A 271 -77.27 -48.65 3.32
N ASN A 272 -78.18 -47.95 3.99
CA ASN A 272 -78.07 -47.76 5.43
C ASN A 272 -78.21 -49.07 6.17
N ASN A 273 -78.86 -50.07 5.59
CA ASN A 273 -78.99 -51.34 6.29
C ASN A 273 -77.67 -52.09 6.30
N TYR A 274 -76.89 -51.94 5.25
CA TYR A 274 -75.48 -52.28 5.26
C TYR A 274 -74.76 -51.09 5.88
N LEU A 275 -73.43 -51.05 5.78
CA LEU A 275 -72.53 -50.04 6.34
C LEU A 275 -72.14 -50.34 7.80
N ASN A 276 -72.76 -51.34 8.43
CA ASN A 276 -72.33 -51.85 9.72
C ASN A 276 -72.03 -53.34 9.58
N GLN A 277 -71.24 -53.85 10.52
CA GLN A 277 -70.69 -55.19 10.38
C GLN A 277 -71.78 -56.22 10.10
N SER A 278 -72.88 -56.15 10.83
CA SER A 278 -73.94 -57.14 10.66
C SER A 278 -74.55 -57.03 9.26
N GLY A 279 -74.91 -55.82 8.85
CA GLY A 279 -75.45 -55.64 7.52
C GLY A 279 -74.46 -56.01 6.44
N ILE A 280 -73.17 -55.71 6.67
CA ILE A 280 -72.16 -56.08 5.70
C ILE A 280 -72.12 -57.59 5.54
N THR A 281 -72.23 -58.33 6.64
CA THR A 281 -72.28 -59.79 6.55
C THR A 281 -73.50 -60.24 5.75
N LYS A 282 -74.67 -59.70 6.08
CA LYS A 282 -75.88 -60.06 5.35
C LYS A 282 -75.71 -59.80 3.85
N PHE A 283 -75.32 -58.57 3.50
CA PHE A 283 -75.18 -58.23 2.09
C PHE A 283 -74.22 -59.19 1.40
N ASN A 284 -73.05 -59.42 2.01
CA ASN A 284 -72.08 -60.31 1.39
C ASN A 284 -72.67 -61.70 1.18
N THR A 285 -73.49 -62.18 2.12
CA THR A 285 -74.09 -63.48 1.94
C THR A 285 -75.02 -63.47 0.74
N ILE A 286 -75.82 -62.41 0.59
CA ILE A 286 -76.66 -62.27 -0.59
C ILE A 286 -75.82 -62.37 -1.84
N ILE A 287 -74.64 -61.75 -1.82
CA ILE A 287 -73.81 -61.68 -3.00
C ILE A 287 -73.23 -63.05 -3.32
N GLY A 288 -72.67 -63.71 -2.32
CA GLY A 288 -71.93 -64.91 -2.59
C GLY A 288 -72.61 -66.21 -2.21
N GLY A 289 -73.70 -66.15 -1.45
CA GLY A 289 -74.32 -67.35 -0.95
C GLY A 289 -73.84 -67.68 0.45
N LYS A 290 -74.39 -68.75 1.01
CA LYS A 290 -74.02 -69.11 2.38
C LYS A 290 -74.05 -70.62 2.52
N PHE A 291 -73.66 -71.08 3.71
CA PHE A 291 -73.60 -72.47 4.05
C PHE A 291 -74.46 -72.73 5.28
N VAL A 292 -75.17 -73.85 5.29
CA VAL A 292 -75.87 -74.34 6.47
C VAL A 292 -75.23 -75.66 6.87
N ASN A 293 -74.97 -75.80 8.18
CA ASN A 293 -74.17 -76.93 8.65
C ASN A 293 -74.83 -78.26 8.30
N GLY A 294 -76.15 -78.31 8.33
CA GLY A 294 -76.81 -79.59 8.08
C GLY A 294 -76.87 -79.94 6.61
N GLU A 295 -76.86 -78.93 5.72
CA GLU A 295 -77.37 -79.15 4.38
C GLU A 295 -76.44 -80.00 3.52
N ASN A 296 -75.14 -79.76 3.61
CA ASN A 296 -74.08 -80.40 2.82
C ASN A 296 -73.92 -79.77 1.44
N THR A 297 -74.74 -78.80 1.07
CA THR A 297 -74.55 -78.07 -0.17
C THR A 297 -74.74 -76.58 0.10
N LYS A 298 -74.18 -75.75 -0.78
CA LYS A 298 -74.16 -74.32 -0.56
C LYS A 298 -75.43 -73.68 -1.11
N ARG A 299 -76.04 -72.83 -0.31
CA ARG A 299 -77.17 -72.05 -0.80
C ARG A 299 -76.68 -71.02 -1.81
N LYS A 300 -77.29 -71.00 -2.98
CA LYS A 300 -76.81 -70.16 -4.07
C LYS A 300 -77.00 -68.67 -3.72
N GLY A 301 -76.04 -67.86 -4.13
CA GLY A 301 -76.16 -66.42 -4.08
C GLY A 301 -76.35 -65.82 -5.46
N ILE A 302 -76.49 -64.49 -5.48
CA ILE A 302 -76.66 -63.77 -6.74
C ILE A 302 -75.57 -64.17 -7.72
N ASN A 303 -74.33 -64.23 -7.24
CA ASN A 303 -73.21 -64.51 -8.12
C ASN A 303 -73.29 -65.91 -8.70
N GLU A 304 -73.63 -66.89 -7.88
CA GLU A 304 -73.74 -68.25 -8.40
C GLU A 304 -74.89 -68.37 -9.39
N TYR A 305 -75.96 -67.59 -9.19
CA TYR A 305 -77.04 -67.61 -10.17
C TYR A 305 -76.58 -67.01 -11.49
N ILE A 306 -75.86 -65.89 -11.45
CA ILE A 306 -75.26 -65.37 -12.66
C ILE A 306 -74.36 -66.43 -13.29
N ASN A 307 -73.61 -67.14 -12.46
CA ASN A 307 -72.69 -68.16 -12.96
C ASN A 307 -73.45 -69.28 -13.65
N LEU A 308 -74.45 -69.84 -12.98
CA LEU A 308 -75.17 -70.97 -13.56
C LEU A 308 -75.96 -70.55 -14.79
N TYR A 309 -76.61 -69.38 -14.74
CA TYR A 309 -77.33 -68.93 -15.92
C TYR A 309 -76.38 -68.68 -17.07
N SER A 310 -75.17 -68.21 -16.76
CA SER A 310 -74.17 -68.11 -17.81
C SER A 310 -73.87 -69.47 -18.42
N GLN A 311 -73.92 -70.52 -17.61
CA GLN A 311 -73.71 -71.87 -18.15
C GLN A 311 -74.86 -72.28 -19.04
N GLN A 312 -76.10 -71.94 -18.65
CA GLN A 312 -77.26 -72.36 -19.43
C GLN A 312 -77.24 -71.72 -20.81
N ILE A 313 -77.03 -70.41 -20.88
CA ILE A 313 -76.97 -69.72 -22.17
C ILE A 313 -75.57 -69.73 -22.77
N ASN A 314 -74.58 -70.28 -22.06
CA ASN A 314 -73.21 -70.38 -22.56
C ASN A 314 -72.67 -69.02 -23.00
N ASP A 315 -72.80 -68.03 -22.12
CA ASP A 315 -72.41 -66.67 -22.41
C ASP A 315 -71.40 -66.20 -21.38
N LYS A 316 -70.23 -65.77 -21.87
CA LYS A 316 -69.18 -65.29 -20.98
C LYS A 316 -69.38 -63.85 -20.55
N THR A 317 -70.25 -63.11 -21.25
CA THR A 317 -70.41 -61.70 -20.89
C THR A 317 -71.11 -61.54 -19.56
N LEU A 318 -71.95 -62.50 -19.17
CA LEU A 318 -72.76 -62.32 -17.98
C LEU A 318 -71.90 -62.20 -16.72
N LYS A 319 -70.74 -62.85 -16.72
CA LYS A 319 -69.87 -62.77 -15.55
C LYS A 319 -69.36 -61.35 -15.33
N LYS A 320 -69.42 -60.49 -16.34
CA LYS A 320 -69.03 -59.10 -16.16
C LYS A 320 -69.95 -58.39 -15.17
N TYR A 321 -71.10 -58.96 -14.86
CA TYR A 321 -72.01 -58.41 -13.89
C TYR A 321 -71.82 -58.96 -12.49
N LYS A 322 -70.81 -59.81 -12.28
CA LYS A 322 -70.54 -60.33 -10.95
C LYS A 322 -70.17 -59.20 -10.01
N MET A 323 -70.44 -59.39 -8.72
CA MET A 323 -70.38 -58.32 -7.74
C MET A 323 -69.26 -58.54 -6.72
N SER A 324 -68.60 -57.45 -6.35
CA SER A 324 -67.54 -57.50 -5.36
C SER A 324 -68.10 -57.57 -3.96
N VAL A 325 -67.39 -58.25 -3.09
CA VAL A 325 -67.81 -58.43 -1.71
C VAL A 325 -67.55 -57.15 -0.95
N LEU A 326 -68.40 -56.86 0.04
CA LEU A 326 -68.21 -55.66 0.84
C LEU A 326 -67.14 -55.91 1.87
N PHE A 327 -66.32 -54.88 2.11
CA PHE A 327 -65.26 -54.99 3.09
C PHE A 327 -65.84 -55.13 4.49
N LYS A 328 -65.24 -55.98 5.30
CA LYS A 328 -65.68 -56.11 6.68
C LYS A 328 -65.42 -54.83 7.45
N GLN A 329 -66.32 -54.50 8.37
CA GLN A 329 -66.17 -53.28 9.14
C GLN A 329 -64.96 -53.36 10.06
N ILE A 330 -64.48 -52.20 10.49
CA ILE A 330 -63.31 -52.15 11.34
C ILE A 330 -63.57 -52.86 12.66
N LEU A 331 -62.50 -53.37 13.27
CA LEU A 331 -62.57 -54.05 14.55
C LEU A 331 -63.48 -55.26 14.51
N SER A 332 -63.74 -55.79 13.32
CA SER A 332 -64.55 -56.99 13.21
C SER A 332 -63.77 -58.20 13.67
N ASP A 333 -64.50 -59.24 14.05
CA ASP A 333 -63.86 -60.48 14.46
C ASP A 333 -63.56 -61.30 13.21
N THR A 334 -62.28 -61.55 12.97
CA THR A 334 -61.85 -62.26 11.77
C THR A 334 -61.95 -63.77 11.98
N ASP A 342 -50.63 -62.97 16.09
CA ASP A 342 -50.22 -61.79 15.34
C ASP A 342 -48.72 -61.52 15.48
N LYS A 343 -48.25 -61.34 16.72
CA LYS A 343 -46.85 -61.05 16.97
C LYS A 343 -46.06 -62.34 17.18
N LEU A 344 -44.84 -62.37 16.64
CA LEU A 344 -44.02 -63.58 16.58
C LEU A 344 -42.97 -63.52 17.67
N GLU A 345 -43.16 -64.32 18.72
CA GLU A 345 -42.19 -64.38 19.81
C GLU A 345 -41.28 -65.61 19.80
N ASP A 346 -41.46 -66.54 18.88
CA ASP A 346 -40.65 -67.77 18.93
C ASP A 346 -40.62 -68.42 17.55
N ASP A 347 -39.87 -69.52 17.46
CA ASP A 347 -39.76 -70.24 16.20
C ASP A 347 -41.11 -70.78 15.75
N SER A 348 -41.94 -71.23 16.71
CA SER A 348 -43.25 -71.76 16.35
C SER A 348 -44.09 -70.70 15.64
N ASP A 349 -43.98 -69.45 16.08
CA ASP A 349 -44.76 -68.40 15.45
C ASP A 349 -44.33 -68.19 14.01
N VAL A 350 -43.03 -68.18 13.74
CA VAL A 350 -42.55 -68.04 12.38
C VAL A 350 -43.08 -69.17 11.52
N VAL A 351 -42.89 -70.41 11.98
CA VAL A 351 -43.26 -71.56 11.18
C VAL A 351 -44.76 -71.62 10.97
N THR A 352 -45.53 -71.45 12.05
CA THR A 352 -46.97 -71.61 11.94
C THR A 352 -47.59 -70.49 11.10
N THR A 353 -47.14 -69.26 11.30
CA THR A 353 -47.72 -68.14 10.56
C THR A 353 -47.43 -68.25 9.08
N MET A 354 -46.21 -68.64 8.72
CA MET A 354 -45.87 -68.80 7.32
C MET A 354 -46.69 -69.93 6.70
N GLN A 355 -46.71 -71.09 7.36
CA GLN A 355 -47.49 -72.21 6.85
C GLN A 355 -48.94 -71.82 6.65
N SER A 356 -49.52 -71.12 7.63
CA SER A 356 -50.91 -70.72 7.52
C SER A 356 -51.10 -69.77 6.35
N PHE A 357 -50.18 -68.83 6.16
CA PHE A 357 -50.32 -67.86 5.08
C PHE A 357 -50.30 -68.56 3.74
N TYR A 358 -49.28 -69.38 3.49
CA TYR A 358 -49.17 -70.02 2.19
C TYR A 358 -50.25 -71.08 1.98
N GLU A 359 -50.73 -71.69 3.06
CA GLU A 359 -51.87 -72.59 2.92
C GLU A 359 -53.11 -71.81 2.48
N GLN A 360 -53.31 -70.61 3.03
CA GLN A 360 -54.41 -69.76 2.60
C GLN A 360 -54.28 -69.41 1.12
N ILE A 361 -53.06 -69.10 0.67
CA ILE A 361 -52.85 -68.78 -0.74
C ILE A 361 -53.22 -69.98 -1.61
N ALA A 362 -52.72 -71.16 -1.25
CA ALA A 362 -52.89 -72.32 -2.11
C ALA A 362 -54.35 -72.74 -2.17
N ALA A 363 -55.06 -72.66 -1.05
CA ALA A 363 -56.41 -73.16 -0.99
C ALA A 363 -57.48 -72.15 -1.40
N PHE A 364 -57.10 -70.90 -1.62
CA PHE A 364 -58.11 -69.89 -1.92
C PHE A 364 -58.73 -70.15 -3.29
N LYS A 365 -60.02 -69.84 -3.40
CA LYS A 365 -60.76 -70.02 -4.64
C LYS A 365 -61.45 -68.71 -4.99
N THR A 366 -61.22 -68.21 -6.20
CA THR A 366 -61.70 -66.90 -6.58
C THR A 366 -63.19 -66.94 -6.91
N VAL A 367 -63.73 -65.80 -7.30
CA VAL A 367 -65.14 -65.74 -7.70
C VAL A 367 -65.39 -66.67 -8.88
N GLU A 368 -64.42 -66.78 -9.79
CA GLU A 368 -64.50 -67.74 -10.88
C GLU A 368 -64.30 -69.17 -10.41
N GLU A 369 -64.03 -69.39 -9.12
CA GLU A 369 -63.93 -70.72 -8.52
C GLU A 369 -62.72 -71.49 -9.05
N LYS A 370 -61.63 -70.77 -9.29
CA LYS A 370 -60.35 -71.38 -9.61
C LYS A 370 -59.27 -70.80 -8.71
N SER A 371 -58.13 -71.47 -8.67
CA SER A 371 -57.03 -71.04 -7.83
C SER A 371 -56.46 -69.73 -8.34
N ILE A 372 -55.76 -69.02 -7.44
CA ILE A 372 -55.16 -67.73 -7.80
C ILE A 372 -54.28 -67.90 -9.01
N LYS A 373 -53.47 -68.97 -9.03
CA LYS A 373 -52.60 -69.21 -10.17
C LYS A 373 -53.43 -69.40 -11.43
N GLU A 374 -54.45 -70.26 -11.37
CA GLU A 374 -55.30 -70.48 -12.53
C GLU A 374 -56.01 -69.20 -12.92
N THR A 375 -56.51 -68.45 -11.95
CA THR A 375 -57.24 -67.23 -12.26
C THR A 375 -56.34 -66.23 -12.97
N LEU A 376 -55.15 -66.00 -12.44
CA LEU A 376 -54.26 -65.01 -13.04
C LEU A 376 -53.76 -65.50 -14.39
N SER A 377 -53.46 -66.79 -14.51
CA SER A 377 -53.06 -67.34 -15.80
C SER A 377 -54.13 -67.10 -16.84
N LEU A 378 -55.37 -67.47 -16.51
CA LEU A 378 -56.49 -67.22 -17.39
C LEU A 378 -56.64 -65.73 -17.68
N LEU A 379 -56.46 -64.90 -16.66
CA LEU A 379 -56.67 -63.47 -16.81
C LEU A 379 -55.66 -62.85 -17.77
N PHE A 380 -54.38 -63.03 -17.47
CA PHE A 380 -53.35 -62.41 -18.29
C PHE A 380 -53.28 -63.03 -19.69
N ASP A 381 -53.52 -64.34 -19.79
CA ASP A 381 -53.64 -64.95 -21.12
C ASP A 381 -54.73 -64.26 -21.94
N ASP A 382 -55.86 -63.94 -21.30
CA ASP A 382 -56.89 -63.18 -21.99
C ASP A 382 -56.36 -61.83 -22.44
N LEU A 383 -55.63 -61.14 -21.58
CA LEU A 383 -55.10 -59.84 -21.95
C LEU A 383 -54.20 -59.96 -23.17
N LYS A 384 -53.40 -61.02 -23.23
CA LYS A 384 -52.56 -61.24 -24.41
C LYS A 384 -53.41 -61.65 -25.59
N ALA A 385 -54.41 -62.49 -25.37
CA ALA A 385 -55.28 -62.96 -26.44
C ALA A 385 -56.10 -61.85 -27.06
N GLN A 386 -56.03 -60.64 -26.51
CA GLN A 386 -56.70 -59.44 -27.01
C GLN A 386 -58.18 -59.47 -26.69
N LYS A 387 -58.70 -60.54 -26.08
CA LYS A 387 -60.13 -60.63 -25.78
C LYS A 387 -60.58 -59.44 -24.94
N LEU A 388 -59.75 -59.00 -24.01
CA LEU A 388 -60.11 -57.92 -23.09
C LEU A 388 -60.04 -56.56 -23.77
N ASP A 389 -60.70 -55.57 -23.17
CA ASP A 389 -60.73 -54.21 -23.67
C ASP A 389 -59.58 -53.44 -23.01
N LEU A 390 -58.59 -53.06 -23.80
CA LEU A 390 -57.44 -52.37 -23.25
C LEU A 390 -57.71 -50.91 -22.95
N SER A 391 -58.82 -50.37 -23.45
CA SER A 391 -59.16 -48.99 -23.12
C SER A 391 -59.59 -48.87 -21.68
N LYS A 392 -60.08 -49.97 -21.09
CA LYS A 392 -60.61 -49.95 -19.74
C LYS A 392 -59.65 -50.46 -18.67
N ILE A 393 -58.42 -50.81 -19.02
CA ILE A 393 -57.47 -51.39 -18.07
C ILE A 393 -56.26 -50.48 -17.98
N TYR A 394 -55.81 -50.24 -16.76
CA TYR A 394 -54.86 -49.16 -16.52
C TYR A 394 -53.59 -49.66 -15.84
N PHE A 395 -52.50 -48.96 -16.09
CA PHE A 395 -51.27 -49.07 -15.34
C PHE A 395 -51.16 -47.88 -14.41
N LYS A 396 -50.75 -48.13 -13.17
CA LYS A 396 -50.40 -47.02 -12.30
C LYS A 396 -49.16 -46.33 -12.85
N ASN A 397 -49.12 -45.01 -12.76
CA ASN A 397 -48.08 -44.23 -13.41
C ASN A 397 -46.87 -43.98 -12.50
N ASP A 398 -46.83 -44.59 -11.33
CA ASP A 398 -45.71 -44.40 -10.41
C ASP A 398 -44.55 -45.28 -10.86
N LYS A 399 -43.55 -45.44 -9.96
CA LYS A 399 -42.33 -46.17 -10.30
C LYS A 399 -42.63 -47.56 -10.84
N SER A 400 -43.84 -48.08 -10.65
CA SER A 400 -44.17 -49.40 -11.18
C SER A 400 -44.07 -49.41 -12.70
N LEU A 401 -44.52 -48.33 -13.35
CA LEU A 401 -44.46 -48.27 -14.80
C LEU A 401 -43.04 -48.05 -15.28
N THR A 402 -42.29 -47.18 -14.61
CA THR A 402 -40.87 -47.02 -14.92
C THR A 402 -40.14 -48.35 -14.80
N ASP A 403 -40.41 -49.08 -13.71
CA ASP A 403 -39.77 -50.38 -13.53
C ASP A 403 -40.19 -51.35 -14.64
N LEU A 404 -41.46 -51.32 -15.04
CA LEU A 404 -41.89 -52.14 -16.17
C LEU A 404 -41.09 -51.79 -17.41
N SER A 405 -41.03 -50.51 -17.73
CA SER A 405 -40.30 -50.07 -18.91
C SER A 405 -38.86 -50.56 -18.88
N GLN A 406 -38.20 -50.42 -17.73
CA GLN A 406 -36.83 -50.88 -17.62
C GLN A 406 -36.77 -52.40 -17.72
N GLN A 407 -37.78 -53.07 -17.19
CA GLN A 407 -37.74 -54.52 -17.18
C GLN A 407 -37.80 -55.08 -18.59
N VAL A 408 -38.81 -54.68 -19.35
CA VAL A 408 -39.00 -55.26 -20.67
C VAL A 408 -38.17 -54.54 -21.73
N PHE A 409 -38.11 -53.22 -21.69
CA PHE A 409 -37.49 -52.44 -22.76
C PHE A 409 -36.05 -52.04 -22.45
N ASP A 410 -35.53 -52.38 -21.28
CA ASP A 410 -34.17 -52.03 -20.86
C ASP A 410 -33.93 -50.53 -20.80
N ASP A 411 -34.98 -49.72 -20.78
CA ASP A 411 -34.86 -48.30 -20.54
C ASP A 411 -36.07 -47.86 -19.74
N TYR A 412 -35.85 -47.17 -18.62
CA TYR A 412 -36.99 -46.76 -17.80
C TYR A 412 -37.77 -45.64 -18.47
N SER A 413 -37.15 -44.89 -19.37
CA SER A 413 -37.77 -43.69 -19.93
C SER A 413 -38.60 -43.96 -21.18
N VAL A 414 -38.52 -45.16 -21.76
CA VAL A 414 -39.12 -45.39 -23.07
C VAL A 414 -40.62 -45.16 -23.02
N ILE A 415 -41.32 -45.83 -22.12
CA ILE A 415 -42.78 -45.75 -22.09
C ILE A 415 -43.22 -44.31 -21.87
N GLY A 416 -42.61 -43.65 -20.88
CA GLY A 416 -43.01 -42.29 -20.57
C GLY A 416 -42.73 -41.35 -21.72
N THR A 417 -41.55 -41.46 -22.31
CA THR A 417 -41.24 -40.64 -23.47
C THR A 417 -42.20 -40.93 -24.60
N ALA A 418 -42.58 -42.19 -24.77
CA ALA A 418 -43.46 -42.56 -25.86
C ALA A 418 -44.85 -41.95 -25.68
N VAL A 419 -45.41 -42.05 -24.46
CA VAL A 419 -46.75 -41.54 -24.27
C VAL A 419 -46.78 -40.03 -24.30
N LEU A 420 -45.76 -39.38 -23.72
CA LEU A 420 -45.68 -37.93 -23.77
C LEU A 420 -45.64 -37.45 -25.22
N GLU A 421 -44.74 -38.02 -26.00
CA GLU A 421 -44.60 -37.63 -27.39
C GLU A 421 -45.87 -37.95 -28.19
N TYR A 422 -46.50 -39.09 -27.91
CA TYR A 422 -47.72 -39.44 -28.62
C TYR A 422 -48.83 -38.46 -28.32
N ILE A 423 -49.05 -38.16 -27.05
CA ILE A 423 -50.10 -37.21 -26.71
C ILE A 423 -49.75 -35.82 -27.21
N THR A 424 -48.47 -35.47 -27.24
CA THR A 424 -48.08 -34.16 -27.75
C THR A 424 -48.51 -34.01 -29.21
N GLN A 425 -48.27 -35.02 -30.04
CA GLN A 425 -48.72 -34.97 -31.42
C GLN A 425 -50.23 -35.11 -31.51
N GLN A 426 -50.87 -35.68 -30.49
CA GLN A 426 -52.30 -35.91 -30.58
C GLN A 426 -53.06 -34.61 -30.40
N ILE A 427 -52.94 -33.99 -29.24
CA ILE A 427 -53.78 -32.85 -28.92
C ILE A 427 -53.19 -31.51 -29.35
N ALA A 428 -51.91 -31.42 -29.66
CA ALA A 428 -51.30 -30.15 -30.08
C ALA A 428 -50.31 -30.39 -31.21
N PRO A 429 -50.76 -30.91 -32.35
CA PRO A 429 -49.80 -31.28 -33.40
C PRO A 429 -49.18 -30.10 -34.13
N LYS A 430 -49.88 -28.97 -34.23
CA LYS A 430 -49.47 -27.94 -35.18
C LYS A 430 -48.32 -27.09 -34.67
N ASN A 431 -48.30 -26.78 -33.38
CA ASN A 431 -47.27 -25.88 -32.83
C ASN A 431 -45.91 -26.56 -32.78
N GLN A 440 -50.23 -26.65 -22.88
CA GLN A 440 -49.01 -27.03 -22.17
C GLN A 440 -49.32 -27.72 -20.85
N GLU A 441 -50.05 -27.05 -19.98
CA GLU A 441 -50.55 -27.73 -18.79
C GLU A 441 -51.56 -28.81 -19.16
N LEU A 442 -52.22 -28.66 -20.31
CA LEU A 442 -53.24 -29.61 -20.72
C LEU A 442 -52.63 -30.96 -21.08
N ILE A 443 -51.56 -30.96 -21.88
CA ILE A 443 -50.88 -32.21 -22.19
C ILE A 443 -50.35 -32.85 -20.93
N ALA A 444 -49.91 -32.05 -19.96
CA ALA A 444 -49.41 -32.60 -18.71
C ALA A 444 -50.50 -33.36 -17.97
N LYS A 445 -51.69 -32.76 -17.84
CA LYS A 445 -52.81 -33.45 -17.21
C LYS A 445 -53.08 -34.79 -17.89
N LYS A 446 -52.92 -34.84 -19.21
CA LYS A 446 -53.23 -36.06 -19.93
C LYS A 446 -52.14 -37.11 -19.79
N THR A 447 -50.90 -36.70 -19.47
CA THR A 447 -49.83 -37.69 -19.36
C THR A 447 -49.11 -37.64 -18.03
N GLU A 448 -48.27 -36.62 -17.83
CA GLU A 448 -47.32 -36.65 -16.72
C GLU A 448 -48.04 -36.56 -15.38
N LYS A 449 -49.10 -35.77 -15.31
CA LYS A 449 -49.87 -35.66 -14.08
C LYS A 449 -51.02 -36.66 -14.01
N ALA A 450 -51.16 -37.53 -15.00
CA ALA A 450 -52.21 -38.54 -14.96
C ALA A 450 -51.83 -39.64 -13.98
N LYS A 451 -52.72 -39.90 -13.02
CA LYS A 451 -52.41 -40.88 -11.98
C LYS A 451 -52.40 -42.29 -12.55
N TYR A 452 -53.27 -42.59 -13.49
CA TYR A 452 -53.33 -43.89 -14.12
C TYR A 452 -53.39 -43.72 -15.62
N LEU A 453 -52.71 -44.59 -16.34
CA LEU A 453 -52.71 -44.58 -17.81
C LEU A 453 -53.38 -45.84 -18.33
N SER A 454 -54.12 -45.70 -19.42
CA SER A 454 -54.84 -46.82 -20.00
C SER A 454 -53.93 -47.66 -20.86
N LEU A 455 -54.14 -48.98 -20.83
CA LEU A 455 -53.36 -49.87 -21.67
C LEU A 455 -53.49 -49.49 -23.13
N GLU A 456 -54.68 -49.08 -23.56
CA GLU A 456 -54.84 -48.58 -24.93
C GLU A 456 -53.87 -47.44 -25.21
N THR A 457 -53.79 -46.46 -24.30
CA THR A 457 -52.87 -45.35 -24.50
C THR A 457 -51.45 -45.83 -24.67
N ILE A 458 -51.03 -46.80 -23.88
CA ILE A 458 -49.67 -47.28 -23.98
C ILE A 458 -49.44 -47.96 -25.33
N LYS A 459 -50.40 -48.78 -25.77
CA LYS A 459 -50.22 -49.50 -27.02
C LYS A 459 -50.15 -48.54 -28.19
N LEU A 460 -51.12 -47.63 -28.29
CA LEU A 460 -51.12 -46.65 -29.36
C LEU A 460 -49.85 -45.83 -29.33
N ALA A 461 -49.47 -45.34 -28.16
CA ALA A 461 -48.25 -44.54 -28.07
C ALA A 461 -47.04 -45.33 -28.54
N LEU A 462 -46.97 -46.61 -28.18
CA LEU A 462 -45.79 -47.40 -28.54
C LEU A 462 -45.75 -47.66 -30.04
N GLU A 463 -46.89 -47.98 -30.64
CA GLU A 463 -46.93 -48.17 -32.08
C GLU A 463 -46.46 -46.92 -32.81
N GLU A 464 -47.06 -45.78 -32.51
CA GLU A 464 -46.65 -44.53 -33.14
C GLU A 464 -45.20 -44.22 -32.83
N PHE A 465 -44.74 -44.57 -31.61
CA PHE A 465 -43.35 -44.34 -31.26
C PHE A 465 -42.42 -45.20 -32.08
N ASN A 466 -42.83 -46.43 -32.38
CA ASN A 466 -41.98 -47.36 -33.12
C ASN A 466 -41.97 -47.08 -34.62
N LYS A 467 -42.92 -46.29 -35.11
CA LYS A 467 -43.00 -46.06 -36.55
C LYS A 467 -41.75 -45.37 -37.06
N HIS A 468 -41.17 -44.48 -36.26
CA HIS A 468 -40.03 -43.68 -36.69
C HIS A 468 -38.69 -44.26 -36.28
N ARG A 469 -38.66 -45.39 -35.58
CA ARG A 469 -37.42 -45.98 -35.10
C ARG A 469 -37.10 -47.24 -35.91
N ASP A 470 -35.81 -47.51 -36.04
CA ASP A 470 -35.36 -48.73 -36.70
C ASP A 470 -35.98 -49.95 -36.03
N ILE A 471 -36.23 -50.99 -36.84
CA ILE A 471 -36.72 -52.24 -36.28
C ILE A 471 -35.73 -52.77 -35.25
N ASP A 472 -34.47 -52.37 -35.37
CA ASP A 472 -33.45 -52.74 -34.40
C ASP A 472 -33.80 -52.23 -33.02
N LYS A 473 -34.20 -50.97 -32.93
CA LYS A 473 -34.40 -50.30 -31.65
C LYS A 473 -35.86 -50.28 -31.18
N GLN A 474 -36.77 -50.92 -31.90
CA GLN A 474 -38.19 -50.80 -31.60
C GLN A 474 -38.55 -51.48 -30.29
N CYS A 475 -39.50 -50.89 -29.56
CA CYS A 475 -40.04 -51.43 -28.32
C CYS A 475 -41.52 -51.70 -28.52
N ARG A 476 -41.92 -52.96 -28.35
CA ARG A 476 -43.24 -53.40 -28.76
C ARG A 476 -44.14 -53.65 -27.56
N PHE A 477 -45.41 -53.27 -27.71
CA PHE A 477 -46.39 -53.52 -26.67
C PHE A 477 -46.60 -55.01 -26.44
N GLU A 478 -46.47 -55.83 -27.49
CA GLU A 478 -46.62 -57.27 -27.31
C GLU A 478 -45.64 -57.80 -26.28
N GLU A 479 -44.51 -57.14 -26.10
CA GLU A 479 -43.56 -57.56 -25.07
C GLU A 479 -44.14 -57.35 -23.67
N ILE A 480 -44.84 -56.24 -23.47
CA ILE A 480 -45.48 -56.00 -22.18
C ILE A 480 -46.52 -57.07 -21.89
N LEU A 481 -47.37 -57.36 -22.88
CA LEU A 481 -48.38 -58.39 -22.69
C LEU A 481 -47.75 -59.73 -22.36
N ALA A 482 -46.69 -60.09 -23.08
CA ALA A 482 -45.98 -61.33 -22.75
C ALA A 482 -45.40 -61.27 -21.34
N ASN A 483 -44.95 -60.10 -20.90
CA ASN A 483 -44.38 -59.97 -19.56
C ASN A 483 -45.38 -60.39 -18.50
N PHE A 484 -46.60 -59.87 -18.58
CA PHE A 484 -47.61 -60.26 -17.61
C PHE A 484 -48.14 -61.65 -17.87
N ALA A 485 -47.98 -62.17 -19.08
CA ALA A 485 -48.30 -63.57 -19.32
C ALA A 485 -47.33 -64.47 -18.57
N ALA A 486 -46.15 -63.96 -18.25
CA ALA A 486 -45.11 -64.77 -17.64
C ALA A 486 -45.29 -64.93 -16.14
N ILE A 487 -46.07 -64.06 -15.51
CA ILE A 487 -46.04 -63.97 -14.05
C ILE A 487 -46.49 -65.26 -13.38
N PRO A 488 -47.58 -65.91 -13.80
CA PRO A 488 -48.03 -67.11 -13.07
C PRO A 488 -46.98 -68.19 -12.94
N MET A 489 -45.96 -68.22 -13.80
CA MET A 489 -44.91 -69.21 -13.64
C MET A 489 -44.25 -69.10 -12.27
N ILE A 490 -44.17 -67.89 -11.71
CA ILE A 490 -43.57 -67.72 -10.40
C ILE A 490 -44.28 -68.59 -9.37
N PHE A 491 -45.61 -68.70 -9.47
CA PHE A 491 -46.36 -69.51 -8.53
C PHE A 491 -45.80 -70.93 -8.42
N ASP A 492 -45.36 -71.50 -9.54
CA ASP A 492 -44.82 -72.85 -9.52
C ASP A 492 -43.61 -72.94 -8.60
N GLU A 493 -42.68 -71.99 -8.72
CA GLU A 493 -41.55 -71.97 -7.79
C GLU A 493 -42.01 -71.84 -6.36
N ILE A 494 -42.98 -70.95 -6.10
CA ILE A 494 -43.57 -70.83 -4.77
C ILE A 494 -44.06 -72.19 -4.28
N ALA A 495 -44.90 -72.84 -5.07
CA ALA A 495 -45.42 -74.16 -4.70
C ALA A 495 -44.29 -75.12 -4.39
N GLN A 496 -43.24 -75.12 -5.22
CA GLN A 496 -42.10 -76.01 -4.97
C GLN A 496 -41.41 -75.66 -3.65
N ASN A 497 -41.08 -74.37 -3.46
CA ASN A 497 -40.27 -73.98 -2.31
C ASN A 497 -40.99 -74.26 -0.99
N LYS A 498 -42.29 -73.98 -0.92
CA LYS A 498 -43.02 -74.25 0.30
C LYS A 498 -42.95 -75.73 0.68
N ASP A 499 -42.94 -76.62 -0.31
CA ASP A 499 -42.78 -78.04 -0.03
C ASP A 499 -41.46 -78.33 0.69
N ASN A 500 -40.37 -77.74 0.21
CA ASN A 500 -39.11 -77.83 0.95
C ASN A 500 -39.25 -77.21 2.33
N LEU A 501 -39.95 -76.07 2.41
CA LEU A 501 -40.17 -75.43 3.71
C LEU A 501 -40.82 -76.37 4.71
N ALA A 502 -41.70 -77.25 4.24
CA ALA A 502 -42.32 -78.22 5.14
C ALA A 502 -41.26 -78.93 5.97
N GLN A 503 -40.26 -79.51 5.31
CA GLN A 503 -39.20 -80.19 6.03
C GLN A 503 -38.44 -79.22 6.93
N ILE A 504 -38.24 -77.99 6.47
CA ILE A 504 -37.58 -77.00 7.31
C ILE A 504 -38.46 -76.67 8.51
N SER A 505 -39.77 -76.78 8.35
CA SER A 505 -40.67 -76.32 9.40
C SER A 505 -40.64 -77.24 10.62
N ILE A 506 -40.38 -78.53 10.42
CA ILE A 506 -40.56 -79.49 11.50
C ILE A 506 -39.54 -79.26 12.61
N LYS A 507 -38.28 -79.04 12.23
CA LYS A 507 -37.24 -78.89 13.24
C LYS A 507 -37.47 -77.66 14.09
N TYR A 508 -38.00 -76.59 13.48
CA TYR A 508 -38.22 -75.35 14.20
C TYR A 508 -39.60 -75.26 14.81
N GLN A 509 -40.38 -76.33 14.78
CA GLN A 509 -41.74 -76.32 15.31
C GLN A 509 -41.79 -76.20 16.82
N ASN A 510 -40.65 -76.21 17.52
CA ASN A 510 -40.64 -76.14 18.97
C ASN A 510 -41.29 -74.87 19.48
N GLN A 511 -42.00 -74.98 20.61
CA GLN A 511 -42.87 -73.90 21.07
C GLN A 511 -42.09 -72.76 21.71
N GLY A 512 -41.17 -73.08 22.60
CA GLY A 512 -40.54 -72.03 23.36
C GLY A 512 -39.18 -71.61 22.85
N LYS A 513 -38.60 -72.40 21.96
CA LYS A 513 -37.21 -72.21 21.57
C LYS A 513 -37.06 -71.14 20.50
N LYS A 514 -35.98 -70.38 20.58
CA LYS A 514 -35.66 -69.31 19.64
C LYS A 514 -34.65 -69.70 18.58
N ASP A 515 -34.24 -70.97 18.51
CA ASP A 515 -33.01 -71.33 17.80
C ASP A 515 -32.98 -70.89 16.33
N LEU A 516 -34.11 -70.45 15.77
CA LEU A 516 -34.11 -70.12 14.35
C LEU A 516 -33.08 -69.06 14.00
N LEU A 517 -32.77 -68.18 14.93
CA LEU A 517 -31.87 -67.07 14.66
C LEU A 517 -30.43 -67.37 15.05
N GLN A 518 -30.12 -68.61 15.45
CA GLN A 518 -28.75 -68.96 15.75
C GLN A 518 -27.97 -69.17 14.44
N ALA A 519 -26.67 -69.43 14.57
CA ALA A 519 -25.82 -69.50 13.40
C ALA A 519 -26.03 -70.78 12.61
N SER A 520 -26.32 -71.89 13.30
CA SER A 520 -26.44 -73.15 12.61
C SER A 520 -27.61 -73.19 11.65
N ALA A 521 -28.61 -72.34 11.86
CA ALA A 521 -29.83 -72.38 11.08
C ALA A 521 -29.82 -71.45 9.88
N GLU A 522 -28.71 -70.77 9.60
CA GLU A 522 -28.74 -69.68 8.63
C GLU A 522 -29.18 -70.15 7.25
N ASP A 523 -28.80 -71.37 6.87
CA ASP A 523 -29.21 -71.88 5.56
C ASP A 523 -30.73 -71.94 5.47
N ASP A 524 -31.37 -72.50 6.49
CA ASP A 524 -32.83 -72.54 6.51
C ASP A 524 -33.42 -71.14 6.44
N VAL A 525 -32.85 -70.20 7.18
CA VAL A 525 -33.30 -68.81 7.10
C VAL A 525 -33.20 -68.30 5.68
N LYS A 526 -32.10 -68.60 4.98
CA LYS A 526 -31.97 -68.22 3.59
C LYS A 526 -33.13 -68.76 2.76
N ALA A 527 -33.51 -70.02 3.00
CA ALA A 527 -34.64 -70.59 2.30
C ALA A 527 -35.91 -69.79 2.59
N ILE A 528 -36.14 -69.50 3.86
CA ILE A 528 -37.34 -68.74 4.25
C ILE A 528 -37.35 -67.38 3.57
N LYS A 529 -36.23 -66.66 3.62
CA LYS A 529 -36.18 -65.34 3.02
C LYS A 529 -36.44 -65.43 1.52
N ASP A 530 -35.84 -66.41 0.86
CA ASP A 530 -36.02 -66.53 -0.59
C ASP A 530 -37.47 -66.74 -0.95
N LEU A 531 -38.16 -67.60 -0.20
CA LEU A 531 -39.58 -67.81 -0.44
C LEU A 531 -40.35 -66.51 -0.28
N LEU A 532 -40.22 -65.88 0.88
CA LEU A 532 -40.91 -64.62 1.09
C LEU A 532 -40.55 -63.61 0.01
N ASP A 533 -39.27 -63.53 -0.35
CA ASP A 533 -38.86 -62.59 -1.38
C ASP A 533 -39.58 -62.86 -2.69
N GLN A 534 -39.70 -64.14 -3.08
CA GLN A 534 -40.41 -64.47 -4.31
C GLN A 534 -41.84 -63.97 -4.27
N THR A 535 -42.54 -64.24 -3.18
CA THR A 535 -43.93 -63.81 -3.07
C THR A 535 -44.01 -62.29 -3.06
N ASN A 536 -43.15 -61.64 -2.30
CA ASN A 536 -43.19 -60.19 -2.20
C ASN A 536 -42.89 -59.55 -3.54
N ASN A 537 -41.88 -60.06 -4.26
CA ASN A 537 -41.58 -59.52 -5.57
C ASN A 537 -42.72 -59.76 -6.54
N LEU A 538 -43.36 -60.93 -6.46
CA LEU A 538 -44.55 -61.19 -7.26
C LEU A 538 -45.61 -60.13 -7.01
N LEU A 539 -45.86 -59.80 -5.74
CA LEU A 539 -46.81 -58.76 -5.42
C LEU A 539 -46.39 -57.42 -6.04
N HIS A 540 -45.09 -57.10 -5.99
CA HIS A 540 -44.62 -55.84 -6.54
C HIS A 540 -44.89 -55.74 -8.04
N LYS A 541 -44.76 -56.85 -8.75
CA LYS A 541 -45.07 -56.83 -10.17
C LYS A 541 -46.56 -56.62 -10.39
N LEU A 542 -47.40 -57.26 -9.59
CA LEU A 542 -48.84 -57.09 -9.76
C LEU A 542 -49.31 -55.74 -9.27
N LYS A 543 -48.52 -55.06 -8.43
CA LYS A 543 -48.97 -53.83 -7.80
C LYS A 543 -49.35 -52.77 -8.82
N ILE A 544 -48.85 -52.89 -10.05
CA ILE A 544 -49.07 -51.83 -11.03
C ILE A 544 -50.54 -51.74 -11.41
N PHE A 545 -51.25 -52.87 -11.37
CA PHE A 545 -52.66 -52.86 -11.75
C PHE A 545 -53.55 -52.31 -10.65
N HIS A 546 -53.13 -52.42 -9.39
CA HIS A 546 -53.99 -52.06 -8.27
C HIS A 546 -54.46 -50.61 -8.36
N ILE A 547 -55.71 -50.38 -8.00
CA ILE A 547 -56.30 -49.05 -8.02
C ILE A 547 -56.28 -48.51 -6.59
N SER A 548 -55.44 -47.52 -6.35
CA SER A 548 -55.27 -46.95 -5.02
C SER A 548 -55.61 -45.47 -5.06
N GLN A 549 -56.55 -45.05 -4.23
CA GLN A 549 -56.89 -43.64 -4.15
C GLN A 549 -55.72 -42.84 -3.59
N SER A 550 -55.35 -41.77 -4.28
CA SER A 550 -54.25 -40.90 -3.88
C SER A 550 -54.80 -39.52 -3.63
N GLU A 551 -54.27 -38.85 -2.61
CA GLU A 551 -54.81 -37.54 -2.25
C GLU A 551 -54.60 -36.55 -3.39
N ASP A 552 -55.53 -35.60 -3.48
CA ASP A 552 -55.69 -34.57 -4.50
C ASP A 552 -56.40 -35.10 -5.75
N LYS A 553 -56.66 -36.41 -5.86
CA LYS A 553 -57.45 -36.95 -6.96
C LYS A 553 -58.28 -38.12 -6.48
N ALA A 554 -59.55 -38.16 -6.90
CA ALA A 554 -60.39 -39.27 -6.50
C ALA A 554 -59.95 -40.57 -7.17
N ASN A 555 -59.42 -40.50 -8.39
CA ASN A 555 -58.98 -41.69 -9.12
C ASN A 555 -60.12 -42.67 -9.32
N ILE A 556 -61.28 -42.16 -9.68
CA ILE A 556 -62.38 -42.97 -10.18
C ILE A 556 -62.24 -43.04 -11.69
N LEU A 557 -62.18 -44.25 -12.24
CA LEU A 557 -61.95 -44.39 -13.67
C LEU A 557 -62.79 -45.52 -14.23
N ASP A 558 -63.23 -45.34 -15.47
CA ASP A 558 -63.98 -46.36 -16.17
C ASP A 558 -63.08 -47.56 -16.39
N LYS A 559 -63.52 -48.73 -15.92
CA LYS A 559 -62.65 -49.90 -15.90
C LYS A 559 -63.44 -51.15 -16.28
N ASP A 560 -62.71 -52.18 -16.68
CA ASP A 560 -63.32 -53.47 -16.94
C ASP A 560 -63.68 -54.08 -15.60
N GLU A 561 -64.97 -54.33 -15.40
CA GLU A 561 -65.41 -54.72 -14.06
C GLU A 561 -65.02 -56.14 -13.74
N HIS A 562 -64.97 -57.02 -14.75
CA HIS A 562 -64.55 -58.37 -14.49
C HIS A 562 -63.06 -58.44 -14.18
N PHE A 563 -62.23 -57.84 -15.04
CA PHE A 563 -60.80 -57.82 -14.82
C PHE A 563 -60.46 -57.37 -13.41
N TYR A 564 -60.99 -56.21 -13.00
CA TYR A 564 -60.60 -55.66 -11.72
C TYR A 564 -61.26 -56.40 -10.57
N LEU A 565 -62.42 -57.02 -10.80
CA LEU A 565 -63.03 -57.81 -9.74
C LEU A 565 -62.13 -58.99 -9.39
N VAL A 566 -61.75 -59.78 -10.39
CA VAL A 566 -60.92 -60.94 -10.10
C VAL A 566 -59.52 -60.52 -9.67
N PHE A 567 -58.96 -59.49 -10.31
CA PHE A 567 -57.60 -59.11 -9.98
C PHE A 567 -57.53 -58.56 -8.56
N GLU A 568 -58.43 -57.66 -8.20
CA GLU A 568 -58.41 -57.13 -6.84
C GLU A 568 -58.61 -58.25 -5.83
N GLU A 569 -59.46 -59.22 -6.15
CA GLU A 569 -59.67 -60.33 -5.23
C GLU A 569 -58.38 -61.10 -5.00
N CYS A 570 -57.64 -61.39 -6.08
CA CYS A 570 -56.36 -62.05 -5.92
C CYS A 570 -55.37 -61.16 -5.21
N TYR A 571 -55.33 -59.88 -5.58
CA TYR A 571 -54.30 -59.00 -5.05
C TYR A 571 -54.42 -58.85 -3.55
N PHE A 572 -55.64 -58.65 -3.04
CA PHE A 572 -55.80 -58.40 -1.62
C PHE A 572 -55.44 -59.63 -0.81
N GLU A 573 -55.73 -60.83 -1.32
CA GLU A 573 -55.30 -62.03 -0.61
C GLU A 573 -53.78 -62.17 -0.68
N LEU A 574 -53.19 -61.86 -1.82
CA LEU A 574 -51.75 -61.99 -1.93
C LEU A 574 -51.03 -60.92 -1.13
N ALA A 575 -51.64 -59.76 -0.94
CA ALA A 575 -50.96 -58.62 -0.33
C ALA A 575 -50.60 -58.84 1.12
N ASN A 576 -51.06 -59.92 1.73
CA ASN A 576 -50.77 -60.14 3.14
C ASN A 576 -49.29 -60.39 3.42
N ILE A 577 -48.44 -60.48 2.40
CA ILE A 577 -47.03 -60.76 2.63
C ILE A 577 -46.41 -59.69 3.49
N VAL A 578 -46.64 -58.43 3.16
CA VAL A 578 -45.84 -57.33 3.70
C VAL A 578 -45.95 -57.34 5.22
N PRO A 579 -47.11 -57.57 5.82
CA PRO A 579 -47.10 -57.78 7.27
C PRO A 579 -46.31 -59.00 7.66
N LEU A 580 -46.51 -60.12 6.94
CA LEU A 580 -45.75 -61.32 7.24
C LEU A 580 -44.26 -61.10 7.02
N TYR A 581 -43.90 -60.54 5.88
CA TYR A 581 -42.49 -60.30 5.58
C TYR A 581 -41.84 -59.46 6.67
N ASN A 582 -42.48 -58.37 7.05
CA ASN A 582 -41.90 -57.50 8.07
C ASN A 582 -41.82 -58.20 9.42
N LYS A 583 -42.83 -58.99 9.77
CA LYS A 583 -42.82 -59.65 11.07
C LYS A 583 -41.69 -60.66 11.16
N ILE A 584 -41.56 -61.50 10.14
CA ILE A 584 -40.54 -62.54 10.17
C ILE A 584 -39.15 -61.92 10.13
N ARG A 585 -38.97 -60.90 9.29
CA ARG A 585 -37.68 -60.24 9.21
C ARG A 585 -37.31 -59.63 10.55
N ASN A 586 -38.23 -58.87 11.13
CA ASN A 586 -38.00 -58.30 12.45
C ASN A 586 -37.62 -59.36 13.45
N TYR A 587 -38.24 -60.53 13.37
CA TYR A 587 -37.89 -61.60 14.30
C TYR A 587 -36.47 -62.06 14.10
N ILE A 588 -36.02 -62.15 12.85
CA ILE A 588 -34.70 -62.69 12.59
C ILE A 588 -33.63 -61.72 13.05
N THR A 589 -33.87 -60.42 12.91
CA THR A 589 -32.85 -59.42 13.22
C THR A 589 -32.91 -58.93 14.66
N GLN A 590 -33.78 -59.47 15.49
CA GLN A 590 -33.95 -58.94 16.83
C GLN A 590 -32.65 -59.06 17.62
N LYS A 591 -32.45 -58.13 18.54
CA LYS A 591 -31.24 -58.13 19.32
C LYS A 591 -31.31 -59.20 20.41
N PRO A 592 -30.17 -59.62 20.97
CA PRO A 592 -30.22 -60.65 22.01
C PRO A 592 -31.05 -60.26 23.20
N TYR A 593 -30.99 -59.01 23.62
CA TYR A 593 -31.72 -58.57 24.79
C TYR A 593 -33.13 -58.14 24.41
N SER A 594 -33.90 -57.73 25.41
CA SER A 594 -35.26 -57.23 25.21
C SER A 594 -35.40 -55.91 25.94
N ASP A 595 -36.09 -54.97 25.31
CA ASP A 595 -36.29 -53.65 25.87
C ASP A 595 -37.60 -53.52 26.61
N GLU A 596 -38.34 -54.61 26.75
CA GLU A 596 -39.65 -54.56 27.40
C GLU A 596 -39.53 -54.13 28.84
N LYS A 597 -40.43 -53.26 29.27
CA LYS A 597 -40.45 -52.75 30.62
C LYS A 597 -41.88 -52.37 30.96
N PHE A 598 -42.16 -52.23 32.24
CA PHE A 598 -43.51 -51.88 32.67
C PHE A 598 -43.46 -50.74 33.66
N LYS A 599 -44.57 -50.01 33.74
CA LYS A 599 -44.61 -48.79 34.52
C LYS A 599 -44.63 -49.12 36.00
N LEU A 600 -43.90 -48.33 36.77
CA LEU A 600 -43.89 -48.45 38.22
C LEU A 600 -44.53 -47.21 38.81
N ASN A 601 -45.66 -47.37 39.46
CA ASN A 601 -46.23 -46.36 40.32
C ASN A 601 -46.37 -47.00 41.68
N PHE A 602 -45.82 -46.36 42.71
CA PHE A 602 -45.85 -47.03 43.99
C PHE A 602 -47.17 -46.62 44.62
N GLU A 603 -48.16 -47.49 44.49
CA GLU A 603 -49.43 -47.37 45.19
C GLU A 603 -50.19 -46.09 44.84
N ASN A 604 -49.63 -45.21 44.01
CA ASN A 604 -50.22 -43.91 43.74
C ASN A 604 -50.62 -43.79 42.27
N SER A 605 -51.86 -43.39 42.04
CA SER A 605 -52.33 -43.19 40.66
C SER A 605 -51.60 -42.04 40.00
N THR A 606 -51.40 -40.95 40.72
CA THR A 606 -50.61 -39.83 40.22
C THR A 606 -49.28 -39.84 40.96
N LEU A 607 -48.22 -40.24 40.27
CA LEU A 607 -46.91 -40.36 40.91
C LEU A 607 -46.14 -39.06 40.76
N ALA A 608 -45.68 -38.77 39.55
CA ALA A 608 -44.85 -37.60 39.32
C ALA A 608 -45.62 -36.41 38.77
N ASN A 609 -46.95 -36.45 38.74
CA ASN A 609 -47.72 -35.42 38.04
C ASN A 609 -47.29 -34.01 38.39
N GLY A 610 -46.81 -33.78 39.59
CA GLY A 610 -46.21 -32.50 39.91
C GLY A 610 -45.22 -32.65 41.03
N TRP A 611 -44.23 -31.76 41.04
CA TRP A 611 -43.27 -31.72 42.12
C TRP A 611 -43.64 -30.70 43.19
N ASP A 612 -44.81 -30.07 43.06
CA ASP A 612 -45.17 -28.95 43.92
C ASP A 612 -45.12 -29.35 45.38
N LYS A 613 -44.73 -28.40 46.23
CA LYS A 613 -44.66 -28.66 47.66
C LYS A 613 -46.03 -28.96 48.23
N ASN A 614 -47.04 -28.17 47.84
CA ASN A 614 -48.38 -28.40 48.38
C ASN A 614 -48.92 -29.76 47.99
N LYS A 615 -48.53 -30.26 46.83
CA LYS A 615 -49.02 -31.54 46.35
C LYS A 615 -48.11 -32.69 46.72
N GLU A 616 -47.06 -32.44 47.49
CA GLU A 616 -46.14 -33.52 47.87
C GLU A 616 -46.83 -34.72 48.51
N PRO A 617 -47.77 -34.56 49.44
CA PRO A 617 -48.42 -35.75 49.99
C PRO A 617 -49.24 -36.49 48.96
N ASP A 618 -49.82 -35.78 48.01
CA ASP A 618 -50.65 -36.44 47.01
C ASP A 618 -49.79 -37.15 45.98
N ASN A 619 -48.74 -36.48 45.50
CA ASN A 619 -47.94 -37.03 44.42
C ASN A 619 -46.88 -38.01 44.91
N THR A 620 -46.33 -37.82 46.10
CA THR A 620 -45.48 -38.76 46.83
C THR A 620 -44.05 -38.85 46.29
N ALA A 621 -43.68 -38.14 45.24
CA ALA A 621 -42.33 -38.18 44.69
C ALA A 621 -41.55 -36.92 45.03
N ILE A 622 -40.35 -37.09 45.57
CA ILE A 622 -39.48 -35.98 45.97
C ILE A 622 -38.07 -36.22 45.46
N LEU A 623 -37.30 -35.13 45.37
CA LEU A 623 -35.96 -35.14 44.82
C LEU A 623 -34.98 -34.59 45.85
N PHE A 624 -33.87 -35.30 46.05
CA PHE A 624 -32.82 -34.90 46.96
C PHE A 624 -31.50 -34.75 46.22
N ILE A 625 -30.58 -33.99 46.83
CA ILE A 625 -29.22 -33.81 46.33
C ILE A 625 -28.27 -34.04 47.49
N LYS A 626 -27.32 -34.94 47.31
CA LYS A 626 -26.27 -35.19 48.30
C LYS A 626 -24.93 -35.14 47.58
N ASP A 627 -24.13 -34.13 47.91
CA ASP A 627 -22.82 -33.88 47.31
C ASP A 627 -23.08 -33.62 45.83
N ASP A 628 -22.39 -34.29 44.91
CA ASP A 628 -22.65 -34.19 43.49
C ASP A 628 -23.60 -35.26 42.99
N LYS A 629 -24.16 -36.06 43.89
CA LYS A 629 -25.05 -37.15 43.55
C LYS A 629 -26.51 -36.71 43.72
N TYR A 630 -27.37 -37.18 42.84
CA TYR A 630 -28.79 -36.84 42.86
C TYR A 630 -29.61 -38.08 43.19
N TYR A 631 -30.62 -37.90 44.05
CA TYR A 631 -31.45 -39.00 44.50
C TYR A 631 -32.91 -38.65 44.29
N LEU A 632 -33.70 -39.66 43.96
CA LEU A 632 -35.14 -39.55 43.87
C LEU A 632 -35.75 -40.45 44.92
N GLY A 633 -36.85 -40.02 45.52
CA GLY A 633 -37.48 -40.81 46.56
C GLY A 633 -38.98 -40.70 46.50
N VAL A 634 -39.63 -41.74 47.01
CA VAL A 634 -41.06 -41.94 46.86
C VAL A 634 -41.58 -42.38 48.22
N MET A 635 -42.45 -41.58 48.81
CA MET A 635 -42.96 -41.91 50.13
C MET A 635 -43.96 -43.04 50.02
N ASN A 636 -43.96 -43.92 51.02
CA ASN A 636 -44.96 -44.98 51.05
C ASN A 636 -46.34 -44.35 51.19
N LYS A 637 -47.33 -44.97 50.56
CA LYS A 637 -48.64 -44.33 50.49
C LYS A 637 -49.18 -44.08 51.88
N LYS A 638 -48.96 -45.01 52.81
CA LYS A 638 -49.53 -44.86 54.13
C LYS A 638 -48.91 -43.71 54.89
N ASN A 639 -47.60 -43.51 54.77
CA ASN A 639 -46.96 -42.37 55.39
C ASN A 639 -46.44 -41.48 54.27
N ASN A 640 -47.25 -40.50 53.89
CA ASN A 640 -46.83 -39.47 52.95
C ASN A 640 -46.54 -38.15 53.62
N LYS A 641 -46.78 -38.04 54.92
CA LYS A 641 -46.51 -36.80 55.64
C LYS A 641 -45.07 -36.72 56.10
N ILE A 642 -44.24 -37.68 55.72
CA ILE A 642 -42.85 -37.76 56.18
C ILE A 642 -42.18 -36.40 56.10
N PHE A 643 -42.46 -35.65 55.05
CA PHE A 643 -41.80 -34.37 54.79
C PHE A 643 -42.65 -33.15 55.13
N ASP A 644 -43.75 -33.30 55.86
CA ASP A 644 -44.56 -32.14 56.19
C ASP A 644 -43.76 -31.13 56.99
N ASP A 645 -44.26 -29.89 57.00
CA ASP A 645 -43.50 -28.76 57.51
C ASP A 645 -42.88 -29.03 58.87
N LYS A 646 -43.62 -29.67 59.78
CA LYS A 646 -43.05 -29.96 61.09
C LYS A 646 -41.85 -30.86 60.97
N ALA A 647 -41.91 -31.86 60.09
CA ALA A 647 -40.83 -32.81 59.99
C ALA A 647 -39.56 -32.17 59.43
N ILE A 648 -39.70 -31.30 58.43
CA ILE A 648 -38.51 -30.63 57.92
C ILE A 648 -37.97 -29.68 58.96
N LYS A 649 -38.83 -29.16 59.84
CA LYS A 649 -38.35 -28.30 60.92
C LYS A 649 -37.60 -29.11 61.97
N GLU A 650 -38.17 -30.24 62.39
CA GLU A 650 -37.55 -31.04 63.43
C GLU A 650 -36.23 -31.62 62.94
N ASN A 651 -36.21 -32.15 61.72
CA ASN A 651 -35.12 -32.96 61.24
C ASN A 651 -34.09 -32.18 60.44
N LYS A 652 -34.21 -30.85 60.39
CA LYS A 652 -33.26 -30.07 59.60
C LYS A 652 -31.83 -30.36 60.01
N GLY A 653 -31.02 -30.75 59.03
CA GLY A 653 -29.62 -31.10 59.23
C GLY A 653 -28.96 -31.15 57.87
N GLU A 654 -27.64 -31.28 57.89
CA GLU A 654 -26.87 -30.99 56.68
C GLU A 654 -26.65 -32.19 55.77
N GLY A 655 -27.20 -33.36 56.07
CA GLY A 655 -26.92 -34.51 55.22
C GLY A 655 -27.45 -34.52 53.78
N TYR A 656 -28.77 -34.48 53.61
CA TYR A 656 -29.40 -34.45 52.30
C TYR A 656 -30.17 -33.13 52.18
N LYS A 657 -30.24 -32.58 50.98
CA LYS A 657 -31.01 -31.36 50.75
C LYS A 657 -32.20 -31.70 49.87
N LYS A 658 -33.40 -31.62 50.45
CA LYS A 658 -34.62 -31.85 49.71
C LYS A 658 -34.91 -30.64 48.82
N ILE A 659 -35.46 -30.90 47.66
CA ILE A 659 -35.73 -29.86 46.69
C ILE A 659 -37.13 -29.33 46.91
N VAL A 660 -37.25 -28.02 47.07
CA VAL A 660 -38.54 -27.37 47.24
C VAL A 660 -38.97 -26.78 45.90
N TYR A 661 -40.09 -27.24 45.38
CA TYR A 661 -40.55 -26.95 44.04
C TYR A 661 -41.79 -26.08 44.12
N LYS A 662 -41.73 -24.88 43.56
CA LYS A 662 -42.84 -23.94 43.60
C LYS A 662 -43.11 -23.45 42.18
N LEU A 663 -44.38 -23.51 41.76
CA LEU A 663 -44.74 -23.24 40.38
C LEU A 663 -46.11 -22.58 40.33
N LEU A 664 -46.26 -21.62 39.41
CA LEU A 664 -47.53 -20.95 39.15
C LEU A 664 -47.80 -21.06 37.65
N PRO A 665 -48.25 -22.22 37.19
CA PRO A 665 -48.50 -22.39 35.76
C PRO A 665 -49.83 -21.78 35.37
N GLY A 666 -49.93 -21.45 34.08
CA GLY A 666 -51.19 -21.00 33.54
C GLY A 666 -51.76 -19.81 34.28
N ALA A 667 -50.97 -18.74 34.35
CA ALA A 667 -51.39 -17.59 35.15
C ALA A 667 -52.74 -17.08 34.71
N ASN A 668 -53.02 -17.11 33.41
CA ASN A 668 -54.25 -16.54 32.89
C ASN A 668 -55.48 -17.11 33.58
N LYS A 669 -55.53 -18.43 33.70
CA LYS A 669 -56.65 -19.05 34.38
C LYS A 669 -56.42 -19.28 35.87
N MET A 670 -55.17 -19.24 36.35
CA MET A 670 -54.94 -19.59 37.73
C MET A 670 -55.24 -18.43 38.67
N LEU A 671 -54.76 -17.23 38.33
CA LEU A 671 -55.04 -16.08 39.17
C LEU A 671 -56.54 -15.87 39.37
N PRO A 672 -57.38 -15.77 38.32
CA PRO A 672 -58.81 -15.56 38.57
C PRO A 672 -59.46 -16.72 39.29
N LYS A 673 -59.10 -17.96 38.98
CA LYS A 673 -59.77 -19.08 39.60
C LYS A 673 -59.57 -19.07 41.10
N VAL A 674 -58.35 -18.78 41.55
CA VAL A 674 -58.06 -18.80 42.99
C VAL A 674 -58.67 -17.59 43.67
N PHE A 675 -58.45 -16.40 43.11
CA PHE A 675 -58.89 -15.19 43.79
C PHE A 675 -60.41 -15.04 43.76
N PHE A 676 -61.07 -15.47 42.69
CA PHE A 676 -62.48 -15.18 42.48
C PHE A 676 -63.43 -16.32 42.85
N SER A 677 -62.98 -17.39 43.48
CA SER A 677 -63.86 -18.52 43.75
C SER A 677 -64.03 -18.79 45.25
N ALA A 678 -65.25 -19.10 45.63
CA ALA A 678 -65.65 -19.67 46.91
C ALA A 678 -65.17 -18.79 48.07
N LYS A 679 -64.62 -19.40 49.12
CA LYS A 679 -64.26 -18.66 50.32
C LYS A 679 -63.20 -17.62 50.02
N SER A 680 -62.32 -17.92 49.06
CA SER A 680 -61.27 -16.97 48.73
C SER A 680 -61.85 -15.61 48.33
N ILE A 681 -63.00 -15.61 47.66
CA ILE A 681 -63.64 -14.35 47.29
C ILE A 681 -63.75 -13.45 48.50
N LYS A 682 -64.30 -13.98 49.58
CA LYS A 682 -64.46 -13.18 50.79
C LYS A 682 -63.12 -12.73 51.33
N PHE A 683 -62.09 -13.58 51.19
CA PHE A 683 -60.77 -13.24 51.67
C PHE A 683 -60.17 -12.12 50.83
N TYR A 684 -60.11 -12.31 49.52
CA TYR A 684 -59.36 -11.35 48.71
C TYR A 684 -60.12 -10.05 48.52
N ASN A 685 -61.41 -10.04 48.80
CA ASN A 685 -62.17 -8.81 48.91
C ASN A 685 -62.07 -7.96 47.65
N PRO A 686 -62.42 -8.49 46.49
CA PRO A 686 -62.41 -7.66 45.29
C PRO A 686 -63.38 -6.51 45.43
N SER A 687 -62.96 -5.35 44.95
CA SER A 687 -63.77 -4.15 45.09
C SER A 687 -64.89 -4.14 44.07
N GLU A 688 -65.97 -3.43 44.41
CA GLU A 688 -67.10 -3.27 43.50
C GLU A 688 -66.62 -2.83 42.12
N ASP A 689 -65.65 -1.92 42.08
CA ASP A 689 -65.10 -1.49 40.79
C ASP A 689 -64.48 -2.66 40.03
N ILE A 690 -63.53 -3.36 40.66
CA ILE A 690 -62.84 -4.40 39.92
C ILE A 690 -63.77 -5.56 39.61
N LEU A 691 -64.80 -5.77 40.43
CA LEU A 691 -65.79 -6.79 40.09
C LEU A 691 -66.55 -6.39 38.83
N ARG A 692 -66.90 -5.11 38.71
CA ARG A 692 -67.43 -4.62 37.45
C ARG A 692 -66.45 -4.89 36.31
N ILE A 693 -65.17 -4.62 36.53
CA ILE A 693 -64.16 -4.89 35.49
C ILE A 693 -64.25 -6.34 35.05
N ARG A 694 -64.19 -7.26 36.00
CA ARG A 694 -64.12 -8.68 35.65
C ARG A 694 -65.38 -9.13 34.94
N ASN A 695 -66.54 -8.71 35.44
CA ASN A 695 -67.79 -9.21 34.90
C ASN A 695 -67.94 -8.84 33.43
N HIS A 696 -67.74 -7.57 33.10
CA HIS A 696 -67.81 -7.12 31.72
C HIS A 696 -66.49 -7.30 30.99
N SER A 697 -65.46 -7.77 31.68
CA SER A 697 -64.18 -8.12 31.05
C SER A 697 -63.61 -6.95 30.26
N THR A 698 -63.70 -5.75 30.84
CA THR A 698 -63.10 -4.59 30.20
C THR A 698 -61.59 -4.71 30.12
N HIS A 699 -60.99 -5.56 30.95
CA HIS A 699 -59.54 -5.67 30.93
C HIS A 699 -59.04 -6.41 29.72
N THR A 700 -59.88 -7.23 29.10
CA THR A 700 -59.47 -8.00 27.94
C THR A 700 -59.96 -7.34 26.67
N LYS A 701 -59.10 -7.30 25.66
CA LYS A 701 -59.52 -6.81 24.36
C LYS A 701 -60.61 -7.71 23.79
N ASN A 702 -60.32 -9.00 23.64
CA ASN A 702 -61.33 -9.98 23.25
C ASN A 702 -61.26 -11.13 24.24
N GLY A 703 -62.31 -11.27 25.04
CA GLY A 703 -62.39 -12.37 25.99
C GLY A 703 -63.83 -12.54 26.39
N SER A 704 -64.13 -13.71 26.92
CA SER A 704 -65.49 -14.00 27.32
C SER A 704 -65.81 -13.27 28.62
N PRO A 705 -66.78 -12.36 28.64
CA PRO A 705 -67.21 -11.80 29.91
C PRO A 705 -67.87 -12.87 30.75
N GLN A 706 -67.95 -12.62 32.05
CA GLN A 706 -68.61 -13.56 32.92
C GLN A 706 -70.05 -13.70 32.46
N LYS A 707 -70.47 -14.94 32.23
CA LYS A 707 -71.73 -15.16 31.53
C LYS A 707 -72.87 -14.49 32.25
N GLY A 708 -73.83 -13.99 31.48
CA GLY A 708 -74.84 -13.11 31.99
C GLY A 708 -74.44 -11.64 32.01
N TYR A 709 -73.24 -11.30 31.57
CA TYR A 709 -72.78 -9.93 31.54
C TYR A 709 -72.19 -9.65 30.16
N GLU A 710 -72.39 -8.43 29.68
CA GLU A 710 -72.06 -8.10 28.30
C GLU A 710 -70.63 -7.62 28.19
N LYS A 711 -69.98 -7.99 27.11
CA LYS A 711 -68.63 -7.54 26.82
C LYS A 711 -68.60 -6.03 26.58
N PHE A 712 -67.56 -5.38 27.07
CA PHE A 712 -67.37 -3.94 26.90
C PHE A 712 -66.06 -3.66 26.21
N GLU A 713 -65.93 -2.44 25.70
CA GLU A 713 -64.70 -2.03 25.03
C GLU A 713 -63.54 -2.00 26.02
N PHE A 714 -62.36 -2.35 25.51
CA PHE A 714 -61.12 -2.29 26.29
C PHE A 714 -60.92 -0.89 26.85
N ASN A 715 -60.70 -0.81 28.15
CA ASN A 715 -60.31 0.42 28.82
C ASN A 715 -58.99 0.21 29.54
N ILE A 716 -58.00 1.06 29.25
CA ILE A 716 -56.66 0.79 29.73
C ILE A 716 -56.57 1.03 31.24
N GLU A 717 -57.21 2.08 31.75
CA GLU A 717 -57.21 2.29 33.19
C GLU A 717 -57.82 1.10 33.89
N ASP A 718 -58.90 0.56 33.34
CA ASP A 718 -59.53 -0.61 33.93
C ASP A 718 -58.58 -1.78 33.97
N CYS A 719 -57.88 -2.04 32.86
CA CYS A 719 -56.92 -3.15 32.84
C CYS A 719 -55.89 -2.97 33.93
N ARG A 720 -55.32 -1.77 34.04
CA ARG A 720 -54.30 -1.54 35.04
C ARG A 720 -54.88 -1.65 36.44
N LYS A 721 -56.13 -1.23 36.62
CA LYS A 721 -56.79 -1.46 37.88
C LYS A 721 -56.82 -2.95 38.21
N PHE A 722 -57.18 -3.77 37.23
CA PHE A 722 -57.26 -5.20 37.45
C PHE A 722 -55.89 -5.77 37.78
N ILE A 723 -54.85 -5.30 37.10
CA ILE A 723 -53.50 -5.72 37.43
C ILE A 723 -53.20 -5.38 38.88
N ASP A 724 -53.57 -4.17 39.31
CA ASP A 724 -53.34 -3.78 40.70
C ASP A 724 -54.04 -4.71 41.66
N PHE A 725 -55.28 -5.09 41.37
CA PHE A 725 -55.96 -6.05 42.23
C PHE A 725 -55.20 -7.37 42.26
N TYR A 726 -54.69 -7.81 41.12
CA TYR A 726 -53.95 -9.06 41.09
C TYR A 726 -52.69 -8.98 41.94
N LYS A 727 -51.97 -7.86 41.86
CA LYS A 727 -50.77 -7.71 42.66
C LYS A 727 -51.10 -7.74 44.15
N GLN A 728 -52.10 -6.96 44.56
CA GLN A 728 -52.52 -6.98 45.96
C GLN A 728 -52.88 -8.39 46.40
N SER A 729 -53.65 -9.09 45.58
CA SER A 729 -54.08 -10.43 45.95
C SER A 729 -52.90 -11.38 46.03
N ILE A 730 -51.91 -11.21 45.16
CA ILE A 730 -50.71 -12.02 45.27
C ILE A 730 -50.06 -11.78 46.63
N SER A 731 -50.05 -10.54 47.08
CA SER A 731 -49.45 -10.23 48.37
C SER A 731 -50.19 -10.92 49.50
N LYS A 732 -51.50 -11.08 49.36
CA LYS A 732 -52.25 -11.73 50.42
C LYS A 732 -52.17 -13.24 50.35
N HIS A 733 -52.00 -13.81 49.15
CA HIS A 733 -52.04 -15.25 49.01
C HIS A 733 -50.95 -15.87 49.88
N PRO A 734 -51.23 -16.93 50.61
CA PRO A 734 -50.20 -17.49 51.50
C PRO A 734 -49.00 -18.04 50.76
N GLU A 735 -49.22 -18.81 49.69
CA GLU A 735 -48.11 -19.49 49.04
C GLU A 735 -47.35 -18.57 48.09
N TRP A 736 -48.07 -17.79 47.29
CA TRP A 736 -47.41 -17.00 46.27
C TRP A 736 -46.71 -15.78 46.83
N LYS A 737 -47.05 -15.37 48.06
CA LYS A 737 -46.40 -14.23 48.68
C LYS A 737 -44.89 -14.41 48.73
N ASP A 738 -44.43 -15.65 48.93
CA ASP A 738 -43.03 -15.93 49.08
C ASP A 738 -42.32 -16.13 47.75
N PHE A 739 -43.03 -16.04 46.64
CA PHE A 739 -42.35 -16.14 45.36
C PHE A 739 -41.45 -14.95 45.06
N GLY A 740 -41.64 -13.85 45.78
CA GLY A 740 -40.81 -12.68 45.59
C GLY A 740 -40.89 -12.15 44.17
N PHE A 741 -42.10 -11.96 43.67
CA PHE A 741 -42.26 -11.41 42.34
C PHE A 741 -41.66 -10.02 42.26
N ARG A 742 -40.93 -9.75 41.19
CA ARG A 742 -40.47 -8.41 40.87
C ARG A 742 -41.25 -7.97 39.64
N PHE A 743 -42.18 -7.05 39.83
CA PHE A 743 -43.07 -6.62 38.77
C PHE A 743 -42.69 -5.22 38.31
N SER A 744 -42.77 -4.99 37.01
CA SER A 744 -42.74 -3.61 36.53
C SER A 744 -43.92 -2.85 37.10
N ASP A 745 -43.78 -1.54 37.22
CA ASP A 745 -44.86 -0.76 37.80
C ASP A 745 -46.13 -0.97 37.00
N THR A 746 -47.24 -1.16 37.71
CA THR A 746 -48.50 -1.53 37.09
C THR A 746 -48.86 -0.60 35.94
N GLN A 747 -48.48 0.66 36.03
CA GLN A 747 -48.79 1.59 34.95
C GLN A 747 -47.99 1.30 33.69
N ARG A 748 -46.98 0.44 33.76
CA ARG A 748 -46.08 0.30 32.63
C ARG A 748 -46.61 -0.62 31.53
N TYR A 749 -47.37 -1.66 31.87
CA TYR A 749 -47.79 -2.61 30.85
C TYR A 749 -48.93 -2.04 30.01
N ASN A 750 -48.90 -2.34 28.72
CA ASN A 750 -50.03 -1.99 27.85
C ASN A 750 -51.14 -3.03 27.88
N SER A 751 -50.84 -4.28 28.21
CA SER A 751 -51.82 -5.34 28.09
C SER A 751 -51.73 -6.29 29.28
N ILE A 752 -52.85 -6.93 29.61
CA ILE A 752 -52.89 -7.85 30.74
C ILE A 752 -52.01 -9.06 30.47
N ASP A 753 -51.90 -9.46 29.21
CA ASP A 753 -51.08 -10.62 28.89
C ASP A 753 -49.62 -10.40 29.24
N GLU A 754 -49.16 -9.15 29.28
CA GLU A 754 -47.80 -8.89 29.71
C GLU A 754 -47.62 -9.16 31.21
N PHE A 755 -48.59 -8.75 32.02
CA PHE A 755 -48.53 -9.08 33.44
C PHE A 755 -48.56 -10.59 33.66
N TYR A 756 -49.47 -11.27 32.97
CA TYR A 756 -49.51 -12.73 33.05
C TYR A 756 -48.15 -13.33 32.72
N ARG A 757 -47.47 -12.79 31.71
CA ARG A 757 -46.17 -13.32 31.32
C ARG A 757 -45.14 -13.12 32.43
N GLU A 758 -45.12 -11.94 33.04
CA GLU A 758 -44.22 -11.72 34.16
C GLU A 758 -44.52 -12.70 35.28
N VAL A 759 -45.79 -12.93 35.56
CA VAL A 759 -46.17 -13.88 36.60
C VAL A 759 -45.66 -15.27 36.26
N GLU A 760 -45.82 -15.69 35.01
CA GLU A 760 -45.43 -17.04 34.65
C GLU A 760 -43.93 -17.21 34.68
N ASN A 761 -43.18 -16.21 34.22
CA ASN A 761 -41.73 -16.34 34.19
C ASN A 761 -41.16 -16.39 35.59
N GLN A 762 -41.64 -15.55 36.49
CA GLN A 762 -41.18 -15.59 37.86
C GLN A 762 -41.91 -16.61 38.70
N GLY A 763 -42.84 -17.36 38.11
CA GLY A 763 -43.64 -18.27 38.89
C GLY A 763 -42.94 -19.55 39.27
N TYR A 764 -41.91 -19.93 38.52
CA TYR A 764 -41.18 -21.16 38.82
C TYR A 764 -39.97 -20.81 39.67
N LYS A 765 -39.87 -21.45 40.83
CA LYS A 765 -38.76 -21.19 41.73
C LYS A 765 -38.35 -22.46 42.45
N LEU A 766 -37.04 -22.69 42.54
CA LEU A 766 -36.49 -23.88 43.15
C LEU A 766 -35.59 -23.48 44.31
N THR A 767 -35.88 -24.02 45.49
CA THR A 767 -35.08 -23.79 46.69
C THR A 767 -34.81 -25.13 47.33
N PHE A 768 -33.93 -25.13 48.32
CA PHE A 768 -33.49 -26.36 48.95
C PHE A 768 -33.69 -26.27 50.45
N GLU A 769 -33.98 -27.41 51.07
CA GLU A 769 -34.14 -27.53 52.50
C GLU A 769 -33.19 -28.61 53.00
N ASN A 770 -32.37 -28.27 53.98
CA ASN A 770 -31.42 -29.23 54.53
C ASN A 770 -32.16 -30.22 55.41
N ILE A 771 -31.77 -31.48 55.31
CA ILE A 771 -32.39 -32.56 56.07
C ILE A 771 -31.28 -33.45 56.62
N SER A 772 -31.39 -33.81 57.89
CA SER A 772 -30.35 -34.59 58.53
C SER A 772 -30.23 -35.95 57.87
N GLU A 773 -28.99 -36.42 57.73
CA GLU A 773 -28.78 -37.74 57.13
C GLU A 773 -29.45 -38.82 57.96
N SER A 774 -29.50 -38.65 59.27
CA SER A 774 -30.10 -39.67 60.13
C SER A 774 -31.58 -39.83 59.82
N TYR A 775 -32.26 -38.74 59.50
CA TYR A 775 -33.69 -38.82 59.24
C TYR A 775 -33.97 -39.56 57.94
N ILE A 776 -33.22 -39.24 56.88
CA ILE A 776 -33.40 -39.95 55.62
C ILE A 776 -33.10 -41.43 55.81
N ASP A 777 -31.99 -41.74 56.47
CA ASP A 777 -31.60 -43.12 56.66
C ASP A 777 -32.66 -43.88 57.44
N SER A 778 -33.15 -43.28 58.52
CA SER A 778 -34.15 -43.98 59.31
C SER A 778 -35.41 -44.16 58.51
N VAL A 779 -35.86 -43.10 57.84
CA VAL A 779 -37.15 -43.15 57.19
C VAL A 779 -37.12 -44.11 56.03
N VAL A 780 -35.99 -44.26 55.35
CA VAL A 780 -35.91 -45.29 54.32
C VAL A 780 -35.76 -46.64 54.97
N ASN A 781 -35.11 -46.69 56.13
CA ASN A 781 -34.87 -47.97 56.78
C ASN A 781 -36.17 -48.59 57.25
N GLN A 782 -37.07 -47.76 57.77
CA GLN A 782 -38.33 -48.27 58.27
C GLN A 782 -39.29 -48.63 57.14
N GLY A 783 -38.92 -48.36 55.89
CA GLY A 783 -39.82 -48.59 54.79
C GLY A 783 -40.73 -47.43 54.49
N LYS A 784 -40.56 -46.30 55.18
CA LYS A 784 -41.45 -45.16 54.97
C LYS A 784 -41.20 -44.49 53.62
N LEU A 785 -39.96 -44.48 53.16
CA LEU A 785 -39.60 -43.82 51.91
C LEU A 785 -38.70 -44.74 51.11
N TYR A 786 -38.82 -44.69 49.79
CA TYR A 786 -38.00 -45.49 48.89
C TYR A 786 -37.01 -44.56 48.22
N LEU A 787 -35.73 -44.78 48.46
CA LEU A 787 -34.68 -43.89 47.97
C LEU A 787 -33.89 -44.58 46.88
N PHE A 788 -33.83 -43.94 45.71
CA PHE A 788 -33.02 -44.39 44.60
C PHE A 788 -32.01 -43.32 44.23
N GLN A 789 -30.92 -43.71 43.59
CA GLN A 789 -29.95 -42.77 43.09
C GLN A 789 -30.12 -42.62 41.59
N ILE A 790 -30.23 -41.39 41.13
CA ILE A 790 -30.31 -41.10 39.71
C ILE A 790 -28.91 -41.24 39.12
N TYR A 791 -28.74 -42.13 38.15
CA TYR A 791 -27.39 -42.50 37.76
C TYR A 791 -27.28 -42.73 36.26
N ASN A 792 -26.13 -42.36 35.72
CA ASN A 792 -25.63 -42.79 34.43
C ASN A 792 -24.11 -42.74 34.52
N LYS A 793 -23.45 -43.40 33.56
CA LYS A 793 -22.00 -43.55 33.67
C LYS A 793 -21.29 -42.23 33.85
N ASP A 794 -21.93 -41.12 33.51
CA ASP A 794 -21.31 -39.82 33.75
C ASP A 794 -21.32 -39.46 35.23
N PHE A 795 -22.11 -40.14 36.04
CA PHE A 795 -22.12 -39.90 37.48
C PHE A 795 -21.24 -40.87 38.25
N SER A 796 -20.56 -41.77 37.56
CA SER A 796 -19.68 -42.72 38.22
C SER A 796 -18.45 -42.00 38.76
N ALA A 797 -17.85 -42.57 39.79
CA ALA A 797 -16.66 -41.95 40.37
C ALA A 797 -15.49 -41.98 39.40
N TYR A 798 -15.45 -43.01 38.54
CA TYR A 798 -14.35 -43.19 37.62
C TYR A 798 -14.45 -42.33 36.37
N SER A 799 -15.54 -41.60 36.18
CA SER A 799 -15.77 -40.94 34.90
C SER A 799 -15.17 -39.55 34.95
N LYS A 800 -14.02 -39.40 34.32
CA LYS A 800 -13.35 -38.13 34.20
C LYS A 800 -13.55 -37.46 32.85
N GLY A 801 -14.24 -38.09 31.93
CA GLY A 801 -14.38 -37.56 30.60
C GLY A 801 -15.56 -36.63 30.44
N ARG A 802 -15.83 -36.27 29.20
CA ARG A 802 -16.86 -35.28 28.94
C ARG A 802 -18.24 -35.91 29.07
N PRO A 803 -19.15 -35.27 29.81
CA PRO A 803 -20.44 -35.89 30.11
C PRO A 803 -21.42 -35.82 28.95
N ASN A 804 -22.45 -36.65 29.05
CA ASN A 804 -23.52 -36.59 28.07
C ASN A 804 -24.24 -35.25 28.12
N LEU A 805 -24.81 -34.84 26.98
CA LEU A 805 -25.55 -33.59 26.95
C LEU A 805 -26.69 -33.63 27.95
N HIS A 806 -27.40 -34.74 28.03
CA HIS A 806 -28.47 -34.84 29.00
C HIS A 806 -27.95 -34.68 30.40
N THR A 807 -26.79 -35.27 30.70
CA THR A 807 -26.21 -35.08 32.02
C THR A 807 -25.98 -33.60 32.30
N LEU A 808 -25.54 -32.85 31.29
CA LEU A 808 -25.35 -31.43 31.48
C LEU A 808 -26.66 -30.72 31.74
N TYR A 809 -27.71 -31.12 31.04
CA TYR A 809 -29.01 -30.49 31.24
C TYR A 809 -29.53 -30.79 32.64
N TRP A 810 -29.46 -32.06 33.05
CA TRP A 810 -29.97 -32.44 34.37
C TRP A 810 -29.22 -31.71 35.47
N LYS A 811 -27.88 -31.72 35.41
CA LYS A 811 -27.12 -30.91 36.34
C LYS A 811 -27.56 -29.46 36.29
N ALA A 812 -27.90 -28.96 35.11
CA ALA A 812 -28.20 -27.55 34.97
C ALA A 812 -29.52 -27.18 35.61
N LEU A 813 -30.41 -28.14 35.83
CA LEU A 813 -31.69 -27.83 36.46
C LEU A 813 -31.48 -27.15 37.80
N PHE A 814 -30.55 -27.67 38.59
CA PHE A 814 -30.33 -27.23 39.94
C PHE A 814 -29.14 -26.29 40.09
N ASP A 815 -28.48 -25.92 39.01
CA ASP A 815 -27.33 -25.01 39.08
C ASP A 815 -27.78 -23.64 39.53
N GLU A 816 -27.04 -23.05 40.46
CA GLU A 816 -27.40 -21.70 40.92
C GLU A 816 -27.41 -20.72 39.76
N ARG A 817 -26.40 -20.80 38.90
CA ARG A 817 -26.36 -19.92 37.73
C ARG A 817 -27.65 -20.04 36.93
N ASN A 818 -28.21 -21.25 36.88
CA ASN A 818 -29.49 -21.43 36.21
C ASN A 818 -30.62 -20.85 37.02
N LEU A 819 -30.54 -20.94 38.34
CA LEU A 819 -31.66 -20.52 39.16
C LEU A 819 -31.81 -19.00 39.22
N GLN A 820 -30.76 -18.25 38.93
CA GLN A 820 -30.89 -16.80 38.91
C GLN A 820 -31.83 -16.36 37.80
N ASP A 821 -31.56 -16.79 36.57
CA ASP A 821 -32.42 -16.56 35.42
C ASP A 821 -32.70 -17.93 34.83
N VAL A 822 -33.95 -18.37 34.92
CA VAL A 822 -34.25 -19.78 34.71
C VAL A 822 -34.16 -20.09 33.22
N VAL A 823 -33.32 -21.05 32.88
CA VAL A 823 -33.26 -21.63 31.54
C VAL A 823 -33.86 -23.02 31.53
N TYR A 824 -33.29 -23.94 32.32
CA TYR A 824 -33.78 -25.30 32.44
C TYR A 824 -34.79 -25.39 33.58
N LYS A 825 -35.96 -25.96 33.29
CA LYS A 825 -37.04 -26.07 34.26
C LYS A 825 -37.42 -27.53 34.47
N LEU A 826 -37.77 -27.87 35.71
CA LEU A 826 -38.26 -29.21 36.02
C LEU A 826 -39.73 -29.33 35.66
N ASN A 827 -40.09 -30.39 34.96
CA ASN A 827 -41.46 -30.60 34.50
C ASN A 827 -42.10 -31.78 35.21
N GLY A 828 -43.42 -31.73 35.34
CA GLY A 828 -44.15 -32.83 35.92
C GLY A 828 -44.45 -33.90 34.89
N GLU A 829 -45.23 -34.88 35.33
CA GLU A 829 -45.59 -36.05 34.53
C GLU A 829 -44.39 -36.94 34.25
N ALA A 830 -43.46 -37.04 35.19
CA ALA A 830 -42.38 -38.00 35.06
C ALA A 830 -42.89 -39.41 35.34
N GLU A 831 -42.09 -40.40 34.98
CA GLU A 831 -42.50 -41.79 35.14
C GLU A 831 -41.32 -42.62 35.60
N LEU A 832 -41.63 -43.68 36.35
CA LEU A 832 -40.67 -44.69 36.75
C LEU A 832 -41.03 -46.00 36.07
N PHE A 833 -40.01 -46.78 35.72
CA PHE A 833 -40.23 -48.03 35.00
C PHE A 833 -39.34 -49.11 35.59
N TYR A 834 -39.68 -50.36 35.29
CA TYR A 834 -38.92 -51.52 35.74
C TYR A 834 -38.70 -52.41 34.55
N ARG A 835 -37.45 -52.80 34.32
CA ARG A 835 -37.09 -53.64 33.19
C ARG A 835 -36.44 -54.91 33.72
N LYS A 836 -37.06 -56.05 33.47
CA LYS A 836 -36.55 -57.31 33.98
C LYS A 836 -35.30 -57.73 33.23
N GLN A 837 -34.75 -58.86 33.64
CA GLN A 837 -33.51 -59.37 33.08
C GLN A 837 -33.79 -60.08 31.77
N SER A 838 -33.18 -59.61 30.68
CA SER A 838 -33.45 -60.15 29.36
C SER A 838 -32.49 -61.24 28.90
N ILE A 839 -31.33 -61.38 29.50
CA ILE A 839 -30.33 -62.34 29.02
C ILE A 839 -29.53 -62.91 30.17
N PRO A 840 -28.92 -64.06 30.01
CA PRO A 840 -28.02 -64.56 31.06
C PRO A 840 -26.81 -63.65 31.18
N LYS A 841 -26.32 -63.50 32.40
CA LYS A 841 -25.07 -62.77 32.59
C LYS A 841 -23.93 -63.70 32.24
N LYS A 842 -23.19 -63.37 31.19
CA LYS A 842 -22.08 -64.17 30.74
C LYS A 842 -20.84 -63.31 30.76
N ILE A 843 -19.72 -63.90 31.16
CA ILE A 843 -18.47 -63.17 31.19
C ILE A 843 -17.86 -63.35 29.80
N THR A 844 -17.94 -62.31 29.00
CA THR A 844 -17.45 -62.41 27.63
C THR A 844 -15.94 -62.25 27.58
N HIS A 845 -15.40 -61.40 28.45
CA HIS A 845 -13.99 -61.06 28.48
C HIS A 845 -13.47 -61.12 29.90
N PRO A 846 -12.97 -62.29 30.34
CA PRO A 846 -12.44 -62.39 31.69
C PRO A 846 -11.34 -61.37 31.92
N ALA A 847 -11.15 -61.02 33.19
CA ALA A 847 -10.15 -60.03 33.53
C ALA A 847 -8.75 -60.59 33.33
N LYS A 848 -7.78 -59.69 33.24
CA LYS A 848 -6.36 -59.99 33.12
C LYS A 848 -6.03 -60.67 31.79
N GLU A 849 -7.01 -60.91 30.94
CA GLU A 849 -6.83 -61.57 29.65
C GLU A 849 -6.91 -60.52 28.55
N ALA A 850 -5.89 -60.49 27.69
CA ALA A 850 -5.80 -59.45 26.67
C ALA A 850 -6.90 -59.61 25.62
N ILE A 851 -7.27 -58.48 25.01
CA ILE A 851 -8.32 -58.44 24.01
C ILE A 851 -7.78 -57.81 22.73
N ALA A 852 -8.13 -58.37 21.60
CA ALA A 852 -7.82 -57.72 20.34
C ALA A 852 -8.67 -56.46 20.19
N ASN A 853 -8.09 -55.44 19.59
CA ASN A 853 -8.77 -54.17 19.41
C ASN A 853 -9.23 -54.05 17.97
N LYS A 854 -10.53 -53.77 17.79
CA LYS A 854 -11.11 -53.86 16.45
C LYS A 854 -10.73 -52.70 15.56
N ASN A 855 -10.32 -51.57 16.12
CA ASN A 855 -10.02 -50.42 15.28
C ASN A 855 -8.74 -50.66 14.49
N LYS A 856 -8.83 -50.50 13.18
CA LYS A 856 -7.70 -50.82 12.31
C LYS A 856 -6.55 -49.85 12.53
N ASP A 857 -6.85 -48.57 12.72
CA ASP A 857 -5.80 -47.56 12.83
C ASP A 857 -5.26 -47.39 14.23
N ASN A 858 -5.82 -48.08 15.21
CA ASN A 858 -5.44 -47.83 16.60
C ASN A 858 -4.00 -48.29 16.84
N PRO A 859 -3.14 -47.45 17.40
CA PRO A 859 -1.76 -47.88 17.65
C PRO A 859 -1.65 -49.07 18.57
N LYS A 860 -2.37 -49.05 19.68
CA LYS A 860 -2.32 -50.16 20.61
C LYS A 860 -3.29 -51.22 20.13
N LYS A 861 -2.80 -52.40 19.79
CA LYS A 861 -3.62 -53.46 19.24
C LYS A 861 -4.24 -54.36 20.29
N GLU A 862 -3.98 -54.10 21.57
CA GLU A 862 -4.44 -54.98 22.65
C GLU A 862 -4.79 -54.16 23.86
N SER A 863 -5.75 -54.65 24.64
CA SER A 863 -6.08 -54.01 25.92
C SER A 863 -6.30 -55.07 26.97
N VAL A 864 -5.82 -54.80 28.18
CA VAL A 864 -5.87 -55.73 29.30
C VAL A 864 -6.65 -55.11 30.44
N PHE A 865 -7.53 -55.88 31.06
CA PHE A 865 -8.43 -55.35 32.07
C PHE A 865 -8.30 -56.14 33.36
N GLU A 866 -8.33 -55.40 34.48
CA GLU A 866 -8.34 -56.02 35.80
C GLU A 866 -9.72 -56.48 36.23
N TYR A 867 -10.76 -56.04 35.53
CA TYR A 867 -12.14 -56.36 35.87
C TYR A 867 -12.83 -57.04 34.69
N ASP A 868 -13.87 -57.81 34.99
CA ASP A 868 -14.59 -58.52 33.94
C ASP A 868 -15.37 -57.56 33.06
N LEU A 869 -15.56 -57.97 31.81
CA LEU A 869 -16.37 -57.23 30.85
C LEU A 869 -17.46 -58.15 30.33
N ILE A 870 -18.70 -57.67 30.38
CA ILE A 870 -19.88 -58.49 30.11
C ILE A 870 -20.64 -57.86 28.95
N LYS A 871 -20.85 -58.63 27.89
CA LYS A 871 -21.59 -58.11 26.76
C LYS A 871 -23.00 -57.72 27.17
N ASP A 872 -23.42 -56.53 26.76
CA ASP A 872 -24.77 -56.04 27.01
C ASP A 872 -25.13 -56.17 28.48
N LYS A 873 -24.22 -55.70 29.33
CA LYS A 873 -24.39 -55.92 30.76
C LYS A 873 -25.68 -55.30 31.30
N ARG A 874 -26.14 -54.18 30.73
CA ARG A 874 -27.32 -53.51 31.30
C ARG A 874 -28.51 -54.43 31.33
N PHE A 875 -28.55 -55.43 30.45
CA PHE A 875 -29.70 -56.30 30.36
C PHE A 875 -29.52 -57.59 31.12
N THR A 876 -28.39 -57.77 31.82
CA THR A 876 -28.17 -58.98 32.58
C THR A 876 -28.88 -58.98 33.93
N GLU A 877 -29.36 -57.83 34.39
CA GLU A 877 -29.97 -57.72 35.70
C GLU A 877 -31.19 -56.82 35.63
N ASP A 878 -32.11 -57.03 36.58
CA ASP A 878 -33.26 -56.15 36.67
C ASP A 878 -32.81 -54.74 36.97
N LYS A 879 -33.52 -53.75 36.42
CA LYS A 879 -33.11 -52.37 36.58
C LYS A 879 -34.31 -51.44 36.71
N PHE A 880 -34.13 -50.37 37.46
CA PHE A 880 -35.12 -49.31 37.66
C PHE A 880 -34.77 -48.13 36.78
N PHE A 881 -35.77 -47.56 36.10
CA PHE A 881 -35.56 -46.44 35.20
C PHE A 881 -36.42 -45.25 35.60
N PHE A 882 -35.96 -44.05 35.22
CA PHE A 882 -36.62 -42.81 35.60
C PHE A 882 -36.64 -41.89 34.39
N HIS A 883 -37.82 -41.46 33.97
CA HIS A 883 -37.99 -40.59 32.82
C HIS A 883 -38.52 -39.26 33.32
N CYS A 884 -37.69 -38.22 33.25
CA CYS A 884 -38.07 -36.91 33.78
C CYS A 884 -38.08 -35.87 32.68
N PRO A 885 -39.22 -35.30 32.31
CA PRO A 885 -39.23 -34.22 31.33
C PRO A 885 -38.76 -32.93 31.94
N ILE A 886 -38.12 -32.11 31.12
CA ILE A 886 -37.71 -30.77 31.49
C ILE A 886 -38.05 -29.82 30.35
N THR A 887 -38.17 -28.54 30.67
CA THR A 887 -38.47 -27.52 29.68
C THR A 887 -37.22 -26.67 29.44
N ILE A 888 -36.87 -26.51 28.19
CA ILE A 888 -35.66 -25.79 27.80
C ILE A 888 -36.05 -24.38 27.39
N ASN A 889 -35.26 -23.39 27.83
CA ASN A 889 -35.55 -21.97 27.57
C ASN A 889 -36.92 -21.58 28.11
N PHE A 890 -37.14 -21.87 29.38
CA PHE A 890 -38.46 -21.70 29.97
C PHE A 890 -38.99 -20.28 29.81
N LYS A 891 -38.14 -19.29 30.02
CA LYS A 891 -38.62 -17.91 29.98
C LYS A 891 -38.89 -17.45 28.56
N SER A 892 -38.23 -18.06 27.58
CA SER A 892 -38.45 -17.67 26.20
C SER A 892 -39.84 -18.07 25.75
N SER A 893 -40.27 -17.46 24.66
CA SER A 893 -41.60 -17.71 24.13
C SER A 893 -41.58 -18.89 23.16
N GLY A 894 -42.76 -19.27 22.69
CA GLY A 894 -42.85 -20.35 21.73
C GLY A 894 -42.26 -19.95 20.40
N ALA A 895 -41.98 -20.96 19.59
CA ALA A 895 -41.31 -20.75 18.31
C ALA A 895 -42.32 -20.43 17.23
N ASN A 896 -42.15 -19.29 16.56
CA ASN A 896 -42.96 -18.99 15.40
C ASN A 896 -42.19 -18.07 14.46
N LYS A 897 -42.46 -18.21 13.17
CA LYS A 897 -41.86 -17.37 12.14
C LYS A 897 -40.34 -17.36 12.27
N PHE A 898 -39.76 -18.54 12.43
CA PHE A 898 -38.33 -18.66 12.62
C PHE A 898 -37.58 -18.39 11.32
N ASN A 899 -38.09 -18.91 10.20
CA ASN A 899 -37.39 -18.75 8.93
C ASN A 899 -37.27 -17.29 8.55
N ASP A 900 -38.30 -16.49 8.81
CA ASP A 900 -38.22 -15.06 8.51
C ASP A 900 -37.09 -14.41 9.30
N GLU A 901 -36.99 -14.73 10.59
CA GLU A 901 -35.91 -14.18 11.40
C GLU A 901 -34.55 -14.57 10.83
N ILE A 902 -34.37 -15.86 10.55
CA ILE A 902 -33.09 -16.32 10.01
C ILE A 902 -32.78 -15.59 8.71
N ASN A 903 -33.78 -15.45 7.85
CA ASN A 903 -33.53 -14.81 6.56
C ASN A 903 -33.15 -13.35 6.73
N LEU A 904 -33.82 -12.65 7.65
CA LEU A 904 -33.42 -11.28 7.94
C LEU A 904 -32.00 -11.24 8.46
N LEU A 905 -31.68 -12.11 9.42
CA LEU A 905 -30.33 -12.16 9.97
C LEU A 905 -29.31 -12.37 8.87
N LEU A 906 -29.59 -13.30 7.96
CA LEU A 906 -28.69 -13.49 6.83
C LEU A 906 -28.67 -12.24 5.96
N LYS A 907 -29.83 -11.63 5.72
CA LYS A 907 -29.89 -10.44 4.88
C LYS A 907 -28.91 -9.38 5.36
N GLU A 908 -28.90 -9.11 6.66
CA GLU A 908 -27.98 -8.12 7.17
C GLU A 908 -26.54 -8.61 7.14
N LYS A 909 -26.32 -9.86 7.55
CA LYS A 909 -24.97 -10.38 7.73
C LYS A 909 -24.48 -11.16 6.51
N ALA A 910 -25.23 -11.16 5.41
CA ALA A 910 -24.86 -11.94 4.23
C ALA A 910 -23.44 -11.65 3.75
N ASN A 911 -22.90 -10.50 4.08
CA ASN A 911 -21.52 -10.23 3.71
C ASN A 911 -20.59 -11.27 4.31
N ASP A 912 -20.88 -11.74 5.51
CA ASP A 912 -20.01 -12.67 6.21
C ASP A 912 -20.43 -14.13 6.11
N VAL A 913 -21.57 -14.43 5.48
CA VAL A 913 -22.05 -15.81 5.49
C VAL A 913 -21.23 -16.67 4.54
N HIS A 914 -21.33 -17.97 4.74
CA HIS A 914 -20.73 -18.96 3.87
C HIS A 914 -21.78 -20.00 3.52
N ILE A 915 -21.47 -20.84 2.54
CA ILE A 915 -22.37 -21.91 2.14
C ILE A 915 -21.68 -23.24 2.42
N LEU A 916 -22.29 -24.05 3.26
CA LEU A 916 -21.84 -25.42 3.53
C LEU A 916 -22.80 -26.35 2.82
N SER A 917 -22.32 -26.97 1.74
CA SER A 917 -23.14 -27.84 0.92
C SER A 917 -22.70 -29.27 1.15
N ILE A 918 -23.65 -30.16 1.38
CA ILE A 918 -23.37 -31.54 1.72
C ILE A 918 -24.07 -32.43 0.71
N ASP A 919 -23.39 -33.49 0.30
CA ASP A 919 -23.91 -34.37 -0.73
C ASP A 919 -23.52 -35.80 -0.39
N ARG A 920 -24.37 -36.73 -0.79
CA ARG A 920 -24.05 -38.15 -0.63
C ARG A 920 -23.34 -38.59 -1.88
N GLY A 921 -22.07 -38.89 -1.77
CA GLY A 921 -21.31 -39.24 -2.94
C GLY A 921 -21.52 -40.67 -3.37
N GLU A 922 -21.06 -40.97 -4.58
CA GLU A 922 -21.09 -42.35 -5.04
C GLU A 922 -19.93 -43.13 -4.44
N ARG A 923 -18.75 -42.53 -4.39
CA ARG A 923 -17.61 -43.15 -3.73
C ARG A 923 -17.40 -42.65 -2.32
N HIS A 924 -18.21 -41.71 -1.86
CA HIS A 924 -18.07 -41.13 -0.53
C HIS A 924 -19.39 -41.22 0.22
N LEU A 925 -19.32 -41.54 1.51
CA LEU A 925 -20.52 -41.55 2.34
C LEU A 925 -21.16 -40.17 2.37
N ALA A 926 -20.36 -39.14 2.63
CA ALA A 926 -20.85 -37.77 2.58
C ALA A 926 -19.68 -36.85 2.28
N TYR A 927 -19.98 -35.71 1.67
CA TYR A 927 -18.96 -34.74 1.29
C TYR A 927 -19.51 -33.35 1.47
N TYR A 928 -18.64 -32.41 1.83
CA TYR A 928 -19.05 -31.03 2.06
C TYR A 928 -18.11 -30.06 1.36
N THR A 929 -18.63 -28.89 1.04
CA THR A 929 -17.85 -27.81 0.45
C THR A 929 -18.24 -26.49 1.10
N LEU A 930 -17.25 -25.80 1.67
CA LEU A 930 -17.43 -24.42 2.08
C LEU A 930 -17.21 -23.52 0.88
N VAL A 931 -18.16 -22.65 0.58
CA VAL A 931 -17.99 -21.77 -0.56
C VAL A 931 -18.09 -20.31 -0.13
N ASP A 932 -17.26 -19.49 -0.76
CA ASP A 932 -17.23 -18.05 -0.56
C ASP A 932 -18.51 -17.43 -1.08
N GLY A 933 -18.77 -16.19 -0.66
CA GLY A 933 -19.86 -15.44 -1.26
C GLY A 933 -19.70 -15.33 -2.77
N LYS A 934 -18.47 -15.38 -3.26
CA LYS A 934 -18.22 -15.31 -4.69
C LYS A 934 -18.32 -16.67 -5.37
N GLY A 935 -18.28 -17.75 -4.60
CA GLY A 935 -18.34 -19.09 -5.17
C GLY A 935 -17.05 -19.88 -5.12
N ASN A 936 -15.97 -19.34 -4.56
CA ASN A 936 -14.76 -20.12 -4.39
C ASN A 936 -14.94 -21.13 -3.27
N ILE A 937 -14.13 -22.17 -3.27
CA ILE A 937 -14.19 -23.21 -2.25
C ILE A 937 -13.09 -22.95 -1.24
N ILE A 938 -13.47 -22.58 -0.02
CA ILE A 938 -12.50 -22.40 1.05
C ILE A 938 -12.03 -23.75 1.59
N LYS A 939 -12.93 -24.70 1.75
CA LYS A 939 -12.58 -25.97 2.36
C LYS A 939 -13.50 -27.06 1.83
N GLN A 940 -12.92 -28.24 1.59
CA GLN A 940 -13.70 -29.42 1.24
C GLN A 940 -12.98 -30.64 1.78
N ASP A 941 -13.74 -31.57 2.34
CA ASP A 941 -13.17 -32.79 2.85
C ASP A 941 -14.28 -33.82 3.00
N THR A 942 -13.88 -35.08 3.12
CA THR A 942 -14.85 -36.14 3.29
C THR A 942 -15.27 -36.27 4.75
N PHE A 943 -16.51 -36.72 4.95
CA PHE A 943 -17.02 -37.05 6.27
C PHE A 943 -16.70 -38.48 6.66
N ASN A 944 -15.91 -39.19 5.86
CA ASN A 944 -15.58 -40.58 6.16
C ASN A 944 -14.87 -40.73 7.51
N ILE A 945 -14.11 -39.75 7.92
CA ILE A 945 -13.25 -39.87 9.09
C ILE A 945 -13.85 -39.08 10.24
N ILE A 946 -14.23 -39.78 11.30
CA ILE A 946 -14.67 -39.18 12.56
C ILE A 946 -13.58 -39.47 13.58
N GLY A 947 -12.85 -38.45 13.99
CA GLY A 947 -11.73 -38.73 14.88
C GLY A 947 -11.16 -37.49 15.53
N ASN A 948 -10.54 -37.73 16.68
CA ASN A 948 -9.63 -36.85 17.38
C ASN A 948 -8.31 -37.61 17.56
N ASP A 949 -7.32 -36.94 18.16
CA ASP A 949 -6.00 -37.54 18.30
C ASP A 949 -6.08 -38.90 18.97
N ARG A 950 -6.99 -39.05 19.94
CA ARG A 950 -7.16 -40.33 20.61
C ARG A 950 -7.49 -41.43 19.62
N MET A 951 -8.56 -41.25 18.86
CA MET A 951 -9.03 -42.29 17.96
C MET A 951 -9.52 -41.64 16.68
N LYS A 952 -9.13 -42.22 15.56
CA LYS A 952 -9.71 -41.90 14.27
C LYS A 952 -10.44 -43.16 13.81
N THR A 953 -11.74 -43.02 13.57
CA THR A 953 -12.53 -44.12 13.04
C THR A 953 -12.95 -43.78 11.62
N ASN A 954 -12.62 -44.65 10.68
CA ASN A 954 -12.93 -44.45 9.28
C ASN A 954 -14.18 -45.26 8.96
N TYR A 955 -15.30 -44.58 8.80
CA TYR A 955 -16.54 -45.31 8.59
C TYR A 955 -16.64 -45.81 7.17
N HIS A 956 -15.94 -45.18 6.23
CA HIS A 956 -15.95 -45.65 4.86
C HIS A 956 -15.36 -47.04 4.77
N ASP A 957 -14.16 -47.22 5.32
CA ASP A 957 -13.52 -48.53 5.30
C ASP A 957 -14.35 -49.55 6.06
N LYS A 958 -14.87 -49.16 7.22
CA LYS A 958 -15.67 -50.06 8.04
C LYS A 958 -16.92 -50.51 7.30
N LEU A 959 -17.63 -49.56 6.70
CA LEU A 959 -18.84 -49.90 5.96
C LEU A 959 -18.52 -50.76 4.75
N ALA A 960 -17.53 -50.34 3.96
CA ALA A 960 -17.13 -51.14 2.81
C ALA A 960 -16.69 -52.53 3.23
N ALA A 961 -16.10 -52.64 4.42
CA ALA A 961 -15.69 -53.95 4.90
C ALA A 961 -16.88 -54.88 5.05
N ILE A 962 -17.99 -54.38 5.59
CA ILE A 962 -19.15 -55.23 5.80
C ILE A 962 -19.73 -55.67 4.46
N GLU A 963 -19.91 -54.73 3.54
CA GLU A 963 -20.47 -55.06 2.25
C GLU A 963 -19.49 -55.91 1.45
N ARG A 970 -24.38 -58.40 0.72
CA ARG A 970 -25.29 -58.27 1.86
C ARG A 970 -26.58 -59.03 1.63
N LYS A 971 -26.47 -60.35 1.52
CA LYS A 971 -27.61 -61.15 1.09
C LYS A 971 -28.61 -61.36 2.22
N ASP A 972 -28.15 -61.76 3.41
CA ASP A 972 -29.07 -62.14 4.47
C ASP A 972 -29.58 -60.93 5.24
N TRP A 973 -30.75 -61.12 5.85
CA TRP A 973 -31.42 -60.04 6.57
C TRP A 973 -30.51 -59.41 7.62
N LYS A 974 -29.77 -60.22 8.36
CA LYS A 974 -29.03 -59.70 9.50
C LYS A 974 -27.95 -58.71 9.05
N LYS A 975 -27.29 -59.00 7.94
CA LYS A 975 -26.26 -58.09 7.47
C LYS A 975 -26.87 -56.78 7.01
N ILE A 976 -27.94 -56.85 6.21
CA ILE A 976 -28.62 -55.64 5.78
C ILE A 976 -28.96 -54.77 6.97
N ASN A 977 -29.50 -55.38 8.02
CA ASN A 977 -29.85 -54.62 9.20
C ASN A 977 -28.62 -54.00 9.85
N ASN A 978 -27.53 -54.77 9.95
CA ASN A 978 -26.35 -54.25 10.61
C ASN A 978 -25.77 -53.07 9.85
N ILE A 979 -25.84 -53.12 8.51
CA ILE A 979 -25.34 -52.03 7.71
C ILE A 979 -26.20 -50.80 7.93
N LYS A 980 -27.53 -50.98 7.92
CA LYS A 980 -28.42 -49.85 8.15
C LYS A 980 -28.15 -49.23 9.52
N GLU A 981 -28.13 -50.05 10.57
CA GLU A 981 -27.94 -49.52 11.91
C GLU A 981 -26.63 -48.77 12.02
N MET A 982 -25.55 -49.33 11.48
CA MET A 982 -24.27 -48.64 11.53
C MET A 982 -24.34 -47.32 10.78
N LYS A 983 -24.99 -47.31 9.63
CA LYS A 983 -25.09 -46.07 8.86
C LYS A 983 -25.81 -45.01 9.66
N GLU A 984 -26.86 -45.38 10.36
CA GLU A 984 -27.61 -44.40 11.13
C GLU A 984 -26.77 -43.85 12.28
N GLY A 985 -26.01 -44.73 12.93
CA GLY A 985 -25.12 -44.26 13.98
C GLY A 985 -24.02 -43.38 13.46
N TYR A 986 -23.43 -43.74 12.32
CA TYR A 986 -22.45 -42.87 11.69
C TYR A 986 -23.04 -41.50 11.43
N LEU A 987 -24.30 -41.44 11.02
CA LEU A 987 -24.96 -40.15 10.87
C LEU A 987 -24.98 -39.41 12.19
N SER A 988 -25.29 -40.13 13.28
CA SER A 988 -25.28 -39.48 14.58
C SER A 988 -23.93 -38.85 14.86
N GLN A 989 -22.88 -39.40 14.29
CA GLN A 989 -21.57 -38.77 14.42
C GLN A 989 -21.47 -37.54 13.53
N VAL A 990 -21.99 -37.63 12.31
CA VAL A 990 -21.69 -36.59 11.34
C VAL A 990 -22.43 -35.31 11.64
N VAL A 991 -23.59 -35.39 12.30
CA VAL A 991 -24.35 -34.17 12.55
C VAL A 991 -23.57 -33.24 13.45
N HIS A 992 -22.69 -33.78 14.28
CA HIS A 992 -21.89 -32.92 15.13
C HIS A 992 -20.86 -32.18 14.31
N GLU A 993 -20.18 -32.89 13.41
CA GLU A 993 -19.22 -32.23 12.53
C GLU A 993 -19.89 -31.09 11.78
N ILE A 994 -21.06 -31.35 11.21
CA ILE A 994 -21.79 -30.30 10.50
C ILE A 994 -22.03 -29.12 11.43
N ALA A 995 -22.39 -29.40 12.68
CA ALA A 995 -22.64 -28.32 13.61
C ALA A 995 -21.39 -27.51 13.87
N LYS A 996 -20.27 -28.18 14.13
CA LYS A 996 -19.01 -27.47 14.32
C LYS A 996 -18.69 -26.60 13.14
N LEU A 997 -18.85 -27.14 11.93
CA LEU A 997 -18.55 -26.35 10.74
C LEU A 997 -19.49 -25.16 10.61
N VAL A 998 -20.75 -25.33 10.99
CA VAL A 998 -21.70 -24.23 10.87
C VAL A 998 -21.25 -23.05 11.71
N ILE A 999 -20.97 -23.29 12.99
CA ILE A 999 -20.61 -22.21 13.88
C ILE A 999 -19.25 -21.65 13.49
N GLU A 1000 -18.32 -22.52 13.12
CA GLU A 1000 -16.95 -22.09 12.87
C GLU A 1000 -16.87 -21.15 11.68
N TYR A 1001 -17.47 -21.55 10.56
CA TYR A 1001 -17.34 -20.84 9.30
C TYR A 1001 -18.53 -19.94 8.97
N ASN A 1002 -19.49 -19.79 9.87
CA ASN A 1002 -20.62 -18.88 9.67
C ASN A 1002 -21.43 -19.28 8.44
N ALA A 1003 -21.67 -20.58 8.27
CA ALA A 1003 -22.27 -21.07 7.05
C ALA A 1003 -23.76 -21.33 7.23
N ILE A 1004 -24.39 -21.72 6.14
CA ILE A 1004 -25.74 -22.25 6.15
C ILE A 1004 -25.65 -23.61 5.48
N VAL A 1005 -26.42 -24.57 5.98
CA VAL A 1005 -26.34 -25.93 5.48
C VAL A 1005 -27.29 -26.05 4.30
N VAL A 1006 -26.79 -26.58 3.20
CA VAL A 1006 -27.57 -26.78 1.98
C VAL A 1006 -27.59 -28.26 1.67
N PHE A 1007 -28.77 -28.84 1.62
CA PHE A 1007 -28.97 -30.25 1.35
C PHE A 1007 -29.74 -30.41 0.05
N GLU A 1008 -29.65 -31.59 -0.55
CA GLU A 1008 -30.52 -31.89 -1.66
C GLU A 1008 -31.94 -32.09 -1.16
N ASP A 1009 -32.91 -31.69 -1.98
CA ASP A 1009 -34.30 -31.81 -1.60
C ASP A 1009 -34.73 -33.26 -1.81
N LEU A 1010 -35.14 -33.92 -0.74
CA LEU A 1010 -35.56 -35.31 -0.83
C LEU A 1010 -37.05 -35.47 -1.04
N ASN A 1011 -37.82 -34.39 -0.96
CA ASN A 1011 -39.26 -34.51 -1.17
C ASN A 1011 -39.59 -34.71 -2.64
N PHE A 1012 -39.00 -33.88 -3.50
CA PHE A 1012 -39.16 -34.04 -4.93
C PHE A 1012 -37.89 -33.60 -5.61
N GLY A 1013 -37.48 -34.33 -6.64
CA GLY A 1013 -36.21 -34.06 -7.28
C GLY A 1013 -35.03 -34.70 -6.58
N PHE A 1014 -35.24 -35.84 -5.93
CA PHE A 1014 -34.16 -36.58 -5.30
C PHE A 1014 -33.31 -37.30 -6.34
N LYS A 1015 -32.10 -37.66 -5.91
CA LYS A 1015 -31.12 -38.23 -6.84
C LYS A 1015 -31.56 -39.59 -7.36
N ARG A 1016 -31.19 -39.86 -8.61
CA ARG A 1016 -31.56 -41.11 -9.27
C ARG A 1016 -30.64 -42.27 -8.87
N GLY A 1017 -29.33 -42.06 -8.89
CA GLY A 1017 -28.38 -43.14 -9.04
C GLY A 1017 -28.13 -43.95 -7.78
N ARG A 1018 -27.07 -44.76 -7.86
CA ARG A 1018 -26.66 -45.63 -6.78
C ARG A 1018 -25.62 -44.92 -5.91
N PHE A 1019 -25.86 -44.87 -4.61
CA PHE A 1019 -24.99 -44.16 -3.71
C PHE A 1019 -24.74 -45.00 -2.47
N LYS A 1020 -23.69 -44.66 -1.73
CA LYS A 1020 -23.35 -45.44 -0.55
C LYS A 1020 -24.38 -45.24 0.55
N VAL A 1021 -24.99 -44.07 0.62
CA VAL A 1021 -26.01 -43.77 1.62
C VAL A 1021 -27.33 -43.61 0.90
N GLU A 1022 -28.29 -44.46 1.23
CA GLU A 1022 -29.57 -44.47 0.54
C GLU A 1022 -30.37 -43.21 0.85
N LYS A 1023 -31.37 -42.93 0.00
CA LYS A 1023 -32.20 -41.75 0.22
C LYS A 1023 -32.86 -41.79 1.59
N GLN A 1024 -33.38 -42.94 1.99
CA GLN A 1024 -34.06 -43.05 3.27
C GLN A 1024 -33.14 -42.68 4.42
N VAL A 1025 -31.92 -43.20 4.41
CA VAL A 1025 -30.97 -42.93 5.48
C VAL A 1025 -30.55 -41.47 5.46
N TYR A 1026 -30.26 -40.92 4.28
CA TYR A 1026 -29.89 -39.53 4.21
C TYR A 1026 -31.02 -38.64 4.70
N GLN A 1027 -32.27 -39.02 4.41
CA GLN A 1027 -33.39 -38.29 4.98
C GLN A 1027 -33.30 -38.29 6.49
N LYS A 1028 -32.87 -39.39 7.07
CA LYS A 1028 -32.68 -39.42 8.51
C LYS A 1028 -31.62 -38.40 8.92
N LEU A 1029 -30.56 -38.27 8.13
CA LEU A 1029 -29.52 -37.32 8.46
C LEU A 1029 -30.05 -35.90 8.48
N GLU A 1030 -30.86 -35.54 7.48
CA GLU A 1030 -31.42 -34.21 7.44
C GLU A 1030 -32.30 -33.95 8.65
N LYS A 1031 -33.17 -34.91 8.97
CA LYS A 1031 -34.03 -34.79 10.14
C LYS A 1031 -33.21 -34.65 11.41
N MET A 1032 -32.17 -35.48 11.55
CA MET A 1032 -31.36 -35.44 12.74
C MET A 1032 -30.64 -34.11 12.88
N LEU A 1033 -30.19 -33.53 11.77
CA LEU A 1033 -29.50 -32.24 11.86
C LEU A 1033 -30.47 -31.15 12.25
N ILE A 1034 -31.71 -31.22 11.76
CA ILE A 1034 -32.72 -30.28 12.20
C ILE A 1034 -32.87 -30.34 13.70
N GLU A 1035 -33.12 -31.54 14.22
CA GLU A 1035 -33.39 -31.69 15.65
C GLU A 1035 -32.17 -31.34 16.49
N LYS A 1036 -30.97 -31.59 15.99
CA LYS A 1036 -29.78 -31.17 16.73
C LYS A 1036 -29.69 -29.66 16.78
N LEU A 1037 -29.95 -28.99 15.68
CA LEU A 1037 -29.88 -27.53 15.68
C LEU A 1037 -31.04 -26.90 16.42
N ASN A 1038 -32.01 -27.68 16.91
CA ASN A 1038 -33.01 -27.12 17.82
C ASN A 1038 -32.35 -26.55 19.07
N TYR A 1039 -31.48 -27.34 19.70
CA TYR A 1039 -30.73 -26.90 20.87
C TYR A 1039 -29.30 -27.38 20.68
N LEU A 1040 -28.36 -26.46 20.52
CA LEU A 1040 -26.98 -26.80 20.18
C LEU A 1040 -26.05 -26.34 21.29
N VAL A 1041 -25.40 -27.28 21.97
CA VAL A 1041 -24.50 -27.01 23.09
C VAL A 1041 -23.17 -27.68 22.80
N PHE A 1042 -22.08 -26.97 23.07
CA PHE A 1042 -20.75 -27.53 22.96
C PHE A 1042 -20.23 -27.82 24.35
N LYS A 1043 -19.81 -29.06 24.57
CA LYS A 1043 -19.54 -29.51 25.93
C LYS A 1043 -18.36 -28.76 26.54
N ASP A 1044 -17.43 -28.30 25.72
CA ASP A 1044 -16.28 -27.59 26.25
C ASP A 1044 -16.48 -26.09 26.31
N ASN A 1045 -17.55 -25.56 25.73
CA ASN A 1045 -17.79 -24.13 25.80
C ASN A 1045 -18.12 -23.72 27.22
N GLU A 1046 -17.93 -22.44 27.51
CA GLU A 1046 -18.15 -21.93 28.85
C GLU A 1046 -19.63 -21.91 29.19
N PHE A 1047 -19.92 -22.16 30.48
CA PHE A 1047 -21.30 -22.35 30.92
C PHE A 1047 -22.14 -21.12 30.61
N ASP A 1048 -21.66 -19.95 30.99
CA ASP A 1048 -22.47 -18.75 30.86
C ASP A 1048 -22.44 -18.15 29.46
N LYS A 1049 -21.36 -18.38 28.71
CA LYS A 1049 -21.15 -17.77 27.41
C LYS A 1049 -21.95 -18.48 26.31
N THR A 1050 -22.17 -17.75 25.22
CA THR A 1050 -22.93 -18.27 24.10
C THR A 1050 -22.33 -19.57 23.60
N GLY A 1051 -23.19 -20.47 23.13
CA GLY A 1051 -22.76 -21.81 22.82
C GLY A 1051 -22.61 -22.72 24.01
N GLY A 1052 -22.83 -22.24 25.23
CA GLY A 1052 -22.63 -23.04 26.41
C GLY A 1052 -23.90 -23.65 26.92
N VAL A 1053 -23.80 -24.26 28.11
CA VAL A 1053 -24.91 -25.02 28.67
C VAL A 1053 -26.11 -24.13 28.88
N LEU A 1054 -25.88 -22.88 29.27
CA LEU A 1054 -27.01 -21.99 29.48
C LEU A 1054 -27.51 -21.41 28.16
N ARG A 1055 -26.60 -21.02 27.28
CA ARG A 1055 -26.96 -20.39 26.02
C ARG A 1055 -26.58 -21.33 24.89
N ALA A 1056 -27.59 -21.94 24.26
CA ALA A 1056 -27.39 -22.87 23.18
C ALA A 1056 -27.88 -22.25 21.88
N TYR A 1057 -27.09 -22.40 20.83
CA TYR A 1057 -27.49 -21.88 19.54
C TYR A 1057 -28.81 -22.52 19.14
N GLN A 1058 -29.79 -21.69 18.80
CA GLN A 1058 -31.04 -22.18 18.23
C GLN A 1058 -31.10 -21.69 16.79
N LEU A 1059 -30.78 -22.57 15.85
CA LEU A 1059 -30.78 -22.26 14.43
C LEU A 1059 -31.95 -22.82 13.65
N THR A 1060 -32.84 -23.59 14.29
CA THR A 1060 -33.91 -24.24 13.54
C THR A 1060 -35.17 -24.31 14.38
N ALA A 1061 -36.30 -24.23 13.70
CA ALA A 1061 -37.58 -24.46 14.34
C ALA A 1061 -37.76 -25.96 14.57
N PRO A 1062 -38.60 -26.34 15.52
CA PRO A 1062 -38.76 -27.76 15.82
C PRO A 1062 -39.22 -28.53 14.59
N PHE A 1063 -38.81 -29.79 14.52
CA PHE A 1063 -39.21 -30.63 13.41
C PHE A 1063 -40.71 -30.84 13.43
N GLU A 1064 -41.30 -30.89 12.24
CA GLU A 1064 -42.74 -31.09 12.11
C GLU A 1064 -43.02 -32.38 11.34
N THR A 1065 -42.83 -32.39 10.04
CA THR A 1065 -42.90 -33.63 9.27
C THR A 1065 -41.97 -33.52 8.08
N PHE A 1066 -41.64 -34.68 7.50
CA PHE A 1066 -40.75 -34.68 6.35
C PHE A 1066 -41.27 -33.78 5.24
N LYS A 1067 -42.58 -33.82 4.99
CA LYS A 1067 -43.14 -33.04 3.91
C LYS A 1067 -42.98 -31.56 4.17
N LYS A 1068 -43.18 -31.13 5.42
CA LYS A 1068 -43.13 -29.72 5.74
C LYS A 1068 -41.71 -29.19 5.84
N MET A 1069 -40.68 -30.03 5.71
CA MET A 1069 -39.33 -29.52 5.64
C MET A 1069 -39.24 -28.45 4.56
N GLY A 1070 -39.77 -28.74 3.39
CA GLY A 1070 -39.87 -27.75 2.35
C GLY A 1070 -38.52 -27.29 1.87
N LYS A 1071 -38.53 -26.12 1.24
CA LYS A 1071 -37.31 -25.60 0.67
C LYS A 1071 -36.36 -25.11 1.75
N GLN A 1072 -36.88 -24.66 2.88
CA GLN A 1072 -36.07 -24.11 3.96
C GLN A 1072 -36.63 -24.56 5.30
N THR A 1073 -35.76 -25.03 6.18
CA THR A 1073 -36.10 -25.21 7.58
C THR A 1073 -35.04 -24.51 8.41
N GLY A 1074 -35.42 -23.44 9.09
CA GLY A 1074 -34.46 -22.71 9.89
C GLY A 1074 -33.30 -22.28 9.03
N ILE A 1075 -32.11 -22.71 9.42
CA ILE A 1075 -30.88 -22.36 8.72
C ILE A 1075 -30.56 -23.30 7.57
N ILE A 1076 -31.31 -24.38 7.41
CA ILE A 1076 -31.01 -25.42 6.44
C ILE A 1076 -31.89 -25.20 5.22
N TYR A 1077 -31.29 -25.26 4.03
CA TYR A 1077 -32.02 -25.04 2.79
C TYR A 1077 -31.90 -26.29 1.92
N TYR A 1078 -33.01 -26.65 1.29
CA TYR A 1078 -33.05 -27.85 0.46
C TYR A 1078 -33.25 -27.43 -0.99
N VAL A 1079 -32.30 -27.81 -1.84
CA VAL A 1079 -32.30 -27.41 -3.23
C VAL A 1079 -32.45 -28.66 -4.07
N PRO A 1080 -33.01 -28.57 -5.27
CA PRO A 1080 -33.09 -29.75 -6.13
C PRO A 1080 -31.70 -30.26 -6.45
N ALA A 1081 -31.55 -31.57 -6.42
CA ALA A 1081 -30.27 -32.19 -6.71
C ALA A 1081 -30.04 -32.38 -8.20
N GLY A 1082 -31.00 -32.01 -9.04
CA GLY A 1082 -30.86 -32.28 -10.46
C GLY A 1082 -29.71 -31.50 -11.05
N PHE A 1083 -28.97 -32.16 -11.95
CA PHE A 1083 -27.88 -31.53 -12.69
C PHE A 1083 -26.79 -31.02 -11.76
N THR A 1084 -26.61 -31.64 -10.61
CA THR A 1084 -25.53 -31.19 -9.73
C THR A 1084 -24.18 -31.76 -10.15
N SER A 1085 -24.13 -33.07 -10.42
CA SER A 1085 -22.86 -33.76 -10.59
C SER A 1085 -22.41 -33.88 -12.03
N LYS A 1086 -23.25 -33.53 -12.99
CA LYS A 1086 -22.93 -33.67 -14.39
C LYS A 1086 -22.43 -32.38 -15.03
N ILE A 1087 -22.18 -31.33 -14.25
CA ILE A 1087 -21.90 -29.99 -14.77
C ILE A 1087 -20.41 -29.71 -14.73
N CYS A 1088 -19.94 -28.96 -15.72
CA CYS A 1088 -18.59 -28.40 -15.71
C CYS A 1088 -18.48 -27.27 -14.70
N PRO A 1089 -17.55 -27.36 -13.74
CA PRO A 1089 -17.49 -26.31 -12.71
C PRO A 1089 -17.16 -24.94 -13.26
N VAL A 1090 -16.22 -24.82 -14.18
CA VAL A 1090 -15.76 -23.51 -14.60
C VAL A 1090 -16.75 -22.87 -15.55
N THR A 1091 -17.21 -23.61 -16.55
CA THR A 1091 -18.07 -23.06 -17.57
C THR A 1091 -19.55 -23.28 -17.31
N GLY A 1092 -19.92 -24.11 -16.36
CA GLY A 1092 -21.32 -24.43 -16.19
C GLY A 1092 -21.91 -25.19 -17.36
N PHE A 1093 -21.09 -25.92 -18.11
CA PHE A 1093 -21.61 -26.67 -19.22
C PHE A 1093 -22.46 -27.83 -18.72
N VAL A 1094 -23.58 -28.06 -19.40
CA VAL A 1094 -24.45 -29.19 -19.14
C VAL A 1094 -24.76 -29.84 -20.46
N ASN A 1095 -24.96 -31.14 -20.44
CA ASN A 1095 -25.34 -31.85 -21.64
C ASN A 1095 -26.83 -32.08 -21.57
N GLN A 1096 -27.59 -31.27 -22.30
CA GLN A 1096 -29.01 -31.49 -22.46
C GLN A 1096 -29.39 -32.04 -23.82
N LEU A 1097 -28.45 -32.23 -24.73
CA LEU A 1097 -28.74 -32.84 -26.02
C LEU A 1097 -28.17 -34.25 -25.99
N TYR A 1098 -29.05 -35.25 -25.93
CA TYR A 1098 -28.61 -36.62 -25.71
C TYR A 1098 -28.66 -37.37 -27.02
N PRO A 1099 -27.52 -37.68 -27.65
CA PRO A 1099 -27.59 -38.53 -28.84
C PRO A 1099 -28.04 -39.93 -28.44
N LYS A 1100 -29.16 -40.36 -29.00
CA LYS A 1100 -29.62 -41.71 -28.79
C LYS A 1100 -29.50 -42.63 -30.01
N TYR A 1101 -29.11 -42.12 -31.16
CA TYR A 1101 -29.31 -42.86 -32.41
C TYR A 1101 -30.70 -43.49 -32.46
N GLU A 1102 -31.72 -42.64 -32.58
CA GLU A 1102 -33.06 -43.18 -32.77
C GLU A 1102 -33.15 -43.90 -34.11
N SER A 1103 -32.76 -43.22 -35.19
CA SER A 1103 -32.88 -43.75 -36.54
C SER A 1103 -31.86 -43.03 -37.41
N VAL A 1104 -31.64 -43.58 -38.61
CA VAL A 1104 -30.69 -42.98 -39.54
C VAL A 1104 -31.12 -41.56 -39.88
N SER A 1105 -32.35 -41.41 -40.34
CA SER A 1105 -32.86 -40.09 -40.71
C SER A 1105 -32.78 -39.13 -39.53
N LYS A 1106 -33.27 -39.57 -38.37
CA LYS A 1106 -33.21 -38.72 -37.19
C LYS A 1106 -31.78 -38.36 -36.82
N SER A 1107 -30.84 -39.27 -37.05
CA SER A 1107 -29.44 -38.93 -36.80
C SER A 1107 -28.98 -37.84 -37.75
N GLN A 1108 -29.38 -37.93 -39.02
CA GLN A 1108 -28.99 -36.92 -39.99
C GLN A 1108 -29.54 -35.55 -39.58
N GLU A 1109 -30.83 -35.49 -39.26
CA GLU A 1109 -31.39 -34.25 -38.75
C GLU A 1109 -30.64 -33.78 -37.52
N PHE A 1110 -30.31 -34.69 -36.62
CA PHE A 1110 -29.74 -34.32 -35.33
C PHE A 1110 -28.36 -33.70 -35.50
N PHE A 1111 -27.52 -34.30 -36.34
CA PHE A 1111 -26.20 -33.72 -36.55
C PHE A 1111 -26.28 -32.46 -37.39
N SER A 1112 -27.30 -32.35 -38.24
CA SER A 1112 -27.43 -31.17 -39.07
C SER A 1112 -27.66 -29.92 -38.24
N LYS A 1113 -28.33 -30.06 -37.11
CA LYS A 1113 -28.64 -28.89 -36.29
C LYS A 1113 -27.40 -28.26 -35.70
N PHE A 1114 -26.29 -29.00 -35.63
CA PHE A 1114 -25.06 -28.41 -35.12
C PHE A 1114 -24.68 -27.21 -35.95
N ASP A 1115 -24.12 -26.19 -35.29
CA ASP A 1115 -23.67 -25.01 -36.01
C ASP A 1115 -22.53 -25.35 -36.97
N LYS A 1116 -21.46 -25.93 -36.46
CA LYS A 1116 -20.37 -26.42 -37.30
C LYS A 1116 -19.67 -27.56 -36.59
N ILE A 1117 -19.18 -28.51 -37.37
CA ILE A 1117 -18.41 -29.64 -36.88
C ILE A 1117 -17.12 -29.70 -37.69
N CYS A 1118 -15.99 -29.54 -37.03
CA CYS A 1118 -14.73 -29.50 -37.74
C CYS A 1118 -13.63 -30.08 -36.87
N TYR A 1119 -12.44 -30.14 -37.45
CA TYR A 1119 -11.23 -30.60 -36.77
C TYR A 1119 -10.37 -29.40 -36.49
N ASN A 1120 -9.85 -29.31 -35.28
CA ASN A 1120 -8.93 -28.22 -34.93
C ASN A 1120 -7.52 -28.72 -35.16
N LEU A 1121 -6.87 -28.18 -36.19
CA LEU A 1121 -5.58 -28.69 -36.61
C LEU A 1121 -4.52 -28.39 -35.57
N ASP A 1122 -4.48 -27.16 -35.09
CA ASP A 1122 -3.43 -26.76 -34.16
C ASP A 1122 -3.55 -27.52 -32.85
N LYS A 1123 -4.77 -27.61 -32.31
CA LYS A 1123 -4.96 -28.24 -31.01
C LYS A 1123 -4.87 -29.75 -31.11
N GLY A 1124 -5.36 -30.32 -32.21
CA GLY A 1124 -5.26 -31.74 -32.41
C GLY A 1124 -6.47 -32.54 -32.00
N TYR A 1125 -7.63 -31.91 -31.83
CA TYR A 1125 -8.84 -32.62 -31.45
C TYR A 1125 -10.03 -32.11 -32.25
N PHE A 1126 -11.02 -32.96 -32.43
CA PHE A 1126 -12.24 -32.55 -33.11
C PHE A 1126 -13.05 -31.61 -32.23
N GLU A 1127 -13.84 -30.75 -32.88
CA GLU A 1127 -14.68 -29.79 -32.19
C GLU A 1127 -16.09 -29.83 -32.75
N PHE A 1128 -17.07 -30.00 -31.86
CA PHE A 1128 -18.49 -29.93 -32.21
C PHE A 1128 -19.06 -28.65 -31.64
N SER A 1129 -19.52 -27.76 -32.52
CA SER A 1129 -20.02 -26.44 -32.12
C SER A 1129 -21.50 -26.36 -32.41
N PHE A 1130 -22.27 -25.88 -31.44
CA PHE A 1130 -23.71 -25.92 -31.56
C PHE A 1130 -24.36 -24.89 -30.65
N ASP A 1131 -25.63 -24.61 -30.92
CA ASP A 1131 -26.48 -23.73 -30.12
C ASP A 1131 -27.70 -24.52 -29.70
N TYR A 1132 -27.99 -24.54 -28.40
CA TYR A 1132 -29.09 -25.34 -27.90
C TYR A 1132 -30.44 -24.89 -28.45
N LYS A 1133 -30.52 -23.65 -28.95
CA LYS A 1133 -31.78 -23.16 -29.49
C LYS A 1133 -32.29 -24.05 -30.61
N ASN A 1134 -31.36 -24.59 -31.40
CA ASN A 1134 -31.76 -25.46 -32.51
C ASN A 1134 -32.31 -26.79 -32.00
N PHE A 1135 -31.70 -27.33 -30.95
CA PHE A 1135 -32.12 -28.62 -30.43
C PHE A 1135 -33.32 -28.47 -29.49
N ALA A 1139 -34.38 -25.94 -23.22
CA ALA A 1139 -34.20 -25.89 -21.77
C ALA A 1139 -32.89 -25.22 -21.38
N ALA A 1140 -31.82 -25.54 -22.11
CA ALA A 1140 -30.52 -24.91 -21.95
C ALA A 1140 -30.28 -23.96 -23.10
N LYS A 1141 -29.48 -22.92 -22.84
CA LYS A 1141 -29.22 -21.91 -23.85
C LYS A 1141 -27.74 -21.57 -23.86
N GLY A 1142 -27.15 -21.51 -25.04
CA GLY A 1142 -25.78 -21.03 -25.15
C GLY A 1142 -25.09 -21.56 -26.38
N LYS A 1143 -23.88 -21.05 -26.58
CA LYS A 1143 -22.95 -21.54 -27.58
C LYS A 1143 -21.83 -22.25 -26.86
N TRP A 1144 -21.54 -23.49 -27.25
CA TRP A 1144 -20.72 -24.36 -26.42
C TRP A 1144 -19.42 -24.81 -27.07
N THR A 1145 -19.46 -25.52 -28.20
CA THR A 1145 -18.26 -26.01 -28.87
C THR A 1145 -17.50 -26.99 -27.97
N ILE A 1146 -18.08 -28.19 -27.84
CA ILE A 1146 -17.45 -29.26 -27.08
C ILE A 1146 -16.28 -29.86 -27.86
N ALA A 1147 -15.37 -30.49 -27.13
CA ALA A 1147 -14.13 -31.01 -27.70
C ALA A 1147 -13.87 -32.43 -27.24
N SER A 1148 -13.04 -33.14 -28.01
CA SER A 1148 -12.74 -34.55 -27.82
C SER A 1148 -11.46 -34.79 -27.02
N PHE A 1149 -10.87 -33.75 -26.43
CA PHE A 1149 -9.47 -33.77 -26.01
C PHE A 1149 -9.11 -35.00 -25.16
N GLY A 1150 -9.79 -35.18 -24.05
CA GLY A 1150 -9.31 -36.13 -23.07
C GLY A 1150 -9.42 -37.57 -23.53
N SER A 1151 -9.06 -38.47 -22.62
CA SER A 1151 -9.35 -39.88 -22.73
C SER A 1151 -10.45 -40.19 -21.73
N ARG A 1152 -11.40 -41.02 -22.14
CA ARG A 1152 -12.56 -41.33 -21.31
C ARG A 1152 -12.55 -42.81 -20.95
N LEU A 1153 -12.65 -43.10 -19.67
CA LEU A 1153 -12.86 -44.46 -19.22
C LEU A 1153 -14.33 -44.82 -19.41
N ILE A 1154 -14.59 -45.99 -19.99
CA ILE A 1154 -15.95 -46.36 -20.36
C ILE A 1154 -16.55 -47.25 -19.28
N ASN A 1155 -17.77 -46.90 -18.87
CA ASN A 1155 -18.46 -47.61 -17.79
C ASN A 1155 -18.92 -48.96 -18.29
N ASN A 1164 -18.97 -52.53 -12.63
CA ASN A 1164 -19.34 -53.91 -12.91
C ASN A 1164 -18.32 -54.60 -13.82
N TRP A 1165 -18.57 -54.58 -15.13
CA TRP A 1165 -17.61 -55.17 -16.06
C TRP A 1165 -16.39 -54.28 -16.19
N ASP A 1166 -15.30 -54.89 -16.65
CA ASP A 1166 -14.00 -54.24 -16.63
C ASP A 1166 -14.01 -52.97 -17.46
N THR A 1167 -13.12 -52.05 -17.10
CA THR A 1167 -13.03 -50.74 -17.73
C THR A 1167 -11.99 -50.75 -18.85
N ARG A 1168 -12.29 -50.01 -19.93
CA ARG A 1168 -11.33 -49.76 -20.99
C ARG A 1168 -11.24 -48.27 -21.23
N GLU A 1169 -10.01 -47.79 -21.43
CA GLU A 1169 -9.79 -46.37 -21.71
C GLU A 1169 -9.91 -46.14 -23.20
N VAL A 1170 -10.76 -45.19 -23.58
CA VAL A 1170 -11.07 -44.92 -24.97
C VAL A 1170 -10.64 -43.50 -25.30
N TYR A 1171 -10.05 -43.32 -26.48
CA TYR A 1171 -9.64 -42.00 -26.93
C TYR A 1171 -10.60 -41.53 -28.01
N PRO A 1172 -11.45 -40.55 -27.74
CA PRO A 1172 -12.46 -40.17 -28.72
C PRO A 1172 -11.88 -39.61 -30.00
N THR A 1173 -10.79 -38.84 -29.90
CA THR A 1173 -10.15 -38.30 -31.08
C THR A 1173 -9.71 -39.42 -32.02
N LYS A 1174 -8.98 -40.40 -31.48
CA LYS A 1174 -8.51 -41.50 -32.30
C LYS A 1174 -9.68 -42.31 -32.84
N GLU A 1175 -10.73 -42.48 -32.05
CA GLU A 1175 -11.88 -43.23 -32.52
C GLU A 1175 -12.55 -42.50 -33.66
N LEU A 1176 -12.65 -41.18 -33.57
CA LEU A 1176 -13.25 -40.41 -34.66
C LEU A 1176 -12.36 -40.42 -35.89
N GLU A 1177 -11.05 -40.27 -35.70
CA GLU A 1177 -10.13 -40.42 -36.81
C GLU A 1177 -10.38 -41.74 -37.52
N LYS A 1178 -10.49 -42.83 -36.76
CA LYS A 1178 -10.68 -44.14 -37.36
C LYS A 1178 -11.99 -44.20 -38.12
N LEU A 1179 -13.07 -43.65 -37.56
CA LEU A 1179 -14.35 -43.73 -38.21
C LEU A 1179 -14.35 -42.92 -39.50
N LEU A 1180 -13.82 -41.70 -39.42
CA LEU A 1180 -13.85 -40.84 -40.59
C LEU A 1180 -12.91 -41.35 -41.67
N LYS A 1181 -11.72 -41.79 -41.29
CA LYS A 1181 -10.80 -42.37 -42.25
C LYS A 1181 -11.42 -43.60 -42.89
N ASP A 1182 -12.13 -44.42 -42.11
CA ASP A 1182 -12.74 -45.62 -42.64
C ASP A 1182 -13.71 -45.27 -43.77
N TYR A 1183 -14.42 -44.18 -43.64
CA TYR A 1183 -15.34 -43.73 -44.68
C TYR A 1183 -14.65 -42.71 -45.56
N SER A 1184 -15.41 -42.10 -46.46
CA SER A 1184 -14.84 -41.17 -47.43
C SER A 1184 -14.25 -39.94 -46.74
N ILE A 1185 -14.76 -39.59 -45.56
CA ILE A 1185 -14.47 -38.29 -44.98
C ILE A 1185 -12.99 -38.13 -44.73
N GLU A 1186 -12.49 -36.93 -45.01
CA GLU A 1186 -11.10 -36.55 -44.77
C GLU A 1186 -11.10 -35.43 -43.74
N TYR A 1187 -10.53 -35.69 -42.57
CA TYR A 1187 -10.39 -34.69 -41.52
C TYR A 1187 -9.04 -34.00 -41.50
N GLY A 1188 -8.05 -34.50 -42.23
CA GLY A 1188 -6.67 -34.11 -41.99
C GLY A 1188 -6.35 -32.66 -42.27
N HIS A 1189 -7.22 -31.98 -43.00
CA HIS A 1189 -7.02 -30.59 -43.36
C HIS A 1189 -7.70 -29.61 -42.41
N GLY A 1190 -8.50 -30.10 -41.46
CA GLY A 1190 -9.22 -29.20 -40.59
C GLY A 1190 -10.47 -28.59 -41.19
N GLU A 1191 -10.95 -29.11 -42.30
CA GLU A 1191 -12.18 -28.58 -42.89
C GLU A 1191 -13.39 -29.12 -42.15
N CYS A 1192 -14.49 -28.36 -42.22
CA CYS A 1192 -15.69 -28.72 -41.49
C CYS A 1192 -16.34 -29.98 -42.06
N ILE A 1193 -16.68 -30.91 -41.18
CA ILE A 1193 -17.20 -32.22 -41.56
C ILE A 1193 -18.71 -32.28 -41.52
N LYS A 1194 -19.37 -31.19 -41.12
CA LYS A 1194 -20.81 -31.25 -40.86
C LYS A 1194 -21.58 -31.76 -42.07
N ALA A 1195 -21.34 -31.16 -43.23
CA ALA A 1195 -22.07 -31.57 -44.43
C ALA A 1195 -21.71 -32.98 -44.82
N ALA A 1196 -20.42 -33.31 -44.80
CA ALA A 1196 -20.01 -34.67 -45.14
C ALA A 1196 -20.64 -35.67 -44.19
N ILE A 1197 -20.68 -35.34 -42.90
CA ILE A 1197 -21.29 -36.25 -41.95
C ILE A 1197 -22.75 -36.48 -42.32
N CYS A 1198 -23.48 -35.40 -42.60
CA CYS A 1198 -24.86 -35.54 -43.00
C CYS A 1198 -25.01 -36.26 -44.32
N GLY A 1199 -23.92 -36.46 -45.06
CA GLY A 1199 -24.05 -37.05 -46.38
C GLY A 1199 -24.29 -38.54 -46.33
N GLU A 1200 -23.70 -39.24 -45.37
CA GLU A 1200 -23.76 -40.68 -45.37
C GLU A 1200 -25.16 -41.16 -45.04
N SER A 1201 -25.59 -42.22 -45.71
CA SER A 1201 -26.85 -42.88 -45.40
C SER A 1201 -26.68 -44.14 -44.57
N ASP A 1202 -25.45 -44.50 -44.23
CA ASP A 1202 -25.16 -45.78 -43.60
C ASP A 1202 -25.57 -45.78 -42.13
N LYS A 1203 -26.23 -46.85 -41.71
CA LYS A 1203 -26.56 -46.99 -40.29
C LYS A 1203 -25.30 -47.01 -39.44
N LYS A 1204 -24.34 -47.85 -39.82
CA LYS A 1204 -23.14 -48.05 -39.03
C LYS A 1204 -22.45 -46.74 -38.70
N PHE A 1205 -22.40 -45.82 -39.66
CA PHE A 1205 -21.67 -44.57 -39.45
C PHE A 1205 -22.30 -43.77 -38.32
N PHE A 1206 -23.62 -43.60 -38.36
CA PHE A 1206 -24.27 -42.77 -37.35
C PHE A 1206 -24.29 -43.46 -36.00
N ALA A 1207 -24.48 -44.78 -35.98
CA ALA A 1207 -24.44 -45.49 -34.73
C ALA A 1207 -23.11 -45.27 -34.01
N LYS A 1208 -22.01 -45.48 -34.71
CA LYS A 1208 -20.70 -45.29 -34.09
C LYS A 1208 -20.46 -43.82 -33.80
N LEU A 1209 -20.92 -42.94 -34.69
CA LEU A 1209 -20.65 -41.52 -34.49
C LEU A 1209 -21.34 -41.00 -33.24
N THR A 1210 -22.61 -41.36 -33.05
CA THR A 1210 -23.31 -40.94 -31.85
C THR A 1210 -22.67 -41.55 -30.61
N SER A 1211 -22.23 -42.81 -30.71
CA SER A 1211 -21.55 -43.44 -29.59
C SER A 1211 -20.29 -42.67 -29.21
N VAL A 1212 -19.52 -42.26 -30.21
CA VAL A 1212 -18.31 -41.49 -29.92
C VAL A 1212 -18.67 -40.15 -29.31
N LEU A 1213 -19.68 -39.49 -29.87
CA LEU A 1213 -20.10 -38.21 -29.31
C LEU A 1213 -20.56 -38.37 -27.89
N ASN A 1214 -21.29 -39.44 -27.59
CA ASN A 1214 -21.69 -39.70 -26.21
C ASN A 1214 -20.48 -39.94 -25.33
N THR A 1215 -19.50 -40.69 -25.83
CA THR A 1215 -18.26 -40.84 -25.07
C THR A 1215 -17.62 -39.50 -24.79
N ILE A 1216 -17.64 -38.59 -25.77
CA ILE A 1216 -17.12 -37.25 -25.55
C ILE A 1216 -17.91 -36.55 -24.47
N LEU A 1217 -19.22 -36.74 -24.48
CA LEU A 1217 -20.08 -36.05 -23.53
C LEU A 1217 -19.99 -36.60 -22.12
N GLN A 1218 -19.31 -37.72 -21.92
CA GLN A 1218 -19.28 -38.33 -20.59
C GLN A 1218 -18.19 -37.66 -19.78
N MET A 1219 -18.60 -36.93 -18.75
CA MET A 1219 -17.66 -36.18 -17.92
C MET A 1219 -17.08 -37.01 -16.80
N ARG A 1220 -17.87 -37.89 -16.20
CA ARG A 1220 -17.44 -38.66 -15.05
C ARG A 1220 -16.84 -39.97 -15.53
N ASN A 1221 -15.60 -40.23 -15.15
CA ASN A 1221 -14.89 -41.44 -15.55
C ASN A 1221 -14.36 -42.13 -14.30
N SER A 1222 -14.54 -43.45 -14.24
CA SER A 1222 -14.20 -44.18 -13.02
C SER A 1222 -13.73 -45.58 -13.36
N LYS A 1223 -12.75 -46.05 -12.59
CA LYS A 1223 -12.31 -47.44 -12.64
C LYS A 1223 -12.94 -48.18 -11.46
N THR A 1224 -13.69 -49.24 -11.76
CA THR A 1224 -14.49 -49.90 -10.75
C THR A 1224 -13.62 -50.44 -9.60
N GLY A 1225 -12.49 -51.08 -9.93
CA GLY A 1225 -11.62 -51.58 -8.88
C GLY A 1225 -10.83 -50.49 -8.21
N THR A 1226 -10.33 -49.52 -8.98
CA THR A 1226 -9.45 -48.50 -8.43
C THR A 1226 -10.16 -47.59 -7.44
N GLU A 1227 -11.50 -47.53 -7.48
CA GLU A 1227 -12.27 -46.61 -6.65
C GLU A 1227 -11.90 -45.16 -6.94
N LEU A 1228 -11.40 -44.88 -8.14
CA LEU A 1228 -11.03 -43.54 -8.56
C LEU A 1228 -12.02 -43.06 -9.61
N ASP A 1229 -12.60 -41.89 -9.40
CA ASP A 1229 -13.45 -41.26 -10.40
C ASP A 1229 -13.12 -39.78 -10.45
N TYR A 1230 -13.38 -39.16 -11.60
CA TYR A 1230 -13.02 -37.76 -11.78
C TYR A 1230 -13.90 -37.14 -12.86
N LEU A 1231 -13.89 -35.82 -12.90
CA LEU A 1231 -14.70 -35.04 -13.82
C LEU A 1231 -13.79 -34.30 -14.79
N ILE A 1232 -14.08 -34.41 -16.09
CA ILE A 1232 -13.43 -33.58 -17.09
C ILE A 1232 -14.48 -33.08 -18.06
N SER A 1233 -14.28 -31.88 -18.59
CA SER A 1233 -15.37 -31.31 -19.36
C SER A 1233 -14.93 -31.04 -20.78
N PRO A 1234 -15.82 -31.21 -21.75
CA PRO A 1234 -15.43 -31.01 -23.13
C PRO A 1234 -15.21 -29.56 -23.51
N VAL A 1235 -15.88 -28.62 -22.87
CA VAL A 1235 -15.76 -27.22 -23.28
C VAL A 1235 -14.51 -26.62 -22.66
N ALA A 1236 -13.98 -25.59 -23.31
CA ALA A 1236 -12.75 -24.95 -22.89
C ALA A 1236 -13.04 -23.58 -22.28
N ASP A 1237 -12.23 -23.21 -21.31
CA ASP A 1237 -12.32 -21.87 -20.74
C ASP A 1237 -11.68 -20.87 -21.70
N VAL A 1238 -11.65 -19.60 -21.28
CA VAL A 1238 -11.11 -18.55 -22.15
C VAL A 1238 -9.67 -18.82 -22.49
N ASN A 1239 -8.93 -19.47 -21.60
CA ASN A 1239 -7.54 -19.79 -21.87
C ASN A 1239 -7.38 -21.03 -22.74
N GLY A 1240 -8.46 -21.77 -23.01
CA GLY A 1240 -8.36 -23.00 -23.77
C GLY A 1240 -7.98 -24.22 -22.96
N ASN A 1241 -7.88 -24.09 -21.64
CA ASN A 1241 -7.54 -25.21 -20.78
C ASN A 1241 -8.82 -25.95 -20.39
N PHE A 1242 -8.73 -27.27 -20.30
CA PHE A 1242 -9.87 -28.11 -20.00
C PHE A 1242 -9.85 -28.51 -18.53
N PHE A 1243 -11.02 -28.53 -17.91
CA PHE A 1243 -11.11 -28.84 -16.49
C PHE A 1243 -10.84 -30.32 -16.25
N ASP A 1244 -9.91 -30.60 -15.35
CA ASP A 1244 -9.59 -31.97 -14.98
C ASP A 1244 -9.47 -32.01 -13.46
N SER A 1245 -10.24 -32.89 -12.84
CA SER A 1245 -10.23 -32.95 -11.38
C SER A 1245 -8.85 -33.31 -10.85
N ARG A 1246 -8.09 -34.14 -11.58
CA ARG A 1246 -6.80 -34.55 -11.07
C ARG A 1246 -5.81 -33.40 -11.05
N GLN A 1247 -5.88 -32.52 -12.05
CA GLN A 1247 -4.99 -31.36 -12.12
C GLN A 1247 -5.62 -30.12 -11.50
N ALA A 1248 -6.80 -30.25 -10.90
CA ALA A 1248 -7.53 -29.07 -10.44
C ALA A 1248 -6.86 -28.46 -9.21
N PRO A 1249 -7.03 -27.17 -8.99
CA PRO A 1249 -6.50 -26.52 -7.80
C PRO A 1249 -7.37 -26.81 -6.58
N LYS A 1250 -6.93 -26.27 -5.43
CA LYS A 1250 -7.60 -26.61 -4.18
C LYS A 1250 -8.94 -25.91 -4.05
N ASN A 1251 -9.15 -24.78 -4.73
CA ASN A 1251 -10.40 -24.07 -4.62
C ASN A 1251 -11.45 -24.56 -5.60
N MET A 1252 -11.14 -25.59 -6.38
CA MET A 1252 -12.03 -26.24 -7.31
C MET A 1252 -12.26 -27.68 -6.86
N PRO A 1253 -13.37 -28.29 -7.23
CA PRO A 1253 -13.67 -29.65 -6.75
C PRO A 1253 -12.56 -30.63 -7.09
N GLN A 1254 -12.16 -31.41 -6.11
CA GLN A 1254 -11.05 -32.33 -6.29
C GLN A 1254 -11.45 -33.63 -6.98
N ASP A 1255 -12.67 -34.11 -6.76
CA ASP A 1255 -13.10 -35.35 -7.41
C ASP A 1255 -14.54 -35.20 -7.88
N ALA A 1256 -15.07 -36.29 -8.43
CA ALA A 1256 -16.38 -36.24 -9.05
C ALA A 1256 -17.47 -35.90 -8.05
N ASP A 1257 -17.38 -36.48 -6.85
CA ASP A 1257 -18.39 -36.19 -5.84
C ASP A 1257 -18.26 -34.76 -5.35
N ALA A 1258 -17.03 -34.28 -5.19
CA ALA A 1258 -16.83 -32.90 -4.79
C ALA A 1258 -17.55 -31.94 -5.74
N ASN A 1259 -17.64 -32.30 -7.01
CA ASN A 1259 -18.37 -31.47 -7.95
C ASN A 1259 -19.83 -31.34 -7.53
N GLY A 1260 -20.48 -32.46 -7.23
CA GLY A 1260 -21.88 -32.42 -6.85
C GLY A 1260 -22.09 -31.60 -5.59
N ALA A 1261 -21.25 -31.81 -4.58
CA ALA A 1261 -21.33 -30.98 -3.40
C ALA A 1261 -21.15 -29.52 -3.75
N TYR A 1262 -20.18 -29.21 -4.61
CA TYR A 1262 -19.92 -27.82 -4.97
C TYR A 1262 -21.13 -27.21 -5.65
N HIS A 1263 -21.78 -27.95 -6.54
CA HIS A 1263 -22.90 -27.35 -7.26
C HIS A 1263 -24.15 -27.28 -6.41
N ILE A 1264 -24.34 -28.22 -5.51
CA ILE A 1264 -25.35 -28.01 -4.48
C ILE A 1264 -25.08 -26.70 -3.78
N GLY A 1265 -23.81 -26.39 -3.53
CA GLY A 1265 -23.50 -25.12 -2.91
C GLY A 1265 -23.82 -23.94 -3.81
N LEU A 1266 -23.65 -24.11 -5.13
CA LEU A 1266 -23.96 -23.02 -6.02
C LEU A 1266 -25.45 -22.73 -6.01
N LYS A 1267 -26.27 -23.78 -6.00
CA LYS A 1267 -27.70 -23.56 -5.83
C LYS A 1267 -27.99 -22.86 -4.51
N GLY A 1268 -27.28 -23.24 -3.45
CA GLY A 1268 -27.42 -22.52 -2.21
C GLY A 1268 -26.98 -21.08 -2.33
N LEU A 1269 -25.91 -20.84 -3.09
CA LEU A 1269 -25.49 -19.46 -3.36
C LEU A 1269 -26.62 -18.67 -3.98
N MET A 1270 -27.35 -19.28 -4.91
CA MET A 1270 -28.51 -18.61 -5.48
C MET A 1270 -29.51 -18.24 -4.39
N LEU A 1271 -29.80 -19.20 -3.52
CA LEU A 1271 -30.74 -18.92 -2.43
C LEU A 1271 -30.20 -17.82 -1.54
N LEU A 1272 -28.91 -17.83 -1.25
CA LEU A 1272 -28.31 -16.76 -0.48
C LEU A 1272 -28.56 -15.41 -1.15
N GLY A 1273 -28.33 -15.33 -2.45
CA GLY A 1273 -28.54 -14.07 -3.15
C GLY A 1273 -29.98 -13.62 -3.10
N ARG A 1274 -30.91 -14.55 -3.30
CA ARG A 1274 -32.32 -14.19 -3.24
C ARG A 1274 -32.69 -13.69 -1.85
N ILE A 1275 -32.10 -14.28 -0.82
CA ILE A 1275 -32.28 -13.74 0.52
C ILE A 1275 -31.70 -12.34 0.61
N LYS A 1276 -30.54 -12.14 -0.01
CA LYS A 1276 -29.85 -10.86 0.11
C LYS A 1276 -30.66 -9.74 -0.53
N ASN A 1277 -31.29 -10.01 -1.66
CA ASN A 1277 -31.94 -8.99 -2.48
C ASN A 1277 -33.45 -8.89 -2.26
N ASN A 1278 -34.02 -9.63 -1.32
CA ASN A 1278 -35.46 -9.61 -1.15
C ASN A 1278 -35.94 -8.28 -0.56
N GLN A 1279 -37.13 -7.86 -0.98
CA GLN A 1279 -37.70 -6.56 -0.67
C GLN A 1279 -39.00 -6.71 0.14
N GLU A 1280 -39.69 -5.59 0.33
CA GLU A 1280 -40.89 -5.55 1.18
C GLU A 1280 -41.91 -6.60 0.81
N GLY A 1281 -41.93 -7.06 -0.45
CA GLY A 1281 -42.81 -8.15 -0.85
C GLY A 1281 -42.61 -9.40 -0.01
N LYS A 1282 -43.70 -9.98 0.45
CA LYS A 1282 -43.63 -10.96 1.54
C LYS A 1282 -42.96 -12.27 1.10
N LYS A 1283 -43.20 -12.70 -0.14
CA LYS A 1283 -42.83 -14.04 -0.56
C LYS A 1283 -41.39 -14.08 -1.05
N LEU A 1284 -40.58 -14.87 -0.39
CA LEU A 1284 -39.23 -15.20 -0.85
C LEU A 1284 -39.31 -16.48 -1.67
N ASN A 1285 -38.74 -16.47 -2.87
CA ASN A 1285 -38.83 -17.63 -3.75
C ASN A 1285 -37.59 -18.48 -3.54
N LEU A 1286 -37.78 -19.62 -2.91
CA LEU A 1286 -36.68 -20.53 -2.62
C LEU A 1286 -36.58 -21.66 -3.62
N VAL A 1287 -37.49 -21.74 -4.58
CA VAL A 1287 -37.49 -22.82 -5.54
C VAL A 1287 -36.58 -22.43 -6.70
N ILE A 1288 -35.68 -23.34 -7.07
CA ILE A 1288 -34.71 -23.09 -8.13
C ILE A 1288 -35.13 -23.89 -9.35
N LYS A 1289 -35.57 -23.19 -10.39
CA LYS A 1289 -35.85 -23.85 -11.65
C LYS A 1289 -34.56 -24.14 -12.39
N ASN A 1290 -34.58 -25.17 -13.23
CA ASN A 1290 -33.36 -25.58 -13.92
C ASN A 1290 -32.84 -24.45 -14.80
N GLU A 1291 -33.74 -23.74 -15.47
CA GLU A 1291 -33.31 -22.64 -16.32
C GLU A 1291 -32.53 -21.61 -15.52
N GLU A 1292 -33.08 -21.19 -14.38
CA GLU A 1292 -32.34 -20.28 -13.51
C GLU A 1292 -31.00 -20.87 -13.11
N TYR A 1293 -30.97 -22.17 -12.83
CA TYR A 1293 -29.72 -22.81 -12.43
C TYR A 1293 -28.67 -22.65 -13.52
N PHE A 1294 -29.02 -23.04 -14.75
CA PHE A 1294 -28.05 -23.01 -15.82
C PHE A 1294 -27.54 -21.60 -16.08
N GLU A 1295 -28.44 -20.63 -16.15
CA GLU A 1295 -28.02 -19.26 -16.45
C GLU A 1295 -27.10 -18.75 -15.35
N PHE A 1296 -27.47 -18.97 -14.09
CA PHE A 1296 -26.64 -18.46 -13.01
C PHE A 1296 -25.26 -19.10 -13.04
N VAL A 1297 -25.20 -20.41 -13.20
CA VAL A 1297 -23.93 -21.10 -13.02
C VAL A 1297 -22.95 -20.72 -14.13
N GLN A 1298 -23.47 -20.40 -15.33
CA GLN A 1298 -22.60 -20.29 -16.48
C GLN A 1298 -21.84 -18.98 -16.51
N ASN A 1299 -22.53 -17.87 -16.31
CA ASN A 1299 -21.90 -16.56 -16.51
C ASN A 1299 -21.21 -16.04 -15.26
N ARG A 1300 -21.36 -16.70 -14.11
CA ARG A 1300 -20.94 -16.08 -12.85
C ARG A 1300 -19.43 -16.00 -12.71
N ASN A 1301 -18.69 -16.96 -13.27
CA ASN A 1301 -17.27 -17.03 -12.98
C ASN A 1301 -16.53 -15.85 -13.58
N ASN C 2 -53.87 -11.98 -32.15
CA ASN C 2 -52.78 -11.88 -31.19
C ASN C 2 -53.10 -10.88 -30.11
N ALA C 3 -52.80 -11.22 -28.86
CA ALA C 3 -53.04 -10.30 -27.77
C ALA C 3 -52.07 -9.12 -27.83
N SER C 4 -52.50 -7.99 -27.29
CA SER C 4 -51.64 -6.81 -27.23
C SER C 4 -50.69 -6.92 -26.07
N ILE C 5 -49.39 -6.93 -26.34
CA ILE C 5 -48.41 -7.17 -25.28
C ILE C 5 -48.39 -6.01 -24.31
N TYR C 6 -48.59 -4.80 -24.80
CA TYR C 6 -48.57 -3.62 -23.97
C TYR C 6 -49.93 -3.27 -23.40
N GLN C 7 -50.93 -4.13 -23.61
CA GLN C 7 -52.27 -3.90 -23.08
C GLN C 7 -52.25 -3.62 -21.58
N GLU C 8 -51.38 -4.30 -20.85
CA GLU C 8 -51.29 -4.10 -19.40
C GLU C 8 -50.44 -2.89 -19.02
N PHE C 9 -49.68 -2.31 -19.94
CA PHE C 9 -48.90 -1.13 -19.60
C PHE C 9 -49.77 0.07 -19.95
N VAL C 10 -50.37 0.67 -18.93
CA VAL C 10 -51.20 1.85 -19.09
C VAL C 10 -51.35 2.44 -17.70
N ASN C 11 -51.63 3.74 -17.64
CA ASN C 11 -51.78 4.44 -16.36
C ASN C 11 -50.66 4.07 -15.39
N LYS C 12 -49.44 3.88 -15.91
CA LYS C 12 -48.34 3.40 -15.09
C LYS C 12 -47.75 4.51 -14.22
N TYR C 13 -47.58 5.72 -14.78
CA TYR C 13 -46.97 6.76 -13.98
C TYR C 13 -47.53 8.11 -14.38
N SER C 14 -47.32 9.09 -13.49
CA SER C 14 -47.85 10.43 -13.64
C SER C 14 -46.78 11.36 -14.18
N LEU C 15 -47.19 12.26 -15.06
CA LEU C 15 -46.28 13.26 -15.60
C LEU C 15 -47.08 14.53 -15.87
N SER C 16 -46.38 15.65 -15.87
CA SER C 16 -47.00 16.95 -16.00
C SER C 16 -46.88 17.44 -17.43
N LYS C 17 -47.91 18.13 -17.90
CA LYS C 17 -47.95 18.77 -19.20
C LYS C 17 -48.67 20.10 -19.06
N THR C 18 -48.29 21.08 -19.86
CA THR C 18 -48.93 22.39 -19.82
C THR C 18 -49.53 22.69 -21.18
N LEU C 19 -50.84 22.86 -21.21
CA LEU C 19 -51.55 23.11 -22.46
C LEU C 19 -51.56 24.60 -22.74
N ARG C 20 -51.52 24.94 -24.03
CA ARG C 20 -51.47 26.33 -24.46
C ARG C 20 -52.70 26.65 -25.29
N PHE C 21 -53.29 27.82 -25.04
CA PHE C 21 -54.51 28.25 -25.71
C PHE C 21 -54.47 29.74 -25.93
N GLU C 22 -55.36 30.22 -26.78
CA GLU C 22 -55.58 31.64 -27.01
C GLU C 22 -56.79 32.10 -26.22
N LEU C 23 -56.70 33.29 -25.67
CA LEU C 23 -57.82 33.94 -24.99
C LEU C 23 -58.37 35.02 -25.91
N ILE C 24 -59.65 34.92 -26.25
CA ILE C 24 -60.32 35.90 -27.08
C ILE C 24 -61.16 36.79 -26.16
N PRO C 25 -60.90 38.09 -26.10
CA PRO C 25 -61.73 38.97 -25.28
C PRO C 25 -63.18 38.90 -25.75
N GLN C 26 -64.09 38.89 -24.79
CA GLN C 26 -65.51 38.71 -25.06
C GLN C 26 -66.32 39.87 -24.51
N GLY C 27 -67.31 40.28 -25.28
CA GLY C 27 -68.13 41.40 -24.84
C GLY C 27 -67.31 42.66 -24.76
N LYS C 28 -67.50 43.38 -23.66
CA LYS C 28 -66.81 44.65 -23.43
C LYS C 28 -65.48 44.47 -22.74
N THR C 29 -65.02 43.23 -22.57
CA THR C 29 -63.77 42.96 -21.86
C THR C 29 -62.64 43.81 -22.41
N LEU C 30 -62.37 43.71 -23.71
CA LEU C 30 -61.23 44.41 -24.28
C LEU C 30 -61.32 45.91 -24.06
N GLU C 31 -62.51 46.48 -24.24
CA GLU C 31 -62.67 47.92 -24.07
C GLU C 31 -62.28 48.33 -22.66
N ASN C 32 -62.73 47.56 -21.67
CA ASN C 32 -62.42 47.91 -20.29
C ASN C 32 -60.94 47.74 -19.99
N ILE C 33 -60.32 46.69 -20.55
CA ILE C 33 -58.90 46.47 -20.29
C ILE C 33 -58.08 47.63 -20.86
N LYS C 34 -58.35 48.00 -22.11
CA LYS C 34 -57.65 49.12 -22.70
C LYS C 34 -57.94 50.41 -21.95
N ALA C 35 -59.17 50.56 -21.46
CA ALA C 35 -59.52 51.78 -20.75
C ALA C 35 -58.76 51.87 -19.43
N ARG C 36 -58.70 50.77 -18.69
CA ARG C 36 -57.91 50.75 -17.47
C ARG C 36 -56.41 50.67 -17.76
N GLY C 37 -56.02 50.37 -19.00
CA GLY C 37 -54.62 50.33 -19.35
C GLY C 37 -53.83 49.25 -18.66
N LEU C 38 -54.47 48.12 -18.35
CA LEU C 38 -53.76 47.05 -17.69
C LEU C 38 -52.62 46.53 -18.56
N ILE C 39 -52.90 46.32 -19.85
CA ILE C 39 -51.90 45.73 -20.72
C ILE C 39 -50.67 46.61 -20.79
N LEU C 40 -50.86 47.89 -21.05
CA LEU C 40 -49.72 48.80 -21.18
C LEU C 40 -48.91 48.83 -19.89
N ASP C 41 -49.57 48.78 -18.74
CA ASP C 41 -48.86 48.77 -17.47
C ASP C 41 -48.00 47.54 -17.34
N ASP C 42 -48.51 46.39 -17.76
CA ASP C 42 -47.73 45.16 -17.67
C ASP C 42 -46.59 45.16 -18.68
N GLU C 43 -46.81 45.74 -19.85
CA GLU C 43 -45.72 45.88 -20.82
C GLU C 43 -44.60 46.71 -20.22
N LYS C 44 -44.94 47.83 -19.58
CA LYS C 44 -43.92 48.63 -18.92
C LYS C 44 -43.23 47.83 -17.83
N ARG C 45 -43.98 46.99 -17.11
CA ARG C 45 -43.36 46.15 -16.11
C ARG C 45 -42.34 45.22 -16.74
N ALA C 46 -42.64 44.74 -17.95
CA ALA C 46 -41.71 43.84 -18.62
C ALA C 46 -40.43 44.58 -19.04
N LYS C 47 -40.59 45.79 -19.56
CA LYS C 47 -39.42 46.57 -19.93
C LYS C 47 -38.57 46.88 -18.73
N ASP C 48 -39.21 47.32 -17.63
CA ASP C 48 -38.46 47.61 -16.41
C ASP C 48 -37.82 46.37 -15.83
N TYR C 49 -38.34 45.18 -16.15
CA TYR C 49 -37.75 43.95 -15.62
C TYR C 49 -36.30 43.82 -16.05
N LYS C 50 -36.01 44.12 -17.32
CA LYS C 50 -34.66 43.98 -17.80
C LYS C 50 -33.70 44.86 -17.01
N LYS C 51 -34.08 46.12 -16.80
CA LYS C 51 -33.22 47.02 -16.03
C LYS C 51 -33.04 46.52 -14.61
N ALA C 52 -34.11 46.00 -14.01
CA ALA C 52 -34.00 45.43 -12.67
C ALA C 52 -32.98 44.31 -12.66
N LYS C 53 -32.98 43.47 -13.68
CA LYS C 53 -31.97 42.42 -13.78
C LYS C 53 -30.57 43.01 -13.83
N GLN C 54 -30.40 44.13 -14.54
CA GLN C 54 -29.09 44.75 -14.63
C GLN C 54 -28.65 45.29 -13.28
N ILE C 55 -29.56 45.91 -12.54
CA ILE C 55 -29.22 46.41 -11.21
C ILE C 55 -28.81 45.26 -10.31
N ILE C 56 -29.63 44.22 -10.25
CA ILE C 56 -29.31 43.09 -9.38
C ILE C 56 -27.96 42.50 -9.76
N ASP C 57 -27.64 42.52 -11.06
CA ASP C 57 -26.31 42.09 -11.47
C ASP C 57 -25.25 42.99 -10.84
N LYS C 58 -25.49 44.30 -10.83
CA LYS C 58 -24.54 45.21 -10.19
C LYS C 58 -24.35 44.84 -8.73
N TYR C 59 -25.44 44.53 -8.03
CA TYR C 59 -25.31 44.13 -6.63
C TYR C 59 -24.56 42.82 -6.53
N HIS C 60 -24.82 41.89 -7.45
CA HIS C 60 -24.04 40.66 -7.47
C HIS C 60 -22.56 40.96 -7.58
N GLN C 61 -22.19 41.83 -8.52
CA GLN C 61 -20.78 42.19 -8.72
C GLN C 61 -20.17 42.78 -7.46
N PHE C 62 -20.85 43.75 -6.84
CA PHE C 62 -20.37 44.31 -5.59
C PHE C 62 -20.21 43.24 -4.53
N PHE C 63 -21.19 42.34 -4.41
CA PHE C 63 -21.09 41.28 -3.41
C PHE C 63 -19.90 40.37 -3.70
N ILE C 64 -19.68 40.05 -4.98
CA ILE C 64 -18.55 39.19 -5.35
C ILE C 64 -17.25 39.81 -4.89
N GLU C 65 -17.02 41.07 -5.25
CA GLU C 65 -15.82 41.77 -4.81
C GLU C 65 -15.69 41.74 -3.30
N GLU C 66 -16.77 42.10 -2.60
CA GLU C 66 -16.69 42.25 -1.16
C GLU C 66 -16.43 40.92 -0.48
N ILE C 67 -17.21 39.89 -0.81
CA ILE C 67 -17.08 38.64 -0.08
C ILE C 67 -15.73 38.00 -0.37
N LEU C 68 -15.33 37.96 -1.64
CA LEU C 68 -14.04 37.37 -1.97
C LEU C 68 -12.89 38.14 -1.33
N SER C 69 -13.03 39.47 -1.21
CA SER C 69 -12.04 40.24 -0.47
C SER C 69 -11.96 39.76 0.97
N SER C 70 -13.10 39.48 1.58
CA SER C 70 -13.10 38.97 2.95
C SER C 70 -12.65 37.53 3.01
N VAL C 71 -12.87 36.76 1.95
CA VAL C 71 -12.58 35.34 2.00
C VAL C 71 -11.09 35.11 2.19
N CYS C 72 -10.75 34.16 3.04
CA CYS C 72 -9.41 33.63 3.14
C CYS C 72 -9.46 32.13 2.92
N ILE C 73 -8.34 31.55 2.52
CA ILE C 73 -8.25 30.11 2.36
C ILE C 73 -6.99 29.62 3.04
N SER C 74 -7.11 28.51 3.77
CA SER C 74 -5.98 27.95 4.49
C SER C 74 -4.84 27.65 3.55
N GLU C 75 -3.63 28.05 3.96
CA GLU C 75 -2.46 27.82 3.13
C GLU C 75 -2.22 26.34 2.87
N ASP C 76 -2.59 25.48 3.82
CA ASP C 76 -2.33 24.05 3.65
C ASP C 76 -3.02 23.53 2.40
N LEU C 77 -4.27 23.92 2.19
CA LEU C 77 -5.01 23.41 1.04
C LEU C 77 -4.41 23.93 -0.26
N LEU C 78 -4.05 25.21 -0.32
CA LEU C 78 -3.37 25.72 -1.49
C LEU C 78 -2.08 24.96 -1.74
N GLN C 79 -1.34 24.62 -0.68
CA GLN C 79 -0.09 23.92 -0.86
C GLN C 79 -0.32 22.50 -1.39
N ASN C 80 -1.36 21.82 -0.92
CA ASN C 80 -1.69 20.52 -1.49
C ASN C 80 -2.04 20.67 -2.97
N TYR C 81 -2.76 21.73 -3.33
CA TYR C 81 -3.07 21.94 -4.73
C TYR C 81 -1.79 22.06 -5.55
N SER C 82 -0.88 22.93 -5.11
CA SER C 82 0.36 23.10 -5.84
C SER C 82 1.15 21.81 -5.92
N ASP C 83 1.25 21.07 -4.81
CA ASP C 83 2.01 19.84 -4.80
C ASP C 83 1.44 18.85 -5.81
N VAL C 84 0.14 18.58 -5.73
CA VAL C 84 -0.43 17.56 -6.60
C VAL C 84 -0.44 18.03 -8.04
N TYR C 85 -0.65 19.32 -8.26
CA TYR C 85 -0.65 19.86 -9.62
C TYR C 85 0.69 19.62 -10.28
N PHE C 86 1.76 20.06 -9.65
CA PHE C 86 3.09 19.88 -10.24
C PHE C 86 3.46 18.40 -10.29
N LYS C 87 3.00 17.60 -9.33
CA LYS C 87 3.20 16.16 -9.44
C LYS C 87 2.46 15.62 -10.65
N LEU C 88 1.33 16.23 -10.99
CA LEU C 88 0.50 15.71 -12.07
C LEU C 88 1.08 16.06 -13.42
N LYS C 89 1.90 17.11 -13.48
CA LYS C 89 2.53 17.47 -14.74
C LYS C 89 3.40 16.33 -15.25
N LYS C 90 4.25 15.80 -14.38
CA LYS C 90 5.22 14.80 -14.82
C LYS C 90 4.57 13.45 -15.05
N SER C 91 3.76 12.98 -14.11
CA SER C 91 3.17 11.66 -14.19
C SER C 91 1.67 11.79 -14.21
N ASP C 92 1.02 11.03 -15.09
CA ASP C 92 -0.43 10.91 -15.11
C ASP C 92 -0.76 9.62 -14.36
N ASP C 93 -1.26 9.76 -13.15
CA ASP C 93 -1.57 8.66 -12.27
C ASP C 93 -3.03 8.72 -11.92
N ASP C 94 -3.70 7.57 -11.95
CA ASP C 94 -5.08 7.54 -11.48
C ASP C 94 -5.17 7.99 -10.03
N ASN C 95 -4.15 7.67 -9.24
CA ASN C 95 -4.11 8.12 -7.86
C ASN C 95 -3.93 9.63 -7.78
N LEU C 96 -2.99 10.17 -8.55
CA LEU C 96 -2.83 11.62 -8.56
C LEU C 96 -4.04 12.31 -9.17
N GLN C 97 -4.79 11.63 -10.05
CA GLN C 97 -6.02 12.21 -10.55
C GLN C 97 -7.03 12.37 -9.42
N LYS C 98 -7.21 11.33 -8.62
CA LYS C 98 -8.10 11.43 -7.46
C LYS C 98 -7.58 12.45 -6.46
N ASP C 99 -6.28 12.42 -6.18
CA ASP C 99 -5.71 13.40 -5.27
C ASP C 99 -6.00 14.82 -5.75
N PHE C 100 -5.84 15.09 -7.04
CA PHE C 100 -6.02 16.44 -7.53
C PHE C 100 -7.46 16.88 -7.39
N LYS C 101 -8.41 16.01 -7.75
CA LYS C 101 -9.80 16.43 -7.67
C LYS C 101 -10.20 16.68 -6.22
N SER C 102 -9.71 15.85 -5.30
CA SER C 102 -10.06 16.03 -3.90
C SER C 102 -9.41 17.28 -3.34
N ALA C 103 -8.17 17.55 -3.72
CA ALA C 103 -7.51 18.76 -3.27
C ALA C 103 -8.19 19.99 -3.84
N LYS C 104 -8.73 19.87 -5.05
CA LYS C 104 -9.47 20.97 -5.64
C LYS C 104 -10.81 21.15 -4.94
N ASP C 105 -11.49 20.05 -4.64
CA ASP C 105 -12.84 20.13 -4.10
C ASP C 105 -12.86 20.74 -2.71
N THR C 106 -11.86 20.41 -1.89
CA THR C 106 -11.83 21.00 -0.56
C THR C 106 -11.59 22.49 -0.62
N ILE C 107 -10.86 22.96 -1.63
CA ILE C 107 -10.69 24.40 -1.82
C ILE C 107 -12.02 25.04 -2.16
N LYS C 108 -12.76 24.44 -3.09
CA LYS C 108 -14.08 24.97 -3.43
C LYS C 108 -15.00 24.96 -2.22
N LYS C 109 -14.94 23.89 -1.43
CA LYS C 109 -15.81 23.82 -0.26
C LYS C 109 -15.53 24.95 0.71
N GLN C 110 -14.25 25.24 0.97
CA GLN C 110 -13.93 26.30 1.91
C GLN C 110 -14.42 27.66 1.40
N ILE C 111 -14.28 27.91 0.11
CA ILE C 111 -14.73 29.19 -0.43
C ILE C 111 -16.24 29.29 -0.36
N SER C 112 -16.95 28.29 -0.89
CA SER C 112 -18.40 28.34 -0.92
C SER C 112 -18.98 28.36 0.48
N GLU C 113 -18.54 27.42 1.33
CA GLU C 113 -19.02 27.39 2.71
C GLU C 113 -18.74 28.70 3.42
N TYR C 114 -17.69 29.42 3.02
CA TYR C 114 -17.47 30.74 3.59
C TYR C 114 -18.54 31.72 3.11
N ILE C 115 -18.88 31.68 1.83
CA ILE C 115 -19.80 32.70 1.32
C ILE C 115 -21.23 32.39 1.72
N LYS C 116 -21.57 31.11 1.91
CA LYS C 116 -22.95 30.77 2.22
C LYS C 116 -23.33 31.23 3.62
N ASP C 117 -22.37 31.24 4.54
CA ASP C 117 -22.64 31.73 5.89
C ASP C 117 -22.74 33.24 5.96
N SER C 118 -22.46 33.95 4.87
CA SER C 118 -22.46 35.40 4.93
C SER C 118 -23.88 35.94 5.04
N GLU C 119 -23.99 37.14 5.59
CA GLU C 119 -25.30 37.70 5.89
C GLU C 119 -26.02 38.13 4.61
N LYS C 120 -25.31 38.74 3.67
CA LYS C 120 -25.97 39.27 2.49
C LYS C 120 -26.36 38.18 1.51
N PHE C 121 -25.74 37.01 1.59
CA PHE C 121 -26.03 35.94 0.65
C PHE C 121 -27.40 35.34 0.90
N LYS C 122 -27.90 35.45 2.14
CA LYS C 122 -29.12 34.75 2.51
C LYS C 122 -30.33 35.34 1.78
N ASN C 123 -30.41 36.65 1.73
CA ASN C 123 -31.55 37.34 1.14
C ASN C 123 -31.37 37.58 -0.35
N LEU C 124 -30.34 36.97 -0.95
CA LEU C 124 -29.93 37.35 -2.29
C LEU C 124 -30.88 36.81 -3.36
N PHE C 125 -31.26 35.55 -3.27
CA PHE C 125 -32.01 34.90 -4.34
C PHE C 125 -33.50 34.82 -4.09
N ASN C 126 -34.02 35.38 -3.00
CA ASN C 126 -35.43 35.27 -2.68
C ASN C 126 -36.08 36.65 -2.62
N GLN C 127 -37.34 36.67 -2.17
CA GLN C 127 -38.11 37.90 -2.13
C GLN C 127 -37.48 38.96 -1.23
N ASN C 128 -36.77 38.53 -0.18
CA ASN C 128 -36.21 39.50 0.76
C ASN C 128 -35.24 40.47 0.09
N LEU C 129 -34.78 40.16 -1.12
CA LEU C 129 -33.88 41.06 -1.81
C LEU C 129 -34.58 42.36 -2.17
N ILE C 130 -35.72 42.26 -2.87
CA ILE C 130 -36.46 43.45 -3.29
C ILE C 130 -37.63 43.78 -2.37
N ASP C 131 -37.95 42.92 -1.42
CA ASP C 131 -39.08 43.15 -0.54
C ASP C 131 -38.58 43.61 0.81
N ALA C 132 -39.35 44.47 1.47
CA ALA C 132 -39.02 45.00 2.77
C ALA C 132 -39.76 44.21 3.84
N LYS C 133 -39.02 43.58 4.74
CA LYS C 133 -39.58 42.78 5.81
C LYS C 133 -39.65 43.60 7.09
N LYS C 134 -40.80 43.52 7.77
CA LYS C 134 -41.02 44.21 9.05
C LYS C 134 -40.61 45.67 8.94
N GLY C 135 -39.67 46.09 9.79
CA GLY C 135 -39.07 47.40 9.66
C GLY C 135 -37.92 47.40 8.67
N GLN C 136 -37.22 46.28 8.57
CA GLN C 136 -36.00 46.21 7.78
C GLN C 136 -36.25 46.56 6.32
N GLU C 137 -35.45 47.48 5.80
CA GLU C 137 -35.44 47.79 4.38
C GLU C 137 -34.73 46.70 3.60
N SER C 138 -34.97 46.68 2.29
CA SER C 138 -34.38 45.66 1.43
C SER C 138 -32.88 45.87 1.28
N ASP C 139 -32.13 44.77 1.34
CA ASP C 139 -30.69 44.84 1.16
C ASP C 139 -30.32 45.56 -0.11
N LEU C 140 -31.01 45.26 -1.21
CA LEU C 140 -30.69 45.88 -2.48
C LEU C 140 -30.98 47.37 -2.45
N ILE C 141 -32.10 47.76 -1.87
CA ILE C 141 -32.44 49.18 -1.80
C ILE C 141 -31.45 49.92 -0.91
N LEU C 142 -31.11 49.32 0.23
CA LEU C 142 -30.12 49.93 1.12
C LEU C 142 -28.81 50.13 0.39
N TRP C 143 -28.36 49.11 -0.36
CA TRP C 143 -27.10 49.22 -1.06
C TRP C 143 -27.15 50.30 -2.12
N LEU C 144 -28.26 50.40 -2.84
CA LEU C 144 -28.39 51.47 -3.82
C LEU C 144 -28.36 52.83 -3.17
N LYS C 145 -29.07 52.97 -2.04
CA LYS C 145 -29.04 54.24 -1.32
C LYS C 145 -27.63 54.54 -0.82
N GLN C 146 -26.98 53.55 -0.21
CA GLN C 146 -25.60 53.72 0.23
C GLN C 146 -24.73 54.20 -0.94
N SER C 147 -24.98 53.67 -2.13
CA SER C 147 -24.19 54.09 -3.29
C SER C 147 -24.49 55.54 -3.66
N LYS C 148 -25.73 56.00 -3.42
CA LYS C 148 -26.02 57.40 -3.68
C LYS C 148 -25.38 58.30 -2.64
N ASP C 149 -25.40 57.87 -1.37
CA ASP C 149 -24.85 58.69 -0.30
C ASP C 149 -23.35 58.91 -0.49
N ASN C 150 -22.64 57.87 -0.90
CA ASN C 150 -21.20 57.97 -1.08
C ASN C 150 -20.81 58.54 -2.44
N GLY C 151 -21.79 58.90 -3.27
CA GLY C 151 -21.47 59.57 -4.53
C GLY C 151 -20.78 58.71 -5.55
N ILE C 152 -20.80 57.39 -5.39
CA ILE C 152 -20.31 56.50 -6.43
C ILE C 152 -21.38 56.37 -7.51
N GLU C 153 -21.00 56.59 -8.76
CA GLU C 153 -21.93 56.49 -9.87
C GLU C 153 -21.84 55.08 -10.43
N LEU C 154 -22.86 54.26 -10.16
CA LEU C 154 -22.82 52.87 -10.54
C LEU C 154 -23.16 52.69 -12.02
N PHE C 155 -24.22 53.36 -12.46
CA PHE C 155 -24.82 53.10 -13.76
C PHE C 155 -24.32 54.04 -14.85
N LYS C 156 -23.28 54.83 -14.57
CA LYS C 156 -22.64 55.63 -15.61
C LYS C 156 -22.35 54.80 -16.85
N ALA C 157 -22.02 53.52 -16.67
CA ALA C 157 -21.77 52.66 -17.82
C ALA C 157 -23.06 52.38 -18.58
N ASN C 158 -24.18 52.26 -17.88
CA ASN C 158 -25.40 51.73 -18.49
C ASN C 158 -26.11 52.78 -19.32
N SER C 159 -26.51 52.39 -20.53
CA SER C 159 -27.30 53.27 -21.38
C SER C 159 -28.77 53.29 -20.94
N ASP C 160 -29.29 52.13 -20.53
CA ASP C 160 -30.70 52.06 -20.17
C ASP C 160 -30.98 52.86 -18.90
N ILE C 161 -30.15 52.71 -17.89
CA ILE C 161 -30.38 53.32 -16.59
C ILE C 161 -29.63 54.65 -16.52
N THR C 162 -30.36 55.73 -16.30
CA THR C 162 -29.74 57.05 -16.23
C THR C 162 -28.99 57.26 -14.92
N ASP C 163 -29.72 57.31 -13.80
CA ASP C 163 -29.12 57.62 -12.51
C ASP C 163 -29.61 56.62 -11.47
N ILE C 164 -28.92 56.61 -10.33
CA ILE C 164 -29.24 55.68 -9.26
C ILE C 164 -30.67 55.88 -8.77
N ASP C 165 -31.16 57.12 -8.80
CA ASP C 165 -32.54 57.36 -8.40
C ASP C 165 -33.50 56.55 -9.25
N GLU C 166 -33.28 56.52 -10.57
CA GLU C 166 -34.13 55.71 -11.44
C GLU C 166 -34.02 54.23 -11.10
N ALA C 167 -32.81 53.76 -10.82
CA ALA C 167 -32.64 52.38 -10.38
C ALA C 167 -33.49 52.11 -9.15
N LEU C 168 -33.53 53.06 -8.22
CA LEU C 168 -34.38 52.89 -7.05
C LEU C 168 -35.86 52.88 -7.42
N GLU C 169 -36.26 53.71 -8.38
CA GLU C 169 -37.62 53.62 -8.90
C GLU C 169 -37.92 52.23 -9.42
N ILE C 170 -37.00 51.69 -10.21
CA ILE C 170 -37.23 50.38 -10.82
C ILE C 170 -37.31 49.31 -9.74
N ILE C 171 -36.36 49.31 -8.81
CA ILE C 171 -36.36 48.30 -7.76
C ILE C 171 -37.59 48.43 -6.89
N LYS C 172 -38.03 49.67 -6.63
CA LYS C 172 -39.21 49.85 -5.78
C LYS C 172 -40.46 49.38 -6.49
N SER C 173 -40.54 49.53 -7.81
CA SER C 173 -41.74 49.13 -8.53
C SER C 173 -41.97 47.63 -8.44
N PHE C 174 -40.90 46.87 -8.23
CA PHE C 174 -41.00 45.42 -8.17
C PHE C 174 -41.21 44.90 -6.75
N LYS C 175 -41.46 45.80 -5.79
CA LYS C 175 -41.49 45.42 -4.37
C LYS C 175 -42.47 44.28 -4.09
N GLY C 176 -43.62 44.29 -4.74
CA GLY C 176 -44.57 43.22 -4.49
C GLY C 176 -44.56 42.16 -5.57
N TRP C 177 -43.84 42.45 -6.64
CA TRP C 177 -43.82 41.63 -7.85
C TRP C 177 -42.67 40.64 -7.88
N THR C 178 -41.98 40.44 -6.76
CA THR C 178 -40.73 39.70 -6.74
C THR C 178 -40.79 38.35 -7.45
N THR C 179 -41.97 37.77 -7.62
CA THR C 179 -42.05 36.51 -8.37
C THR C 179 -41.55 36.66 -9.80
N TYR C 180 -41.52 37.89 -10.33
CA TYR C 180 -40.96 38.12 -11.66
C TYR C 180 -39.54 37.61 -11.78
N PHE C 181 -38.80 37.60 -10.68
CA PHE C 181 -37.39 37.25 -10.69
C PHE C 181 -37.13 35.80 -10.36
N LYS C 182 -38.18 34.99 -10.17
CA LYS C 182 -37.98 33.65 -9.64
C LYS C 182 -37.13 32.81 -10.59
N GLY C 183 -37.45 32.83 -11.88
CA GLY C 183 -36.65 32.09 -12.84
C GLY C 183 -35.26 32.68 -12.98
N PHE C 184 -35.16 34.00 -12.88
CA PHE C 184 -33.86 34.65 -12.88
C PHE C 184 -32.97 34.12 -11.77
N HIS C 185 -33.46 34.16 -10.53
CA HIS C 185 -32.61 33.90 -9.38
C HIS C 185 -32.06 32.49 -9.36
N GLU C 186 -32.80 31.52 -9.88
CA GLU C 186 -32.27 30.16 -9.93
C GLU C 186 -31.00 30.11 -10.75
N ASN C 187 -30.99 30.77 -11.91
CA ASN C 187 -29.81 30.78 -12.76
C ASN C 187 -28.62 31.44 -12.07
N ARG C 188 -28.86 32.54 -11.35
CA ARG C 188 -27.77 33.23 -10.70
C ARG C 188 -27.21 32.47 -9.51
N LYS C 189 -27.92 31.48 -8.98
CA LYS C 189 -27.32 30.63 -7.98
C LYS C 189 -26.08 29.94 -8.52
N ASN C 190 -26.06 29.66 -9.83
CA ASN C 190 -24.89 29.04 -10.44
C ASN C 190 -23.64 29.89 -10.25
N VAL C 191 -23.80 31.21 -10.16
CA VAL C 191 -22.64 32.08 -10.02
C VAL C 191 -21.81 31.68 -8.81
N TYR C 192 -22.46 31.30 -7.73
CA TYR C 192 -21.79 30.98 -6.48
C TYR C 192 -21.61 29.48 -6.25
N SER C 193 -21.97 28.64 -7.22
CA SER C 193 -21.88 27.20 -7.02
C SER C 193 -20.44 26.72 -7.09
N SER C 194 -20.14 25.72 -6.27
CA SER C 194 -18.84 25.08 -6.27
C SER C 194 -18.76 23.92 -7.26
N ASN C 195 -19.79 23.72 -8.06
CA ASN C 195 -19.88 22.55 -8.94
C ASN C 195 -19.07 22.77 -10.21
N ASP C 196 -19.31 21.93 -11.20
CA ASP C 196 -18.55 21.90 -12.44
C ASP C 196 -18.97 22.99 -13.41
N ILE C 197 -19.91 23.84 -13.02
CA ILE C 197 -20.39 24.92 -13.87
C ILE C 197 -19.25 25.85 -14.25
N PRO C 198 -19.00 26.07 -15.55
CA PRO C 198 -17.95 27.01 -15.94
C PRO C 198 -18.27 28.44 -15.57
N THR C 199 -19.52 28.76 -15.28
CA THR C 199 -19.89 30.11 -14.89
C THR C 199 -20.07 30.10 -13.38
N SER C 200 -19.03 30.55 -12.67
CA SER C 200 -19.06 30.56 -11.21
C SER C 200 -17.94 31.45 -10.73
N ILE C 201 -18.07 31.95 -9.50
CA ILE C 201 -16.94 32.68 -8.94
C ILE C 201 -15.88 31.71 -8.46
N ILE C 202 -16.30 30.60 -7.86
CA ILE C 202 -15.35 29.65 -7.31
C ILE C 202 -14.59 28.97 -8.44
N TYR C 203 -15.33 28.47 -9.43
CA TYR C 203 -14.70 27.79 -10.56
C TYR C 203 -13.59 28.63 -11.16
N ARG C 204 -13.80 29.94 -11.27
CA ARG C 204 -12.74 30.78 -11.84
C ARG C 204 -11.58 30.91 -10.87
N ILE C 205 -11.84 30.89 -9.57
CA ILE C 205 -10.77 31.06 -8.60
C ILE C 205 -9.86 29.85 -8.63
N VAL C 206 -10.44 28.65 -8.54
CA VAL C 206 -9.62 27.46 -8.42
C VAL C 206 -9.38 26.83 -9.79
N ASP C 207 -10.44 26.46 -10.50
CA ASP C 207 -10.24 25.74 -11.76
C ASP C 207 -9.47 26.57 -12.80
N ASP C 208 -9.64 27.89 -12.80
CA ASP C 208 -9.03 28.71 -13.83
C ASP C 208 -7.81 29.48 -13.34
N ASN C 209 -8.02 30.45 -12.44
CA ASN C 209 -6.95 31.37 -12.07
C ASN C 209 -5.84 30.69 -11.27
N LEU C 210 -6.20 29.82 -10.32
CA LEU C 210 -5.20 29.28 -9.42
C LEU C 210 -4.04 28.63 -10.14
N PRO C 211 -4.24 27.73 -11.11
CA PRO C 211 -3.08 27.20 -11.84
C PRO C 211 -2.25 28.29 -12.48
N LYS C 212 -2.89 29.29 -13.06
CA LYS C 212 -2.13 30.39 -13.64
C LYS C 212 -1.25 31.05 -12.60
N PHE C 213 -1.76 31.23 -11.38
CA PHE C 213 -0.93 31.84 -10.35
C PHE C 213 0.23 30.95 -9.98
N LEU C 214 -0.01 29.64 -9.91
CA LEU C 214 1.07 28.73 -9.55
C LEU C 214 2.18 28.76 -10.58
N GLU C 215 1.80 28.65 -11.86
CA GLU C 215 2.81 28.71 -12.91
C GLU C 215 3.54 30.03 -12.89
N ASN C 216 2.80 31.14 -12.74
CA ASN C 216 3.44 32.44 -12.62
C ASN C 216 4.42 32.47 -11.46
N LYS C 217 4.04 31.87 -10.33
CA LYS C 217 4.97 31.79 -9.21
C LYS C 217 6.21 31.00 -9.60
N ALA C 218 6.02 29.81 -10.16
CA ALA C 218 7.15 29.01 -10.58
C ALA C 218 8.04 29.78 -11.53
N LYS C 219 7.46 30.59 -12.39
CA LYS C 219 8.27 31.38 -13.30
C LYS C 219 9.02 32.47 -12.55
N TYR C 220 8.42 33.03 -11.50
CA TYR C 220 9.08 34.10 -10.78
C TYR C 220 10.28 33.58 -10.01
N GLU C 221 10.11 32.44 -9.34
CA GLU C 221 11.24 31.85 -8.63
C GLU C 221 12.33 31.44 -9.60
N SER C 222 11.95 30.79 -10.70
CA SER C 222 12.92 30.43 -11.71
C SER C 222 13.59 31.66 -12.28
N LEU C 223 12.83 32.75 -12.47
CA LEU C 223 13.42 33.98 -12.96
C LEU C 223 14.47 34.50 -11.98
N LYS C 224 14.15 34.49 -10.69
CA LYS C 224 15.12 34.92 -9.69
C LYS C 224 16.36 34.04 -9.72
N ASP C 225 16.19 32.75 -10.02
CA ASP C 225 17.35 31.86 -10.06
C ASP C 225 18.25 32.20 -11.25
N LYS C 226 17.69 32.20 -12.45
CA LYS C 226 18.48 32.33 -13.65
C LYS C 226 18.65 33.76 -14.16
N ALA C 227 17.88 34.72 -13.67
CA ALA C 227 17.98 36.11 -14.13
C ALA C 227 17.74 37.04 -12.96
N PRO C 228 18.69 37.14 -12.04
CA PRO C 228 18.44 37.90 -10.81
C PRO C 228 18.25 39.39 -11.05
N GLU C 229 18.98 39.98 -11.99
CA GLU C 229 18.92 41.41 -12.24
C GLU C 229 17.91 41.78 -13.32
N ALA C 230 17.12 40.82 -13.81
CA ALA C 230 16.19 41.08 -14.89
C ALA C 230 15.17 42.14 -14.52
N ILE C 231 14.55 42.00 -13.38
CA ILE C 231 13.52 42.91 -12.93
C ILE C 231 14.16 44.06 -12.17
N ASN C 232 13.71 45.28 -12.42
CA ASN C 232 14.16 46.41 -11.61
C ASN C 232 13.16 46.55 -10.46
N TYR C 233 13.59 46.18 -9.27
CA TYR C 233 12.66 46.06 -8.16
C TYR C 233 12.34 47.41 -7.56
N GLU C 234 13.34 48.29 -7.47
CA GLU C 234 13.07 49.63 -6.96
C GLU C 234 12.15 50.40 -7.90
N GLN C 235 12.37 50.29 -9.21
CA GLN C 235 11.53 51.04 -10.15
C GLN C 235 10.13 50.46 -10.23
N ILE C 236 10.01 49.13 -10.16
CA ILE C 236 8.68 48.55 -10.17
C ILE C 236 7.91 49.00 -8.94
N LYS C 237 8.60 49.24 -7.84
CA LYS C 237 7.95 49.80 -6.65
C LYS C 237 7.51 51.23 -6.90
N LYS C 238 8.40 52.05 -7.45
CA LYS C 238 8.05 53.45 -7.64
C LYS C 238 6.92 53.62 -8.63
N ASP C 239 6.92 52.83 -9.71
CA ASP C 239 5.87 52.95 -10.70
C ASP C 239 4.57 52.34 -10.22
N LEU C 240 4.61 51.09 -9.77
CA LEU C 240 3.41 50.30 -9.54
C LEU C 240 2.95 50.27 -8.09
N ALA C 241 3.55 51.07 -7.22
CA ALA C 241 3.26 50.97 -5.79
C ALA C 241 1.77 50.90 -5.51
N GLU C 242 0.99 51.74 -6.18
CA GLU C 242 -0.46 51.72 -5.98
C GLU C 242 -1.01 50.32 -6.20
N GLU C 243 -0.49 49.63 -7.21
CA GLU C 243 -0.94 48.27 -7.47
C GLU C 243 -0.33 47.29 -6.49
N LEU C 244 0.91 47.53 -6.08
CA LEU C 244 1.54 46.64 -5.12
C LEU C 244 0.89 46.73 -3.75
N THR C 245 0.19 47.81 -3.45
CA THR C 245 -0.37 47.99 -2.12
C THR C 245 -1.44 46.95 -1.84
N PHE C 246 -1.33 46.29 -0.69
CA PHE C 246 -2.22 45.20 -0.33
C PHE C 246 -2.64 45.34 1.13
N ASP C 247 -3.87 44.93 1.43
CA ASP C 247 -4.45 45.18 2.75
C ASP C 247 -3.92 44.22 3.80
N ILE C 248 -3.81 42.94 3.48
CA ILE C 248 -3.43 41.92 4.45
C ILE C 248 -2.44 40.97 3.81
N ASP C 249 -1.35 40.67 4.52
CA ASP C 249 -0.35 39.71 4.07
C ASP C 249 -0.70 38.35 4.65
N TYR C 250 -1.13 37.43 3.80
CA TYR C 250 -1.66 36.18 4.30
C TYR C 250 -0.57 35.23 4.77
N LYS C 251 0.66 35.48 4.39
CA LYS C 251 1.75 34.65 4.90
C LYS C 251 1.96 34.92 6.37
N THR C 252 2.08 36.18 6.74
CA THR C 252 2.30 36.57 8.13
C THR C 252 1.00 36.82 8.89
N SER C 253 -0.13 36.87 8.19
CA SER C 253 -1.44 37.06 8.79
C SER C 253 -1.59 38.40 9.51
N GLU C 254 -0.78 39.39 9.15
CA GLU C 254 -0.86 40.71 9.75
C GLU C 254 -1.55 41.67 8.79
N VAL C 255 -2.39 42.54 9.33
CA VAL C 255 -3.22 43.41 8.52
C VAL C 255 -2.59 44.80 8.54
N ASN C 256 -1.99 45.18 7.41
CA ASN C 256 -1.42 46.51 7.26
C ASN C 256 -1.41 46.86 5.78
N GLN C 257 -1.59 48.15 5.48
CA GLN C 257 -1.55 48.63 4.11
C GLN C 257 -0.14 49.10 3.80
N ARG C 258 0.55 48.38 2.93
CA ARG C 258 1.92 48.71 2.58
C ARG C 258 2.23 48.11 1.22
N VAL C 259 3.26 48.66 0.58
CA VAL C 259 3.76 48.07 -0.65
C VAL C 259 4.26 46.67 -0.36
N PHE C 260 3.97 45.74 -1.25
CA PHE C 260 4.39 44.37 -1.09
C PHE C 260 5.60 44.07 -1.96
N SER C 261 6.47 43.22 -1.45
CA SER C 261 7.60 42.77 -2.25
C SER C 261 7.14 41.78 -3.29
N LEU C 262 7.79 41.82 -4.46
CA LEU C 262 7.49 40.81 -5.47
C LEU C 262 7.66 39.41 -4.91
N ASP C 263 8.57 39.23 -3.96
CA ASP C 263 8.63 38.00 -3.21
C ASP C 263 7.34 37.77 -2.43
N GLU C 264 6.80 38.83 -1.84
CA GLU C 264 5.59 38.68 -1.05
C GLU C 264 4.38 38.44 -1.93
N VAL C 265 4.26 39.20 -3.02
CA VAL C 265 3.07 39.07 -3.86
C VAL C 265 2.98 37.69 -4.45
N PHE C 266 4.11 37.02 -4.61
CA PHE C 266 4.13 35.68 -5.17
C PHE C 266 4.12 34.58 -4.11
N GLU C 267 4.00 34.94 -2.84
CA GLU C 267 3.82 33.94 -1.81
C GLU C 267 2.50 33.20 -2.02
N ILE C 268 2.53 31.87 -1.87
CA ILE C 268 1.36 31.08 -2.23
C ILE C 268 0.16 31.46 -1.37
N ALA C 269 0.38 31.72 -0.09
CA ALA C 269 -0.71 32.12 0.78
C ALA C 269 -1.31 33.44 0.36
N ASN C 270 -0.55 34.27 -0.35
CA ASN C 270 -1.01 35.58 -0.76
C ASN C 270 -1.92 35.53 -1.97
N PHE C 271 -2.21 34.33 -2.49
CA PHE C 271 -3.16 34.19 -3.58
C PHE C 271 -4.48 34.86 -3.25
N ASN C 272 -4.77 35.04 -1.97
CA ASN C 272 -6.05 35.58 -1.55
C ASN C 272 -6.19 37.05 -1.89
N ASN C 273 -5.08 37.76 -2.09
CA ASN C 273 -5.20 39.17 -2.45
C ASN C 273 -5.74 39.30 -3.86
N TYR C 274 -5.37 38.37 -4.73
CA TYR C 274 -5.99 38.17 -6.03
C TYR C 274 -7.21 37.28 -5.78
N LEU C 275 -7.79 36.73 -6.84
CA LEU C 275 -8.98 35.88 -6.85
C LEU C 275 -10.26 36.70 -6.80
N ASN C 276 -10.19 37.99 -6.55
CA ASN C 276 -11.31 38.90 -6.71
C ASN C 276 -10.90 39.99 -7.67
N GLN C 277 -11.91 40.71 -8.18
CA GLN C 277 -11.69 41.57 -9.33
C GLN C 277 -10.59 42.59 -9.09
N SER C 278 -10.60 43.24 -7.93
CA SER C 278 -9.57 44.23 -7.65
C SER C 278 -8.20 43.58 -7.62
N GLY C 279 -8.07 42.47 -6.90
CA GLY C 279 -6.78 41.80 -6.84
C GLY C 279 -6.33 41.30 -8.20
N ILE C 280 -7.26 40.78 -8.98
CA ILE C 280 -6.92 40.34 -10.32
C ILE C 280 -6.40 41.51 -11.15
N THR C 281 -7.04 42.67 -11.06
CA THR C 281 -6.56 43.83 -11.78
C THR C 281 -5.15 44.19 -11.33
N LYS C 282 -4.89 44.14 -10.04
CA LYS C 282 -3.57 44.48 -9.54
C LYS C 282 -2.52 43.52 -10.07
N PHE C 283 -2.75 42.22 -9.89
CA PHE C 283 -1.80 41.23 -10.36
C PHE C 283 -1.53 41.41 -11.85
N ASN C 284 -2.60 41.54 -12.63
CA ASN C 284 -2.43 41.74 -14.06
C ASN C 284 -1.59 42.98 -14.35
N THR C 285 -1.82 44.06 -13.61
CA THR C 285 -1.02 45.25 -13.84
C THR C 285 0.44 45.00 -13.49
N ILE C 286 0.70 44.30 -12.40
CA ILE C 286 2.07 43.96 -12.05
C ILE C 286 2.72 43.21 -13.19
N ILE C 287 2.00 42.27 -13.78
CA ILE C 287 2.59 41.44 -14.83
C ILE C 287 2.83 42.28 -16.08
N GLY C 288 1.85 43.05 -16.49
CA GLY C 288 1.91 43.67 -17.80
C GLY C 288 2.28 45.13 -17.80
N GLY C 289 2.23 45.77 -16.65
CA GLY C 289 2.48 47.19 -16.57
C GLY C 289 1.19 47.99 -16.61
N LYS C 290 1.33 49.30 -16.48
CA LYS C 290 0.17 50.19 -16.43
C LYS C 290 0.43 51.41 -17.28
N PHE C 291 -0.63 52.17 -17.52
CA PHE C 291 -0.57 53.41 -18.26
C PHE C 291 -1.00 54.56 -17.35
N VAL C 292 -0.26 55.65 -17.40
CA VAL C 292 -0.60 56.87 -16.68
C VAL C 292 -0.85 57.96 -17.70
N ASN C 293 -1.92 58.74 -17.48
CA ASN C 293 -2.40 59.66 -18.51
C ASN C 293 -1.33 60.67 -18.91
N GLY C 294 -0.56 61.16 -17.96
CA GLY C 294 0.39 62.21 -18.28
C GLY C 294 1.65 61.71 -18.95
N GLU C 295 2.05 60.47 -18.67
CA GLU C 295 3.40 60.05 -19.00
C GLU C 295 3.58 59.85 -20.49
N ASN C 296 2.54 59.39 -21.19
CA ASN C 296 2.55 59.09 -22.61
C ASN C 296 3.38 57.86 -22.95
N THR C 297 4.03 57.23 -21.97
CA THR C 297 4.72 55.96 -22.16
C THR C 297 4.29 55.00 -21.07
N LYS C 298 4.44 53.70 -21.34
CA LYS C 298 3.91 52.68 -20.45
C LYS C 298 4.91 52.33 -19.36
N ARG C 299 4.40 52.21 -18.14
CA ARG C 299 5.25 51.84 -17.01
C ARG C 299 5.57 50.36 -17.08
N LYS C 300 6.84 50.03 -16.89
CA LYS C 300 7.27 48.66 -17.09
C LYS C 300 6.67 47.73 -16.04
N GLY C 301 6.61 46.44 -16.37
CA GLY C 301 6.17 45.44 -15.44
C GLY C 301 6.93 44.15 -15.68
N ILE C 302 6.69 43.17 -14.81
CA ILE C 302 7.56 41.99 -14.74
C ILE C 302 7.81 41.42 -16.13
N ASN C 303 6.74 41.20 -16.89
CA ASN C 303 6.90 40.66 -18.24
C ASN C 303 7.76 41.58 -19.10
N GLU C 304 7.52 42.88 -19.03
CA GLU C 304 8.32 43.78 -19.85
C GLU C 304 9.78 43.78 -19.41
N TYR C 305 10.04 43.61 -18.12
CA TYR C 305 11.43 43.55 -17.67
C TYR C 305 12.11 42.32 -18.22
N ILE C 306 11.41 41.19 -18.24
CA ILE C 306 11.98 40.00 -18.87
C ILE C 306 12.23 40.28 -20.34
N ASN C 307 11.31 40.98 -21.00
CA ASN C 307 11.48 41.30 -22.40
C ASN C 307 12.73 42.12 -22.62
N LEU C 308 12.87 43.22 -21.87
CA LEU C 308 14.03 44.08 -22.04
C LEU C 308 15.32 43.36 -21.70
N TYR C 309 15.34 42.63 -20.59
CA TYR C 309 16.57 41.93 -20.21
C TYR C 309 16.96 40.92 -21.27
N SER C 310 15.98 40.23 -21.86
CA SER C 310 16.31 39.30 -22.92
C SER C 310 16.89 40.03 -24.12
N GLN C 311 16.38 41.23 -24.43
CA GLN C 311 16.97 42.03 -25.48
C GLN C 311 18.37 42.44 -25.11
N GLN C 312 18.59 42.80 -23.84
CA GLN C 312 19.84 43.43 -23.46
C GLN C 312 21.00 42.45 -23.49
N ILE C 313 20.80 41.25 -22.94
CA ILE C 313 21.86 40.25 -22.97
C ILE C 313 21.79 39.36 -24.18
N ASN C 314 20.84 39.59 -25.08
CA ASN C 314 20.67 38.78 -26.29
C ASN C 314 20.50 37.30 -25.97
N ASP C 315 19.58 37.01 -25.05
CA ASP C 315 19.19 35.66 -24.73
C ASP C 315 17.69 35.55 -24.89
N LYS C 316 17.26 34.70 -25.80
CA LYS C 316 15.84 34.51 -26.05
C LYS C 316 15.22 33.45 -25.14
N THR C 317 16.03 32.70 -24.40
CA THR C 317 15.46 31.73 -23.48
C THR C 317 14.63 32.40 -22.41
N LEU C 318 14.99 33.63 -22.00
CA LEU C 318 14.36 34.24 -20.85
C LEU C 318 12.89 34.50 -21.09
N LYS C 319 12.49 34.71 -22.35
CA LYS C 319 11.08 34.94 -22.63
C LYS C 319 10.22 33.78 -22.17
N LYS C 320 10.82 32.61 -21.93
CA LYS C 320 10.06 31.49 -21.42
C LYS C 320 9.50 31.78 -20.04
N TYR C 321 9.98 32.81 -19.37
CA TYR C 321 9.56 33.14 -18.02
C TYR C 321 8.46 34.19 -17.97
N LYS C 322 7.96 34.67 -19.11
CA LYS C 322 6.85 35.60 -19.09
C LYS C 322 5.61 34.94 -18.50
N MET C 323 4.73 35.76 -17.93
CA MET C 323 3.64 35.26 -17.11
C MET C 323 2.29 35.54 -17.74
N SER C 324 1.38 34.57 -17.64
CA SER C 324 0.05 34.71 -18.18
C SER C 324 -0.82 35.56 -17.28
N VAL C 325 -1.75 36.26 -17.87
CA VAL C 325 -2.60 37.20 -17.15
C VAL C 325 -3.70 36.43 -16.44
N LEU C 326 -4.14 36.95 -15.31
CA LEU C 326 -5.27 36.32 -14.62
C LEU C 326 -6.57 36.67 -15.34
N PHE C 327 -7.48 35.69 -15.39
CA PHE C 327 -8.77 35.92 -16.00
C PHE C 327 -9.60 36.87 -15.17
N LYS C 328 -10.31 37.79 -15.84
CA LYS C 328 -11.21 38.68 -15.12
C LYS C 328 -12.30 37.86 -14.44
N GLN C 329 -12.70 38.32 -13.27
CA GLN C 329 -13.68 37.57 -12.48
C GLN C 329 -15.03 37.55 -13.18
N ILE C 330 -15.85 36.57 -12.80
CA ILE C 330 -17.16 36.44 -13.39
C ILE C 330 -17.99 37.68 -13.09
N LEU C 331 -18.95 37.97 -13.96
CA LEU C 331 -19.82 39.13 -13.82
C LEU C 331 -19.04 40.44 -13.79
N SER C 332 -17.81 40.44 -14.28
CA SER C 332 -17.01 41.65 -14.32
C SER C 332 -17.46 42.57 -15.45
N ASP C 333 -17.07 43.83 -15.34
CA ASP C 333 -17.39 44.83 -16.36
C ASP C 333 -16.32 44.81 -17.43
N THR C 334 -16.70 44.45 -18.65
CA THR C 334 -15.79 44.44 -19.79
C THR C 334 -15.69 45.82 -20.42
N ASP C 342 -23.33 43.37 -27.98
CA ASP C 342 -23.57 41.94 -28.12
C ASP C 342 -24.80 41.65 -28.96
N LYS C 343 -25.98 41.59 -28.34
CA LYS C 343 -27.20 41.14 -29.01
C LYS C 343 -27.52 41.98 -30.24
N LEU C 344 -28.01 41.31 -31.29
CA LEU C 344 -28.25 41.91 -32.61
C LEU C 344 -29.73 42.00 -32.87
N GLU C 345 -30.29 43.21 -32.81
CA GLU C 345 -31.67 43.42 -33.19
C GLU C 345 -31.87 44.03 -34.58
N ASP C 346 -30.80 44.39 -35.28
CA ASP C 346 -31.00 45.12 -36.54
C ASP C 346 -29.70 45.12 -37.34
N ASP C 347 -29.77 45.72 -38.54
CA ASP C 347 -28.60 45.71 -39.43
C ASP C 347 -27.43 46.49 -38.84
N SER C 348 -27.72 47.65 -38.23
CA SER C 348 -26.64 48.40 -37.59
C SER C 348 -25.92 47.55 -36.57
N ASP C 349 -26.66 46.72 -35.84
CA ASP C 349 -26.02 45.83 -34.88
C ASP C 349 -25.11 44.82 -35.58
N VAL C 350 -25.58 44.22 -36.67
CA VAL C 350 -24.74 43.30 -37.42
C VAL C 350 -23.45 43.98 -37.83
N VAL C 351 -23.56 45.13 -38.47
CA VAL C 351 -22.38 45.80 -39.00
C VAL C 351 -21.48 46.26 -37.87
N THR C 352 -22.03 46.96 -36.89
CA THR C 352 -21.20 47.52 -35.83
C THR C 352 -20.48 46.42 -35.05
N THR C 353 -21.19 45.33 -34.74
CA THR C 353 -20.57 44.28 -33.94
C THR C 353 -19.48 43.57 -34.73
N MET C 354 -19.77 43.19 -35.97
CA MET C 354 -18.76 42.56 -36.82
C MET C 354 -17.57 43.49 -37.03
N GLN C 355 -17.84 44.74 -37.35
CA GLN C 355 -16.77 45.72 -37.48
C GLN C 355 -15.99 45.86 -36.18
N SER C 356 -16.69 45.81 -35.04
CA SER C 356 -16.01 45.90 -33.75
C SER C 356 -15.05 44.73 -33.56
N PHE C 357 -15.52 43.52 -33.86
CA PHE C 357 -14.70 42.33 -33.62
C PHE C 357 -13.44 42.35 -34.48
N TYR C 358 -13.59 42.64 -35.77
CA TYR C 358 -12.44 42.62 -36.65
C TYR C 358 -11.51 43.79 -36.40
N GLU C 359 -12.05 44.95 -36.02
CA GLU C 359 -11.19 46.02 -35.54
C GLU C 359 -10.33 45.54 -34.39
N GLN C 360 -10.90 44.79 -33.46
CA GLN C 360 -10.15 44.31 -32.30
C GLN C 360 -9.03 43.37 -32.73
N ILE C 361 -9.33 42.42 -33.61
CA ILE C 361 -8.31 41.47 -34.05
C ILE C 361 -7.16 42.21 -34.71
N ALA C 362 -7.49 43.16 -35.59
CA ALA C 362 -6.43 43.86 -36.31
C ALA C 362 -5.58 44.68 -35.37
N ALA C 363 -6.16 45.20 -34.30
CA ALA C 363 -5.47 46.12 -33.42
C ALA C 363 -4.89 45.46 -32.18
N PHE C 364 -5.09 44.16 -31.99
CA PHE C 364 -4.65 43.54 -30.75
C PHE C 364 -3.15 43.40 -30.73
N LYS C 365 -2.57 43.45 -29.53
CA LYS C 365 -1.13 43.40 -29.34
C LYS C 365 -0.78 42.26 -28.41
N THR C 366 0.03 41.33 -28.89
CA THR C 366 0.36 40.12 -28.15
C THR C 366 1.46 40.40 -27.13
N VAL C 367 1.84 39.36 -26.39
CA VAL C 367 2.94 39.48 -25.45
C VAL C 367 4.24 39.73 -26.18
N GLU C 368 4.34 39.23 -27.41
CA GLU C 368 5.49 39.49 -28.25
C GLU C 368 5.51 40.92 -28.79
N GLU C 369 4.50 41.72 -28.45
CA GLU C 369 4.41 43.12 -28.86
C GLU C 369 4.25 43.27 -30.36
N LYS C 370 3.63 42.27 -30.99
CA LYS C 370 3.38 42.27 -32.42
C LYS C 370 1.95 41.79 -32.65
N SER C 371 1.44 42.06 -33.84
CA SER C 371 0.06 41.74 -34.16
C SER C 371 -0.15 40.23 -34.17
N ILE C 372 -1.42 39.83 -34.05
CA ILE C 372 -1.74 38.41 -33.98
C ILE C 372 -1.20 37.68 -35.19
N LYS C 373 -1.35 38.28 -36.37
CA LYS C 373 -0.83 37.66 -37.57
C LYS C 373 0.67 37.45 -37.45
N GLU C 374 1.39 38.51 -37.10
CA GLU C 374 2.84 38.40 -36.96
C GLU C 374 3.21 37.42 -35.86
N THR C 375 2.49 37.49 -34.73
CA THR C 375 2.81 36.60 -33.61
C THR C 375 2.67 35.15 -34.02
N LEU C 376 1.53 34.79 -34.62
CA LEU C 376 1.34 33.41 -35.02
C LEU C 376 2.32 33.04 -36.12
N SER C 377 2.61 33.95 -37.03
CA SER C 377 3.55 33.66 -38.10
C SER C 377 4.92 33.31 -37.53
N LEU C 378 5.43 34.16 -36.64
CA LEU C 378 6.73 33.88 -36.03
C LEU C 378 6.67 32.63 -35.18
N LEU C 379 5.56 32.42 -34.49
CA LEU C 379 5.43 31.25 -33.62
C LEU C 379 5.49 29.97 -34.44
N PHE C 380 4.66 29.89 -35.48
CA PHE C 380 4.60 28.66 -36.27
C PHE C 380 5.85 28.46 -37.12
N ASP C 381 6.45 29.55 -37.61
CA ASP C 381 7.77 29.42 -38.24
C ASP C 381 8.77 28.82 -37.28
N ASP C 382 8.79 29.30 -36.04
CA ASP C 382 9.66 28.69 -35.03
C ASP C 382 9.37 27.20 -34.88
N LEU C 383 8.08 26.83 -34.80
CA LEU C 383 7.75 25.42 -34.68
C LEU C 383 8.27 24.64 -35.88
N LYS C 384 8.18 25.24 -37.07
CA LYS C 384 8.63 24.56 -38.29
C LYS C 384 10.14 24.47 -38.33
N ALA C 385 10.80 25.54 -37.94
CA ALA C 385 12.25 25.59 -37.90
C ALA C 385 12.85 24.61 -36.90
N GLN C 386 12.02 23.91 -36.14
CA GLN C 386 12.45 22.96 -35.10
C GLN C 386 13.15 23.66 -33.94
N LYS C 387 12.91 24.96 -33.78
CA LYS C 387 13.53 25.68 -32.66
C LYS C 387 12.92 25.26 -31.34
N LEU C 388 11.60 25.02 -31.32
CA LEU C 388 10.87 24.65 -30.12
C LEU C 388 11.08 23.18 -29.77
N ASP C 389 10.77 22.85 -28.53
CA ASP C 389 10.86 21.48 -28.03
C ASP C 389 9.53 20.79 -28.30
N LEU C 390 9.55 19.79 -29.17
CA LEU C 390 8.31 19.13 -29.57
C LEU C 390 7.78 18.19 -28.50
N SER C 391 8.61 17.81 -27.54
CA SER C 391 8.11 16.96 -26.47
C SER C 391 7.14 17.70 -25.58
N LYS C 392 7.23 19.03 -25.53
CA LYS C 392 6.38 19.84 -24.67
C LYS C 392 5.19 20.47 -25.39
N ILE C 393 4.99 20.20 -26.68
CA ILE C 393 3.88 20.77 -27.44
C ILE C 393 2.97 19.64 -27.90
N TYR C 394 1.66 19.84 -27.81
CA TYR C 394 0.71 18.74 -27.92
C TYR C 394 -0.41 19.04 -28.91
N PHE C 395 -0.86 17.98 -29.58
CA PHE C 395 -2.05 17.97 -30.41
C PHE C 395 -3.20 17.31 -29.64
N LYS C 396 -4.39 17.90 -29.68
CA LYS C 396 -5.54 17.28 -29.07
C LYS C 396 -5.94 16.05 -29.87
N ASN C 397 -6.39 15.01 -29.19
CA ASN C 397 -6.51 13.70 -29.83
C ASN C 397 -7.90 13.39 -30.39
N ASP C 398 -8.83 14.34 -30.35
CA ASP C 398 -10.16 14.09 -30.87
C ASP C 398 -10.17 14.23 -32.38
N LYS C 399 -11.36 14.39 -32.97
CA LYS C 399 -11.49 14.45 -34.42
C LYS C 399 -10.60 15.50 -35.05
N SER C 400 -10.11 16.47 -34.28
CA SER C 400 -9.20 17.46 -34.84
C SER C 400 -7.95 16.81 -35.40
N LEU C 401 -7.44 15.78 -34.73
CA LEU C 401 -6.23 15.14 -35.23
C LEU C 401 -6.51 14.32 -36.48
N THR C 402 -7.61 13.59 -36.51
CA THR C 402 -8.00 12.90 -37.73
C THR C 402 -8.17 13.89 -38.87
N ASP C 403 -8.88 14.99 -38.62
CA ASP C 403 -9.00 16.03 -39.62
C ASP C 403 -7.65 16.51 -40.10
N LEU C 404 -6.71 16.71 -39.19
CA LEU C 404 -5.37 17.08 -39.60
C LEU C 404 -4.79 16.03 -40.52
N SER C 405 -4.89 14.76 -40.13
CA SER C 405 -4.33 13.70 -40.94
C SER C 405 -4.96 13.68 -42.33
N GLN C 406 -6.26 13.93 -42.42
CA GLN C 406 -6.90 13.99 -43.73
C GLN C 406 -6.39 15.19 -44.50
N GLN C 407 -6.24 16.32 -43.84
CA GLN C 407 -5.82 17.53 -44.55
C GLN C 407 -4.44 17.35 -45.15
N VAL C 408 -3.47 16.93 -44.34
CA VAL C 408 -2.10 16.90 -44.83
C VAL C 408 -1.79 15.61 -45.58
N PHE C 409 -2.24 14.47 -45.06
CA PHE C 409 -1.87 13.18 -45.63
C PHE C 409 -2.92 12.57 -46.53
N ASP C 410 -4.07 13.23 -46.71
CA ASP C 410 -5.18 12.73 -47.53
C ASP C 410 -5.83 11.48 -46.97
N ASP C 411 -5.33 10.93 -45.85
CA ASP C 411 -5.92 9.79 -45.19
C ASP C 411 -6.06 10.11 -43.71
N TYR C 412 -7.27 9.95 -43.16
CA TYR C 412 -7.48 10.37 -41.78
C TYR C 412 -6.87 9.40 -40.77
N SER C 413 -6.65 8.16 -41.16
CA SER C 413 -6.20 7.15 -40.22
C SER C 413 -4.69 7.10 -40.06
N VAL C 414 -3.94 7.83 -40.87
CA VAL C 414 -2.50 7.62 -40.94
C VAL C 414 -1.86 7.93 -39.59
N ILE C 415 -2.15 9.11 -39.04
CA ILE C 415 -1.47 9.53 -37.82
C ILE C 415 -1.77 8.55 -36.69
N GLY C 416 -3.05 8.26 -36.48
CA GLY C 416 -3.41 7.34 -35.42
C GLY C 416 -2.79 5.96 -35.60
N THR C 417 -2.92 5.41 -36.80
CA THR C 417 -2.29 4.13 -37.07
C THR C 417 -0.79 4.20 -36.81
N ALA C 418 -0.18 5.33 -37.12
CA ALA C 418 1.25 5.48 -36.92
C ALA C 418 1.61 5.42 -35.45
N VAL C 419 0.93 6.21 -34.61
CA VAL C 419 1.26 6.18 -33.19
C VAL C 419 0.96 4.83 -32.60
N LEU C 420 -0.09 4.17 -33.08
CA LEU C 420 -0.42 2.84 -32.58
C LEU C 420 0.69 1.85 -32.87
N GLU C 421 1.17 1.82 -34.11
CA GLU C 421 2.26 0.91 -34.44
C GLU C 421 3.52 1.26 -33.65
N TYR C 422 3.84 2.55 -33.55
CA TYR C 422 5.07 2.94 -32.88
C TYR C 422 5.02 2.56 -31.41
N ILE C 423 3.95 2.92 -30.73
CA ILE C 423 3.85 2.61 -29.31
C ILE C 423 3.84 1.10 -29.09
N THR C 424 3.15 0.36 -29.96
CA THR C 424 3.11 -1.08 -29.78
C THR C 424 4.50 -1.68 -29.82
N GLN C 425 5.33 -1.25 -30.77
CA GLN C 425 6.71 -1.71 -30.78
C GLN C 425 7.46 -1.17 -29.57
N GLN C 426 7.03 -0.03 -29.04
CA GLN C 426 7.79 0.62 -27.98
C GLN C 426 7.66 -0.15 -26.67
N ILE C 427 6.44 -0.33 -26.18
CA ILE C 427 6.28 -0.99 -24.89
C ILE C 427 6.05 -2.49 -24.98
N ALA C 428 5.70 -3.02 -26.16
CA ALA C 428 5.30 -4.42 -26.29
C ALA C 428 5.87 -5.01 -27.57
N PRO C 429 7.19 -5.09 -27.68
CA PRO C 429 7.80 -5.53 -28.94
C PRO C 429 7.52 -6.98 -29.27
N LYS C 430 7.10 -7.79 -28.29
CA LYS C 430 7.02 -9.23 -28.50
C LYS C 430 5.86 -9.59 -29.43
N ASN C 431 4.71 -8.97 -29.24
CA ASN C 431 3.53 -9.32 -30.01
C ASN C 431 3.64 -8.80 -31.45
N GLN C 440 -0.49 -4.22 -22.46
CA GLN C 440 -1.89 -4.47 -22.15
C GLN C 440 -2.73 -3.21 -22.32
N GLU C 441 -3.28 -2.71 -21.21
CA GLU C 441 -3.93 -1.41 -21.23
C GLU C 441 -2.97 -0.29 -21.56
N LEU C 442 -1.66 -0.55 -21.53
CA LEU C 442 -0.67 0.50 -21.72
C LEU C 442 -0.76 1.14 -23.11
N ILE C 443 -1.06 0.34 -24.13
CA ILE C 443 -1.22 0.91 -25.46
C ILE C 443 -2.35 1.93 -25.48
N ALA C 444 -3.44 1.62 -24.80
CA ALA C 444 -4.57 2.54 -24.77
C ALA C 444 -4.21 3.82 -24.02
N LYS C 445 -3.54 3.68 -22.88
CA LYS C 445 -3.19 4.86 -22.10
C LYS C 445 -2.21 5.73 -22.86
N LYS C 446 -1.29 5.12 -23.59
CA LYS C 446 -0.31 5.89 -24.33
C LYS C 446 -0.85 6.40 -25.66
N THR C 447 -1.90 5.77 -26.18
CA THR C 447 -2.44 6.21 -27.47
C THR C 447 -3.92 6.56 -27.41
N GLU C 448 -4.77 5.54 -27.39
CA GLU C 448 -6.18 5.78 -27.67
C GLU C 448 -6.88 6.49 -26.51
N LYS C 449 -6.57 6.11 -25.28
CA LYS C 449 -7.16 6.76 -24.13
C LYS C 449 -6.44 8.05 -23.75
N ALA C 450 -5.38 8.42 -24.47
CA ALA C 450 -4.64 9.64 -24.17
C ALA C 450 -5.39 10.83 -24.76
N LYS C 451 -5.71 11.81 -23.91
CA LYS C 451 -6.47 12.95 -24.39
C LYS C 451 -5.63 13.86 -25.28
N TYR C 452 -4.33 13.95 -25.01
CA TYR C 452 -3.44 14.79 -25.80
C TYR C 452 -2.23 13.96 -26.19
N LEU C 453 -1.76 14.17 -27.42
CA LEU C 453 -0.56 13.52 -27.93
C LEU C 453 0.53 14.55 -28.19
N SER C 454 1.76 14.18 -27.87
CA SER C 454 2.88 15.11 -28.00
C SER C 454 3.34 15.16 -29.44
N LEU C 455 3.74 16.35 -29.88
CA LEU C 455 4.26 16.49 -31.23
C LEU C 455 5.42 15.55 -31.46
N GLU C 456 6.31 15.42 -30.48
CA GLU C 456 7.43 14.50 -30.63
C GLU C 456 6.96 13.07 -30.86
N THR C 457 5.90 12.66 -30.17
CA THR C 457 5.36 11.32 -30.40
C THR C 457 4.93 11.15 -31.85
N ILE C 458 4.19 12.11 -32.39
CA ILE C 458 3.75 12.05 -33.77
C ILE C 458 4.96 11.98 -34.70
N LYS C 459 5.97 12.79 -34.43
CA LYS C 459 7.14 12.86 -35.30
C LYS C 459 7.88 11.53 -35.32
N LEU C 460 8.18 10.99 -34.14
CA LEU C 460 8.89 9.72 -34.09
C LEU C 460 8.04 8.59 -34.64
N ALA C 461 6.74 8.60 -34.32
CA ALA C 461 5.87 7.57 -34.85
C ALA C 461 5.84 7.60 -36.36
N LEU C 462 5.77 8.80 -36.95
CA LEU C 462 5.75 8.90 -38.39
C LEU C 462 7.08 8.43 -39.00
N GLU C 463 8.20 8.81 -38.39
CA GLU C 463 9.50 8.40 -38.91
C GLU C 463 9.58 6.89 -39.02
N GLU C 464 9.27 6.19 -37.92
CA GLU C 464 9.29 4.73 -37.97
C GLU C 464 8.20 4.19 -38.87
N PHE C 465 7.10 4.93 -39.02
CA PHE C 465 5.99 4.45 -39.83
C PHE C 465 6.38 4.42 -41.30
N ASN C 466 7.06 5.45 -41.78
CA ASN C 466 7.31 5.59 -43.20
C ASN C 466 8.38 4.64 -43.71
N LYS C 467 9.17 4.05 -42.80
CA LYS C 467 10.29 3.23 -43.24
C LYS C 467 9.82 2.02 -44.03
N HIS C 468 8.62 1.54 -43.74
CA HIS C 468 8.11 0.35 -44.42
C HIS C 468 7.24 0.69 -45.60
N ARG C 469 7.01 1.97 -45.88
CA ARG C 469 6.17 2.41 -46.98
C ARG C 469 7.03 2.87 -48.14
N ASP C 470 6.53 2.66 -49.36
CA ASP C 470 7.23 3.07 -50.56
C ASP C 470 7.51 4.58 -50.55
N ILE C 471 8.59 4.98 -51.21
CA ILE C 471 8.90 6.40 -51.34
C ILE C 471 7.76 7.13 -52.03
N ASP C 472 6.98 6.41 -52.82
CA ASP C 472 5.75 6.96 -53.37
C ASP C 472 4.80 7.35 -52.27
N LYS C 473 4.63 6.49 -51.27
CA LYS C 473 3.53 6.60 -50.32
C LYS C 473 3.91 7.27 -49.00
N GLN C 474 5.14 7.76 -48.85
CA GLN C 474 5.58 8.24 -47.55
C GLN C 474 4.81 9.47 -47.11
N CYS C 475 4.43 9.49 -45.84
CA CYS C 475 3.75 10.62 -45.20
C CYS C 475 4.67 11.20 -44.14
N ARG C 476 4.99 12.48 -44.26
CA ARG C 476 6.09 13.06 -43.52
C ARG C 476 5.60 14.04 -42.48
N PHE C 477 6.28 14.05 -41.33
CA PHE C 477 5.91 14.99 -40.27
C PHE C 477 6.20 16.42 -40.69
N GLU C 478 7.22 16.63 -41.51
CA GLU C 478 7.54 17.99 -41.98
C GLU C 478 6.33 18.67 -42.58
N GLU C 479 5.45 17.91 -43.22
CA GLU C 479 4.26 18.52 -43.78
C GLU C 479 3.30 18.95 -42.68
N ILE C 480 3.16 18.15 -41.62
CA ILE C 480 2.31 18.54 -40.51
C ILE C 480 2.78 19.87 -39.94
N LEU C 481 4.08 20.04 -39.79
CA LEU C 481 4.60 21.31 -39.31
C LEU C 481 4.30 22.42 -40.32
N ALA C 482 4.33 22.08 -41.60
CA ALA C 482 4.21 23.10 -42.62
C ALA C 482 2.80 23.66 -42.70
N ASN C 483 1.79 22.82 -42.43
CA ASN C 483 0.41 23.28 -42.46
C ASN C 483 0.22 24.51 -41.59
N PHE C 484 0.68 24.43 -40.35
CA PHE C 484 0.51 25.56 -39.45
C PHE C 484 1.36 26.74 -39.85
N ALA C 485 2.47 26.49 -40.55
CA ALA C 485 3.25 27.59 -41.10
C ALA C 485 2.46 28.33 -42.17
N ALA C 486 1.57 27.63 -42.86
CA ALA C 486 0.74 28.26 -43.88
C ALA C 486 -0.48 28.95 -43.30
N ILE C 487 -0.82 28.67 -42.04
CA ILE C 487 -2.06 29.20 -41.47
C ILE C 487 -2.14 30.71 -41.52
N PRO C 488 -1.09 31.47 -41.18
CA PRO C 488 -1.22 32.93 -41.15
C PRO C 488 -1.65 33.56 -42.47
N MET C 489 -1.51 32.86 -43.59
CA MET C 489 -1.99 33.43 -44.85
C MET C 489 -3.47 33.78 -44.78
N ILE C 490 -4.24 33.03 -44.00
CA ILE C 490 -5.67 33.29 -43.89
C ILE C 490 -5.92 34.69 -43.37
N PHE C 491 -5.05 35.18 -42.48
CA PHE C 491 -5.20 36.54 -41.98
C PHE C 491 -5.18 37.55 -43.12
N ASP C 492 -4.29 37.36 -44.10
CA ASP C 492 -4.26 38.26 -45.24
C ASP C 492 -5.56 38.21 -46.03
N GLU C 493 -6.09 37.01 -46.28
CA GLU C 493 -7.39 36.90 -46.94
C GLU C 493 -8.46 37.63 -46.16
N ILE C 494 -8.45 37.51 -44.83
CA ILE C 494 -9.45 38.16 -44.01
C ILE C 494 -9.37 39.68 -44.18
N ALA C 495 -8.16 40.22 -44.18
CA ALA C 495 -8.00 41.67 -44.26
C ALA C 495 -8.56 42.21 -45.57
N GLN C 496 -8.29 41.53 -46.67
CA GLN C 496 -8.81 41.98 -47.96
C GLN C 496 -10.33 41.88 -48.00
N ASN C 497 -10.89 40.81 -47.44
CA ASN C 497 -12.34 40.66 -47.41
C ASN C 497 -12.97 41.74 -46.55
N LYS C 498 -12.40 42.01 -45.38
CA LYS C 498 -12.93 43.06 -44.52
C LYS C 498 -12.87 44.41 -45.22
N ASP C 499 -11.83 44.64 -46.03
CA ASP C 499 -11.76 45.88 -46.80
C ASP C 499 -12.88 45.96 -47.82
N ASN C 500 -13.30 44.84 -48.40
CA ASN C 500 -14.52 44.83 -49.18
C ASN C 500 -15.72 45.17 -48.30
N LEU C 501 -15.74 44.64 -47.08
CA LEU C 501 -16.83 44.92 -46.17
C LEU C 501 -16.91 46.39 -45.80
N ALA C 502 -15.85 47.16 -46.08
CA ALA C 502 -15.91 48.59 -45.82
C ALA C 502 -17.00 49.24 -46.64
N GLN C 503 -17.11 48.86 -47.91
CA GLN C 503 -18.20 49.38 -48.73
C GLN C 503 -19.55 49.00 -48.16
N ILE C 504 -19.63 47.79 -47.59
CA ILE C 504 -20.92 47.27 -47.15
C ILE C 504 -21.33 47.87 -45.83
N SER C 505 -20.35 48.24 -45.00
CA SER C 505 -20.67 48.65 -43.64
C SER C 505 -21.48 49.92 -43.60
N ILE C 506 -21.17 50.88 -44.47
CA ILE C 506 -21.93 52.12 -44.50
C ILE C 506 -23.36 51.85 -44.96
N LYS C 507 -23.50 50.93 -45.92
CA LYS C 507 -24.80 50.70 -46.54
C LYS C 507 -25.84 50.24 -45.54
N TYR C 508 -25.47 49.34 -44.64
CA TYR C 508 -26.39 48.75 -43.69
C TYR C 508 -26.36 49.43 -42.32
N GLN C 509 -25.64 50.53 -42.19
CA GLN C 509 -25.48 51.22 -40.91
C GLN C 509 -26.79 51.80 -40.38
N ASN C 510 -27.88 51.73 -41.14
CA ASN C 510 -29.16 52.30 -40.72
C ASN C 510 -29.55 51.80 -39.33
N GLN C 511 -30.02 52.71 -38.49
CA GLN C 511 -30.25 52.39 -37.09
C GLN C 511 -31.39 51.40 -36.93
N GLY C 512 -32.49 51.61 -37.65
CA GLY C 512 -33.67 50.81 -37.42
C GLY C 512 -33.97 49.73 -38.44
N LYS C 513 -33.28 49.75 -39.57
CA LYS C 513 -33.69 48.95 -40.71
C LYS C 513 -33.22 47.51 -40.58
N LYS C 514 -34.10 46.58 -40.97
CA LYS C 514 -33.80 45.15 -41.03
C LYS C 514 -33.44 44.65 -42.43
N ASP C 515 -33.28 45.52 -43.43
CA ASP C 515 -33.31 45.10 -44.82
C ASP C 515 -32.15 44.18 -45.20
N LEU C 516 -31.21 43.93 -44.29
CA LEU C 516 -30.09 43.05 -44.62
C LEU C 516 -30.56 41.67 -45.03
N LEU C 517 -31.65 41.17 -44.46
CA LEU C 517 -32.14 39.85 -44.82
C LEU C 517 -33.12 39.88 -45.98
N GLN C 518 -33.33 41.03 -46.59
CA GLN C 518 -34.17 41.11 -47.77
C GLN C 518 -33.49 40.39 -48.93
N ALA C 519 -34.30 40.04 -49.93
CA ALA C 519 -33.79 39.30 -51.07
C ALA C 519 -32.76 40.11 -51.86
N SER C 520 -32.99 41.41 -51.98
CA SER C 520 -32.10 42.23 -52.79
C SER C 520 -30.68 42.22 -52.27
N ALA C 521 -30.51 41.94 -50.98
CA ALA C 521 -29.21 42.01 -50.34
C ALA C 521 -28.46 40.67 -50.34
N GLU C 522 -29.01 39.66 -51.02
CA GLU C 522 -28.46 38.31 -50.96
C GLU C 522 -26.96 38.29 -51.24
N ASP C 523 -26.53 38.96 -52.30
CA ASP C 523 -25.11 38.96 -52.65
C ASP C 523 -24.27 39.46 -51.49
N ASP C 524 -24.77 40.45 -50.75
CA ASP C 524 -23.99 40.99 -49.65
C ASP C 524 -23.87 40.00 -48.51
N VAL C 525 -24.93 39.26 -48.22
CA VAL C 525 -24.92 38.35 -47.09
C VAL C 525 -23.78 37.35 -47.24
N LYS C 526 -23.65 36.74 -48.42
CA LYS C 526 -22.57 35.80 -48.63
C LYS C 526 -21.22 36.46 -48.38
N ALA C 527 -21.06 37.72 -48.78
CA ALA C 527 -19.82 38.42 -48.50
C ALA C 527 -19.59 38.54 -47.01
N ILE C 528 -20.65 38.77 -46.23
CA ILE C 528 -20.53 38.72 -44.79
C ILE C 528 -20.27 37.29 -44.32
N LYS C 529 -21.06 36.33 -44.82
CA LYS C 529 -20.92 34.96 -44.38
C LYS C 529 -19.53 34.41 -44.68
N ASP C 530 -19.07 34.54 -45.93
CA ASP C 530 -17.73 34.08 -46.27
C ASP C 530 -16.70 34.62 -45.29
N LEU C 531 -16.74 35.91 -45.00
CA LEU C 531 -15.82 36.50 -44.04
C LEU C 531 -15.86 35.74 -42.71
N LEU C 532 -17.04 35.61 -42.13
CA LEU C 532 -17.16 34.89 -40.86
C LEU C 532 -16.65 33.45 -41.01
N ASP C 533 -17.05 32.76 -42.08
CA ASP C 533 -16.55 31.41 -42.31
C ASP C 533 -15.03 31.38 -42.32
N GLN C 534 -14.39 32.32 -43.03
CA GLN C 534 -12.94 32.35 -43.08
C GLN C 534 -12.35 32.40 -41.69
N THR C 535 -12.87 33.28 -40.83
CA THR C 535 -12.38 33.36 -39.46
C THR C 535 -12.70 32.08 -38.68
N ASN C 536 -13.97 31.65 -38.73
CA ASN C 536 -14.37 30.46 -37.99
C ASN C 536 -13.48 29.27 -38.31
N ASN C 537 -13.31 28.97 -39.60
CA ASN C 537 -12.47 27.85 -40.00
C ASN C 537 -11.04 28.00 -39.47
N LEU C 538 -10.49 29.21 -39.52
CA LEU C 538 -9.17 29.44 -38.96
C LEU C 538 -9.11 29.01 -37.51
N LEU C 539 -10.11 29.40 -36.72
CA LEU C 539 -10.15 29.00 -35.32
C LEU C 539 -10.10 27.48 -35.17
N HIS C 540 -10.91 26.77 -35.96
CA HIS C 540 -10.94 25.32 -35.86
C HIS C 540 -9.56 24.72 -36.14
N LYS C 541 -8.83 25.28 -37.10
CA LYS C 541 -7.49 24.78 -37.35
C LYS C 541 -6.60 24.97 -36.13
N LEU C 542 -6.76 26.10 -35.44
CA LEU C 542 -5.99 26.33 -34.23
C LEU C 542 -6.48 25.50 -33.06
N LYS C 543 -7.71 25.01 -33.11
CA LYS C 543 -8.30 24.33 -31.97
C LYS C 543 -7.51 23.11 -31.56
N ILE C 544 -6.72 22.52 -32.46
CA ILE C 544 -6.03 21.30 -32.12
C ILE C 544 -5.01 21.53 -31.02
N PHE C 545 -4.43 22.73 -30.96
CA PHE C 545 -3.45 23.01 -29.93
C PHE C 545 -4.08 23.31 -28.57
N HIS C 546 -5.34 23.72 -28.56
CA HIS C 546 -5.97 24.22 -27.34
C HIS C 546 -5.95 23.18 -26.23
N ILE C 547 -5.70 23.62 -25.01
CA ILE C 547 -5.67 22.74 -23.84
C ILE C 547 -6.92 23.00 -23.02
N SER C 548 -7.83 22.02 -22.99
CA SER C 548 -9.11 22.18 -22.32
C SER C 548 -9.32 21.03 -21.35
N GLN C 549 -9.71 21.36 -20.12
CA GLN C 549 -9.95 20.34 -19.11
C GLN C 549 -11.16 19.51 -19.49
N SER C 550 -11.01 18.19 -19.39
CA SER C 550 -12.07 17.26 -19.75
C SER C 550 -12.58 16.55 -18.50
N GLU C 551 -13.85 16.17 -18.52
CA GLU C 551 -14.44 15.47 -17.38
C GLU C 551 -13.68 14.17 -17.11
N ASP C 552 -13.48 13.88 -15.83
CA ASP C 552 -12.81 12.70 -15.29
C ASP C 552 -11.30 12.74 -15.44
N LYS C 553 -10.72 13.78 -16.03
CA LYS C 553 -9.28 13.88 -16.14
C LYS C 553 -8.84 15.32 -15.94
N ALA C 554 -7.72 15.51 -15.25
CA ALA C 554 -7.25 16.87 -15.00
C ALA C 554 -6.70 17.50 -16.26
N ASN C 555 -6.15 16.71 -17.17
CA ASN C 555 -5.54 17.22 -18.40
C ASN C 555 -4.49 18.27 -18.12
N ILE C 556 -3.62 18.00 -17.16
CA ILE C 556 -2.48 18.85 -16.84
C ILE C 556 -1.25 18.19 -17.43
N LEU C 557 -0.47 18.96 -18.20
CA LEU C 557 0.69 18.38 -18.86
C LEU C 557 1.84 19.36 -18.88
N ASP C 558 3.06 18.81 -18.85
CA ASP C 558 4.27 19.61 -19.00
C ASP C 558 4.32 20.18 -20.40
N LYS C 559 4.53 21.48 -20.51
CA LYS C 559 4.36 22.15 -21.78
C LYS C 559 5.39 23.26 -21.95
N ASP C 560 5.65 23.60 -23.21
CA ASP C 560 6.50 24.73 -23.51
C ASP C 560 5.77 26.00 -23.11
N GLU C 561 6.39 26.77 -22.22
CA GLU C 561 5.65 27.87 -21.60
C GLU C 561 5.43 29.01 -22.59
N HIS C 562 6.43 29.30 -23.42
CA HIS C 562 6.27 30.41 -24.35
C HIS C 562 5.25 30.09 -25.42
N PHE C 563 5.37 28.93 -26.06
CA PHE C 563 4.44 28.57 -27.12
C PHE C 563 3.00 28.67 -26.63
N TYR C 564 2.71 28.11 -25.46
CA TYR C 564 1.33 28.12 -25.02
C TYR C 564 0.93 29.47 -24.49
N LEU C 565 1.88 30.26 -24.01
CA LEU C 565 1.55 31.62 -23.57
C LEU C 565 1.03 32.44 -24.74
N VAL C 566 1.80 32.51 -25.82
CA VAL C 566 1.38 33.29 -26.97
C VAL C 566 0.17 32.65 -27.64
N PHE C 567 0.14 31.33 -27.73
CA PHE C 567 -0.96 30.69 -28.45
C PHE C 567 -2.28 30.91 -27.73
N GLU C 568 -2.30 30.68 -26.42
CA GLU C 568 -3.54 30.83 -25.68
C GLU C 568 -4.03 32.27 -25.77
N GLU C 569 -3.12 33.24 -25.78
CA GLU C 569 -3.54 34.63 -25.91
C GLU C 569 -4.22 34.84 -27.25
N CYS C 570 -3.60 34.37 -28.33
CA CYS C 570 -4.18 34.54 -29.65
C CYS C 570 -5.47 33.76 -29.78
N TYR C 571 -5.47 32.50 -29.33
CA TYR C 571 -6.67 31.68 -29.46
C TYR C 571 -7.82 32.29 -28.68
N PHE C 572 -7.55 32.81 -27.48
CA PHE C 572 -8.63 33.36 -26.68
C PHE C 572 -9.21 34.60 -27.32
N GLU C 573 -8.36 35.44 -27.92
CA GLU C 573 -8.90 36.60 -28.63
C GLU C 573 -9.62 36.15 -29.89
N LEU C 574 -9.08 35.15 -30.58
CA LEU C 574 -9.69 34.71 -31.82
C LEU C 574 -11.02 34.03 -31.58
N ALA C 575 -11.19 33.39 -30.42
CA ALA C 575 -12.36 32.54 -30.22
C ALA C 575 -13.67 33.30 -30.22
N ASN C 576 -13.65 34.62 -30.29
CA ASN C 576 -14.90 35.37 -30.20
C ASN C 576 -15.78 35.22 -31.42
N ILE C 577 -15.32 34.54 -32.48
CA ILE C 577 -16.14 34.41 -33.68
C ILE C 577 -17.43 33.69 -33.36
N VAL C 578 -17.33 32.57 -32.66
CA VAL C 578 -18.48 31.68 -32.52
C VAL C 578 -19.67 32.40 -31.89
N PRO C 579 -19.51 33.25 -30.87
CA PRO C 579 -20.66 34.06 -30.46
C PRO C 579 -21.11 35.01 -31.54
N LEU C 580 -20.16 35.65 -32.22
CA LEU C 580 -20.50 36.54 -33.32
C LEU C 580 -21.15 35.76 -34.45
N TYR C 581 -20.54 34.64 -34.85
CA TYR C 581 -21.09 33.85 -35.94
C TYR C 581 -22.51 33.40 -35.64
N ASN C 582 -22.74 32.91 -34.43
CA ASN C 582 -24.07 32.42 -34.10
C ASN C 582 -25.09 33.55 -34.09
N LYS C 583 -24.71 34.71 -33.54
CA LYS C 583 -25.67 35.79 -33.43
C LYS C 583 -26.03 36.37 -34.80
N ILE C 584 -25.03 36.55 -35.66
CA ILE C 584 -25.31 37.08 -36.99
C ILE C 584 -26.11 36.06 -37.78
N ARG C 585 -25.75 34.79 -37.69
CA ARG C 585 -26.48 33.76 -38.42
C ARG C 585 -27.93 33.71 -37.96
N ASN C 586 -28.14 33.65 -36.65
CA ASN C 586 -29.50 33.69 -36.13
C ASN C 586 -30.25 34.89 -36.67
N TYR C 587 -29.58 36.04 -36.77
CA TYR C 587 -30.24 37.23 -37.28
C TYR C 587 -30.68 37.05 -38.72
N ILE C 588 -29.85 36.39 -39.54
CA ILE C 588 -30.18 36.27 -40.94
C ILE C 588 -31.36 35.32 -41.14
N THR C 589 -31.45 34.28 -40.32
CA THR C 589 -32.44 33.25 -40.54
C THR C 589 -33.74 33.48 -39.81
N GLN C 590 -33.87 34.57 -39.06
CA GLN C 590 -35.05 34.75 -38.23
C GLN C 590 -36.30 34.85 -39.10
N LYS C 591 -37.41 34.40 -38.54
CA LYS C 591 -38.69 34.50 -39.22
C LYS C 591 -39.13 35.96 -39.27
N PRO C 592 -40.04 36.31 -40.18
CA PRO C 592 -40.50 37.70 -40.21
C PRO C 592 -41.16 38.13 -38.92
N TYR C 593 -42.01 37.29 -38.37
CA TYR C 593 -42.70 37.59 -37.13
C TYR C 593 -41.80 37.36 -35.93
N SER C 594 -42.19 37.97 -34.80
CA SER C 594 -41.53 37.80 -33.52
C SER C 594 -42.48 37.16 -32.53
N ASP C 595 -41.98 36.20 -31.76
CA ASP C 595 -42.76 35.54 -30.73
C ASP C 595 -42.65 36.24 -29.39
N GLU C 596 -41.98 37.38 -29.32
CA GLU C 596 -41.81 38.08 -28.06
C GLU C 596 -43.17 38.43 -27.46
N LYS C 597 -43.29 38.19 -26.16
CA LYS C 597 -44.52 38.46 -25.43
C LYS C 597 -44.15 38.74 -24.00
N PHE C 598 -45.06 39.32 -23.25
CA PHE C 598 -44.80 39.64 -21.86
C PHE C 598 -45.90 39.10 -20.97
N LYS C 599 -45.51 38.75 -19.75
CA LYS C 599 -46.45 38.17 -18.80
C LYS C 599 -47.56 39.16 -18.51
N LEU C 600 -48.78 38.66 -18.45
CA LEU C 600 -49.97 39.47 -18.21
C LEU C 600 -50.60 39.01 -16.92
N ASN C 601 -50.57 39.87 -15.91
CA ASN C 601 -51.28 39.66 -14.66
C ASN C 601 -52.19 40.85 -14.47
N PHE C 602 -53.47 40.61 -14.24
CA PHE C 602 -54.39 41.74 -14.13
C PHE C 602 -54.39 42.13 -12.67
N GLU C 603 -53.60 43.16 -12.34
CA GLU C 603 -53.66 43.83 -11.05
C GLU C 603 -53.36 42.93 -9.86
N ASN C 604 -53.17 41.63 -10.07
CA ASN C 604 -53.02 40.68 -8.97
C ASN C 604 -51.63 40.06 -8.99
N SER C 605 -50.96 40.09 -7.83
CA SER C 605 -49.60 39.55 -7.72
C SER C 605 -49.59 38.05 -7.99
N THR C 606 -50.54 37.32 -7.43
CA THR C 606 -50.71 35.91 -7.73
C THR C 606 -52.00 35.77 -8.52
N LEU C 607 -51.88 35.48 -9.80
CA LEU C 607 -53.06 35.44 -10.68
C LEU C 607 -53.67 34.03 -10.67
N ALA C 608 -52.99 33.09 -11.29
CA ALA C 608 -53.53 31.74 -11.42
C ALA C 608 -53.01 30.78 -10.37
N ASN C 609 -52.28 31.27 -9.36
CA ASN C 609 -51.50 30.40 -8.49
C ASN C 609 -52.27 29.18 -8.00
N GLY C 610 -53.57 29.31 -7.78
CA GLY C 610 -54.38 28.15 -7.44
C GLY C 610 -55.82 28.40 -7.79
N TRP C 611 -56.55 27.33 -8.05
CA TRP C 611 -57.96 27.41 -8.40
C TRP C 611 -58.88 27.16 -7.23
N ASP C 612 -58.34 26.92 -6.03
CA ASP C 612 -59.17 26.61 -4.87
C ASP C 612 -60.24 27.67 -4.68
N LYS C 613 -61.46 27.22 -4.36
CA LYS C 613 -62.55 28.16 -4.18
C LYS C 613 -62.27 29.10 -3.00
N ASN C 614 -61.73 28.55 -1.91
CA ASN C 614 -61.45 29.39 -0.75
C ASN C 614 -60.47 30.51 -1.11
N LYS C 615 -59.52 30.23 -1.99
CA LYS C 615 -58.53 31.21 -2.39
C LYS C 615 -58.97 32.02 -3.61
N GLU C 616 -60.18 31.80 -4.10
CA GLU C 616 -60.66 32.49 -5.29
C GLU C 616 -60.53 34.00 -5.22
N PRO C 617 -60.89 34.69 -4.14
CA PRO C 617 -60.72 36.14 -4.14
C PRO C 617 -59.26 36.56 -4.19
N ASP C 618 -58.37 35.78 -3.57
CA ASP C 618 -56.96 36.13 -3.64
C ASP C 618 -56.42 35.95 -5.04
N ASN C 619 -56.72 34.81 -5.67
CA ASN C 619 -56.14 34.49 -6.98
C ASN C 619 -56.88 35.13 -8.13
N THR C 620 -58.20 35.27 -8.01
CA THR C 620 -59.08 36.00 -8.95
C THR C 620 -59.16 35.37 -10.34
N ALA C 621 -58.88 34.08 -10.50
CA ALA C 621 -59.00 33.43 -11.80
C ALA C 621 -60.04 32.32 -11.76
N ILE C 622 -60.98 32.33 -12.70
CA ILE C 622 -62.08 31.38 -12.73
C ILE C 622 -62.23 30.78 -14.12
N LEU C 623 -62.87 29.62 -14.17
CA LEU C 623 -63.13 28.90 -15.42
C LEU C 623 -64.62 28.62 -15.54
N PHE C 624 -65.18 28.90 -16.71
CA PHE C 624 -66.58 28.67 -17.01
C PHE C 624 -66.74 27.76 -18.22
N ILE C 625 -67.91 27.14 -18.34
CA ILE C 625 -68.25 26.31 -19.50
C ILE C 625 -69.61 26.74 -19.99
N LYS C 626 -69.69 27.17 -21.25
CA LYS C 626 -70.96 27.49 -21.91
C LYS C 626 -71.05 26.70 -23.19
N ASP C 627 -72.13 25.95 -23.35
CA ASP C 627 -72.31 25.01 -24.46
C ASP C 627 -71.10 24.07 -24.41
N ASP C 628 -70.41 23.84 -25.52
CA ASP C 628 -69.19 23.06 -25.51
C ASP C 628 -67.92 23.91 -25.44
N LYS C 629 -68.06 25.21 -25.22
CA LYS C 629 -66.93 26.13 -25.23
C LYS C 629 -66.51 26.48 -23.81
N TYR C 630 -65.20 26.69 -23.63
CA TYR C 630 -64.61 26.97 -22.33
C TYR C 630 -64.14 28.42 -22.27
N TYR C 631 -64.41 29.07 -21.13
CA TYR C 631 -64.10 30.49 -20.95
C TYR C 631 -63.36 30.67 -19.63
N LEU C 632 -62.53 31.72 -19.56
CA LEU C 632 -61.72 32.01 -18.38
C LEU C 632 -62.02 33.43 -17.92
N GLY C 633 -62.54 33.56 -16.71
CA GLY C 633 -62.77 34.85 -16.11
C GLY C 633 -61.63 35.27 -15.19
N VAL C 634 -61.44 36.58 -15.09
CA VAL C 634 -60.52 37.18 -14.13
C VAL C 634 -61.24 38.37 -13.50
N MET C 635 -61.49 38.29 -12.20
CA MET C 635 -62.12 39.41 -11.53
C MET C 635 -61.13 40.55 -11.38
N ASN C 636 -61.59 41.77 -11.62
CA ASN C 636 -60.78 42.94 -11.28
C ASN C 636 -60.53 42.95 -9.78
N LYS C 637 -59.31 43.31 -9.39
CA LYS C 637 -58.92 43.12 -8.01
C LYS C 637 -59.83 43.88 -7.06
N LYS C 638 -60.25 45.09 -7.43
CA LYS C 638 -61.10 45.88 -6.56
C LYS C 638 -62.39 45.14 -6.25
N ASN C 639 -63.01 44.53 -7.25
CA ASN C 639 -64.15 43.68 -6.98
C ASN C 639 -63.71 42.24 -7.21
N ASN C 640 -63.26 41.59 -6.14
CA ASN C 640 -63.03 40.16 -6.12
C ASN C 640 -64.20 39.44 -5.48
N LYS C 641 -65.19 40.20 -5.04
CA LYS C 641 -66.36 39.74 -4.33
C LYS C 641 -67.46 39.25 -5.28
N ILE C 642 -67.19 39.23 -6.58
CA ILE C 642 -68.23 38.95 -7.56
C ILE C 642 -68.84 37.58 -7.33
N PHE C 643 -68.02 36.59 -6.99
CA PHE C 643 -68.46 35.20 -6.98
C PHE C 643 -68.70 34.59 -5.61
N ASP C 644 -68.73 35.37 -4.54
CA ASP C 644 -68.91 34.81 -3.21
C ASP C 644 -70.26 34.12 -3.08
N ASP C 645 -70.37 33.27 -2.05
CA ASP C 645 -71.51 32.37 -1.91
C ASP C 645 -72.84 33.08 -2.08
N LYS C 646 -72.99 34.28 -1.50
CA LYS C 646 -74.22 35.02 -1.68
C LYS C 646 -74.49 35.27 -3.16
N ALA C 647 -73.44 35.58 -3.92
CA ALA C 647 -73.65 35.89 -5.32
C ALA C 647 -73.99 34.65 -6.12
N ILE C 648 -73.39 33.50 -5.80
CA ILE C 648 -73.69 32.31 -6.59
C ILE C 648 -75.12 31.87 -6.34
N LYS C 649 -75.62 32.07 -5.12
CA LYS C 649 -77.00 31.70 -4.84
C LYS C 649 -77.95 32.68 -5.50
N GLU C 650 -77.68 33.98 -5.34
CA GLU C 650 -78.59 34.98 -5.89
C GLU C 650 -78.63 34.91 -7.41
N ASN C 651 -77.49 34.72 -8.04
CA ASN C 651 -77.40 34.77 -9.49
C ASN C 651 -77.55 33.42 -10.14
N LYS C 652 -77.88 32.38 -9.36
CA LYS C 652 -77.99 31.05 -9.94
C LYS C 652 -79.07 31.01 -11.01
N GLY C 653 -78.70 30.51 -12.17
CA GLY C 653 -79.59 30.28 -13.29
C GLY C 653 -78.84 29.46 -14.31
N GLU C 654 -79.54 29.00 -15.33
CA GLU C 654 -78.88 28.23 -16.37
C GLU C 654 -78.15 29.16 -17.33
N GLY C 655 -76.93 28.77 -17.67
CA GLY C 655 -75.94 29.68 -18.22
C GLY C 655 -74.55 29.09 -18.05
N TYR C 656 -73.57 29.98 -17.95
CA TYR C 656 -72.19 29.57 -17.74
C TYR C 656 -72.10 28.64 -16.54
N LYS C 657 -71.21 27.65 -16.65
CA LYS C 657 -70.92 26.70 -15.58
C LYS C 657 -69.61 27.10 -14.93
N LYS C 658 -69.68 27.66 -13.72
CA LYS C 658 -68.47 28.00 -13.00
C LYS C 658 -67.85 26.73 -12.42
N ILE C 659 -66.53 26.65 -12.46
CA ILE C 659 -65.84 25.46 -12.00
C ILE C 659 -65.46 25.67 -10.55
N VAL C 660 -65.89 24.75 -9.69
CA VAL C 660 -65.55 24.76 -8.28
C VAL C 660 -64.42 23.77 -8.06
N TYR C 661 -63.30 24.26 -7.54
CA TYR C 661 -62.05 23.53 -7.48
C TYR C 661 -61.69 23.28 -6.02
N LYS C 662 -61.57 22.01 -5.64
CA LYS C 662 -61.26 21.62 -4.27
C LYS C 662 -60.05 20.71 -4.29
N LEU C 663 -59.07 21.00 -3.44
CA LEU C 663 -57.82 20.25 -3.46
C LEU C 663 -57.22 20.16 -2.06
N LEU C 664 -56.60 19.02 -1.78
CA LEU C 664 -55.90 18.78 -0.52
C LEU C 664 -54.49 18.33 -0.85
N PRO C 665 -53.62 19.25 -1.21
CA PRO C 665 -52.25 18.89 -1.57
C PRO C 665 -51.39 18.64 -0.35
N GLY C 666 -50.34 17.86 -0.56
CA GLY C 666 -49.33 17.66 0.45
C GLY C 666 -49.88 17.12 1.74
N ALA C 667 -50.61 16.02 1.66
CA ALA C 667 -51.26 15.45 2.84
C ALA C 667 -50.26 15.17 3.94
N ASN C 668 -49.06 14.75 3.57
CA ASN C 668 -48.05 14.40 4.57
C ASN C 668 -47.77 15.58 5.49
N LYS C 669 -47.56 16.75 4.91
CA LYS C 669 -47.34 17.93 5.75
C LYS C 669 -48.64 18.60 6.20
N MET C 670 -49.69 18.59 5.35
CA MET C 670 -50.83 19.45 5.63
C MET C 670 -51.69 18.92 6.76
N LEU C 671 -51.96 17.62 6.77
CA LEU C 671 -52.72 17.05 7.88
C LEU C 671 -52.07 17.37 9.22
N PRO C 672 -50.79 17.12 9.45
CA PRO C 672 -50.20 17.54 10.73
C PRO C 672 -50.18 19.05 10.91
N LYS C 673 -49.88 19.80 9.86
CA LYS C 673 -49.76 21.25 10.00
C LYS C 673 -51.06 21.88 10.44
N VAL C 674 -52.17 21.47 9.84
CA VAL C 674 -53.46 22.01 10.23
C VAL C 674 -53.82 21.55 11.62
N PHE C 675 -53.70 20.25 11.88
CA PHE C 675 -54.28 19.70 13.10
C PHE C 675 -53.47 20.08 14.34
N PHE C 676 -52.16 20.25 14.21
CA PHE C 676 -51.28 20.33 15.36
C PHE C 676 -50.85 21.74 15.77
N SER C 677 -51.42 22.81 15.20
CA SER C 677 -50.98 24.15 15.57
C SER C 677 -52.15 25.08 15.89
N ALA C 678 -51.91 25.95 16.86
CA ALA C 678 -52.66 27.18 17.16
C ALA C 678 -54.12 26.82 17.46
N LYS C 679 -55.09 27.58 16.94
CA LYS C 679 -56.50 27.39 17.29
C LYS C 679 -56.94 25.96 17.04
N SER C 680 -56.43 25.35 15.98
CA SER C 680 -56.81 23.98 15.65
C SER C 680 -56.56 23.03 16.82
N ILE C 681 -55.41 23.17 17.48
CA ILE C 681 -55.09 22.33 18.63
C ILE C 681 -56.27 22.28 19.60
N LYS C 682 -56.79 23.46 19.95
CA LYS C 682 -57.90 23.51 20.90
C LYS C 682 -59.16 22.86 20.31
N PHE C 683 -59.40 23.06 19.01
CA PHE C 683 -60.61 22.49 18.43
C PHE C 683 -60.50 20.98 18.30
N TYR C 684 -59.36 20.48 17.84
CA TYR C 684 -59.31 19.07 17.46
C TYR C 684 -59.17 18.15 18.67
N ASN C 685 -58.66 18.68 19.79
CA ASN C 685 -58.49 17.93 21.01
C ASN C 685 -57.82 16.57 20.79
N PRO C 686 -56.61 16.55 20.25
CA PRO C 686 -55.90 15.28 20.11
C PRO C 686 -55.72 14.63 21.46
N SER C 687 -56.06 13.36 21.56
CA SER C 687 -55.90 12.67 22.83
C SER C 687 -54.44 12.61 23.21
N GLU C 688 -54.19 12.45 24.50
CA GLU C 688 -52.82 12.49 24.99
C GLU C 688 -51.98 11.39 24.34
N ASP C 689 -52.58 10.26 24.02
CA ASP C 689 -51.82 9.16 23.44
C ASP C 689 -51.24 9.55 22.10
N ILE C 690 -52.07 10.10 21.21
CA ILE C 690 -51.59 10.43 19.88
C ILE C 690 -50.58 11.56 19.95
N LEU C 691 -50.68 12.43 20.96
CA LEU C 691 -49.62 13.38 21.21
C LEU C 691 -48.31 12.67 21.52
N ARG C 692 -48.37 11.63 22.34
CA ARG C 692 -47.19 10.79 22.54
C ARG C 692 -46.70 10.21 21.21
N ILE C 693 -47.63 9.76 20.37
CA ILE C 693 -47.26 9.14 19.10
C ILE C 693 -46.49 10.13 18.25
N ARG C 694 -47.10 11.28 17.99
CA ARG C 694 -46.47 12.26 17.12
C ARG C 694 -45.13 12.71 17.69
N ASN C 695 -45.08 12.93 19.00
CA ASN C 695 -43.88 13.49 19.60
C ASN C 695 -42.71 12.54 19.48
N HIS C 696 -42.92 11.25 19.73
CA HIS C 696 -41.89 10.25 19.53
C HIS C 696 -41.93 9.66 18.13
N SER C 697 -42.90 10.06 17.31
CA SER C 697 -42.96 9.68 15.91
C SER C 697 -42.92 8.16 15.74
N THR C 698 -43.74 7.46 16.52
CA THR C 698 -43.81 6.02 16.39
C THR C 698 -44.56 5.61 15.13
N HIS C 699 -45.40 6.49 14.58
CA HIS C 699 -46.15 6.13 13.39
C HIS C 699 -45.27 6.04 12.16
N THR C 700 -44.19 6.80 12.11
CA THR C 700 -43.23 6.73 11.01
C THR C 700 -42.15 5.72 11.36
N LYS C 701 -41.82 4.85 10.40
CA LYS C 701 -40.70 3.94 10.59
C LYS C 701 -39.39 4.73 10.69
N ASN C 702 -39.15 5.64 9.76
CA ASN C 702 -38.05 6.59 9.85
C ASN C 702 -38.59 7.99 9.59
N GLY C 703 -38.58 8.83 10.61
CA GLY C 703 -39.04 10.19 10.50
C GLY C 703 -38.53 11.01 11.65
N SER C 704 -38.61 12.32 11.50
CA SER C 704 -38.08 13.21 12.52
C SER C 704 -39.10 13.41 13.64
N PRO C 705 -38.78 13.04 14.88
CA PRO C 705 -39.73 13.25 15.98
C PRO C 705 -39.82 14.71 16.37
N GLN C 706 -40.86 15.02 17.11
CA GLN C 706 -41.03 16.38 17.60
C GLN C 706 -39.86 16.76 18.50
N LYS C 707 -39.43 18.02 18.39
CA LYS C 707 -38.17 18.45 18.98
C LYS C 707 -38.18 18.24 20.49
N GLY C 708 -37.02 17.86 21.01
CA GLY C 708 -36.89 17.59 22.42
C GLY C 708 -37.31 16.21 22.86
N TYR C 709 -37.86 15.40 21.97
CA TYR C 709 -38.33 14.06 22.31
C TYR C 709 -37.62 13.03 21.46
N GLU C 710 -37.26 11.92 22.08
CA GLU C 710 -36.46 10.89 21.44
C GLU C 710 -37.33 9.97 20.60
N LYS C 711 -36.76 9.49 19.50
CA LYS C 711 -37.46 8.57 18.61
C LYS C 711 -37.65 7.22 19.28
N PHE C 712 -38.84 6.65 19.09
CA PHE C 712 -39.17 5.32 19.56
C PHE C 712 -39.48 4.42 18.37
N GLU C 713 -39.39 3.11 18.58
CA GLU C 713 -39.57 2.19 17.48
C GLU C 713 -41.01 2.20 16.97
N PHE C 714 -41.16 2.00 15.66
CA PHE C 714 -42.45 1.94 15.00
C PHE C 714 -43.31 0.83 15.61
N ASN C 715 -44.52 1.21 16.03
CA ASN C 715 -45.54 0.26 16.46
C ASN C 715 -46.73 0.38 15.51
N ILE C 716 -47.10 -0.73 14.88
CA ILE C 716 -48.12 -0.67 13.83
C ILE C 716 -49.47 -0.27 14.40
N GLU C 717 -49.82 -0.79 15.58
CA GLU C 717 -51.07 -0.38 16.22
C GLU C 717 -51.08 1.11 16.48
N ASP C 718 -49.94 1.67 16.90
CA ASP C 718 -49.84 3.10 17.12
C ASP C 718 -50.05 3.88 15.83
N CYS C 719 -49.42 3.44 14.75
CA CYS C 719 -49.60 4.11 13.47
C CYS C 719 -51.06 4.17 13.09
N ARG C 720 -51.74 3.02 13.17
CA ARG C 720 -53.15 2.98 12.83
C ARG C 720 -53.97 3.82 13.80
N LYS C 721 -53.55 3.87 15.07
CA LYS C 721 -54.16 4.83 15.99
C LYS C 721 -54.06 6.24 15.42
N PHE C 722 -52.86 6.63 15.00
CA PHE C 722 -52.68 7.96 14.42
C PHE C 722 -53.57 8.16 13.22
N ILE C 723 -53.66 7.14 12.37
CA ILE C 723 -54.51 7.24 11.18
C ILE C 723 -55.95 7.52 11.59
N ASP C 724 -56.44 6.79 12.59
CA ASP C 724 -57.81 7.00 13.04
C ASP C 724 -58.01 8.43 13.52
N PHE C 725 -57.02 8.99 14.22
CA PHE C 725 -57.11 10.39 14.61
C PHE C 725 -57.21 11.29 13.39
N TYR C 726 -56.46 10.96 12.34
CA TYR C 726 -56.52 11.77 11.13
C TYR C 726 -57.91 11.70 10.50
N LYS C 727 -58.49 10.51 10.41
CA LYS C 727 -59.83 10.38 9.86
C LYS C 727 -60.83 11.22 10.64
N GLN C 728 -60.84 11.05 11.96
CA GLN C 728 -61.74 11.84 12.79
C GLN C 728 -61.56 13.32 12.52
N SER C 729 -60.29 13.75 12.46
CA SER C 729 -60.01 15.17 12.31
C SER C 729 -60.45 15.67 10.94
N ILE C 730 -60.26 14.86 9.90
CA ILE C 730 -60.79 15.23 8.59
C ILE C 730 -62.29 15.41 8.67
N SER C 731 -62.98 14.50 9.36
CA SER C 731 -64.42 14.60 9.51
C SER C 731 -64.80 15.88 10.24
N LYS C 732 -64.01 16.27 11.24
CA LYS C 732 -64.34 17.46 12.01
C LYS C 732 -64.01 18.74 11.26
N HIS C 733 -63.04 18.68 10.35
CA HIS C 733 -62.62 19.86 9.64
C HIS C 733 -63.80 20.45 8.86
N PRO C 734 -63.95 21.78 8.84
CA PRO C 734 -65.09 22.35 8.10
C PRO C 734 -65.04 22.09 6.60
N GLU C 735 -63.89 22.31 5.97
CA GLU C 735 -63.83 22.22 4.51
C GLU C 735 -63.72 20.77 4.04
N TRP C 736 -62.86 19.98 4.67
CA TRP C 736 -62.60 18.63 4.18
C TRP C 736 -63.72 17.67 4.52
N LYS C 737 -64.61 18.02 5.45
CA LYS C 737 -65.78 17.19 5.73
C LYS C 737 -66.64 17.02 4.48
N ASP C 738 -66.69 18.04 3.62
CA ASP C 738 -67.47 17.97 2.40
C ASP C 738 -66.78 17.20 1.28
N PHE C 739 -65.53 16.81 1.48
CA PHE C 739 -64.77 16.14 0.42
C PHE C 739 -65.28 14.74 0.12
N GLY C 740 -65.93 14.10 1.08
CA GLY C 740 -66.48 12.79 0.84
C GLY C 740 -65.44 11.71 0.62
N PHE C 741 -64.47 11.60 1.53
CA PHE C 741 -63.47 10.56 1.42
C PHE C 741 -64.10 9.20 1.69
N ARG C 742 -63.70 8.20 0.90
CA ARG C 742 -64.01 6.81 1.20
C ARG C 742 -62.70 6.08 1.45
N PHE C 743 -62.44 5.74 2.70
CA PHE C 743 -61.16 5.15 3.10
C PHE C 743 -61.31 3.65 3.32
N SER C 744 -60.27 2.90 2.96
CA SER C 744 -60.18 1.53 3.44
C SER C 744 -60.06 1.54 4.96
N ASP C 745 -60.55 0.48 5.58
CA ASP C 745 -60.56 0.44 7.04
C ASP C 745 -59.14 0.51 7.59
N THR C 746 -58.99 1.21 8.71
CA THR C 746 -57.67 1.58 9.20
C THR C 746 -56.74 0.39 9.35
N GLN C 747 -57.30 -0.76 9.75
CA GLN C 747 -56.49 -1.96 9.89
C GLN C 747 -55.92 -2.42 8.56
N ARG C 748 -56.47 -1.94 7.44
CA ARG C 748 -56.01 -2.42 6.14
C ARG C 748 -54.68 -1.80 5.76
N TYR C 749 -54.36 -0.62 6.30
CA TYR C 749 -53.16 0.10 5.90
C TYR C 749 -51.93 -0.54 6.55
N ASN C 750 -50.92 -0.81 5.74
CA ASN C 750 -49.64 -1.24 6.30
C ASN C 750 -48.77 -0.08 6.76
N SER C 751 -48.92 1.10 6.15
CA SER C 751 -48.03 2.22 6.43
C SER C 751 -48.81 3.52 6.42
N ILE C 752 -48.31 4.52 7.15
CA ILE C 752 -48.98 5.81 7.20
C ILE C 752 -48.95 6.47 5.83
N ASP C 753 -47.89 6.22 5.05
CA ASP C 753 -47.78 6.86 3.75
C ASP C 753 -48.89 6.40 2.84
N GLU C 754 -49.42 5.20 3.05
CA GLU C 754 -50.53 4.72 2.24
C GLU C 754 -51.80 5.51 2.51
N PHE C 755 -52.06 5.82 3.78
CA PHE C 755 -53.21 6.68 4.08
C PHE C 755 -53.01 8.07 3.48
N TYR C 756 -51.82 8.64 3.65
CA TYR C 756 -51.51 9.90 2.98
C TYR C 756 -51.79 9.81 1.50
N ARG C 757 -51.40 8.70 0.88
CA ARG C 757 -51.63 8.51 -0.54
C ARG C 757 -53.12 8.55 -0.87
N GLU C 758 -53.92 7.77 -0.15
CA GLU C 758 -55.36 7.77 -0.37
C GLU C 758 -55.92 9.18 -0.25
N VAL C 759 -55.52 9.90 0.81
CA VAL C 759 -55.99 11.27 0.95
C VAL C 759 -55.60 12.09 -0.26
N GLU C 760 -54.39 11.89 -0.77
CA GLU C 760 -53.93 12.67 -1.91
C GLU C 760 -54.73 12.34 -3.16
N ASN C 761 -55.03 11.06 -3.37
CA ASN C 761 -55.75 10.66 -4.58
C ASN C 761 -57.16 11.20 -4.59
N GLN C 762 -57.88 11.04 -3.49
CA GLN C 762 -59.25 11.52 -3.42
C GLN C 762 -59.33 12.99 -3.01
N GLY C 763 -58.20 13.63 -2.76
CA GLY C 763 -58.25 15.01 -2.29
C GLY C 763 -58.67 15.98 -3.35
N TYR C 764 -58.50 15.63 -4.62
CA TYR C 764 -58.85 16.53 -5.71
C TYR C 764 -60.26 16.24 -6.15
N LYS C 765 -61.09 17.29 -6.18
CA LYS C 765 -62.50 17.16 -6.50
C LYS C 765 -62.95 18.35 -7.34
N LEU C 766 -63.64 18.07 -8.43
CA LEU C 766 -64.10 19.11 -9.34
C LEU C 766 -65.63 19.08 -9.40
N THR C 767 -66.24 20.22 -9.14
CA THR C 767 -67.69 20.37 -9.22
C THR C 767 -68.02 21.61 -10.01
N PHE C 768 -69.30 21.72 -10.40
CA PHE C 768 -69.75 22.82 -11.23
C PHE C 768 -70.96 23.48 -10.60
N GLU C 769 -71.07 24.78 -10.81
CA GLU C 769 -72.20 25.57 -10.31
C GLU C 769 -72.74 26.39 -11.47
N ASN C 770 -74.02 26.19 -11.78
CA ASN C 770 -74.63 26.94 -12.86
C ASN C 770 -74.87 28.38 -12.45
N ILE C 771 -74.61 29.30 -13.37
CA ILE C 771 -74.76 30.73 -13.15
C ILE C 771 -75.46 31.33 -14.36
N SER C 772 -76.38 32.25 -14.12
CA SER C 772 -77.20 32.79 -15.19
C SER C 772 -76.36 33.61 -16.16
N GLU C 773 -76.65 33.44 -17.45
CA GLU C 773 -75.89 34.15 -18.48
C GLU C 773 -76.06 35.66 -18.36
N SER C 774 -77.25 36.10 -17.95
CA SER C 774 -77.48 37.54 -17.82
C SER C 774 -76.57 38.15 -16.78
N TYR C 775 -76.26 37.41 -15.73
CA TYR C 775 -75.40 37.94 -14.68
C TYR C 775 -73.99 38.14 -15.20
N ILE C 776 -73.42 37.11 -15.82
CA ILE C 776 -72.05 37.21 -16.31
C ILE C 776 -71.93 38.31 -17.35
N ASP C 777 -72.91 38.39 -18.26
CA ASP C 777 -72.88 39.46 -19.25
C ASP C 777 -72.97 40.82 -18.58
N SER C 778 -73.72 40.91 -17.48
CA SER C 778 -73.83 42.18 -16.77
C SER C 778 -72.54 42.51 -16.06
N VAL C 779 -71.93 41.52 -15.40
CA VAL C 779 -70.74 41.82 -14.61
C VAL C 779 -69.57 42.15 -15.52
N VAL C 780 -69.50 41.51 -16.70
CA VAL C 780 -68.44 41.91 -17.62
C VAL C 780 -68.78 43.26 -18.23
N ASN C 781 -70.06 43.57 -18.40
CA ASN C 781 -70.44 44.88 -18.92
C ASN C 781 -69.99 45.98 -17.98
N GLN C 782 -70.09 45.75 -16.67
CA GLN C 782 -69.64 46.76 -15.72
C GLN C 782 -68.13 46.86 -15.67
N GLY C 783 -67.42 45.93 -16.32
CA GLY C 783 -65.99 45.88 -16.18
C GLY C 783 -65.51 45.23 -14.90
N LYS C 784 -66.42 44.62 -14.14
CA LYS C 784 -66.00 43.97 -12.91
C LYS C 784 -65.24 42.67 -13.18
N LEU C 785 -65.57 41.97 -14.25
CA LEU C 785 -64.94 40.71 -14.59
C LEU C 785 -64.48 40.73 -16.04
N TYR C 786 -63.36 40.07 -16.30
CA TYR C 786 -62.79 39.97 -17.64
C TYR C 786 -62.99 38.56 -18.15
N LEU C 787 -63.76 38.41 -19.21
CA LEU C 787 -64.12 37.11 -19.75
C LEU C 787 -63.45 36.90 -21.10
N PHE C 788 -62.66 35.85 -21.21
CA PHE C 788 -62.02 35.44 -22.44
C PHE C 788 -62.50 34.05 -22.79
N GLN C 789 -62.37 33.67 -24.06
CA GLN C 789 -62.67 32.31 -24.48
C GLN C 789 -61.37 31.56 -24.71
N ILE C 790 -61.22 30.44 -24.01
CA ILE C 790 -60.10 29.55 -24.24
C ILE C 790 -60.31 28.90 -25.61
N TYR C 791 -59.34 29.06 -26.50
CA TYR C 791 -59.61 28.75 -27.89
C TYR C 791 -58.40 28.16 -28.60
N ASN C 792 -58.68 27.25 -29.52
CA ASN C 792 -57.76 26.82 -30.56
C ASN C 792 -58.61 26.45 -31.76
N LYS C 793 -57.96 26.30 -32.92
CA LYS C 793 -58.72 26.05 -34.14
C LYS C 793 -59.62 24.83 -34.03
N ASP C 794 -59.35 23.93 -33.09
CA ASP C 794 -60.22 22.77 -32.91
C ASP C 794 -61.53 23.14 -32.21
N PHE C 795 -61.62 24.31 -31.61
CA PHE C 795 -62.86 24.76 -30.99
C PHE C 795 -63.73 25.56 -31.94
N SER C 796 -63.32 25.73 -33.19
CA SER C 796 -64.12 26.50 -34.12
C SER C 796 -65.34 25.71 -34.58
N ALA C 797 -66.40 26.45 -34.89
CA ALA C 797 -67.62 25.80 -35.37
C ALA C 797 -67.37 25.06 -36.68
N TYR C 798 -66.47 25.58 -37.50
CA TYR C 798 -66.17 24.94 -38.78
C TYR C 798 -65.33 23.69 -38.63
N SER C 799 -64.85 23.37 -37.44
CA SER C 799 -63.83 22.34 -37.30
C SER C 799 -64.50 21.00 -37.12
N LYS C 800 -64.51 20.20 -38.18
CA LYS C 800 -64.98 18.83 -38.14
C LYS C 800 -63.85 17.82 -38.08
N GLY C 801 -62.61 18.26 -38.12
CA GLY C 801 -61.50 17.35 -38.18
C GLY C 801 -61.04 16.88 -36.80
N ARG C 802 -60.10 15.95 -36.82
CA ARG C 802 -59.65 15.35 -35.57
C ARG C 802 -58.92 16.37 -34.73
N PRO C 803 -59.23 16.49 -33.45
CA PRO C 803 -58.67 17.55 -32.63
C PRO C 803 -57.23 17.27 -32.24
N ASN C 804 -56.56 18.34 -31.80
CA ASN C 804 -55.22 18.20 -31.28
C ASN C 804 -55.22 17.43 -29.98
N LEU C 805 -54.14 16.71 -29.72
CA LEU C 805 -54.06 15.93 -28.50
C LEU C 805 -54.26 16.80 -27.27
N HIS C 806 -53.69 18.00 -27.27
CA HIS C 806 -53.91 18.89 -26.15
C HIS C 806 -55.40 19.20 -25.99
N THR C 807 -56.09 19.45 -27.10
CA THR C 807 -57.52 19.68 -27.03
C THR C 807 -58.22 18.52 -26.34
N LEU C 808 -57.84 17.30 -26.69
CA LEU C 808 -58.46 16.15 -26.04
C LEU C 808 -58.15 16.13 -24.56
N TYR C 809 -56.92 16.49 -24.18
CA TYR C 809 -56.58 16.52 -22.77
C TYR C 809 -57.40 17.57 -22.04
N TRP C 810 -57.43 18.79 -22.58
CA TRP C 810 -58.15 19.87 -21.93
C TRP C 810 -59.63 19.55 -21.81
N LYS C 811 -60.23 19.01 -22.86
CA LYS C 811 -61.62 18.57 -22.78
C LYS C 811 -61.77 17.50 -21.72
N ALA C 812 -60.76 16.63 -21.57
CA ALA C 812 -60.87 15.52 -20.64
C ALA C 812 -60.81 15.97 -19.20
N LEU C 813 -60.30 17.17 -18.94
CA LEU C 813 -60.21 17.66 -17.56
C LEU C 813 -61.57 17.64 -16.90
N PHE C 814 -62.58 18.15 -17.59
CA PHE C 814 -63.92 18.30 -17.06
C PHE C 814 -64.87 17.18 -17.46
N ASP C 815 -64.38 16.18 -18.17
CA ASP C 815 -65.24 15.07 -18.58
C ASP C 815 -65.70 14.28 -17.38
N GLU C 816 -66.99 13.90 -17.37
CA GLU C 816 -67.53 13.13 -16.27
C GLU C 816 -66.73 11.85 -16.05
N ARG C 817 -66.39 11.15 -17.13
CA ARG C 817 -65.66 9.90 -17.01
C ARG C 817 -64.32 10.10 -16.34
N ASN C 818 -63.67 11.23 -16.60
CA ASN C 818 -62.44 11.54 -15.89
C ASN C 818 -62.75 11.88 -14.44
N LEU C 819 -63.83 12.61 -14.21
CA LEU C 819 -64.10 13.11 -12.86
C LEU C 819 -64.46 11.98 -11.91
N GLN C 820 -64.98 10.86 -12.41
CA GLN C 820 -65.23 9.72 -11.53
C GLN C 820 -63.93 9.25 -10.89
N ASP C 821 -62.94 8.90 -11.72
CA ASP C 821 -61.65 8.40 -11.28
C ASP C 821 -60.63 9.27 -11.99
N VAL C 822 -59.89 10.06 -11.21
CA VAL C 822 -59.16 11.17 -11.81
C VAL C 822 -57.95 10.64 -12.57
N VAL C 823 -57.91 10.95 -13.86
CA VAL C 823 -56.72 10.78 -14.69
C VAL C 823 -56.07 12.11 -14.99
N TYR C 824 -56.81 13.01 -15.64
CA TYR C 824 -56.36 14.36 -15.90
C TYR C 824 -56.78 15.27 -14.75
N LYS C 825 -55.82 16.01 -14.20
CA LYS C 825 -56.06 16.92 -13.09
C LYS C 825 -55.63 18.32 -13.46
N LEU C 826 -56.40 19.31 -13.04
CA LEU C 826 -56.04 20.71 -13.23
C LEU C 826 -55.02 21.13 -12.19
N ASN C 827 -54.01 21.87 -12.63
CA ASN C 827 -52.98 22.38 -11.75
C ASN C 827 -53.01 23.90 -11.68
N GLY C 828 -52.48 24.44 -10.59
CA GLY C 828 -52.39 25.86 -10.43
C GLY C 828 -51.17 26.44 -11.10
N GLU C 829 -50.96 27.73 -10.86
CA GLU C 829 -49.82 28.48 -11.37
C GLU C 829 -49.86 28.61 -12.89
N ALA C 830 -51.05 28.74 -13.44
CA ALA C 830 -51.18 29.05 -14.86
C ALA C 830 -50.75 30.49 -15.11
N GLU C 831 -50.53 30.82 -16.39
CA GLU C 831 -50.09 32.16 -16.73
C GLU C 831 -50.86 32.68 -17.94
N LEU C 832 -51.02 34.01 -17.98
CA LEU C 832 -51.59 34.71 -19.11
C LEU C 832 -50.52 35.59 -19.74
N PHE C 833 -50.52 35.68 -21.06
CA PHE C 833 -49.51 36.44 -21.77
C PHE C 833 -50.17 37.30 -22.85
N TYR C 834 -49.41 38.28 -23.31
CA TYR C 834 -49.86 39.22 -24.35
C TYR C 834 -48.74 39.36 -25.36
N ARG C 835 -49.09 39.22 -26.64
CA ARG C 835 -48.11 39.26 -27.72
C ARG C 835 -48.53 40.32 -28.73
N LYS C 836 -47.70 41.33 -28.91
CA LYS C 836 -47.98 42.44 -29.81
C LYS C 836 -47.87 41.99 -31.27
N GLN C 837 -48.44 42.80 -32.15
CA GLN C 837 -48.38 42.53 -33.59
C GLN C 837 -46.96 42.72 -34.10
N SER C 838 -46.39 41.68 -34.69
CA SER C 838 -45.02 41.71 -35.18
C SER C 838 -44.87 42.02 -36.66
N ILE C 839 -45.93 41.95 -37.46
CA ILE C 839 -45.77 42.16 -38.90
C ILE C 839 -46.99 42.89 -39.45
N PRO C 840 -46.87 43.62 -40.57
CA PRO C 840 -48.08 44.20 -41.18
C PRO C 840 -49.03 43.10 -41.61
N LYS C 841 -50.33 43.41 -41.57
CA LYS C 841 -51.30 42.47 -42.09
C LYS C 841 -51.35 42.70 -43.60
N LYS C 842 -50.91 41.71 -44.36
CA LYS C 842 -50.89 41.77 -45.80
C LYS C 842 -51.65 40.56 -46.30
N ILE C 843 -52.56 40.78 -47.24
CA ILE C 843 -53.38 39.69 -47.71
C ILE C 843 -52.61 39.06 -48.85
N THR C 844 -52.04 37.88 -48.60
CA THR C 844 -51.19 37.25 -49.59
C THR C 844 -52.03 36.68 -50.72
N HIS C 845 -53.17 36.09 -50.37
CA HIS C 845 -54.08 35.52 -51.36
C HIS C 845 -55.42 36.21 -51.33
N PRO C 846 -55.78 36.97 -52.36
CA PRO C 846 -57.11 37.58 -52.39
C PRO C 846 -58.17 36.51 -52.50
N ALA C 847 -59.39 36.89 -52.16
CA ALA C 847 -60.49 35.94 -52.17
C ALA C 847 -60.92 35.64 -53.59
N LYS C 848 -61.52 34.46 -53.78
CA LYS C 848 -62.08 34.01 -55.06
C LYS C 848 -61.04 33.97 -56.16
N GLU C 849 -59.76 33.89 -55.80
CA GLU C 849 -58.67 33.88 -56.77
C GLU C 849 -57.94 32.55 -56.64
N ALA C 850 -57.81 31.84 -57.77
CA ALA C 850 -57.28 30.49 -57.74
C ALA C 850 -55.84 30.49 -57.26
N ILE C 851 -55.46 29.38 -56.62
CA ILE C 851 -54.15 29.23 -56.03
C ILE C 851 -53.52 27.93 -56.52
N ALA C 852 -52.22 27.99 -56.81
CA ALA C 852 -51.48 26.77 -57.14
C ALA C 852 -51.27 25.92 -55.91
N ASN C 853 -51.25 24.61 -56.10
CA ASN C 853 -51.08 23.66 -55.02
C ASN C 853 -49.65 23.12 -55.03
N LYS C 854 -48.93 23.32 -53.93
CA LYS C 854 -47.51 23.00 -53.90
C LYS C 854 -47.26 21.50 -54.00
N ASN C 855 -48.18 20.68 -53.49
CA ASN C 855 -47.91 19.25 -53.44
C ASN C 855 -47.97 18.67 -54.85
N LYS C 856 -46.92 17.95 -55.22
CA LYS C 856 -46.83 17.40 -56.56
C LYS C 856 -47.91 16.35 -56.80
N ASP C 857 -48.15 15.47 -55.83
CA ASP C 857 -49.03 14.33 -56.06
C ASP C 857 -50.50 14.67 -55.88
N ASN C 858 -50.83 15.86 -55.42
CA ASN C 858 -52.22 16.18 -55.14
C ASN C 858 -53.02 16.18 -56.43
N PRO C 859 -54.16 15.49 -56.49
CA PRO C 859 -54.94 15.48 -57.74
C PRO C 859 -55.41 16.86 -58.17
N LYS C 860 -55.89 17.68 -57.25
CA LYS C 860 -56.31 19.03 -57.60
C LYS C 860 -55.09 19.93 -57.63
N LYS C 861 -54.75 20.44 -58.80
CA LYS C 861 -53.68 21.41 -58.93
C LYS C 861 -54.16 22.81 -58.65
N GLU C 862 -55.42 22.96 -58.28
CA GLU C 862 -56.01 24.26 -58.01
C GLU C 862 -56.81 24.22 -56.72
N SER C 863 -56.82 25.33 -56.00
CA SER C 863 -57.68 25.52 -54.84
C SER C 863 -58.17 26.96 -54.85
N VAL C 864 -59.47 27.13 -54.67
CA VAL C 864 -60.09 28.45 -54.69
C VAL C 864 -60.84 28.62 -53.40
N PHE C 865 -60.77 29.83 -52.83
CA PHE C 865 -61.41 30.12 -51.56
C PHE C 865 -62.18 31.43 -51.67
N GLU C 866 -63.34 31.47 -51.02
CA GLU C 866 -64.13 32.68 -51.00
C GLU C 866 -63.63 33.70 -50.00
N TYR C 867 -62.75 33.30 -49.08
CA TYR C 867 -62.27 34.18 -48.03
C TYR C 867 -60.78 34.40 -48.17
N ASP C 868 -60.31 35.53 -47.64
CA ASP C 868 -58.91 35.89 -47.78
C ASP C 868 -58.03 34.97 -46.94
N LEU C 869 -56.79 34.80 -47.41
CA LEU C 869 -55.76 34.07 -46.69
C LEU C 869 -54.59 35.02 -46.45
N ILE C 870 -54.13 35.08 -45.21
CA ILE C 870 -53.07 35.98 -44.80
C ILE C 870 -51.93 35.15 -44.25
N LYS C 871 -50.74 35.30 -44.84
CA LYS C 871 -49.60 34.53 -44.37
C LYS C 871 -49.26 34.94 -42.94
N ASP C 872 -49.09 33.95 -42.07
CA ASP C 872 -48.75 34.17 -40.67
C ASP C 872 -49.78 35.09 -40.00
N LYS C 873 -51.06 34.75 -40.19
CA LYS C 873 -52.12 35.63 -39.75
C LYS C 873 -52.08 35.88 -38.26
N ARG C 874 -51.67 34.87 -37.49
CA ARG C 874 -51.69 34.97 -36.03
C ARG C 874 -50.87 36.14 -35.54
N PHE C 875 -49.84 36.53 -36.28
CA PHE C 875 -48.99 37.63 -35.85
C PHE C 875 -49.42 38.96 -36.44
N THR C 876 -50.51 38.99 -37.19
CA THR C 876 -50.97 40.24 -37.75
C THR C 876 -51.67 41.13 -36.71
N GLU C 877 -52.11 40.56 -35.59
CA GLU C 877 -52.87 41.32 -34.61
C GLU C 877 -52.37 40.99 -33.21
N ASP C 878 -52.59 41.92 -32.29
CA ASP C 878 -52.27 41.65 -30.90
C ASP C 878 -53.12 40.50 -30.39
N LYS C 879 -52.57 39.68 -29.50
CA LYS C 879 -53.26 38.50 -29.05
C LYS C 879 -53.00 38.23 -27.58
N PHE C 880 -53.94 37.53 -26.95
CA PHE C 880 -53.87 37.08 -25.58
C PHE C 880 -53.65 35.58 -25.54
N PHE C 881 -52.76 35.12 -24.67
CA PHE C 881 -52.45 33.69 -24.58
C PHE C 881 -52.68 33.19 -23.16
N PHE C 882 -52.92 31.88 -23.04
CA PHE C 882 -53.20 31.24 -21.75
C PHE C 882 -52.41 29.94 -21.69
N HIS C 883 -51.57 29.80 -20.66
CA HIS C 883 -50.77 28.60 -20.44
C HIS C 883 -51.22 27.96 -19.15
N CYS C 884 -51.80 26.76 -19.24
CA CYS C 884 -52.36 26.08 -18.08
C CYS C 884 -51.64 24.77 -17.84
N PRO C 885 -50.97 24.59 -16.71
CA PRO C 885 -50.37 23.29 -16.40
C PRO C 885 -51.41 22.30 -15.90
N ILE C 886 -51.19 21.02 -16.24
CA ILE C 886 -52.07 19.94 -15.81
C ILE C 886 -51.21 18.74 -15.46
N THR C 887 -51.77 17.84 -14.67
CA THR C 887 -51.11 16.61 -14.26
C THR C 887 -51.82 15.43 -14.88
N ILE C 888 -51.04 14.53 -15.46
CA ILE C 888 -51.57 13.38 -16.18
C ILE C 888 -51.38 12.13 -15.33
N ASN C 889 -52.39 11.25 -15.32
CA ASN C 889 -52.37 10.04 -14.48
C ASN C 889 -52.20 10.39 -13.00
N PHE C 890 -53.09 11.25 -12.51
CA PHE C 890 -52.92 11.87 -11.21
C PHE C 890 -52.83 10.85 -10.09
N LYS C 891 -53.72 9.84 -10.11
CA LYS C 891 -53.73 8.86 -9.04
C LYS C 891 -52.50 7.98 -9.05
N SER C 892 -51.85 7.84 -10.20
CA SER C 892 -50.73 6.91 -10.29
C SER C 892 -49.49 7.50 -9.62
N SER C 893 -48.59 6.62 -9.24
CA SER C 893 -47.32 7.00 -8.65
C SER C 893 -46.31 7.39 -9.72
N GLY C 894 -45.32 8.20 -9.32
CA GLY C 894 -44.24 8.54 -10.21
C GLY C 894 -43.48 7.32 -10.70
N ALA C 895 -42.75 7.51 -11.79
CA ALA C 895 -42.09 6.40 -12.49
C ALA C 895 -40.71 6.15 -11.94
N ASN C 896 -40.41 4.90 -11.63
CA ASN C 896 -39.04 4.50 -11.34
C ASN C 896 -38.88 3.03 -11.68
N LYS C 897 -37.65 2.65 -12.01
CA LYS C 897 -37.32 1.29 -12.42
C LYS C 897 -38.23 0.82 -13.53
N PHE C 898 -38.39 1.68 -14.54
CA PHE C 898 -39.28 1.36 -15.64
C PHE C 898 -38.69 0.27 -16.52
N ASN C 899 -37.39 0.32 -16.78
CA ASN C 899 -36.78 -0.61 -17.72
C ASN C 899 -36.89 -2.06 -17.23
N ASP C 900 -36.68 -2.28 -15.94
CA ASP C 900 -36.78 -3.62 -15.38
C ASP C 900 -38.17 -4.19 -15.59
N GLU C 901 -39.20 -3.39 -15.30
CA GLU C 901 -40.56 -3.87 -15.47
C GLU C 901 -40.83 -4.22 -16.93
N ILE C 902 -40.41 -3.37 -17.86
CA ILE C 902 -40.60 -3.66 -19.27
C ILE C 902 -39.87 -4.94 -19.65
N ASN C 903 -38.64 -5.10 -19.17
CA ASN C 903 -37.88 -6.30 -19.49
C ASN C 903 -38.57 -7.54 -18.96
N LEU C 904 -39.21 -7.44 -17.80
CA LEU C 904 -39.99 -8.56 -17.31
C LEU C 904 -41.15 -8.86 -18.24
N LEU C 905 -41.87 -7.81 -18.67
CA LEU C 905 -42.98 -7.99 -19.58
C LEU C 905 -42.54 -8.69 -20.85
N LEU C 906 -41.45 -8.22 -21.46
CA LEU C 906 -40.97 -8.87 -22.67
C LEU C 906 -40.56 -10.31 -22.38
N LYS C 907 -39.98 -10.55 -21.21
CA LYS C 907 -39.60 -11.90 -20.84
C LYS C 907 -40.80 -12.84 -20.89
N GLU C 908 -41.94 -12.38 -20.37
CA GLU C 908 -43.13 -13.20 -20.42
C GLU C 908 -43.63 -13.35 -21.84
N LYS C 909 -43.69 -12.24 -22.56
CA LYS C 909 -44.37 -12.18 -23.85
C LYS C 909 -43.46 -12.41 -25.03
N ALA C 910 -42.21 -12.79 -24.78
CA ALA C 910 -41.19 -12.87 -25.83
C ALA C 910 -41.62 -13.66 -27.05
N ASN C 911 -42.62 -14.53 -26.93
CA ASN C 911 -43.08 -15.27 -28.10
C ASN C 911 -43.72 -14.35 -29.12
N ASP C 912 -44.44 -13.33 -28.65
CA ASP C 912 -45.18 -12.43 -29.53
C ASP C 912 -44.46 -11.14 -29.85
N VAL C 913 -43.27 -10.89 -29.29
CA VAL C 913 -42.59 -9.64 -29.57
C VAL C 913 -42.01 -9.67 -30.97
N HIS C 914 -41.86 -8.48 -31.53
CA HIS C 914 -41.20 -8.28 -32.81
C HIS C 914 -40.17 -7.18 -32.64
N ILE C 915 -39.28 -7.05 -33.61
CA ILE C 915 -38.25 -6.02 -33.58
C ILE C 915 -38.52 -5.05 -34.71
N LEU C 916 -38.77 -3.80 -34.35
CA LEU C 916 -38.90 -2.72 -35.31
C LEU C 916 -37.58 -1.96 -35.32
N SER C 917 -36.81 -2.14 -36.38
CA SER C 917 -35.48 -1.58 -36.47
C SER C 917 -35.49 -0.46 -37.49
N ILE C 918 -34.98 0.70 -37.08
CA ILE C 918 -35.02 1.90 -37.91
C ILE C 918 -33.59 2.38 -38.13
N ASP C 919 -33.30 2.78 -39.37
CA ASP C 919 -31.97 3.19 -39.75
C ASP C 919 -32.06 4.40 -40.65
N ARG C 920 -31.03 5.23 -40.63
CA ARG C 920 -30.95 6.41 -41.49
C ARG C 920 -30.18 6.00 -42.73
N GLY C 921 -30.84 5.93 -43.86
CA GLY C 921 -30.21 5.42 -45.04
C GLY C 921 -29.44 6.47 -45.79
N GLU C 922 -28.62 6.01 -46.74
CA GLU C 922 -27.92 6.95 -47.62
C GLU C 922 -28.85 7.47 -48.69
N ARG C 923 -29.68 6.61 -49.27
CA ARG C 923 -30.68 7.04 -50.22
C ARG C 923 -32.05 7.23 -49.58
N HIS C 924 -32.21 6.90 -48.31
CA HIS C 924 -33.50 6.96 -47.65
C HIS C 924 -33.40 7.82 -46.39
N LEU C 925 -34.37 8.71 -46.20
CA LEU C 925 -34.44 9.47 -44.96
C LEU C 925 -34.44 8.55 -43.76
N ALA C 926 -35.32 7.55 -43.77
CA ALA C 926 -35.38 6.54 -42.73
C ALA C 926 -36.00 5.28 -43.31
N TYR C 927 -35.65 4.14 -42.72
CA TYR C 927 -36.12 2.86 -43.21
C TYR C 927 -36.30 1.92 -42.02
N TYR C 928 -37.29 1.03 -42.10
CA TYR C 928 -37.57 0.16 -40.98
C TYR C 928 -37.79 -1.27 -41.44
N THR C 929 -37.54 -2.21 -40.52
CA THR C 929 -37.80 -3.63 -40.76
C THR C 929 -38.41 -4.24 -39.52
N LEU C 930 -39.57 -4.87 -39.67
CA LEU C 930 -40.10 -5.78 -38.66
C LEU C 930 -39.40 -7.11 -38.81
N VAL C 931 -38.80 -7.63 -37.75
CA VAL C 931 -38.12 -8.91 -37.86
C VAL C 931 -38.72 -9.92 -36.89
N ASP C 932 -38.76 -11.16 -37.34
CA ASP C 932 -39.32 -12.29 -36.62
C ASP C 932 -38.38 -12.72 -35.50
N GLY C 933 -38.93 -13.48 -34.54
CA GLY C 933 -38.06 -14.09 -33.55
C GLY C 933 -36.99 -14.96 -34.17
N LYS C 934 -37.22 -15.42 -35.40
CA LYS C 934 -36.22 -16.20 -36.12
C LYS C 934 -35.25 -15.31 -36.88
N GLY C 935 -35.56 -14.02 -37.04
CA GLY C 935 -34.75 -13.16 -37.86
C GLY C 935 -35.32 -12.90 -39.24
N ASN C 936 -36.49 -13.46 -39.56
CA ASN C 936 -37.15 -13.16 -40.82
C ASN C 936 -37.80 -11.79 -40.74
N ILE C 937 -38.03 -11.19 -41.91
CA ILE C 937 -38.63 -9.88 -42.01
C ILE C 937 -40.10 -10.04 -42.33
N ILE C 938 -40.97 -9.66 -41.40
CA ILE C 938 -42.40 -9.71 -41.68
C ILE C 938 -42.80 -8.59 -42.62
N LYS C 939 -42.30 -7.38 -42.38
CA LYS C 939 -42.64 -6.23 -43.22
C LYS C 939 -41.50 -5.24 -43.19
N GLN C 940 -41.32 -4.53 -44.30
CA GLN C 940 -40.36 -3.42 -44.38
C GLN C 940 -40.89 -2.38 -45.33
N ASP C 941 -40.73 -1.10 -44.98
CA ASP C 941 -41.15 -0.01 -45.84
C ASP C 941 -40.43 1.25 -45.44
N THR C 942 -40.38 2.22 -46.35
CA THR C 942 -39.66 3.46 -46.15
C THR C 942 -40.54 4.50 -45.48
N PHE C 943 -39.94 5.32 -44.63
CA PHE C 943 -40.63 6.44 -44.01
C PHE C 943 -40.60 7.69 -44.87
N ASN C 944 -40.09 7.59 -46.09
CA ASN C 944 -40.04 8.75 -46.99
C ASN C 944 -41.41 9.39 -47.17
N ILE C 945 -42.45 8.58 -47.34
CA ILE C 945 -43.76 9.08 -47.68
C ILE C 945 -44.63 9.01 -46.43
N ILE C 946 -44.96 10.16 -45.89
CA ILE C 946 -45.93 10.24 -44.80
C ILE C 946 -47.17 10.90 -45.37
N GLY C 947 -48.22 10.14 -45.52
CA GLY C 947 -49.47 10.69 -45.98
C GLY C 947 -50.60 9.82 -45.50
N ASN C 948 -51.77 10.41 -45.40
CA ASN C 948 -52.96 9.64 -45.14
C ASN C 948 -53.49 9.07 -46.45
N ASP C 949 -54.63 8.38 -46.37
CA ASP C 949 -55.23 7.79 -47.57
C ASP C 949 -55.51 8.85 -48.64
N ARG C 950 -56.03 10.01 -48.22
CA ARG C 950 -56.48 10.99 -49.20
C ARG C 950 -55.31 11.78 -49.79
N MET C 951 -54.30 12.09 -48.99
CA MET C 951 -53.22 12.99 -49.37
C MET C 951 -51.91 12.34 -49.00
N LYS C 952 -50.97 12.32 -49.94
CA LYS C 952 -49.68 11.69 -49.72
C LYS C 952 -48.59 12.73 -49.92
N THR C 953 -47.76 12.93 -48.91
CA THR C 953 -46.63 13.85 -48.97
C THR C 953 -45.34 13.06 -49.00
N ASN C 954 -44.50 13.32 -49.99
CA ASN C 954 -43.22 12.65 -50.13
C ASN C 954 -42.14 13.60 -49.65
N TYR C 955 -41.59 13.33 -48.47
CA TYR C 955 -40.56 14.20 -47.92
C TYR C 955 -39.21 13.96 -48.58
N HIS C 956 -38.98 12.76 -49.09
CA HIS C 956 -37.75 12.50 -49.83
C HIS C 956 -37.64 13.43 -51.03
N ASP C 957 -38.71 13.51 -51.84
CA ASP C 957 -38.68 14.35 -53.02
C ASP C 957 -38.58 15.82 -52.65
N LYS C 958 -39.31 16.25 -51.63
CA LYS C 958 -39.30 17.66 -51.25
C LYS C 958 -37.94 18.07 -50.74
N LEU C 959 -37.34 17.25 -49.89
CA LEU C 959 -36.03 17.57 -49.34
C LEU C 959 -34.95 17.54 -50.42
N ALA C 960 -34.97 16.51 -51.26
CA ALA C 960 -34.03 16.46 -52.37
C ALA C 960 -34.23 17.65 -53.30
N ALA C 961 -35.49 18.08 -53.45
CA ALA C 961 -35.75 19.25 -54.29
C ALA C 961 -35.06 20.48 -53.73
N ILE C 962 -35.08 20.67 -52.41
CA ILE C 962 -34.43 21.84 -51.84
C ILE C 962 -32.94 21.77 -52.07
N GLU C 963 -32.34 20.61 -51.86
CA GLU C 963 -30.90 20.47 -52.03
C GLU C 963 -30.53 20.50 -53.51
N ARG C 970 -26.58 24.43 -51.28
CA ARG C 970 -27.11 24.93 -50.01
C ARG C 970 -26.06 25.73 -49.24
N LYS C 971 -25.40 26.65 -49.92
CA LYS C 971 -24.29 27.36 -49.28
C LYS C 971 -24.80 28.41 -48.29
N ASP C 972 -25.92 29.06 -48.57
CA ASP C 972 -26.35 30.18 -47.74
C ASP C 972 -27.07 29.71 -46.49
N TRP C 973 -27.03 30.56 -45.46
CA TRP C 973 -27.55 30.20 -44.16
C TRP C 973 -29.03 29.86 -44.22
N LYS C 974 -29.81 30.68 -44.90
CA LYS C 974 -31.25 30.52 -44.89
C LYS C 974 -31.66 29.13 -45.35
N LYS C 975 -31.06 28.66 -46.43
CA LYS C 975 -31.46 27.36 -46.96
C LYS C 975 -31.11 26.25 -45.99
N ILE C 976 -29.91 26.31 -45.41
CA ILE C 976 -29.52 25.30 -44.44
C ILE C 976 -30.55 25.22 -43.33
N ASN C 977 -30.97 26.37 -42.81
CA ASN C 977 -31.94 26.39 -41.73
C ASN C 977 -33.28 25.83 -42.16
N ASN C 978 -33.70 26.14 -43.39
CA ASN C 978 -34.98 25.62 -43.87
C ASN C 978 -34.93 24.11 -44.00
N ILE C 979 -33.83 23.57 -44.50
CA ILE C 979 -33.72 22.11 -44.63
C ILE C 979 -33.74 21.47 -43.26
N LYS C 980 -32.99 22.03 -42.32
CA LYS C 980 -32.97 21.48 -40.97
C LYS C 980 -34.36 21.51 -40.36
N GLU C 981 -35.02 22.67 -40.42
CA GLU C 981 -36.34 22.80 -39.82
C GLU C 981 -37.32 21.82 -40.42
N MET C 982 -37.30 21.68 -41.75
CA MET C 982 -38.21 20.73 -42.38
C MET C 982 -37.91 19.31 -41.94
N LYS C 983 -36.63 18.94 -41.87
CA LYS C 983 -36.28 17.61 -41.44
C LYS C 983 -36.87 17.30 -40.07
N GLU C 984 -36.75 18.25 -39.14
CA GLU C 984 -37.25 18.01 -37.80
C GLU C 984 -38.76 17.82 -37.80
N GLY C 985 -39.47 18.65 -38.57
CA GLY C 985 -40.91 18.46 -38.69
C GLY C 985 -41.25 17.13 -39.32
N TYR C 986 -40.52 16.74 -40.37
CA TYR C 986 -40.68 15.41 -40.94
C TYR C 986 -40.52 14.36 -39.86
N LEU C 987 -39.58 14.55 -38.95
CA LEU C 987 -39.43 13.62 -37.85
C LEU C 987 -40.66 13.62 -36.96
N SER C 988 -41.25 14.79 -36.73
CA SER C 988 -42.47 14.83 -35.93
C SER C 988 -43.54 13.94 -36.54
N GLN C 989 -43.54 13.80 -37.85
CA GLN C 989 -44.48 12.89 -38.48
C GLN C 989 -44.08 11.44 -38.26
N VAL C 990 -42.79 11.14 -38.39
CA VAL C 990 -42.38 9.74 -38.38
C VAL C 990 -42.56 9.14 -36.99
N VAL C 991 -42.51 9.95 -35.94
CA VAL C 991 -42.68 9.38 -34.61
C VAL C 991 -44.07 8.79 -34.46
N HIS C 992 -45.06 9.40 -35.10
CA HIS C 992 -46.40 8.82 -35.04
C HIS C 992 -46.43 7.52 -35.81
N GLU C 993 -45.82 7.50 -36.99
CA GLU C 993 -45.77 6.26 -37.76
C GLU C 993 -45.10 5.17 -36.94
N ILE C 994 -44.05 5.51 -36.21
CA ILE C 994 -43.37 4.52 -35.37
C ILE C 994 -44.32 4.02 -34.29
N ALA C 995 -45.06 4.92 -33.67
CA ALA C 995 -45.96 4.51 -32.59
C ALA C 995 -47.03 3.56 -33.11
N LYS C 996 -47.65 3.90 -34.25
CA LYS C 996 -48.67 3.02 -34.82
C LYS C 996 -48.12 1.63 -35.07
N LEU C 997 -46.95 1.55 -35.72
CA LEU C 997 -46.36 0.26 -35.99
C LEU C 997 -46.05 -0.49 -34.70
N VAL C 998 -45.58 0.21 -33.68
CA VAL C 998 -45.26 -0.45 -32.43
C VAL C 998 -46.48 -1.16 -31.88
N ILE C 999 -47.60 -0.44 -31.76
CA ILE C 999 -48.79 -1.01 -31.17
C ILE C 999 -49.35 -2.11 -32.06
N GLU C 1000 -49.28 -1.92 -33.37
CA GLU C 1000 -49.94 -2.86 -34.27
C GLU C 1000 -49.24 -4.21 -34.27
N TYR C 1001 -47.92 -4.20 -34.40
CA TYR C 1001 -47.15 -5.43 -34.55
C TYR C 1001 -46.51 -5.91 -33.24
N ASN C 1002 -46.79 -5.26 -32.12
CA ASN C 1002 -46.29 -5.69 -30.82
C ASN C 1002 -44.77 -5.74 -30.79
N ALA C 1003 -44.14 -4.70 -31.34
CA ALA C 1003 -42.71 -4.72 -31.51
C ALA C 1003 -42.03 -3.84 -30.47
N ILE C 1004 -40.71 -3.84 -30.50
CA ILE C 1004 -39.87 -2.93 -29.73
C ILE C 1004 -38.97 -2.21 -30.72
N VAL C 1005 -38.71 -0.94 -30.46
CA VAL C 1005 -37.98 -0.11 -31.40
C VAL C 1005 -36.49 -0.22 -31.11
N VAL C 1006 -35.71 -0.48 -32.15
CA VAL C 1006 -34.26 -0.56 -32.02
C VAL C 1006 -33.65 0.52 -32.91
N PHE C 1007 -32.85 1.38 -32.30
CA PHE C 1007 -32.18 2.47 -32.98
C PHE C 1007 -30.67 2.26 -32.85
N GLU C 1008 -29.91 2.95 -33.69
CA GLU C 1008 -28.47 2.92 -33.51
C GLU C 1008 -28.08 3.82 -32.36
N ASP C 1009 -26.99 3.45 -31.68
CA ASP C 1009 -26.55 4.20 -30.51
C ASP C 1009 -25.80 5.44 -30.98
N LEU C 1010 -26.30 6.61 -30.58
CA LEU C 1010 -25.67 7.85 -30.99
C LEU C 1010 -24.65 8.35 -29.99
N ASN C 1011 -24.50 7.70 -28.85
CA ASN C 1011 -23.57 8.21 -27.85
C ASN C 1011 -22.13 7.87 -28.22
N PHE C 1012 -21.87 6.64 -28.61
CA PHE C 1012 -20.55 6.32 -29.15
C PHE C 1012 -20.68 5.21 -30.16
N GLY C 1013 -19.87 5.28 -31.21
CA GLY C 1013 -19.93 4.29 -32.27
C GLY C 1013 -20.99 4.57 -33.30
N PHE C 1014 -21.34 5.84 -33.50
CA PHE C 1014 -22.32 6.23 -34.50
C PHE C 1014 -21.74 6.15 -35.91
N LYS C 1015 -22.64 6.11 -36.88
CA LYS C 1015 -22.24 5.95 -38.28
C LYS C 1015 -21.40 7.13 -38.75
N ARG C 1016 -20.41 6.82 -39.59
CA ARG C 1016 -19.43 7.80 -40.05
C ARG C 1016 -19.91 8.61 -41.25
N GLY C 1017 -20.53 7.96 -42.22
CA GLY C 1017 -20.63 8.51 -43.56
C GLY C 1017 -21.64 9.64 -43.71
N ARG C 1018 -21.92 9.94 -44.98
CA ARG C 1018 -22.85 11.01 -45.35
C ARG C 1018 -24.23 10.41 -45.53
N PHE C 1019 -25.22 10.95 -44.82
CA PHE C 1019 -26.57 10.44 -44.85
C PHE C 1019 -27.56 11.56 -45.07
N LYS C 1020 -28.78 11.19 -45.45
CA LYS C 1020 -29.82 12.18 -45.69
C LYS C 1020 -30.19 12.92 -44.42
N VAL C 1021 -30.16 12.24 -43.29
CA VAL C 1021 -30.49 12.83 -41.99
C VAL C 1021 -29.23 12.79 -41.14
N GLU C 1022 -28.78 13.96 -40.71
CA GLU C 1022 -27.56 14.06 -39.93
C GLU C 1022 -27.76 13.48 -38.53
N LYS C 1023 -26.65 13.18 -37.86
CA LYS C 1023 -26.71 12.63 -36.51
C LYS C 1023 -27.47 13.54 -35.57
N GLN C 1024 -27.25 14.86 -35.68
CA GLN C 1024 -27.94 15.79 -34.80
C GLN C 1024 -29.45 15.68 -34.94
N VAL C 1025 -29.95 15.73 -36.18
CA VAL C 1025 -31.38 15.65 -36.41
C VAL C 1025 -31.93 14.29 -35.99
N TYR C 1026 -31.22 13.21 -36.34
CA TYR C 1026 -31.70 11.89 -35.95
C TYR C 1026 -31.75 11.76 -34.44
N GLN C 1027 -30.79 12.37 -33.75
CA GLN C 1027 -30.87 12.42 -32.30
C GLN C 1027 -32.17 13.06 -31.85
N LYS C 1028 -32.59 14.13 -32.53
CA LYS C 1028 -33.89 14.73 -32.23
C LYS C 1028 -35.00 13.72 -32.43
N LEU C 1029 -34.89 12.88 -33.45
CA LEU C 1029 -35.92 11.87 -33.68
C LEU C 1029 -36.01 10.92 -32.50
N GLU C 1030 -34.89 10.33 -32.10
CA GLU C 1030 -34.91 9.40 -30.98
C GLU C 1030 -35.51 10.04 -29.75
N LYS C 1031 -35.05 11.24 -29.39
CA LYS C 1031 -35.60 11.92 -28.24
C LYS C 1031 -37.10 12.12 -28.40
N MET C 1032 -37.55 12.48 -29.60
CA MET C 1032 -38.96 12.75 -29.79
C MET C 1032 -39.80 11.49 -29.63
N LEU C 1033 -39.29 10.35 -30.09
CA LEU C 1033 -40.03 9.11 -29.93
C LEU C 1033 -40.13 8.74 -28.46
N ILE C 1034 -39.06 8.96 -27.71
CA ILE C 1034 -39.09 8.72 -26.27
C ILE C 1034 -40.20 9.55 -25.63
N GLU C 1035 -40.17 10.86 -25.85
CA GLU C 1035 -41.19 11.73 -25.27
C GLU C 1035 -42.58 11.35 -25.73
N LYS C 1036 -42.72 10.88 -26.96
CA LYS C 1036 -44.05 10.52 -27.45
C LYS C 1036 -44.57 9.29 -26.74
N LEU C 1037 -43.72 8.27 -26.61
CA LEU C 1037 -44.13 7.05 -25.94
C LEU C 1037 -44.30 7.23 -24.45
N ASN C 1038 -43.96 8.40 -23.90
CA ASN C 1038 -44.29 8.68 -22.51
C ASN C 1038 -45.80 8.69 -22.30
N TYR C 1039 -46.54 9.32 -23.20
CA TYR C 1039 -48.00 9.31 -23.14
C TYR C 1039 -48.51 9.16 -24.56
N LEU C 1040 -49.19 8.05 -24.85
CA LEU C 1040 -49.54 7.70 -26.21
C LEU C 1040 -51.04 7.52 -26.32
N VAL C 1041 -51.67 8.33 -27.16
CA VAL C 1041 -53.11 8.32 -27.36
C VAL C 1041 -53.39 8.32 -28.86
N PHE C 1042 -54.34 7.50 -29.29
CA PHE C 1042 -54.77 7.48 -30.67
C PHE C 1042 -56.11 8.20 -30.77
N LYS C 1043 -56.20 9.14 -31.71
CA LYS C 1043 -57.32 10.06 -31.75
C LYS C 1043 -58.65 9.34 -31.91
N ASP C 1044 -58.66 8.27 -32.70
CA ASP C 1044 -59.90 7.56 -32.97
C ASP C 1044 -60.13 6.38 -32.03
N ASN C 1045 -59.16 6.00 -31.21
CA ASN C 1045 -59.43 4.99 -30.20
C ASN C 1045 -60.47 5.51 -29.21
N GLU C 1046 -61.16 4.58 -28.55
CA GLU C 1046 -62.27 4.96 -27.70
C GLU C 1046 -61.79 5.58 -26.40
N PHE C 1047 -62.58 6.51 -25.88
CA PHE C 1047 -62.21 7.24 -24.68
C PHE C 1047 -61.95 6.31 -23.51
N ASP C 1048 -62.82 5.32 -23.32
CA ASP C 1048 -62.76 4.47 -22.14
C ASP C 1048 -61.75 3.35 -22.29
N LYS C 1049 -61.63 2.78 -23.48
CA LYS C 1049 -60.80 1.59 -23.68
C LYS C 1049 -59.31 1.93 -23.74
N THR C 1050 -58.49 0.93 -23.53
CA THR C 1050 -57.04 1.10 -23.49
C THR C 1050 -56.53 1.71 -24.78
N GLY C 1051 -55.47 2.50 -24.67
CA GLY C 1051 -55.02 3.29 -25.78
C GLY C 1051 -55.82 4.55 -26.03
N GLY C 1052 -56.83 4.83 -25.22
CA GLY C 1052 -57.69 5.96 -25.47
C GLY C 1052 -57.32 7.15 -24.61
N VAL C 1053 -58.18 8.17 -24.70
CA VAL C 1053 -57.91 9.42 -24.02
C VAL C 1053 -57.72 9.21 -22.53
N LEU C 1054 -58.48 8.30 -21.95
CA LEU C 1054 -58.35 8.05 -20.52
C LEU C 1054 -57.21 7.11 -20.20
N ARG C 1055 -57.05 6.05 -20.99
CA ARG C 1055 -55.96 5.09 -20.77
C ARG C 1055 -54.99 5.19 -21.94
N ALA C 1056 -53.82 5.74 -21.68
CA ALA C 1056 -52.81 5.96 -22.70
C ALA C 1056 -51.62 5.06 -22.47
N TYR C 1057 -51.15 4.43 -23.54
CA TYR C 1057 -49.96 3.59 -23.44
C TYR C 1057 -48.82 4.41 -22.83
N GLN C 1058 -48.21 3.88 -21.78
CA GLN C 1058 -46.96 4.44 -21.27
C GLN C 1058 -45.88 3.37 -21.48
N LEU C 1059 -45.07 3.56 -22.51
CA LEU C 1059 -44.03 2.61 -22.86
C LEU C 1059 -42.62 3.06 -22.49
N THR C 1060 -42.46 4.28 -21.97
CA THR C 1060 -41.12 4.81 -21.77
C THR C 1060 -41.04 5.68 -20.53
N ALA C 1061 -39.88 5.65 -19.90
CA ALA C 1061 -39.63 6.54 -18.78
C ALA C 1061 -39.40 7.95 -19.29
N PRO C 1062 -39.65 8.96 -18.47
CA PRO C 1062 -39.45 10.33 -18.94
C PRO C 1062 -38.02 10.56 -19.41
N PHE C 1063 -37.88 11.50 -20.34
CA PHE C 1063 -36.57 11.85 -20.85
C PHE C 1063 -35.76 12.56 -19.79
N GLU C 1064 -34.49 12.20 -19.68
CA GLU C 1064 -33.58 12.82 -18.71
C GLU C 1064 -32.51 13.62 -19.45
N THR C 1065 -31.54 12.95 -20.08
CA THR C 1065 -30.55 13.60 -20.90
C THR C 1065 -30.10 12.62 -21.96
N PHE C 1066 -29.48 13.14 -23.02
CA PHE C 1066 -29.11 12.30 -24.14
C PHE C 1066 -28.20 11.16 -23.69
N LYS C 1067 -27.28 11.44 -22.78
CA LYS C 1067 -26.33 10.40 -22.37
C LYS C 1067 -27.02 9.33 -21.55
N LYS C 1068 -27.98 9.73 -20.72
CA LYS C 1068 -28.68 8.75 -19.89
C LYS C 1068 -29.62 7.87 -20.70
N MET C 1069 -29.82 8.15 -21.98
CA MET C 1069 -30.57 7.22 -22.81
C MET C 1069 -29.97 5.82 -22.70
N GLY C 1070 -28.65 5.74 -22.78
CA GLY C 1070 -28.00 4.47 -22.58
C GLY C 1070 -28.40 3.46 -23.61
N LYS C 1071 -28.17 2.19 -23.27
CA LYS C 1071 -28.50 1.13 -24.21
C LYS C 1071 -30.00 0.92 -24.31
N GLN C 1072 -30.75 1.27 -23.27
CA GLN C 1072 -32.19 1.04 -23.27
C GLN C 1072 -32.89 2.18 -22.57
N THR C 1073 -33.97 2.66 -23.17
CA THR C 1073 -34.90 3.56 -22.50
C THR C 1073 -36.31 3.06 -22.77
N GLY C 1074 -36.99 2.63 -21.72
CA GLY C 1074 -38.33 2.14 -21.90
C GLY C 1074 -38.35 1.00 -22.90
N ILE C 1075 -39.15 1.17 -23.95
CA ILE C 1075 -39.31 0.14 -24.97
C ILE C 1075 -38.26 0.21 -26.07
N ILE C 1076 -37.43 1.24 -26.10
CA ILE C 1076 -36.51 1.49 -27.20
C ILE C 1076 -35.12 1.06 -26.79
N TYR C 1077 -34.46 0.30 -27.66
CA TYR C 1077 -33.12 -0.22 -27.40
C TYR C 1077 -32.15 0.36 -28.42
N TYR C 1078 -30.95 0.71 -27.99
CA TYR C 1078 -29.95 1.31 -28.86
C TYR C 1078 -28.77 0.36 -28.98
N VAL C 1079 -28.47 -0.02 -30.21
CA VAL C 1079 -27.41 -0.98 -30.48
C VAL C 1079 -26.30 -0.28 -31.26
N PRO C 1080 -25.06 -0.69 -31.13
CA PRO C 1080 -24.00 -0.09 -31.95
C PRO C 1080 -24.28 -0.31 -33.41
N ALA C 1081 -24.04 0.71 -34.20
CA ALA C 1081 -24.30 0.65 -35.63
C ALA C 1081 -23.14 0.06 -36.42
N GLY C 1082 -22.04 -0.28 -35.75
CA GLY C 1082 -20.90 -0.82 -36.49
C GLY C 1082 -21.27 -2.09 -37.21
N PHE C 1083 -20.74 -2.24 -38.43
CA PHE C 1083 -20.91 -3.44 -39.23
C PHE C 1083 -22.39 -3.76 -39.49
N THR C 1084 -23.24 -2.74 -39.49
CA THR C 1084 -24.64 -2.97 -39.79
C THR C 1084 -24.93 -3.08 -41.28
N SER C 1085 -24.44 -2.13 -42.08
CA SER C 1085 -24.86 -2.03 -43.47
C SER C 1085 -23.93 -2.72 -44.46
N LYS C 1086 -22.72 -3.07 -44.06
CA LYS C 1086 -21.73 -3.62 -44.98
C LYS C 1086 -21.66 -5.14 -44.96
N ILE C 1087 -22.61 -5.79 -44.29
CA ILE C 1087 -22.54 -7.21 -43.98
C ILE C 1087 -23.54 -7.99 -44.83
N CYS C 1088 -23.17 -9.22 -45.15
CA CYS C 1088 -24.01 -10.08 -45.99
C CYS C 1088 -25.18 -10.64 -45.19
N PRO C 1089 -26.41 -10.51 -45.68
CA PRO C 1089 -27.55 -10.97 -44.88
C PRO C 1089 -27.60 -12.47 -44.68
N VAL C 1090 -27.31 -13.27 -45.70
CA VAL C 1090 -27.48 -14.70 -45.55
C VAL C 1090 -26.35 -15.31 -44.74
N THR C 1091 -25.11 -14.98 -45.09
CA THR C 1091 -23.96 -15.59 -44.47
C THR C 1091 -23.32 -14.76 -43.37
N GLY C 1092 -23.77 -13.54 -43.14
CA GLY C 1092 -23.13 -12.70 -42.13
C GLY C 1092 -21.68 -12.38 -42.43
N PHE C 1093 -21.29 -12.36 -43.69
CA PHE C 1093 -19.91 -12.02 -44.02
C PHE C 1093 -19.65 -10.54 -43.77
N VAL C 1094 -18.47 -10.24 -43.27
CA VAL C 1094 -17.96 -8.88 -43.20
C VAL C 1094 -16.54 -8.89 -43.73
N ASN C 1095 -16.11 -7.77 -44.28
CA ASN C 1095 -14.73 -7.67 -44.75
C ASN C 1095 -13.92 -7.04 -43.63
N GLN C 1096 -13.18 -7.86 -42.90
CA GLN C 1096 -12.22 -7.39 -41.93
C GLN C 1096 -10.78 -7.54 -42.38
N LEU C 1097 -10.53 -8.09 -43.57
CA LEU C 1097 -9.19 -8.13 -44.13
C LEU C 1097 -9.11 -7.08 -45.23
N TYR C 1098 -8.34 -6.03 -44.98
CA TYR C 1098 -8.34 -4.86 -45.85
C TYR C 1098 -7.01 -4.77 -46.57
N PRO C 1099 -6.94 -5.10 -47.86
CA PRO C 1099 -5.69 -4.84 -48.60
C PRO C 1099 -5.56 -3.35 -48.85
N LYS C 1100 -4.44 -2.76 -48.40
CA LYS C 1100 -4.13 -1.38 -48.73
C LYS C 1100 -3.00 -1.18 -49.71
N TYR C 1101 -2.30 -2.23 -50.13
CA TYR C 1101 -1.00 -2.10 -50.77
C TYR C 1101 -0.13 -1.07 -50.04
N GLU C 1102 0.32 -1.42 -48.85
CA GLU C 1102 1.27 -0.57 -48.16
C GLU C 1102 2.61 -0.57 -48.89
N SER C 1103 3.09 -1.77 -49.24
CA SER C 1103 4.41 -1.93 -49.81
C SER C 1103 4.44 -3.21 -50.61
N VAL C 1104 5.48 -3.34 -51.44
CA VAL C 1104 5.68 -4.56 -52.21
C VAL C 1104 5.81 -5.76 -51.28
N SER C 1105 6.79 -5.70 -50.37
CA SER C 1105 7.00 -6.80 -49.43
C SER C 1105 5.75 -7.09 -48.63
N LYS C 1106 5.08 -6.04 -48.13
CA LYS C 1106 3.87 -6.24 -47.35
C LYS C 1106 2.76 -6.85 -48.19
N SER C 1107 2.73 -6.56 -49.50
CA SER C 1107 1.75 -7.20 -50.37
C SER C 1107 2.04 -8.68 -50.52
N GLN C 1108 3.31 -9.04 -50.66
CA GLN C 1108 3.67 -10.45 -50.73
C GLN C 1108 3.22 -11.18 -49.49
N GLU C 1109 3.50 -10.61 -48.32
CA GLU C 1109 3.06 -11.22 -47.07
C GLU C 1109 1.55 -11.35 -47.03
N PHE C 1110 0.84 -10.31 -47.49
CA PHE C 1110 -0.61 -10.30 -47.39
C PHE C 1110 -1.24 -11.42 -48.22
N PHE C 1111 -0.80 -11.57 -49.46
CA PHE C 1111 -1.39 -12.61 -50.28
C PHE C 1111 -0.88 -13.98 -49.88
N SER C 1112 0.28 -14.04 -49.23
CA SER C 1112 0.78 -15.33 -48.78
C SER C 1112 -0.09 -15.89 -47.68
N LYS C 1113 -0.68 -15.02 -46.85
CA LYS C 1113 -1.47 -15.52 -45.73
C LYS C 1113 -2.75 -16.18 -46.16
N PHE C 1114 -3.21 -15.93 -47.39
CA PHE C 1114 -4.42 -16.57 -47.87
C PHE C 1114 -4.25 -18.08 -47.89
N ASP C 1115 -5.33 -18.80 -47.61
CA ASP C 1115 -5.27 -20.26 -47.61
C ASP C 1115 -5.09 -20.79 -49.03
N LYS C 1116 -5.95 -20.37 -49.95
CA LYS C 1116 -5.77 -20.75 -51.35
C LYS C 1116 -6.39 -19.69 -52.25
N ILE C 1117 -5.80 -19.54 -53.44
CA ILE C 1117 -6.31 -18.67 -54.49
C ILE C 1117 -6.34 -19.48 -55.76
N CYS C 1118 -7.53 -19.66 -56.33
CA CYS C 1118 -7.68 -20.54 -57.48
C CYS C 1118 -8.83 -20.05 -58.34
N TYR C 1119 -8.86 -20.55 -59.57
CA TYR C 1119 -9.90 -20.25 -60.53
C TYR C 1119 -10.85 -21.42 -60.60
N ASN C 1120 -12.15 -21.14 -60.52
CA ASN C 1120 -13.16 -22.18 -60.61
C ASN C 1120 -13.57 -22.30 -62.07
N LEU C 1121 -13.23 -23.44 -62.68
CA LEU C 1121 -13.46 -23.60 -64.11
C LEU C 1121 -14.95 -23.61 -64.42
N ASP C 1122 -15.72 -24.38 -63.66
CA ASP C 1122 -17.14 -24.53 -63.99
C ASP C 1122 -17.91 -23.24 -63.75
N LYS C 1123 -17.67 -22.60 -62.61
CA LYS C 1123 -18.42 -21.40 -62.28
C LYS C 1123 -17.99 -20.23 -63.13
N GLY C 1124 -16.71 -20.14 -63.44
CA GLY C 1124 -16.20 -19.04 -64.23
C GLY C 1124 -15.70 -17.85 -63.45
N TYR C 1125 -15.40 -18.02 -62.15
CA TYR C 1125 -14.89 -16.92 -61.36
C TYR C 1125 -13.76 -17.39 -60.47
N PHE C 1126 -12.89 -16.45 -60.11
CA PHE C 1126 -11.81 -16.73 -59.17
C PHE C 1126 -12.36 -16.86 -57.76
N GLU C 1127 -11.66 -17.62 -56.93
CA GLU C 1127 -12.06 -17.84 -55.55
C GLU C 1127 -10.87 -17.57 -54.65
N PHE C 1128 -11.09 -16.74 -53.64
CA PHE C 1128 -10.08 -16.43 -52.63
C PHE C 1128 -10.53 -17.06 -51.33
N SER C 1129 -9.76 -18.04 -50.84
CA SER C 1129 -10.08 -18.78 -49.63
C SER C 1129 -9.10 -18.40 -48.53
N PHE C 1130 -9.63 -18.04 -47.37
CA PHE C 1130 -8.79 -17.55 -46.29
C PHE C 1130 -9.45 -17.84 -44.95
N ASP C 1131 -8.65 -17.77 -43.90
CA ASP C 1131 -9.09 -17.90 -42.52
C ASP C 1131 -8.68 -16.64 -41.78
N TYR C 1132 -9.65 -15.94 -41.21
CA TYR C 1132 -9.35 -14.66 -40.56
C TYR C 1132 -8.33 -14.82 -39.44
N LYS C 1133 -8.11 -16.03 -38.95
CA LYS C 1133 -7.11 -16.23 -37.91
C LYS C 1133 -5.71 -15.85 -38.40
N ASN C 1134 -5.45 -16.01 -39.70
CA ASN C 1134 -4.11 -15.75 -40.20
C ASN C 1134 -3.78 -14.27 -40.19
N PHE C 1135 -4.78 -13.42 -40.47
CA PHE C 1135 -4.52 -11.99 -40.57
C PHE C 1135 -4.59 -11.31 -39.22
N ALA C 1139 -9.93 -9.56 -34.34
CA ALA C 1139 -11.01 -9.06 -35.19
C ALA C 1139 -12.12 -10.09 -35.32
N ALA C 1140 -12.24 -10.68 -36.50
CA ALA C 1140 -13.18 -11.75 -36.77
C ALA C 1140 -12.41 -13.05 -36.95
N LYS C 1141 -13.09 -14.16 -36.72
CA LYS C 1141 -12.51 -15.48 -36.92
C LYS C 1141 -13.44 -16.30 -37.80
N GLY C 1142 -12.89 -16.97 -38.79
CA GLY C 1142 -13.67 -17.90 -39.59
C GLY C 1142 -13.04 -18.18 -40.93
N LYS C 1143 -13.63 -19.16 -41.62
CA LYS C 1143 -13.22 -19.59 -42.95
C LYS C 1143 -14.33 -19.26 -43.94
N TRP C 1144 -13.97 -18.65 -45.06
CA TRP C 1144 -14.97 -17.98 -45.89
C TRP C 1144 -15.00 -18.40 -47.36
N THR C 1145 -13.88 -18.25 -48.08
CA THR C 1145 -13.77 -18.52 -49.53
C THR C 1145 -14.74 -17.64 -50.33
N ILE C 1146 -14.36 -16.37 -50.43
CA ILE C 1146 -15.10 -15.40 -51.24
C ILE C 1146 -14.88 -15.65 -52.72
N ALA C 1147 -15.78 -15.09 -53.54
CA ALA C 1147 -15.74 -15.23 -54.99
C ALA C 1147 -15.90 -13.88 -55.68
N SER C 1148 -15.45 -13.83 -56.93
CA SER C 1148 -15.45 -12.64 -57.77
C SER C 1148 -16.70 -12.50 -58.63
N PHE C 1149 -17.72 -13.32 -58.38
CA PHE C 1149 -18.81 -13.54 -59.33
C PHE C 1149 -19.42 -12.26 -59.86
N GLY C 1150 -19.92 -11.41 -58.98
CA GLY C 1150 -20.83 -10.36 -59.40
C GLY C 1150 -20.19 -9.30 -60.27
N SER C 1151 -21.03 -8.36 -60.70
CA SER C 1151 -20.60 -7.14 -61.34
C SER C 1151 -20.66 -6.00 -60.32
N ARG C 1152 -19.58 -5.25 -60.20
CA ARG C 1152 -19.47 -4.20 -59.19
C ARG C 1152 -19.40 -2.83 -59.86
N LEU C 1153 -20.30 -1.94 -59.47
CA LEU C 1153 -20.16 -0.54 -59.84
C LEU C 1153 -19.00 0.04 -59.03
N ILE C 1154 -18.02 0.62 -59.70
CA ILE C 1154 -16.87 1.15 -59.01
C ILE C 1154 -17.07 2.64 -58.80
N ASN C 1155 -16.71 3.10 -57.60
CA ASN C 1155 -16.78 4.49 -57.15
C ASN C 1155 -17.13 5.54 -58.21
N ASN C 1164 -20.10 11.26 -55.61
CA ASN C 1164 -19.44 12.43 -56.15
C ASN C 1164 -19.11 12.25 -57.63
N TRP C 1165 -17.93 11.69 -57.90
CA TRP C 1165 -17.48 11.54 -59.26
C TRP C 1165 -18.29 10.46 -59.97
N ASP C 1166 -18.29 10.52 -61.30
CA ASP C 1166 -19.18 9.70 -62.12
C ASP C 1166 -18.94 8.21 -61.87
N THR C 1167 -19.99 7.42 -62.09
CA THR C 1167 -19.98 6.00 -61.81
C THR C 1167 -19.47 5.20 -63.00
N ARG C 1168 -18.73 4.13 -62.71
CA ARG C 1168 -18.16 3.23 -63.70
C ARG C 1168 -18.46 1.79 -63.26
N GLU C 1169 -18.79 0.94 -64.22
CA GLU C 1169 -19.10 -0.46 -63.92
C GLU C 1169 -17.93 -1.33 -64.33
N VAL C 1170 -17.46 -2.15 -63.39
CA VAL C 1170 -16.29 -2.99 -63.59
C VAL C 1170 -16.68 -4.43 -63.30
N TYR C 1171 -16.16 -5.35 -64.11
CA TYR C 1171 -16.43 -6.77 -63.92
C TYR C 1171 -15.17 -7.40 -63.33
N PRO C 1172 -15.17 -7.78 -62.06
CA PRO C 1172 -13.91 -8.19 -61.41
C PRO C 1172 -13.31 -9.44 -62.02
N THR C 1173 -14.15 -10.38 -62.46
CA THR C 1173 -13.62 -11.58 -63.09
C THR C 1173 -12.79 -11.23 -64.30
N LYS C 1174 -13.33 -10.41 -65.19
CA LYS C 1174 -12.61 -10.03 -66.41
C LYS C 1174 -11.34 -9.26 -66.07
N GLU C 1175 -11.40 -8.38 -65.07
CA GLU C 1175 -10.21 -7.61 -64.71
C GLU C 1175 -9.13 -8.52 -64.17
N LEU C 1176 -9.50 -9.54 -63.40
CA LEU C 1176 -8.51 -10.49 -62.93
C LEU C 1176 -7.94 -11.31 -64.08
N GLU C 1177 -8.79 -11.69 -65.03
CA GLU C 1177 -8.29 -12.36 -66.22
C GLU C 1177 -7.28 -11.50 -66.95
N LYS C 1178 -7.62 -10.22 -67.16
CA LYS C 1178 -6.71 -9.32 -67.86
C LYS C 1178 -5.40 -9.16 -67.10
N LEU C 1179 -5.47 -8.90 -65.80
CA LEU C 1179 -4.25 -8.67 -65.03
C LEU C 1179 -3.38 -9.92 -65.02
N LEU C 1180 -3.98 -11.09 -64.82
CA LEU C 1180 -3.18 -12.30 -64.72
C LEU C 1180 -2.63 -12.72 -66.07
N LYS C 1181 -3.46 -12.66 -67.12
CA LYS C 1181 -2.95 -12.95 -68.46
C LYS C 1181 -1.82 -11.98 -68.82
N ASP C 1182 -1.91 -10.74 -68.35
CA ASP C 1182 -0.89 -9.76 -68.65
C ASP C 1182 0.48 -10.21 -68.15
N TYR C 1183 0.51 -10.87 -67.00
CA TYR C 1183 1.75 -11.41 -66.46
C TYR C 1183 1.85 -12.89 -66.80
N SER C 1184 2.88 -13.54 -66.27
CA SER C 1184 3.22 -14.89 -66.70
C SER C 1184 2.16 -15.90 -66.29
N ILE C 1185 1.54 -15.69 -65.11
CA ILE C 1185 0.66 -16.69 -64.53
C ILE C 1185 -0.49 -17.01 -65.47
N GLU C 1186 -0.87 -18.29 -65.53
CA GLU C 1186 -1.96 -18.73 -66.38
C GLU C 1186 -3.10 -19.27 -65.54
N TYR C 1187 -4.23 -18.59 -65.62
CA TYR C 1187 -5.48 -18.95 -64.96
C TYR C 1187 -6.29 -19.98 -65.73
N GLY C 1188 -5.96 -20.22 -67.00
CA GLY C 1188 -6.86 -20.95 -67.89
C GLY C 1188 -7.15 -22.38 -67.49
N HIS C 1189 -6.30 -23.00 -66.70
CA HIS C 1189 -6.48 -24.40 -66.30
C HIS C 1189 -7.19 -24.56 -64.97
N GLY C 1190 -7.51 -23.47 -64.27
CA GLY C 1190 -8.12 -23.57 -62.95
C GLY C 1190 -7.14 -23.91 -61.84
N GLU C 1191 -5.84 -23.73 -62.08
CA GLU C 1191 -4.83 -24.07 -61.10
C GLU C 1191 -4.64 -22.97 -60.06
N CYS C 1192 -4.23 -23.36 -58.86
CA CYS C 1192 -4.13 -22.43 -57.75
C CYS C 1192 -3.01 -21.43 -57.97
N ILE C 1193 -3.31 -20.15 -57.73
CA ILE C 1193 -2.44 -19.03 -58.07
C ILE C 1193 -1.65 -18.50 -56.89
N LYS C 1194 -1.84 -19.04 -55.69
CA LYS C 1194 -1.34 -18.39 -54.48
C LYS C 1194 0.16 -18.15 -54.55
N ALA C 1195 0.93 -19.22 -54.77
CA ALA C 1195 2.38 -19.06 -54.86
C ALA C 1195 2.75 -18.19 -56.05
N ALA C 1196 2.08 -18.40 -57.19
CA ALA C 1196 2.36 -17.58 -58.36
C ALA C 1196 2.08 -16.12 -58.09
N ILE C 1197 1.00 -15.83 -57.35
CA ILE C 1197 0.70 -14.45 -57.01
C ILE C 1197 1.84 -13.86 -56.19
N CYS C 1198 2.31 -14.60 -55.19
CA CYS C 1198 3.34 -14.07 -54.31
C CYS C 1198 4.71 -14.00 -54.98
N GLY C 1199 4.85 -14.55 -56.19
CA GLY C 1199 6.17 -14.59 -56.78
C GLY C 1199 6.61 -13.26 -57.35
N GLU C 1200 5.69 -12.51 -57.94
CA GLU C 1200 6.06 -11.34 -58.71
C GLU C 1200 6.53 -10.22 -57.80
N SER C 1201 7.50 -9.44 -58.27
CA SER C 1201 8.03 -8.30 -57.53
C SER C 1201 7.49 -6.94 -57.98
N ASP C 1202 6.63 -6.90 -59.00
CA ASP C 1202 6.25 -5.63 -59.60
C ASP C 1202 5.25 -4.89 -58.71
N LYS C 1203 5.50 -3.60 -58.49
CA LYS C 1203 4.57 -2.81 -57.69
C LYS C 1203 3.20 -2.72 -58.35
N LYS C 1204 3.18 -2.50 -59.66
CA LYS C 1204 1.90 -2.32 -60.35
C LYS C 1204 1.04 -3.58 -60.26
N PHE C 1205 1.68 -4.74 -60.21
CA PHE C 1205 0.90 -5.98 -60.14
C PHE C 1205 0.14 -6.05 -58.83
N PHE C 1206 0.82 -5.79 -57.72
CA PHE C 1206 0.16 -5.87 -56.43
C PHE C 1206 -0.86 -4.77 -56.25
N ALA C 1207 -0.55 -3.57 -56.73
CA ALA C 1207 -1.50 -2.47 -56.62
C ALA C 1207 -2.80 -2.82 -57.34
N LYS C 1208 -2.70 -3.32 -58.57
CA LYS C 1208 -3.91 -3.67 -59.31
C LYS C 1208 -4.60 -4.87 -58.67
N LEU C 1209 -3.83 -5.85 -58.20
CA LEU C 1209 -4.44 -7.04 -57.63
C LEU C 1209 -5.21 -6.70 -56.36
N THR C 1210 -4.59 -5.93 -55.47
CA THR C 1210 -5.30 -5.50 -54.27
C THR C 1210 -6.51 -4.64 -54.63
N SER C 1211 -6.40 -3.86 -55.70
CA SER C 1211 -7.55 -3.06 -56.13
C SER C 1211 -8.69 -3.97 -56.60
N VAL C 1212 -8.37 -5.01 -57.36
CA VAL C 1212 -9.41 -5.94 -57.80
C VAL C 1212 -10.04 -6.63 -56.60
N LEU C 1213 -9.20 -7.08 -55.67
CA LEU C 1213 -9.71 -7.72 -54.47
C LEU C 1213 -10.63 -6.78 -53.70
N ASN C 1214 -10.26 -5.51 -53.59
CA ASN C 1214 -11.15 -4.55 -52.95
C ASN C 1214 -12.46 -4.44 -53.70
N THR C 1215 -12.41 -4.47 -55.03
CA THR C 1215 -13.64 -4.48 -55.81
C THR C 1215 -14.47 -5.71 -55.51
N ILE C 1216 -13.80 -6.85 -55.30
CA ILE C 1216 -14.51 -8.05 -54.88
C ILE C 1216 -15.18 -7.82 -53.52
N LEU C 1217 -14.45 -7.17 -52.60
CA LEU C 1217 -14.95 -6.97 -51.26
C LEU C 1217 -16.02 -5.90 -51.16
N GLN C 1218 -16.29 -5.15 -52.22
CA GLN C 1218 -17.24 -4.05 -52.11
C GLN C 1218 -18.64 -4.62 -52.26
N MET C 1219 -19.41 -4.59 -51.17
CA MET C 1219 -20.74 -5.18 -51.20
C MET C 1219 -21.77 -4.19 -51.74
N ARG C 1220 -21.63 -2.92 -51.40
CA ARG C 1220 -22.61 -1.91 -51.74
C ARG C 1220 -22.22 -1.26 -53.06
N ASN C 1221 -23.15 -1.23 -54.00
CA ASN C 1221 -22.92 -0.68 -55.32
C ASN C 1221 -24.02 0.32 -55.65
N SER C 1222 -23.63 1.47 -56.18
CA SER C 1222 -24.58 2.56 -56.41
C SER C 1222 -24.23 3.31 -57.68
N LYS C 1223 -25.26 3.82 -58.36
CA LYS C 1223 -25.10 4.72 -59.49
C LYS C 1223 -25.46 6.13 -59.03
N THR C 1224 -24.51 7.05 -59.12
CA THR C 1224 -24.68 8.37 -58.54
C THR C 1224 -25.93 9.06 -59.05
N GLY C 1225 -26.17 9.00 -60.36
CA GLY C 1225 -27.33 9.66 -60.91
C GLY C 1225 -28.62 8.92 -60.68
N THR C 1226 -28.58 7.59 -60.89
CA THR C 1226 -29.80 6.80 -60.82
C THR C 1226 -30.44 6.82 -59.44
N GLU C 1227 -29.67 7.16 -58.40
CA GLU C 1227 -30.08 7.08 -57.00
C GLU C 1227 -30.47 5.64 -56.62
N LEU C 1228 -30.00 4.66 -57.38
CA LEU C 1228 -30.23 3.25 -57.11
C LEU C 1228 -28.96 2.62 -56.57
N ASP C 1229 -29.06 1.98 -55.40
CA ASP C 1229 -27.96 1.24 -54.83
C ASP C 1229 -28.47 -0.12 -54.38
N TYR C 1230 -27.57 -1.10 -54.32
CA TYR C 1230 -27.96 -2.45 -54.01
C TYR C 1230 -26.78 -3.17 -53.37
N LEU C 1231 -27.08 -4.30 -52.75
CA LEU C 1231 -26.11 -5.05 -51.97
C LEU C 1231 -25.93 -6.41 -52.59
N ILE C 1232 -24.69 -6.78 -52.87
CA ILE C 1232 -24.34 -8.12 -53.32
C ILE C 1232 -23.14 -8.60 -52.53
N SER C 1233 -23.04 -9.91 -52.34
CA SER C 1233 -22.06 -10.42 -51.40
C SER C 1233 -21.05 -11.35 -52.08
N PRO C 1234 -19.80 -11.33 -51.62
CA PRO C 1234 -18.80 -12.17 -52.27
C PRO C 1234 -18.98 -13.65 -52.01
N VAL C 1235 -19.42 -14.03 -50.83
CA VAL C 1235 -19.58 -15.43 -50.49
C VAL C 1235 -20.94 -15.93 -50.95
N ALA C 1236 -21.02 -17.20 -51.30
CA ALA C 1236 -22.25 -17.84 -51.75
C ALA C 1236 -22.81 -18.74 -50.67
N ASP C 1237 -24.13 -18.87 -50.66
CA ASP C 1237 -24.77 -19.80 -49.75
C ASP C 1237 -24.49 -21.22 -50.20
N VAL C 1238 -25.00 -22.19 -49.43
CA VAL C 1238 -24.72 -23.58 -49.75
C VAL C 1238 -25.28 -23.95 -51.11
N ASN C 1239 -26.36 -23.28 -51.53
CA ASN C 1239 -26.95 -23.54 -52.83
C ASN C 1239 -26.14 -22.92 -53.97
N GLY C 1240 -25.16 -22.09 -53.67
CA GLY C 1240 -24.38 -21.45 -54.69
C GLY C 1240 -24.95 -20.15 -55.23
N ASN C 1241 -26.07 -19.69 -54.68
CA ASN C 1241 -26.61 -18.39 -55.05
C ASN C 1241 -25.95 -17.31 -54.22
N PHE C 1242 -25.51 -16.25 -54.87
CA PHE C 1242 -24.93 -15.11 -54.18
C PHE C 1242 -26.04 -14.10 -53.91
N PHE C 1243 -26.01 -13.52 -52.71
CA PHE C 1243 -27.11 -12.62 -52.35
C PHE C 1243 -27.09 -11.37 -53.22
N ASP C 1244 -28.23 -11.05 -53.80
CA ASP C 1244 -28.37 -9.91 -54.67
C ASP C 1244 -29.61 -9.15 -54.26
N SER C 1245 -29.45 -7.87 -53.92
CA SER C 1245 -30.55 -7.10 -53.37
C SER C 1245 -31.70 -6.99 -54.36
N ARG C 1246 -31.41 -6.94 -55.66
CA ARG C 1246 -32.46 -6.73 -56.64
C ARG C 1246 -33.28 -8.00 -56.85
N GLN C 1247 -32.66 -9.16 -56.73
CA GLN C 1247 -33.34 -10.44 -56.89
C GLN C 1247 -33.84 -11.01 -55.57
N ALA C 1248 -33.72 -10.26 -54.48
CA ALA C 1248 -33.99 -10.79 -53.17
C ALA C 1248 -35.49 -10.95 -52.93
N PRO C 1249 -35.89 -11.90 -52.09
CA PRO C 1249 -37.31 -12.14 -51.83
C PRO C 1249 -37.87 -11.12 -50.83
N LYS C 1250 -39.15 -11.29 -50.51
CA LYS C 1250 -39.84 -10.32 -49.66
C LYS C 1250 -39.38 -10.39 -48.22
N ASN C 1251 -38.89 -11.54 -47.78
CA ASN C 1251 -38.42 -11.65 -46.40
C ASN C 1251 -36.97 -11.20 -46.25
N MET C 1252 -36.35 -10.74 -47.31
CA MET C 1252 -34.96 -10.31 -47.30
C MET C 1252 -34.88 -8.82 -47.64
N PRO C 1253 -33.82 -8.15 -47.22
CA PRO C 1253 -33.71 -6.71 -47.48
C PRO C 1253 -33.75 -6.38 -48.96
N GLN C 1254 -34.52 -5.36 -49.31
CA GLN C 1254 -34.70 -5.01 -50.71
C GLN C 1254 -33.55 -4.18 -51.27
N ASP C 1255 -32.97 -3.28 -50.49
CA ASP C 1255 -31.88 -2.44 -50.97
C ASP C 1255 -30.82 -2.31 -49.90
N ALA C 1256 -29.77 -1.54 -50.22
CA ALA C 1256 -28.61 -1.48 -49.33
C ALA C 1256 -28.99 -0.90 -47.97
N ASP C 1257 -29.86 0.12 -47.96
CA ASP C 1257 -30.32 0.66 -46.69
C ASP C 1257 -31.11 -0.38 -45.92
N ALA C 1258 -31.90 -1.19 -46.63
CA ALA C 1258 -32.63 -2.26 -45.98
C ALA C 1258 -31.69 -3.17 -45.21
N ASN C 1259 -30.51 -3.44 -45.78
CA ASN C 1259 -29.54 -4.25 -45.06
C ASN C 1259 -29.22 -3.66 -43.70
N GLY C 1260 -28.96 -2.35 -43.66
CA GLY C 1260 -28.61 -1.72 -42.40
C GLY C 1260 -29.73 -1.79 -41.39
N ALA C 1261 -30.96 -1.53 -41.83
CA ALA C 1261 -32.09 -1.63 -40.91
C ALA C 1261 -32.29 -3.07 -40.46
N TYR C 1262 -32.13 -4.02 -41.37
CA TYR C 1262 -32.34 -5.42 -41.01
C TYR C 1262 -31.32 -5.87 -39.98
N HIS C 1263 -30.06 -5.48 -40.14
CA HIS C 1263 -29.04 -5.95 -39.21
C HIS C 1263 -29.07 -5.21 -37.89
N ILE C 1264 -29.46 -3.94 -37.89
CA ILE C 1264 -29.81 -3.31 -36.63
C ILE C 1264 -30.87 -4.13 -35.91
N GLY C 1265 -31.85 -4.64 -36.64
CA GLY C 1265 -32.82 -5.51 -36.04
C GLY C 1265 -32.20 -6.78 -35.50
N LEU C 1266 -31.21 -7.32 -36.23
CA LEU C 1266 -30.57 -8.53 -35.75
C LEU C 1266 -29.87 -8.28 -34.44
N LYS C 1267 -29.17 -7.15 -34.31
CA LYS C 1267 -28.62 -6.81 -33.01
C LYS C 1267 -29.73 -6.68 -31.98
N GLY C 1268 -30.88 -6.16 -32.37
CA GLY C 1268 -32.00 -6.14 -31.45
C GLY C 1268 -32.49 -7.54 -31.13
N LEU C 1269 -32.41 -8.44 -32.11
CA LEU C 1269 -32.71 -9.84 -31.83
C LEU C 1269 -31.83 -10.36 -30.71
N MET C 1270 -30.53 -10.06 -30.79
CA MET C 1270 -29.61 -10.51 -29.75
C MET C 1270 -30.03 -9.96 -28.41
N LEU C 1271 -30.32 -8.66 -28.34
CA LEU C 1271 -30.78 -8.07 -27.10
C LEU C 1271 -32.08 -8.74 -26.65
N LEU C 1272 -32.96 -9.04 -27.58
CA LEU C 1272 -34.20 -9.72 -27.24
C LEU C 1272 -33.91 -11.05 -26.55
N GLY C 1273 -33.03 -11.86 -27.15
CA GLY C 1273 -32.68 -13.13 -26.53
C GLY C 1273 -32.14 -12.97 -25.13
N ARG C 1274 -31.23 -12.01 -24.94
CA ARG C 1274 -30.73 -11.75 -23.60
C ARG C 1274 -31.85 -11.34 -22.66
N ILE C 1275 -32.84 -10.62 -23.17
CA ILE C 1275 -33.99 -10.26 -22.35
C ILE C 1275 -34.76 -11.51 -21.95
N LYS C 1276 -34.92 -12.44 -22.88
CA LYS C 1276 -35.69 -13.65 -22.59
C LYS C 1276 -35.03 -14.48 -21.51
N ASN C 1277 -33.70 -14.56 -21.54
CA ASN C 1277 -32.96 -15.52 -20.74
C ASN C 1277 -32.43 -14.96 -19.42
N ASN C 1278 -32.78 -13.73 -19.07
CA ASN C 1278 -32.24 -13.15 -17.86
C ASN C 1278 -32.96 -13.69 -16.64
N GLN C 1279 -32.22 -13.92 -15.56
CA GLN C 1279 -32.77 -14.50 -14.35
C GLN C 1279 -32.40 -13.66 -13.13
N GLU C 1280 -33.33 -13.58 -12.19
CA GLU C 1280 -33.23 -12.90 -10.89
C GLU C 1280 -32.89 -11.42 -11.07
N GLY C 1281 -32.05 -10.86 -10.21
CA GLY C 1281 -31.76 -9.46 -10.22
C GLY C 1281 -30.50 -9.10 -10.98
N LYS C 1282 -29.93 -10.04 -11.72
CA LYS C 1282 -28.68 -9.78 -12.41
C LYS C 1282 -28.83 -8.65 -13.41
N LYS C 1283 -27.73 -7.94 -13.64
CA LYS C 1283 -27.74 -6.80 -14.55
C LYS C 1283 -27.67 -7.31 -15.98
N LEU C 1284 -28.61 -6.86 -16.80
CA LEU C 1284 -28.67 -7.28 -18.19
C LEU C 1284 -27.58 -6.60 -18.97
N ASN C 1285 -26.86 -7.36 -19.79
CA ASN C 1285 -25.79 -6.81 -20.61
C ASN C 1285 -26.39 -6.47 -21.96
N LEU C 1286 -26.56 -5.19 -22.23
CA LEU C 1286 -27.10 -4.74 -23.50
C LEU C 1286 -26.01 -4.32 -24.47
N VAL C 1287 -24.75 -4.43 -24.08
CA VAL C 1287 -23.64 -4.02 -24.92
C VAL C 1287 -23.23 -5.22 -25.78
N ILE C 1288 -23.20 -5.02 -27.09
CA ILE C 1288 -22.85 -6.06 -28.03
C ILE C 1288 -21.43 -5.80 -28.50
N LYS C 1289 -20.51 -6.68 -28.12
CA LYS C 1289 -19.20 -6.60 -28.74
C LYS C 1289 -19.28 -7.13 -30.15
N ASN C 1290 -18.35 -6.67 -30.99
CA ASN C 1290 -18.40 -7.05 -32.40
C ASN C 1290 -18.33 -8.56 -32.57
N GLU C 1291 -17.56 -9.23 -31.72
CA GLU C 1291 -17.36 -10.66 -31.90
C GLU C 1291 -18.67 -11.43 -31.66
N GLU C 1292 -19.45 -11.01 -30.66
CA GLU C 1292 -20.74 -11.65 -30.43
C GLU C 1292 -21.67 -11.40 -31.59
N TYR C 1293 -21.65 -10.19 -32.12
CA TYR C 1293 -22.46 -9.89 -33.30
C TYR C 1293 -22.11 -10.81 -34.45
N PHE C 1294 -20.81 -10.91 -34.78
CA PHE C 1294 -20.39 -11.75 -35.89
C PHE C 1294 -20.82 -13.19 -35.68
N GLU C 1295 -20.56 -13.72 -34.49
CA GLU C 1295 -20.93 -15.11 -34.20
C GLU C 1295 -22.42 -15.33 -34.39
N PHE C 1296 -23.24 -14.44 -33.85
CA PHE C 1296 -24.69 -14.60 -33.96
C PHE C 1296 -25.13 -14.48 -35.40
N VAL C 1297 -24.65 -13.45 -36.10
CA VAL C 1297 -25.16 -13.19 -37.44
C VAL C 1297 -24.74 -14.30 -38.38
N GLN C 1298 -23.57 -14.89 -38.17
CA GLN C 1298 -23.04 -15.86 -39.13
C GLN C 1298 -23.69 -17.24 -38.97
N ASN C 1299 -23.87 -17.68 -37.73
CA ASN C 1299 -24.36 -19.02 -37.49
C ASN C 1299 -25.88 -19.13 -37.50
N ARG C 1300 -26.60 -18.01 -37.59
CA ARG C 1300 -28.05 -18.04 -37.36
C ARG C 1300 -28.83 -18.69 -38.49
N ASN C 1301 -28.21 -19.02 -39.61
CA ASN C 1301 -28.97 -19.52 -40.75
C ASN C 1301 -28.44 -20.85 -41.23
N ASN E 2 54.41 9.37 30.69
CA ASN E 2 53.53 9.63 29.57
C ASN E 2 52.85 10.98 29.71
N ALA E 3 52.79 11.74 28.62
CA ALA E 3 52.03 12.97 28.61
C ALA E 3 50.54 12.66 28.79
N SER E 4 49.82 13.65 29.29
CA SER E 4 48.40 13.45 29.57
C SER E 4 47.62 13.45 28.27
N ILE E 5 46.90 12.35 28.01
CA ILE E 5 46.16 12.24 26.76
C ILE E 5 45.15 13.37 26.61
N TYR E 6 44.55 13.80 27.71
CA TYR E 6 43.55 14.83 27.69
C TYR E 6 44.13 16.23 27.84
N GLN E 7 45.46 16.35 27.85
CA GLN E 7 46.11 17.65 28.02
C GLN E 7 45.59 18.67 27.01
N GLU E 8 45.34 18.23 25.78
CA GLU E 8 44.84 19.15 24.77
C GLU E 8 43.34 19.37 24.87
N PHE E 9 42.63 18.61 25.70
CA PHE E 9 41.20 18.83 25.85
C PHE E 9 41.03 19.79 27.00
N VAL E 10 40.77 21.06 26.67
CA VAL E 10 40.57 22.11 27.66
C VAL E 10 39.91 23.24 26.90
N ASN E 11 39.19 24.10 27.64
CA ASN E 11 38.49 25.22 27.02
C ASN E 11 37.68 24.77 25.80
N LYS E 12 37.15 23.56 25.85
CA LYS E 12 36.48 23.02 24.66
C LYS E 12 35.09 23.63 24.47
N TYR E 13 34.31 23.77 25.53
CA TYR E 13 32.98 24.35 25.37
C TYR E 13 32.61 25.13 26.63
N SER E 14 31.58 25.96 26.48
CA SER E 14 31.16 26.91 27.49
C SER E 14 29.90 26.43 28.19
N LEU E 15 29.80 26.71 29.49
CA LEU E 15 28.62 26.35 30.23
C LEU E 15 28.36 27.40 31.30
N SER E 16 27.12 27.46 31.76
CA SER E 16 26.68 28.45 32.72
C SER E 16 26.61 27.85 34.11
N LYS E 17 26.91 28.67 35.10
CA LYS E 17 27.01 28.25 36.48
C LYS E 17 26.58 29.43 37.35
N THR E 18 25.97 29.16 38.49
CA THR E 18 25.56 30.21 39.41
C THR E 18 26.20 29.96 40.76
N LEU E 19 27.01 30.91 41.22
CA LEU E 19 27.69 30.81 42.49
C LEU E 19 26.81 31.39 43.58
N ARG E 20 26.86 30.80 44.76
CA ARG E 20 26.03 31.23 45.88
C ARG E 20 26.91 31.74 47.01
N PHE E 21 26.48 32.82 47.65
CA PHE E 21 27.23 33.44 48.72
C PHE E 21 26.27 34.02 49.75
N GLU E 22 26.80 34.34 50.91
CA GLU E 22 26.08 35.06 51.94
C GLU E 22 26.49 36.53 51.90
N LEU E 23 25.52 37.41 52.12
CA LEU E 23 25.75 38.84 52.23
C LEU E 23 25.67 39.23 53.70
N ILE E 24 26.73 39.84 54.21
CA ILE E 24 26.79 40.31 55.59
C ILE E 24 26.61 41.83 55.57
N PRO E 25 25.56 42.36 56.18
CA PRO E 25 25.39 43.82 56.21
C PRO E 25 26.60 44.48 56.84
N GLN E 26 27.02 45.60 56.26
CA GLN E 26 28.23 46.28 56.68
C GLN E 26 27.90 47.66 57.20
N GLY E 27 28.52 48.02 58.32
CA GLY E 27 28.31 49.34 58.87
C GLY E 27 26.88 49.53 59.30
N LYS E 28 26.30 50.65 58.86
CA LYS E 28 24.95 51.04 59.24
C LYS E 28 23.89 50.46 58.31
N THR E 29 24.30 49.61 57.36
CA THR E 29 23.40 49.13 56.31
C THR E 29 22.14 48.51 56.90
N LEU E 30 22.31 47.49 57.73
CA LEU E 30 21.17 46.76 58.24
C LEU E 30 20.22 47.69 58.96
N GLU E 31 20.74 48.66 59.71
CA GLU E 31 19.88 49.57 60.44
C GLU E 31 19.00 50.35 59.48
N ASN E 32 19.58 50.85 58.40
CA ASN E 32 18.79 51.63 57.45
C ASN E 32 17.73 50.77 56.78
N ILE E 33 18.06 49.52 56.47
CA ILE E 33 17.08 48.63 55.86
C ILE E 33 15.91 48.42 56.81
N LYS E 34 16.21 48.10 58.06
CA LYS E 34 15.14 47.92 59.05
C LYS E 34 14.36 49.20 59.24
N ALA E 35 15.00 50.35 59.12
CA ALA E 35 14.29 51.61 59.27
C ALA E 35 13.24 51.77 58.18
N ARG E 36 13.61 51.48 56.94
CA ARG E 36 12.61 51.50 55.86
C ARG E 36 11.72 50.27 55.87
N GLY E 37 12.05 49.26 56.66
CA GLY E 37 11.24 48.06 56.71
C GLY E 37 11.17 47.32 55.39
N LEU E 38 12.28 47.31 54.64
CA LEU E 38 12.25 46.71 53.31
C LEU E 38 12.07 45.20 53.39
N ILE E 39 12.70 44.56 54.37
CA ILE E 39 12.66 43.11 54.45
C ILE E 39 11.21 42.64 54.63
N LEU E 40 10.49 43.29 55.53
CA LEU E 40 9.11 42.89 55.78
C LEU E 40 8.26 43.11 54.53
N ASP E 41 8.53 44.18 53.79
CA ASP E 41 7.78 44.41 52.56
C ASP E 41 7.98 43.27 51.58
N ASP E 42 9.20 42.79 51.45
CA ASP E 42 9.46 41.71 50.51
C ASP E 42 8.88 40.40 51.01
N GLU E 43 8.95 40.17 52.32
CA GLU E 43 8.29 38.98 52.87
C GLU E 43 6.80 39.00 52.56
N LYS E 44 6.13 40.11 52.89
CA LYS E 44 4.72 40.21 52.58
C LYS E 44 4.46 40.06 51.10
N ARG E 45 5.40 40.53 50.27
CA ARG E 45 5.21 40.42 48.83
C ARG E 45 5.25 38.97 48.40
N ALA E 46 6.05 38.15 49.09
CA ALA E 46 6.04 36.72 48.76
C ALA E 46 4.72 36.09 49.15
N LYS E 47 4.23 36.40 50.34
CA LYS E 47 2.94 35.86 50.76
C LYS E 47 1.84 36.33 49.82
N ASP E 48 1.88 37.58 49.40
CA ASP E 48 0.94 38.05 48.40
C ASP E 48 1.14 37.35 47.07
N TYR E 49 2.36 36.91 46.77
CA TYR E 49 2.60 36.24 45.50
C TYR E 49 1.83 34.93 45.42
N LYS E 50 1.82 34.15 46.50
CA LYS E 50 1.06 32.92 46.53
C LYS E 50 -0.40 33.18 46.20
N LYS E 51 -0.99 34.15 46.88
CA LYS E 51 -2.38 34.47 46.64
C LYS E 51 -2.59 34.96 45.22
N ALA E 52 -1.71 35.82 44.74
CA ALA E 52 -1.82 36.30 43.37
C ALA E 52 -1.86 35.13 42.39
N LYS E 53 -1.00 34.14 42.58
CA LYS E 53 -1.06 32.95 41.75
C LYS E 53 -2.46 32.33 41.80
N GLN E 54 -3.09 32.37 42.97
CA GLN E 54 -4.41 31.75 43.10
C GLN E 54 -5.45 32.51 42.30
N ILE E 55 -5.39 33.84 42.31
CA ILE E 55 -6.30 34.64 41.50
C ILE E 55 -6.10 34.31 40.03
N ILE E 56 -4.86 34.30 39.57
CA ILE E 56 -4.56 33.98 38.18
C ILE E 56 -5.18 32.64 37.83
N ASP E 57 -5.12 31.68 38.75
CA ASP E 57 -5.73 30.39 38.50
C ASP E 57 -7.23 30.54 38.29
N LYS E 58 -7.87 31.38 39.10
CA LYS E 58 -9.31 31.60 38.94
C LYS E 58 -9.62 32.17 37.57
N TYR E 59 -8.82 33.15 37.13
CA TYR E 59 -9.03 33.69 35.79
C TYR E 59 -8.79 32.63 34.73
N HIS E 60 -7.77 31.79 34.94
CA HIS E 60 -7.55 30.66 34.04
C HIS E 60 -8.81 29.82 33.93
N GLN E 61 -9.41 29.52 35.08
CA GLN E 61 -10.59 28.66 35.09
C GLN E 61 -11.77 29.30 34.38
N PHE E 62 -12.03 30.57 34.68
CA PHE E 62 -13.06 31.30 33.94
C PHE E 62 -12.79 31.29 32.45
N PHE E 63 -11.52 31.49 32.07
CA PHE E 63 -11.18 31.49 30.66
C PHE E 63 -11.42 30.12 30.03
N ILE E 64 -11.06 29.06 30.75
CA ILE E 64 -11.26 27.71 30.21
C ILE E 64 -12.73 27.48 29.90
N GLU E 65 -13.61 27.79 30.86
CA GLU E 65 -15.04 27.67 30.61
C GLU E 65 -15.46 28.51 29.40
N GLU E 66 -15.03 29.77 29.35
CA GLU E 66 -15.50 30.66 28.31
C GLU E 66 -15.03 30.20 26.93
N ILE E 67 -13.74 29.87 26.80
CA ILE E 67 -13.26 29.47 25.48
C ILE E 67 -13.91 28.17 25.04
N LEU E 68 -14.09 27.23 25.96
CA LEU E 68 -14.62 25.93 25.57
C LEU E 68 -16.08 26.03 25.17
N SER E 69 -16.82 27.02 25.68
CA SER E 69 -18.21 27.18 25.27
C SER E 69 -18.31 27.45 23.78
N SER E 70 -17.38 28.24 23.24
CA SER E 70 -17.41 28.59 21.83
C SER E 70 -16.81 27.51 20.95
N VAL E 71 -15.88 26.72 21.48
CA VAL E 71 -15.15 25.76 20.66
C VAL E 71 -16.07 24.65 20.20
N CYS E 72 -16.02 24.33 18.91
CA CYS E 72 -16.62 23.12 18.36
C CYS E 72 -15.55 22.36 17.58
N ILE E 73 -15.77 21.07 17.36
CA ILE E 73 -14.87 20.28 16.54
C ILE E 73 -15.69 19.52 15.51
N SER E 74 -15.21 19.52 14.26
CA SER E 74 -15.90 18.84 13.18
C SER E 74 -16.10 17.36 13.49
N GLU E 75 -17.31 16.87 13.22
CA GLU E 75 -17.63 15.48 13.49
C GLU E 75 -16.69 14.52 12.79
N ASP E 76 -16.20 14.90 11.62
CA ASP E 76 -15.36 14.01 10.83
C ASP E 76 -14.16 13.51 11.63
N LEU E 77 -13.49 14.41 12.33
CA LEU E 77 -12.30 14.02 13.08
C LEU E 77 -12.66 13.13 14.25
N LEU E 78 -13.70 13.49 15.00
CA LEU E 78 -14.14 12.63 16.09
C LEU E 78 -14.52 11.25 15.57
N GLN E 79 -15.20 11.21 14.42
CA GLN E 79 -15.55 9.92 13.84
C GLN E 79 -14.31 9.15 13.42
N ASN E 80 -13.32 9.84 12.86
CA ASN E 80 -12.05 9.19 12.58
C ASN E 80 -11.46 8.58 13.85
N TYR E 81 -11.51 9.32 14.96
CA TYR E 81 -10.99 8.80 16.21
C TYR E 81 -11.74 7.54 16.63
N SER E 82 -13.07 7.61 16.68
CA SER E 82 -13.85 6.44 17.08
C SER E 82 -13.55 5.24 16.20
N ASP E 83 -13.38 5.45 14.90
CA ASP E 83 -13.15 4.35 13.98
C ASP E 83 -11.81 3.67 14.26
N VAL E 84 -10.73 4.44 14.31
CA VAL E 84 -9.41 3.86 14.56
C VAL E 84 -9.35 3.25 15.95
N TYR E 85 -10.00 3.91 16.91
CA TYR E 85 -10.01 3.42 18.29
C TYR E 85 -10.64 2.04 18.37
N PHE E 86 -11.87 1.90 17.89
CA PHE E 86 -12.55 0.61 17.95
C PHE E 86 -11.85 -0.43 17.08
N LYS E 87 -11.32 0.00 15.93
CA LYS E 87 -10.51 -0.92 15.13
C LYS E 87 -9.30 -1.41 15.91
N LEU E 88 -8.68 -0.51 16.68
CA LEU E 88 -7.49 -0.89 17.45
C LEU E 88 -7.83 -1.83 18.59
N LYS E 89 -9.08 -1.83 19.06
CA LYS E 89 -9.46 -2.70 20.17
C LYS E 89 -9.20 -4.16 19.83
N LYS E 90 -9.69 -4.61 18.67
CA LYS E 90 -9.62 -6.02 18.34
C LYS E 90 -8.25 -6.42 17.77
N SER E 91 -7.69 -5.61 16.88
CA SER E 91 -6.40 -5.92 16.27
C SER E 91 -5.45 -4.76 16.51
N ASP E 92 -4.24 -5.07 16.94
CA ASP E 92 -3.21 -4.07 17.15
C ASP E 92 -2.30 -4.11 15.94
N ASP E 93 -2.41 -3.10 15.09
CA ASP E 93 -1.57 -2.93 13.92
C ASP E 93 -0.68 -1.72 14.15
N ASP E 94 0.59 -1.85 13.79
CA ASP E 94 1.45 -0.67 13.80
C ASP E 94 0.89 0.42 12.90
N ASN E 95 0.26 0.06 11.79
CA ASN E 95 -0.48 1.03 10.99
C ASN E 95 -1.56 1.73 11.81
N LEU E 96 -2.34 0.97 12.56
CA LEU E 96 -3.33 1.57 13.45
C LEU E 96 -2.68 2.39 14.57
N GLN E 97 -1.42 2.10 14.91
CA GLN E 97 -0.73 2.90 15.91
C GLN E 97 -0.42 4.30 15.38
N LYS E 98 0.23 4.38 14.22
CA LYS E 98 0.47 5.67 13.60
C LYS E 98 -0.84 6.37 13.26
N ASP E 99 -1.80 5.62 12.70
CA ASP E 99 -3.09 6.21 12.37
C ASP E 99 -3.79 6.77 13.60
N PHE E 100 -3.71 6.06 14.73
CA PHE E 100 -4.36 6.54 15.93
C PHE E 100 -3.67 7.81 16.44
N LYS E 101 -2.34 7.80 16.48
CA LYS E 101 -1.62 8.96 16.98
C LYS E 101 -1.90 10.18 16.12
N SER E 102 -1.87 10.01 14.80
CA SER E 102 -2.10 11.15 13.90
C SER E 102 -3.54 11.63 13.97
N ALA E 103 -4.50 10.69 14.03
CA ALA E 103 -5.90 11.09 14.12
C ALA E 103 -6.19 11.81 15.42
N LYS E 104 -5.49 11.44 16.49
CA LYS E 104 -5.61 12.16 17.74
C LYS E 104 -4.93 13.52 17.65
N ASP E 105 -3.77 13.57 17.00
CA ASP E 105 -2.99 14.81 16.97
C ASP E 105 -3.72 15.90 16.21
N THR E 106 -4.41 15.56 15.12
CA THR E 106 -5.13 16.58 14.38
C THR E 106 -6.29 17.13 15.19
N ILE E 107 -6.84 16.32 16.09
CA ILE E 107 -7.86 16.81 17.01
C ILE E 107 -7.27 17.84 17.97
N LYS E 108 -6.21 17.45 18.69
CA LYS E 108 -5.56 18.38 19.60
C LYS E 108 -5.12 19.65 18.88
N LYS E 109 -4.58 19.51 17.68
CA LYS E 109 -4.16 20.69 16.92
C LYS E 109 -5.32 21.64 16.67
N GLN E 110 -6.52 21.10 16.42
CA GLN E 110 -7.66 21.96 16.15
C GLN E 110 -8.05 22.75 17.39
N ILE E 111 -8.02 22.12 18.57
CA ILE E 111 -8.38 22.83 19.80
C ILE E 111 -7.35 23.91 20.10
N SER E 112 -6.07 23.54 20.14
CA SER E 112 -5.02 24.51 20.40
C SER E 112 -5.08 25.67 19.40
N GLU E 113 -5.24 25.34 18.12
CA GLU E 113 -5.32 26.38 17.10
C GLU E 113 -6.49 27.33 17.35
N TYR E 114 -7.56 26.85 17.97
CA TYR E 114 -8.66 27.78 18.25
C TYR E 114 -8.34 28.65 19.45
N ILE E 115 -7.84 28.05 20.53
CA ILE E 115 -7.77 28.79 21.79
C ILE E 115 -6.70 29.87 21.71
N LYS E 116 -5.61 29.63 20.97
CA LYS E 116 -4.52 30.58 20.97
C LYS E 116 -4.87 31.88 20.27
N ASP E 117 -5.86 31.84 19.37
CA ASP E 117 -6.28 33.04 18.66
C ASP E 117 -7.23 33.91 19.47
N SER E 118 -7.62 33.49 20.65
CA SER E 118 -8.58 34.25 21.44
C SER E 118 -7.91 35.45 22.09
N GLU E 119 -8.69 36.49 22.34
CA GLU E 119 -8.14 37.74 22.85
C GLU E 119 -7.71 37.60 24.32
N LYS E 120 -8.54 36.95 25.13
CA LYS E 120 -8.17 36.77 26.53
C LYS E 120 -6.90 35.94 26.67
N PHE E 121 -6.62 35.08 25.70
CA PHE E 121 -5.43 34.23 25.79
C PHE E 121 -4.16 35.03 25.56
N LYS E 122 -4.23 36.11 24.81
CA LYS E 122 -3.03 36.85 24.45
C LYS E 122 -2.36 37.44 25.69
N ASN E 123 -3.15 38.04 26.57
CA ASN E 123 -2.65 38.69 27.78
C ASN E 123 -2.58 37.74 28.96
N LEU E 124 -2.82 36.45 28.74
CA LEU E 124 -2.85 35.49 29.83
C LEU E 124 -1.45 35.26 30.39
N PHE E 125 -0.47 35.06 29.53
CA PHE E 125 0.87 34.71 29.95
C PHE E 125 1.86 35.88 29.94
N ASN E 126 1.42 37.09 29.62
CA ASN E 126 2.35 38.21 29.51
C ASN E 126 2.10 39.24 30.59
N GLN E 127 2.88 40.32 30.53
CA GLN E 127 2.87 41.33 31.59
C GLN E 127 1.61 42.16 31.57
N ASN E 128 0.95 42.25 30.41
CA ASN E 128 -0.25 43.07 30.30
C ASN E 128 -1.39 42.54 31.14
N LEU E 129 -1.26 41.34 31.70
CA LEU E 129 -2.33 40.78 32.53
C LEU E 129 -2.56 41.62 33.76
N ILE E 130 -1.49 41.90 34.51
CA ILE E 130 -1.59 42.72 35.70
C ILE E 130 -1.31 44.18 35.40
N ASP E 131 -0.83 44.49 34.21
CA ASP E 131 -0.40 45.83 33.85
C ASP E 131 -1.40 46.47 32.91
N ALA E 132 -1.49 47.80 32.99
CA ALA E 132 -2.39 48.56 32.14
C ALA E 132 -1.68 48.95 30.86
N LYS E 133 -2.31 48.73 29.71
CA LYS E 133 -1.74 49.13 28.44
C LYS E 133 -2.22 50.55 28.16
N LYS E 134 -1.29 51.51 28.23
CA LYS E 134 -1.65 52.92 28.04
C LYS E 134 -2.80 53.27 28.97
N GLY E 135 -3.95 53.60 28.41
CA GLY E 135 -5.12 53.93 29.19
C GLY E 135 -5.86 52.76 29.83
N GLN E 136 -6.09 51.70 29.05
CA GLN E 136 -7.06 50.69 29.44
C GLN E 136 -6.63 49.94 30.70
N GLU E 137 -7.62 49.58 31.52
CA GLU E 137 -7.39 48.85 32.76
C GLU E 137 -7.02 47.39 32.49
N SER E 138 -6.47 46.75 33.51
CA SER E 138 -5.97 45.38 33.38
C SER E 138 -7.10 44.37 33.18
N ASP E 139 -6.86 43.40 32.29
CA ASP E 139 -7.85 42.37 32.00
C ASP E 139 -8.23 41.60 33.26
N LEU E 140 -7.24 41.20 34.06
CA LEU E 140 -7.54 40.47 35.28
C LEU E 140 -8.29 41.36 36.28
N ILE E 141 -7.83 42.60 36.44
CA ILE E 141 -8.51 43.52 37.34
C ILE E 141 -9.93 43.77 36.85
N LEU E 142 -10.09 43.99 35.55
CA LEU E 142 -11.42 44.20 35.00
C LEU E 142 -12.31 43.00 35.28
N TRP E 143 -11.78 41.80 35.06
CA TRP E 143 -12.57 40.60 35.29
C TRP E 143 -12.99 40.49 36.74
N LEU E 144 -12.06 40.74 37.67
CA LEU E 144 -12.43 40.75 39.08
C LEU E 144 -13.48 41.81 39.37
N LYS E 145 -13.32 43.00 38.79
CA LYS E 145 -14.30 44.05 38.98
C LYS E 145 -15.65 43.65 38.39
N GLN E 146 -15.64 43.15 37.16
CA GLN E 146 -16.88 42.69 36.54
C GLN E 146 -17.58 41.65 37.41
N SER E 147 -16.82 40.70 37.95
CA SER E 147 -17.43 39.66 38.77
C SER E 147 -17.94 40.22 40.08
N LYS E 148 -17.33 41.29 40.57
CA LYS E 148 -17.84 41.92 41.79
C LYS E 148 -19.12 42.69 41.50
N ASP E 149 -19.18 43.36 40.36
CA ASP E 149 -20.39 44.08 39.99
C ASP E 149 -21.56 43.11 39.83
N ASN E 150 -21.30 41.93 39.27
CA ASN E 150 -22.33 40.91 39.12
C ASN E 150 -22.69 40.24 40.42
N GLY E 151 -22.01 40.56 41.52
CA GLY E 151 -22.34 39.94 42.79
C GLY E 151 -21.87 38.52 42.95
N ILE E 152 -21.03 38.02 42.03
CA ILE E 152 -20.48 36.67 42.15
C ILE E 152 -19.29 36.71 43.10
N GLU E 153 -19.28 35.81 44.06
CA GLU E 153 -18.18 35.70 45.00
C GLU E 153 -17.30 34.54 44.55
N LEU E 154 -16.15 34.86 43.98
CA LEU E 154 -15.27 33.82 43.45
C LEU E 154 -14.45 33.18 44.56
N PHE E 155 -13.96 33.99 45.48
CA PHE E 155 -12.99 33.56 46.48
C PHE E 155 -13.64 33.10 47.77
N LYS E 156 -14.97 32.98 47.80
CA LYS E 156 -15.64 32.41 48.97
C LYS E 156 -15.03 31.07 49.35
N ALA E 157 -14.60 30.28 48.36
CA ALA E 157 -13.99 29.00 48.66
C ALA E 157 -12.61 29.18 49.30
N ASN E 158 -11.81 30.11 48.77
CA ASN E 158 -10.43 30.27 49.22
C ASN E 158 -10.38 30.97 50.57
N SER E 159 -9.64 30.37 51.51
CA SER E 159 -9.53 30.95 52.83
C SER E 159 -8.56 32.13 52.84
N ASP E 160 -7.50 32.05 52.04
CA ASP E 160 -6.47 33.10 52.07
C ASP E 160 -7.05 34.44 51.65
N ILE E 161 -7.83 34.46 50.57
CA ILE E 161 -8.41 35.68 50.05
C ILE E 161 -9.79 35.86 50.65
N THR E 162 -10.02 36.98 51.33
CA THR E 162 -11.30 37.20 51.98
C THR E 162 -12.38 37.53 50.96
N ASP E 163 -12.30 38.70 50.34
CA ASP E 163 -13.27 39.10 49.33
C ASP E 163 -12.57 39.67 48.11
N ILE E 164 -13.38 40.04 47.12
CA ILE E 164 -12.83 40.48 45.84
C ILE E 164 -11.99 41.72 46.00
N ASP E 165 -12.29 42.55 47.00
CA ASP E 165 -11.51 43.74 47.21
C ASP E 165 -10.06 43.39 47.51
N GLU E 166 -9.83 42.46 48.44
CA GLU E 166 -8.47 42.08 48.78
C GLU E 166 -7.74 41.54 47.57
N ALA E 167 -8.38 40.65 46.81
CA ALA E 167 -7.76 40.13 45.60
C ALA E 167 -7.38 41.26 44.66
N LEU E 168 -8.26 42.26 44.53
CA LEU E 168 -7.94 43.41 43.69
C LEU E 168 -6.68 44.11 44.18
N GLU E 169 -6.55 44.27 45.49
CA GLU E 169 -5.36 44.92 46.03
C GLU E 169 -4.12 44.06 45.81
N ILE E 170 -4.24 42.76 46.05
CA ILE E 170 -3.12 41.86 45.78
C ILE E 170 -2.66 42.03 44.35
N ILE E 171 -3.60 42.00 43.41
CA ILE E 171 -3.22 42.15 42.00
C ILE E 171 -2.65 43.54 41.74
N LYS E 172 -3.16 44.56 42.43
CA LYS E 172 -2.68 45.90 42.14
C LYS E 172 -1.27 46.11 42.67
N SER E 173 -0.92 45.46 43.79
CA SER E 173 0.42 45.67 44.35
C SER E 173 1.50 45.13 43.42
N PHE E 174 1.15 44.21 42.53
CA PHE E 174 2.11 43.61 41.63
C PHE E 174 2.21 44.34 40.29
N LYS E 175 1.60 45.51 40.18
CA LYS E 175 1.50 46.19 38.88
C LYS E 175 2.87 46.39 38.23
N GLY E 176 3.91 46.68 39.00
CA GLY E 176 5.20 46.89 38.37
C GLY E 176 6.09 45.67 38.47
N TRP E 177 5.61 44.66 39.19
CA TRP E 177 6.40 43.52 39.61
C TRP E 177 6.23 42.30 38.72
N THR E 178 5.63 42.45 37.53
CA THR E 178 5.22 41.30 36.72
C THR E 178 6.32 40.26 36.51
N THR E 179 7.59 40.62 36.70
CA THR E 179 8.63 39.60 36.61
C THR E 179 8.49 38.52 37.69
N TYR E 180 7.79 38.82 38.79
CA TYR E 180 7.54 37.82 39.82
C TYR E 180 6.82 36.61 39.26
N PHE E 181 5.99 36.80 38.25
CA PHE E 181 5.17 35.74 37.69
C PHE E 181 5.78 35.04 36.49
N LYS E 182 7.00 35.41 36.09
CA LYS E 182 7.54 34.90 34.85
C LYS E 182 7.63 33.38 34.84
N GLY E 183 8.20 32.80 35.91
CA GLY E 183 8.28 31.34 35.98
C GLY E 183 6.91 30.71 36.09
N PHE E 184 6.03 31.32 36.89
CA PHE E 184 4.66 30.85 37.00
C PHE E 184 4.00 30.73 35.63
N HIS E 185 4.04 31.81 34.84
CA HIS E 185 3.40 31.79 33.54
C HIS E 185 3.94 30.68 32.65
N GLU E 186 5.25 30.44 32.70
CA GLU E 186 5.83 29.34 31.91
C GLU E 186 5.13 28.03 32.20
N ASN E 187 4.95 27.69 33.47
CA ASN E 187 4.34 26.41 33.82
C ASN E 187 2.90 26.32 33.31
N ARG E 188 2.17 27.42 33.36
CA ARG E 188 0.77 27.38 32.91
C ARG E 188 0.66 27.19 31.40
N LYS E 189 1.73 27.47 30.64
CA LYS E 189 1.70 27.11 29.23
C LYS E 189 1.46 25.62 29.04
N ASN E 190 2.03 24.80 29.94
CA ASN E 190 1.82 23.36 29.87
C ASN E 190 0.35 22.99 29.95
N VAL E 191 -0.46 23.79 30.63
CA VAL E 191 -1.89 23.50 30.74
C VAL E 191 -2.55 23.51 29.37
N TYR E 192 -2.08 24.35 28.47
CA TYR E 192 -2.69 24.51 27.17
C TYR E 192 -1.96 23.74 26.07
N SER E 193 -0.95 22.95 26.42
CA SER E 193 -0.11 22.30 25.42
C SER E 193 -0.81 21.11 24.79
N SER E 194 -0.41 20.81 23.55
CA SER E 194 -0.82 19.61 22.84
C SER E 194 0.11 18.43 23.08
N ASN E 195 1.06 18.57 24.00
CA ASN E 195 2.11 17.59 24.20
C ASN E 195 1.58 16.40 25.02
N ASP E 196 2.50 15.53 25.44
CA ASP E 196 2.19 14.30 26.13
C ASP E 196 1.97 14.49 27.63
N ILE E 197 2.07 15.71 28.14
CA ILE E 197 2.02 15.89 29.60
C ILE E 197 0.60 15.62 30.09
N PRO E 198 0.43 14.89 31.19
CA PRO E 198 -0.93 14.57 31.65
C PRO E 198 -1.72 15.78 32.11
N THR E 199 -1.08 16.91 32.41
CA THR E 199 -1.82 18.09 32.83
C THR E 199 -1.94 19.02 31.65
N SER E 200 -3.10 19.00 31.02
CA SER E 200 -3.43 19.91 29.93
C SER E 200 -4.94 19.90 29.78
N ILE E 201 -5.48 20.98 29.21
CA ILE E 201 -6.91 20.95 28.93
C ILE E 201 -7.18 20.07 27.72
N ILE E 202 -6.33 20.16 26.71
CA ILE E 202 -6.53 19.39 25.49
C ILE E 202 -6.29 17.91 25.76
N TYR E 203 -5.21 17.60 26.46
CA TYR E 203 -4.89 16.20 26.75
C TYR E 203 -6.02 15.52 27.49
N ARG E 204 -6.63 16.20 28.46
CA ARG E 204 -7.71 15.57 29.19
C ARG E 204 -8.95 15.41 28.32
N ILE E 205 -9.20 16.37 27.44
CA ILE E 205 -10.38 16.29 26.57
C ILE E 205 -10.26 15.12 25.62
N VAL E 206 -9.19 15.09 24.81
CA VAL E 206 -9.09 14.06 23.79
C VAL E 206 -8.56 12.75 24.35
N ASP E 207 -7.48 12.79 25.16
CA ASP E 207 -6.83 11.55 25.54
C ASP E 207 -7.61 10.83 26.64
N ASP E 208 -8.32 11.58 27.49
CA ASP E 208 -9.02 10.99 28.61
C ASP E 208 -10.53 10.97 28.40
N ASN E 209 -11.17 12.14 28.29
CA ASN E 209 -12.63 12.17 28.28
C ASN E 209 -13.23 11.51 27.04
N LEU E 210 -12.62 11.73 25.87
CA LEU E 210 -13.23 11.24 24.65
C LEU E 210 -13.34 9.72 24.59
N PRO E 211 -12.29 8.93 24.88
CA PRO E 211 -12.48 7.47 24.88
C PRO E 211 -13.59 7.01 25.81
N LYS E 212 -13.63 7.57 27.02
CA LYS E 212 -14.73 7.27 27.91
C LYS E 212 -16.07 7.64 27.27
N PHE E 213 -16.10 8.75 26.54
CA PHE E 213 -17.34 9.15 25.86
C PHE E 213 -17.70 8.16 24.77
N LEU E 214 -16.73 7.69 24.00
CA LEU E 214 -17.01 6.72 22.95
C LEU E 214 -17.62 5.46 23.53
N GLU E 215 -17.00 4.91 24.58
CA GLU E 215 -17.58 3.76 25.25
C GLU E 215 -18.97 4.08 25.76
N ASN E 216 -19.17 5.28 26.30
CA ASN E 216 -20.47 5.63 26.87
C ASN E 216 -21.56 5.59 25.81
N LYS E 217 -21.32 6.19 24.65
CA LYS E 217 -22.34 6.14 23.60
C LYS E 217 -22.55 4.73 23.10
N ALA E 218 -21.45 4.00 22.85
CA ALA E 218 -21.57 2.61 22.41
C ALA E 218 -22.39 1.80 23.40
N LYS E 219 -22.18 2.04 24.70
CA LYS E 219 -23.01 1.37 25.68
C LYS E 219 -24.45 1.86 25.63
N TYR E 220 -24.65 3.12 25.24
CA TYR E 220 -26.00 3.66 25.16
C TYR E 220 -26.80 2.97 24.07
N GLU E 221 -26.21 2.86 22.88
CA GLU E 221 -26.93 2.24 21.77
C GLU E 221 -27.10 0.75 21.98
N SER E 222 -26.06 0.06 22.47
CA SER E 222 -26.21 -1.35 22.79
C SER E 222 -27.27 -1.57 23.86
N LEU E 223 -27.31 -0.70 24.87
CA LEU E 223 -28.34 -0.82 25.89
C LEU E 223 -29.72 -0.57 25.31
N LYS E 224 -29.87 0.50 24.54
CA LYS E 224 -31.18 0.82 23.98
C LYS E 224 -31.67 -0.29 23.06
N ASP E 225 -30.75 -0.90 22.30
CA ASP E 225 -31.14 -1.99 21.42
C ASP E 225 -31.57 -3.22 22.20
N LYS E 226 -30.73 -3.67 23.13
CA LYS E 226 -31.00 -4.89 23.89
C LYS E 226 -32.00 -4.69 25.01
N ALA E 227 -32.17 -3.46 25.50
CA ALA E 227 -33.10 -3.17 26.60
C ALA E 227 -33.80 -1.85 26.34
N PRO E 228 -34.73 -1.81 25.40
CA PRO E 228 -35.34 -0.53 25.01
C PRO E 228 -36.05 0.18 26.14
N GLU E 229 -36.68 -0.56 27.06
CA GLU E 229 -37.47 0.03 28.12
C GLU E 229 -36.66 0.30 29.38
N ALA E 230 -35.35 0.10 29.33
CA ALA E 230 -34.51 0.29 30.51
C ALA E 230 -34.63 1.71 31.06
N ILE E 231 -34.50 2.69 30.21
CA ILE E 231 -34.52 4.10 30.62
C ILE E 231 -35.93 4.63 30.51
N ASN E 232 -36.37 5.38 31.52
CA ASN E 232 -37.63 6.10 31.42
C ASN E 232 -37.31 7.47 30.87
N TYR E 233 -37.69 7.71 29.62
CA TYR E 233 -37.28 8.92 28.93
C TYR E 233 -38.08 10.12 29.40
N GLU E 234 -39.37 9.94 29.65
CA GLU E 234 -40.18 11.03 30.15
C GLU E 234 -39.73 11.44 31.55
N GLN E 235 -39.46 10.47 32.43
CA GLN E 235 -39.09 10.80 33.80
C GLN E 235 -37.71 11.43 33.86
N ILE E 236 -36.75 10.88 33.12
CA ILE E 236 -35.42 11.46 33.12
C ILE E 236 -35.47 12.87 32.54
N LYS E 237 -36.40 13.12 31.64
CA LYS E 237 -36.63 14.47 31.17
C LYS E 237 -37.16 15.34 32.30
N LYS E 238 -37.97 14.75 33.17
CA LYS E 238 -38.65 15.53 34.19
C LYS E 238 -37.69 15.88 35.33
N ASP E 239 -36.88 14.90 35.76
CA ASP E 239 -36.02 15.13 36.92
C ASP E 239 -34.84 15.99 36.58
N LEU E 240 -34.13 15.67 35.49
CA LEU E 240 -32.84 16.25 35.18
C LEU E 240 -32.92 17.45 34.24
N ALA E 241 -34.13 17.96 33.99
CA ALA E 241 -34.31 19.01 32.98
C ALA E 241 -33.29 20.12 33.11
N GLU E 242 -32.98 20.53 34.35
CA GLU E 242 -32.00 21.59 34.54
C GLU E 242 -30.68 21.22 33.88
N GLU E 243 -30.27 19.96 34.00
CA GLU E 243 -29.03 19.53 33.37
C GLU E 243 -29.22 19.31 31.88
N LEU E 244 -30.43 18.96 31.46
CA LEU E 244 -30.63 18.65 30.05
C LEU E 244 -30.62 19.88 29.17
N THR E 245 -30.83 21.07 29.74
CA THR E 245 -30.88 22.27 28.93
C THR E 245 -29.49 22.62 28.39
N PHE E 246 -29.41 22.91 27.09
CA PHE E 246 -28.14 23.22 26.45
C PHE E 246 -28.32 24.37 25.47
N ASP E 247 -27.24 25.13 25.29
CA ASP E 247 -27.30 26.37 24.51
C ASP E 247 -27.27 26.10 23.01
N ILE E 248 -26.35 25.26 22.55
CA ILE E 248 -26.15 25.02 21.13
C ILE E 248 -26.15 23.52 20.86
N ASP E 249 -26.76 23.12 19.75
CA ASP E 249 -26.83 21.73 19.33
C ASP E 249 -25.80 21.55 18.21
N TYR E 250 -24.75 20.77 18.49
CA TYR E 250 -23.63 20.68 17.57
C TYR E 250 -23.93 19.75 16.39
N LYS E 251 -24.81 18.77 16.57
CA LYS E 251 -25.17 17.88 15.46
C LYS E 251 -25.84 18.66 14.34
N THR E 252 -26.88 19.43 14.68
CA THR E 252 -27.62 20.21 13.70
C THR E 252 -27.07 21.60 13.51
N SER E 253 -26.09 22.01 14.32
CA SER E 253 -25.51 23.36 14.28
C SER E 253 -26.57 24.44 14.48
N GLU E 254 -27.68 24.10 15.13
CA GLU E 254 -28.74 25.04 15.42
C GLU E 254 -28.62 25.49 16.87
N VAL E 255 -28.80 26.79 17.11
CA VAL E 255 -28.56 27.38 18.42
C VAL E 255 -29.90 27.74 19.05
N ASN E 256 -30.28 26.99 20.08
CA ASN E 256 -31.43 27.33 20.91
C ASN E 256 -31.24 26.69 22.28
N GLN E 257 -31.85 27.29 23.29
CA GLN E 257 -31.82 26.75 24.65
C GLN E 257 -33.13 26.01 24.91
N ARG E 258 -33.03 24.69 25.08
CA ARG E 258 -34.18 23.83 25.26
C ARG E 258 -33.76 22.55 25.94
N VAL E 259 -34.74 21.86 26.51
CA VAL E 259 -34.49 20.50 26.99
C VAL E 259 -34.11 19.63 25.81
N PHE E 260 -33.12 18.77 26.00
CA PHE E 260 -32.59 17.96 24.92
C PHE E 260 -33.04 16.51 25.06
N SER E 261 -33.20 15.86 23.91
CA SER E 261 -33.56 14.45 23.90
C SER E 261 -32.37 13.61 24.36
N LEU E 262 -32.67 12.55 25.10
CA LEU E 262 -31.61 11.66 25.56
C LEU E 262 -30.87 11.04 24.39
N ASP E 263 -31.52 10.94 23.22
CA ASP E 263 -30.81 10.51 22.02
C ASP E 263 -29.88 11.59 21.53
N GLU E 264 -30.31 12.86 21.59
CA GLU E 264 -29.45 13.95 21.14
C GLU E 264 -28.21 14.07 22.00
N VAL E 265 -28.37 14.00 23.32
CA VAL E 265 -27.24 14.24 24.21
C VAL E 265 -26.16 13.19 24.02
N PHE E 266 -26.50 12.03 23.50
CA PHE E 266 -25.52 10.99 23.29
C PHE E 266 -24.99 10.95 21.87
N GLU E 267 -25.37 11.90 21.03
CA GLU E 267 -24.88 11.90 19.66
C GLU E 267 -23.39 12.23 19.63
N ILE E 268 -22.65 11.54 18.75
CA ILE E 268 -21.21 11.79 18.61
C ILE E 268 -20.95 13.26 18.31
N ALA E 269 -21.67 13.80 17.32
CA ALA E 269 -21.45 15.17 16.91
C ALA E 269 -21.64 16.17 18.05
N ASN E 270 -22.37 15.79 19.09
CA ASN E 270 -22.68 16.70 20.19
C ASN E 270 -21.66 16.64 21.30
N PHE E 271 -20.55 15.91 21.13
CA PHE E 271 -19.53 15.81 22.16
C PHE E 271 -19.06 17.17 22.62
N ASN E 272 -19.28 18.20 21.81
CA ASN E 272 -18.75 19.52 22.15
C ASN E 272 -19.55 20.22 23.24
N ASN E 273 -20.79 19.80 23.50
CA ASN E 273 -21.52 20.38 24.62
C ASN E 273 -20.85 20.00 25.93
N TYR E 274 -20.31 18.80 26.02
CA TYR E 274 -19.43 18.37 27.09
C TYR E 274 -18.03 18.84 26.71
N LEU E 275 -16.99 18.34 27.38
CA LEU E 275 -15.58 18.74 27.27
C LEU E 275 -15.32 20.03 28.03
N ASN E 276 -16.35 20.73 28.48
CA ASN E 276 -16.25 21.92 29.30
C ASN E 276 -16.86 21.65 30.67
N GLN E 277 -16.36 22.36 31.69
CA GLN E 277 -16.70 22.04 33.07
C GLN E 277 -18.21 22.03 33.29
N SER E 278 -18.90 23.06 32.79
CA SER E 278 -20.35 23.06 32.91
C SER E 278 -20.94 21.86 32.18
N GLY E 279 -20.52 21.63 30.94
CA GLY E 279 -21.02 20.49 30.21
C GLY E 279 -20.65 19.17 30.86
N ILE E 280 -19.43 19.08 31.39
CA ILE E 280 -19.02 17.84 32.05
C ILE E 280 -19.94 17.54 33.22
N THR E 281 -20.22 18.56 34.04
CA THR E 281 -21.11 18.37 35.17
C THR E 281 -22.47 17.87 34.72
N LYS E 282 -23.02 18.48 33.66
CA LYS E 282 -24.33 18.08 33.17
C LYS E 282 -24.30 16.65 32.68
N PHE E 283 -23.36 16.32 31.81
CA PHE E 283 -23.27 14.96 31.29
C PHE E 283 -23.13 13.96 32.42
N ASN E 284 -22.22 14.22 33.36
CA ASN E 284 -22.04 13.31 34.47
C ASN E 284 -23.33 13.16 35.26
N THR E 285 -24.04 14.25 35.50
CA THR E 285 -25.31 14.15 36.22
C THR E 285 -26.30 13.28 35.45
N ILE E 286 -26.36 13.47 34.14
CA ILE E 286 -27.25 12.64 33.33
C ILE E 286 -26.92 11.17 33.50
N ILE E 287 -25.64 10.84 33.53
CA ILE E 287 -25.24 9.44 33.65
C ILE E 287 -25.65 8.90 35.01
N GLY E 288 -25.29 9.60 36.08
CA GLY E 288 -25.41 9.04 37.40
C GLY E 288 -26.57 9.51 38.24
N GLY E 289 -27.23 10.59 37.84
CA GLY E 289 -28.29 11.18 38.63
C GLY E 289 -27.80 12.35 39.46
N LYS E 290 -28.71 12.92 40.24
CA LYS E 290 -28.40 14.09 41.04
C LYS E 290 -29.13 14.02 42.37
N PHE E 291 -28.70 14.86 43.29
CA PHE E 291 -29.31 15.01 44.61
C PHE E 291 -29.92 16.40 44.72
N VAL E 292 -31.15 16.46 45.22
CA VAL E 292 -31.83 17.72 45.46
C VAL E 292 -32.16 17.81 46.94
N ASN E 293 -32.09 19.03 47.50
CA ASN E 293 -32.18 19.21 48.94
C ASN E 293 -33.47 18.61 49.52
N GLY E 294 -34.57 18.71 48.78
CA GLY E 294 -35.85 18.30 49.35
C GLY E 294 -36.13 16.83 49.23
N GLU E 295 -35.59 16.18 48.19
CA GLU E 295 -36.07 14.85 47.82
C GLU E 295 -35.74 13.81 48.89
N ASN E 296 -34.53 13.84 49.43
CA ASN E 296 -33.98 12.85 50.36
C ASN E 296 -33.69 11.52 49.66
N THR E 297 -34.03 11.38 48.39
CA THR E 297 -33.62 10.25 47.57
C THR E 297 -33.03 10.76 46.26
N LYS E 298 -32.17 9.97 45.65
CA LYS E 298 -31.44 10.41 44.47
C LYS E 298 -32.31 10.30 43.23
N ARG E 299 -32.34 11.36 42.43
CA ARG E 299 -33.01 11.29 41.14
C ARG E 299 -32.27 10.31 40.23
N LYS E 300 -33.02 9.42 39.60
CA LYS E 300 -32.38 8.37 38.82
C LYS E 300 -31.67 8.95 37.61
N GLY E 301 -30.47 8.44 37.33
CA GLY E 301 -29.80 8.66 36.07
C GLY E 301 -29.83 7.42 35.20
N ILE E 302 -29.29 7.57 33.99
CA ILE E 302 -29.28 6.47 33.04
C ILE E 302 -28.71 5.21 33.69
N ASN E 303 -27.60 5.37 34.42
CA ASN E 303 -26.97 4.21 35.05
C ASN E 303 -27.89 3.57 36.07
N GLU E 304 -28.54 4.37 36.92
CA GLU E 304 -29.43 3.77 37.88
C GLU E 304 -30.63 3.12 37.21
N TYR E 305 -31.07 3.66 36.07
CA TYR E 305 -32.11 2.99 35.31
C TYR E 305 -31.64 1.62 34.85
N ILE E 306 -30.38 1.51 34.44
CA ILE E 306 -29.84 0.20 34.07
C ILE E 306 -29.84 -0.72 35.28
N ASN E 307 -29.38 -0.21 36.42
CA ASN E 307 -29.35 -1.02 37.63
C ASN E 307 -30.76 -1.46 38.03
N LEU E 308 -31.69 -0.52 38.09
CA LEU E 308 -33.06 -0.84 38.48
C LEU E 308 -33.70 -1.82 37.52
N TYR E 309 -33.52 -1.62 36.22
CA TYR E 309 -34.06 -2.56 35.25
C TYR E 309 -33.44 -3.94 35.40
N SER E 310 -32.18 -4.00 35.81
CA SER E 310 -31.55 -5.30 36.04
C SER E 310 -32.21 -6.04 37.18
N GLN E 311 -32.69 -5.31 38.20
CA GLN E 311 -33.34 -5.98 39.33
C GLN E 311 -34.60 -6.71 38.90
N GLN E 312 -35.37 -6.11 38.00
CA GLN E 312 -36.67 -6.67 37.63
C GLN E 312 -36.50 -8.00 36.92
N ILE E 313 -35.70 -8.04 35.86
CA ILE E 313 -35.51 -9.27 35.10
C ILE E 313 -34.40 -10.14 35.68
N ASN E 314 -33.68 -9.66 36.69
CA ASN E 314 -32.54 -10.38 37.28
C ASN E 314 -31.52 -10.70 36.18
N ASP E 315 -31.20 -9.68 35.40
CA ASP E 315 -30.31 -9.81 34.25
C ASP E 315 -29.03 -9.06 34.55
N LYS E 316 -27.94 -9.80 34.70
CA LYS E 316 -26.64 -9.20 34.96
C LYS E 316 -25.94 -8.73 33.70
N THR E 317 -26.43 -9.11 32.52
CA THR E 317 -25.83 -8.63 31.29
C THR E 317 -25.93 -7.11 31.17
N LEU E 318 -26.98 -6.52 31.75
CA LEU E 318 -27.18 -5.09 31.59
C LEU E 318 -26.15 -4.25 32.33
N LYS E 319 -25.69 -4.73 33.49
CA LYS E 319 -24.68 -3.97 34.22
C LYS E 319 -23.39 -3.83 33.43
N LYS E 320 -23.13 -4.75 32.49
CA LYS E 320 -22.04 -4.56 31.55
C LYS E 320 -22.22 -3.29 30.72
N TYR E 321 -23.44 -2.78 30.64
CA TYR E 321 -23.74 -1.60 29.82
C TYR E 321 -23.74 -0.30 30.61
N LYS E 322 -23.50 -0.34 31.91
CA LYS E 322 -23.35 0.89 32.67
C LYS E 322 -22.10 1.65 32.23
N MET E 323 -22.16 2.97 32.28
CA MET E 323 -21.18 3.82 31.62
C MET E 323 -20.40 4.67 32.61
N SER E 324 -19.10 4.80 32.34
CA SER E 324 -18.19 5.50 33.24
C SER E 324 -18.34 7.01 33.08
N VAL E 325 -17.99 7.72 34.14
CA VAL E 325 -18.18 9.16 34.22
C VAL E 325 -17.05 9.88 33.50
N LEU E 326 -17.36 11.02 32.89
CA LEU E 326 -16.33 11.85 32.27
C LEU E 326 -15.43 12.44 33.34
N PHE E 327 -14.14 12.56 33.02
CA PHE E 327 -13.19 13.05 34.01
C PHE E 327 -13.40 14.54 34.28
N LYS E 328 -13.14 14.93 35.53
CA LYS E 328 -13.26 16.32 35.91
C LYS E 328 -12.27 17.18 35.11
N GLN E 329 -12.71 18.39 34.77
CA GLN E 329 -11.87 19.28 33.97
C GLN E 329 -10.68 19.78 34.78
N ILE E 330 -9.62 20.12 34.06
CA ILE E 330 -8.40 20.60 34.69
C ILE E 330 -8.66 21.95 35.35
N LEU E 331 -7.88 22.27 36.38
CA LEU E 331 -7.93 23.50 37.14
C LEU E 331 -9.25 23.73 37.85
N SER E 332 -10.23 22.84 37.68
CA SER E 332 -11.51 22.94 38.37
C SER E 332 -11.35 22.59 39.85
N ASP E 333 -12.28 23.06 40.66
CA ASP E 333 -12.22 22.85 42.11
C ASP E 333 -12.96 21.59 42.50
N ASP E 342 -0.27 19.01 48.90
CA ASP E 342 0.33 20.25 49.38
C ASP E 342 1.54 19.99 50.27
N LYS E 343 1.72 20.84 51.28
CA LYS E 343 2.81 20.75 52.23
C LYS E 343 2.23 20.60 53.63
N LEU E 344 2.86 19.77 54.44
CA LEU E 344 2.37 19.44 55.78
C LEU E 344 3.27 20.14 56.79
N GLU E 345 2.72 21.13 57.49
CA GLU E 345 3.51 21.94 58.40
C GLU E 345 3.45 21.51 59.86
N ASP E 346 2.62 20.53 60.21
CA ASP E 346 2.47 20.19 61.62
C ASP E 346 1.88 18.80 61.77
N ASP E 347 1.79 18.35 63.02
CA ASP E 347 1.19 17.06 63.30
C ASP E 347 -0.28 17.05 62.90
N SER E 348 -0.96 18.17 63.10
CA SER E 348 -2.39 18.23 62.77
C SER E 348 -2.61 17.97 61.30
N ASP E 349 -1.73 18.48 60.44
CA ASP E 349 -1.88 18.25 59.01
C ASP E 349 -1.70 16.77 58.68
N VAL E 350 -0.72 16.13 59.29
CA VAL E 350 -0.52 14.70 59.07
C VAL E 350 -1.75 13.93 59.50
N VAL E 351 -2.19 14.16 60.73
CA VAL E 351 -3.30 13.39 61.28
C VAL E 351 -4.56 13.64 60.48
N THR E 352 -4.90 14.90 60.26
CA THR E 352 -6.15 15.22 59.60
C THR E 352 -6.17 14.71 58.17
N THR E 353 -5.09 14.94 57.43
CA THR E 353 -5.06 14.49 56.04
C THR E 353 -5.17 12.98 55.95
N MET E 354 -4.33 12.28 56.73
CA MET E 354 -4.37 10.83 56.72
C MET E 354 -5.74 10.31 57.15
N GLN E 355 -6.26 10.85 58.25
CA GLN E 355 -7.57 10.40 58.74
C GLN E 355 -8.67 10.74 57.76
N SER E 356 -8.57 11.90 57.11
CA SER E 356 -9.55 12.25 56.09
C SER E 356 -9.53 11.25 54.95
N PHE E 357 -8.34 10.84 54.50
CA PHE E 357 -8.24 9.90 53.39
C PHE E 357 -8.82 8.55 53.77
N TYR E 358 -8.42 8.01 54.92
CA TYR E 358 -8.89 6.70 55.30
C TYR E 358 -10.38 6.69 55.60
N GLU E 359 -10.93 7.79 56.12
CA GLU E 359 -12.37 7.88 56.23
C GLU E 359 -13.03 7.86 54.86
N GLN E 360 -12.38 8.48 53.86
CA GLN E 360 -12.96 8.54 52.53
C GLN E 360 -13.10 7.14 51.94
N ILE E 361 -12.03 6.35 51.96
CA ILE E 361 -12.11 5.01 51.40
C ILE E 361 -13.14 4.18 52.16
N ALA E 362 -13.20 4.34 53.48
CA ALA E 362 -14.18 3.59 54.25
C ALA E 362 -15.60 4.00 53.86
N ALA E 363 -15.82 5.28 53.62
CA ALA E 363 -17.16 5.78 53.33
C ALA E 363 -17.51 5.72 51.84
N PHE E 364 -16.62 5.24 50.99
CA PHE E 364 -16.85 5.28 49.56
C PHE E 364 -17.94 4.30 49.14
N LYS E 365 -18.69 4.67 48.11
CA LYS E 365 -19.78 3.86 47.59
C LYS E 365 -19.53 3.59 46.11
N THR E 366 -19.40 2.32 45.76
CA THR E 366 -18.99 1.93 44.41
C THR E 366 -20.16 2.02 43.43
N VAL E 367 -19.86 1.70 42.16
CA VAL E 367 -20.93 1.55 41.18
C VAL E 367 -21.87 0.44 41.59
N GLU E 368 -21.33 -0.64 42.14
CA GLU E 368 -22.10 -1.75 42.65
C GLU E 368 -22.78 -1.43 43.98
N GLU E 369 -22.57 -0.24 44.52
CA GLU E 369 -23.24 0.27 45.72
C GLU E 369 -22.83 -0.49 46.97
N LYS E 370 -21.65 -1.08 46.98
CA LYS E 370 -21.13 -1.76 48.16
C LYS E 370 -19.79 -1.12 48.54
N SER E 371 -19.24 -1.57 49.66
CA SER E 371 -17.96 -1.05 50.10
C SER E 371 -16.87 -1.44 49.12
N ILE E 372 -15.79 -0.66 49.10
CA ILE E 372 -14.69 -0.98 48.20
C ILE E 372 -14.19 -2.39 48.47
N LYS E 373 -14.08 -2.75 49.75
CA LYS E 373 -13.65 -4.10 50.09
C LYS E 373 -14.61 -5.14 49.51
N GLU E 374 -15.90 -4.97 49.78
CA GLU E 374 -16.87 -5.94 49.29
C GLU E 374 -16.93 -5.93 47.77
N THR E 375 -16.81 -4.75 47.16
CA THR E 375 -16.77 -4.67 45.71
C THR E 375 -15.61 -5.48 45.16
N LEU E 376 -14.40 -5.24 45.69
CA LEU E 376 -13.25 -5.98 45.23
C LEU E 376 -13.38 -7.46 45.59
N SER E 377 -13.95 -7.77 46.76
CA SER E 377 -14.10 -9.15 47.17
C SER E 377 -15.00 -9.91 46.20
N LEU E 378 -16.21 -9.39 45.98
CA LEU E 378 -17.11 -10.00 45.00
C LEU E 378 -16.45 -10.04 43.63
N LEU E 379 -15.69 -9.00 43.30
CA LEU E 379 -15.02 -8.95 42.02
C LEU E 379 -14.03 -10.09 41.85
N PHE E 380 -13.08 -10.20 42.79
CA PHE E 380 -12.04 -11.21 42.65
C PHE E 380 -12.60 -12.62 42.85
N ASP E 381 -13.60 -12.77 43.73
CA ASP E 381 -14.27 -14.05 43.83
C ASP E 381 -14.86 -14.43 42.49
N ASP E 382 -15.47 -13.47 41.79
CA ASP E 382 -16.00 -13.74 40.46
C ASP E 382 -14.88 -14.16 39.51
N LEU E 383 -13.76 -13.45 39.54
CA LEU E 383 -12.65 -13.81 38.68
C LEU E 383 -12.18 -15.24 38.97
N LYS E 384 -12.11 -15.59 40.25
CA LYS E 384 -11.68 -16.93 40.61
C LYS E 384 -12.74 -17.96 40.24
N ALA E 385 -14.01 -17.61 40.47
CA ALA E 385 -15.13 -18.49 40.16
C ALA E 385 -15.30 -18.71 38.66
N GLN E 386 -14.51 -18.05 37.82
CA GLN E 386 -14.52 -18.15 36.37
C GLN E 386 -15.71 -17.42 35.77
N LYS E 387 -16.60 -16.83 36.58
CA LYS E 387 -17.76 -16.12 36.05
C LYS E 387 -17.34 -15.06 35.04
N LEU E 388 -16.31 -14.28 35.36
CA LEU E 388 -15.80 -13.26 34.45
C LEU E 388 -15.01 -13.91 33.31
N ASP E 389 -14.79 -13.12 32.26
CA ASP E 389 -14.07 -13.56 31.08
C ASP E 389 -12.58 -13.31 31.31
N LEU E 390 -11.81 -14.37 31.41
CA LEU E 390 -10.38 -14.24 31.62
C LEU E 390 -9.62 -13.87 30.35
N SER E 391 -10.21 -14.08 29.17
CA SER E 391 -9.57 -13.59 27.96
C SER E 391 -9.66 -12.08 27.87
N LYS E 392 -10.65 -11.48 28.52
CA LYS E 392 -10.88 -10.05 28.49
C LYS E 392 -10.30 -9.28 29.69
N ILE E 393 -9.56 -9.95 30.58
CA ILE E 393 -8.93 -9.30 31.73
C ILE E 393 -7.42 -9.52 31.64
N TYR E 394 -6.66 -8.45 31.86
CA TYR E 394 -5.25 -8.44 31.52
C TYR E 394 -4.36 -8.13 32.71
N PHE E 395 -3.15 -8.70 32.68
CA PHE E 395 -2.11 -8.41 33.64
C PHE E 395 -1.07 -7.53 32.97
N LYS E 396 -0.63 -6.48 33.66
CA LYS E 396 0.43 -5.64 33.14
C LYS E 396 1.72 -6.43 33.10
N ASN E 397 2.54 -6.16 32.08
CA ASN E 397 3.71 -6.98 31.82
C ASN E 397 4.99 -6.45 32.48
N ASP E 398 4.90 -5.40 33.29
CA ASP E 398 6.07 -4.85 33.95
C ASP E 398 6.42 -5.73 35.14
N LYS E 399 7.28 -5.22 36.02
CA LYS E 399 7.78 -5.99 37.15
C LYS E 399 6.67 -6.59 37.99
N SER E 400 5.44 -6.06 37.88
CA SER E 400 4.32 -6.59 38.65
C SER E 400 4.12 -8.08 38.40
N LEU E 401 4.16 -8.50 37.13
CA LEU E 401 3.96 -9.91 36.82
C LEU E 401 5.14 -10.74 37.31
N THR E 402 6.35 -10.22 37.16
CA THR E 402 7.52 -10.91 37.71
C THR E 402 7.38 -11.07 39.22
N ASP E 403 7.01 -10.00 39.90
CA ASP E 403 6.81 -10.07 41.35
C ASP E 403 5.71 -11.07 41.69
N LEU E 404 4.66 -11.13 40.88
CA LEU E 404 3.62 -12.13 41.09
C LEU E 404 4.21 -13.53 40.99
N SER E 405 4.97 -13.80 39.93
CA SER E 405 5.56 -15.12 39.75
C SER E 405 6.40 -15.53 40.95
N GLN E 406 7.20 -14.60 41.47
CA GLN E 406 7.99 -14.91 42.66
C GLN E 406 7.09 -15.09 43.88
N GLN E 407 6.06 -14.26 44.00
CA GLN E 407 5.22 -14.29 45.19
C GLN E 407 4.54 -15.64 45.34
N VAL E 408 3.77 -16.04 44.34
CA VAL E 408 3.00 -17.27 44.47
C VAL E 408 3.81 -18.51 44.11
N PHE E 409 4.59 -18.46 43.05
CA PHE E 409 5.25 -19.66 42.57
C PHE E 409 6.67 -19.82 43.08
N ASP E 410 7.18 -18.88 43.88
CA ASP E 410 8.51 -18.91 44.47
C ASP E 410 9.62 -18.72 43.46
N ASP E 411 9.33 -18.60 42.17
CA ASP E 411 10.34 -18.37 41.16
C ASP E 411 9.86 -17.30 40.19
N TYR E 412 10.66 -16.26 40.02
CA TYR E 412 10.25 -15.13 39.20
C TYR E 412 10.21 -15.50 37.72
N SER E 413 11.02 -16.47 37.30
CA SER E 413 11.12 -16.80 35.88
C SER E 413 10.01 -17.74 35.42
N VAL E 414 9.24 -18.31 36.33
CA VAL E 414 8.35 -19.40 35.96
C VAL E 414 7.27 -18.92 35.01
N ILE E 415 6.55 -17.86 35.40
CA ILE E 415 5.40 -17.44 34.60
C ILE E 415 5.86 -16.99 33.22
N GLY E 416 6.91 -16.16 33.17
CA GLY E 416 7.39 -15.70 31.88
C GLY E 416 7.85 -16.83 30.99
N THR E 417 8.68 -17.73 31.54
CA THR E 417 9.09 -18.91 30.79
C THR E 417 7.89 -19.69 30.30
N ALA E 418 6.87 -19.82 31.15
CA ALA E 418 5.69 -20.59 30.77
C ALA E 418 4.97 -19.95 29.59
N VAL E 419 4.65 -18.67 29.70
CA VAL E 419 3.89 -18.02 28.64
C VAL E 419 4.71 -17.96 27.35
N LEU E 420 6.01 -17.68 27.48
CA LEU E 420 6.87 -17.63 26.31
C LEU E 420 6.95 -18.99 25.63
N GLU E 421 7.18 -20.03 26.43
CA GLU E 421 7.33 -21.37 25.87
C GLU E 421 6.02 -21.88 25.28
N TYR E 422 4.89 -21.53 25.88
CA TYR E 422 3.60 -21.89 25.28
C TYR E 422 3.40 -21.19 23.95
N ILE E 423 3.72 -19.89 23.89
CA ILE E 423 3.54 -19.16 22.64
C ILE E 423 4.48 -19.68 21.57
N THR E 424 5.70 -20.08 21.95
CA THR E 424 6.63 -20.62 20.96
C THR E 424 6.09 -21.90 20.33
N GLN E 425 5.58 -22.82 21.15
CA GLN E 425 5.04 -24.05 20.61
C GLN E 425 3.79 -23.79 19.79
N GLN E 426 3.04 -22.73 20.12
CA GLN E 426 1.80 -22.46 19.41
C GLN E 426 2.07 -21.89 18.02
N ILE E 427 2.90 -20.86 17.93
CA ILE E 427 3.14 -20.19 16.66
C ILE E 427 4.32 -20.74 15.89
N ALA E 428 5.18 -21.54 16.51
CA ALA E 428 6.36 -22.05 15.83
C ALA E 428 6.70 -23.46 16.27
N GLN E 440 9.79 -15.39 15.06
CA GLN E 440 10.67 -14.80 16.06
C GLN E 440 10.18 -13.41 16.47
N GLU E 441 10.12 -12.49 15.51
CA GLU E 441 9.50 -11.20 15.81
C GLU E 441 8.01 -11.36 16.07
N LEU E 442 7.37 -12.32 15.42
CA LEU E 442 5.93 -12.52 15.59
C LEU E 442 5.58 -12.97 17.00
N ILE E 443 6.32 -13.95 17.54
CA ILE E 443 6.08 -14.36 18.92
C ILE E 443 6.39 -13.21 19.87
N ALA E 444 7.44 -12.44 19.58
CA ALA E 444 7.78 -11.31 20.44
C ALA E 444 6.64 -10.32 20.56
N LYS E 445 6.01 -9.96 19.43
CA LYS E 445 4.76 -9.20 19.49
C LYS E 445 3.72 -9.92 20.33
N LYS E 446 3.71 -11.25 20.25
CA LYS E 446 2.70 -12.02 20.98
C LYS E 446 3.03 -12.14 22.47
N THR E 447 4.30 -12.03 22.85
CA THR E 447 4.61 -12.11 24.28
C THR E 447 5.32 -10.87 24.82
N GLU E 448 6.63 -10.73 24.55
CA GLU E 448 7.42 -9.73 25.25
C GLU E 448 7.04 -8.32 24.82
N LYS E 449 6.81 -8.12 23.52
CA LYS E 449 6.43 -6.79 23.05
C LYS E 449 5.02 -6.41 23.45
N ALA E 450 4.22 -7.34 23.97
CA ALA E 450 2.87 -7.04 24.41
C ALA E 450 2.93 -6.45 25.82
N LYS E 451 2.43 -5.22 25.97
CA LYS E 451 2.51 -4.56 27.27
C LYS E 451 1.51 -5.13 28.27
N TYR E 452 0.41 -5.68 27.78
CA TYR E 452 -0.62 -6.28 28.63
C TYR E 452 -0.96 -7.67 28.12
N LEU E 453 -1.06 -8.64 29.02
CA LEU E 453 -1.28 -10.04 28.69
C LEU E 453 -2.63 -10.49 29.23
N SER E 454 -3.34 -11.30 28.44
CA SER E 454 -4.65 -11.78 28.83
C SER E 454 -4.52 -12.89 29.84
N LEU E 455 -5.46 -12.95 30.79
CA LEU E 455 -5.45 -13.99 31.79
C LEU E 455 -5.59 -15.38 31.16
N GLU E 456 -6.48 -15.50 30.17
CA GLU E 456 -6.62 -16.76 29.46
C GLU E 456 -5.29 -17.22 28.89
N THR E 457 -4.51 -16.29 28.33
CA THR E 457 -3.17 -16.64 27.88
C THR E 457 -2.36 -17.24 29.02
N ILE E 458 -2.48 -16.68 30.20
CA ILE E 458 -1.71 -17.16 31.34
C ILE E 458 -2.13 -18.57 31.71
N LYS E 459 -3.45 -18.80 31.78
CA LYS E 459 -3.95 -20.09 32.23
C LYS E 459 -3.56 -21.19 31.27
N LEU E 460 -3.79 -20.98 29.98
CA LEU E 460 -3.43 -21.98 28.98
C LEU E 460 -1.92 -22.23 29.01
N ALA E 461 -1.14 -21.16 29.07
CA ALA E 461 0.31 -21.30 29.07
C ALA E 461 0.77 -22.12 30.25
N LEU E 462 0.29 -21.79 31.45
CA LEU E 462 0.67 -22.56 32.62
C LEU E 462 0.19 -24.01 32.52
N GLU E 463 -1.01 -24.21 31.99
CA GLU E 463 -1.56 -25.56 31.88
C GLU E 463 -0.61 -26.46 31.10
N GLU E 464 -0.18 -25.99 29.93
CA GLU E 464 0.79 -26.76 29.17
C GLU E 464 2.13 -26.81 29.91
N PHE E 465 2.44 -25.80 30.70
CA PHE E 465 3.76 -25.71 31.31
C PHE E 465 3.96 -26.80 32.36
N ASN E 466 2.90 -27.15 33.07
CA ASN E 466 3.07 -28.01 34.24
C ASN E 466 3.23 -29.47 33.86
N LYS E 467 2.86 -29.86 32.64
CA LYS E 467 2.91 -31.27 32.28
C LYS E 467 4.33 -31.80 32.33
N HIS E 468 5.33 -30.93 32.18
CA HIS E 468 6.71 -31.36 32.07
C HIS E 468 7.37 -31.55 33.43
N ARG E 469 6.78 -31.02 34.50
CA ARG E 469 7.38 -31.05 35.82
C ARG E 469 6.58 -31.98 36.72
N ASP E 470 7.28 -32.57 37.70
CA ASP E 470 6.65 -33.52 38.61
C ASP E 470 5.59 -32.83 39.46
N ILE E 471 4.60 -33.62 39.93
CA ILE E 471 3.59 -33.08 40.83
C ILE E 471 4.24 -32.43 42.04
N ASP E 472 5.42 -32.91 42.42
CA ASP E 472 6.21 -32.22 43.42
C ASP E 472 6.49 -30.78 43.00
N LYS E 473 6.89 -30.57 41.74
CA LYS E 473 7.35 -29.28 41.26
C LYS E 473 6.31 -28.48 40.48
N GLN E 474 5.07 -28.97 40.35
CA GLN E 474 4.11 -28.33 39.45
C GLN E 474 3.66 -26.97 39.98
N CYS E 475 3.37 -26.06 39.05
CA CYS E 475 3.03 -24.67 39.35
C CYS E 475 1.75 -24.28 38.64
N ARG E 476 0.68 -24.05 39.38
CA ARG E 476 -0.66 -24.03 38.81
C ARG E 476 -1.28 -22.64 38.83
N PHE E 477 -2.15 -22.40 37.84
CA PHE E 477 -2.75 -21.08 37.66
C PHE E 477 -3.74 -20.76 38.76
N GLU E 478 -4.42 -21.78 39.31
CA GLU E 478 -5.37 -21.56 40.39
C GLU E 478 -4.71 -20.80 41.53
N GLU E 479 -3.41 -21.02 41.74
CA GLU E 479 -2.69 -20.27 42.75
C GLU E 479 -2.69 -18.78 42.44
N ILE E 480 -2.47 -18.40 41.18
CA ILE E 480 -2.54 -17.00 40.79
C ILE E 480 -3.90 -16.43 41.16
N LEU E 481 -4.97 -17.15 40.84
CA LEU E 481 -6.30 -16.66 41.18
C LEU E 481 -6.46 -16.52 42.68
N ALA E 482 -5.90 -17.47 43.45
CA ALA E 482 -6.10 -17.44 44.89
C ALA E 482 -5.38 -16.25 45.52
N ASN E 483 -4.24 -15.85 44.96
CA ASN E 483 -3.54 -14.67 45.48
C ASN E 483 -4.45 -13.46 45.44
N PHE E 484 -5.03 -13.17 44.27
CA PHE E 484 -5.93 -12.03 44.17
C PHE E 484 -7.24 -12.28 44.91
N ALA E 485 -7.63 -13.54 45.09
CA ALA E 485 -8.74 -13.83 45.99
C ALA E 485 -8.43 -13.41 47.42
N ALA E 486 -7.16 -13.52 47.83
CA ALA E 486 -6.76 -13.12 49.17
C ALA E 486 -6.59 -11.62 49.31
N ILE E 487 -6.47 -10.89 48.19
CA ILE E 487 -6.18 -9.46 48.27
C ILE E 487 -7.24 -8.70 49.06
N PRO E 488 -8.53 -8.95 48.91
CA PRO E 488 -9.50 -8.13 49.66
C PRO E 488 -9.36 -8.22 51.17
N MET E 489 -8.76 -9.29 51.69
CA MET E 489 -8.64 -9.40 53.14
C MET E 489 -7.76 -8.28 53.71
N ILE E 490 -6.88 -7.71 52.89
CA ILE E 490 -6.02 -6.63 53.36
C ILE E 490 -6.86 -5.52 53.95
N PHE E 491 -7.99 -5.20 53.31
CA PHE E 491 -8.88 -4.18 53.84
C PHE E 491 -9.30 -4.49 55.27
N ASP E 492 -9.64 -5.75 55.54
CA ASP E 492 -10.04 -6.13 56.88
C ASP E 492 -8.91 -5.89 57.87
N GLU E 493 -7.68 -6.19 57.48
CA GLU E 493 -6.54 -5.90 58.35
C GLU E 493 -6.36 -4.40 58.53
N ILE E 494 -6.61 -3.62 57.48
CA ILE E 494 -6.40 -2.19 57.55
C ILE E 494 -7.36 -1.56 58.55
N ALA E 495 -8.61 -2.03 58.58
CA ALA E 495 -9.63 -1.38 59.38
C ALA E 495 -9.26 -1.36 60.86
N GLN E 496 -8.69 -2.46 61.37
CA GLN E 496 -8.27 -2.48 62.76
C GLN E 496 -7.22 -1.41 63.03
N ASN E 497 -6.23 -1.30 62.15
CA ASN E 497 -5.21 -0.28 62.31
C ASN E 497 -5.80 1.13 62.32
N LYS E 498 -6.77 1.38 61.43
CA LYS E 498 -7.46 2.67 61.45
C LYS E 498 -8.17 2.90 62.77
N ASP E 499 -8.66 1.82 63.40
CA ASP E 499 -9.32 1.98 64.69
C ASP E 499 -8.32 2.32 65.78
N ASN E 500 -7.15 1.72 65.74
CA ASN E 500 -6.11 2.10 66.69
C ASN E 500 -5.64 3.52 66.44
N LEU E 501 -5.37 3.87 65.19
CA LEU E 501 -4.95 5.22 64.87
C LEU E 501 -6.04 6.24 65.14
N ALA E 502 -7.30 5.82 65.20
CA ALA E 502 -8.35 6.72 65.67
C ALA E 502 -8.04 7.23 67.06
N GLN E 503 -7.56 6.36 67.95
CA GLN E 503 -7.19 6.79 69.29
C GLN E 503 -5.91 7.62 69.27
N ILE E 504 -4.94 7.22 68.45
CA ILE E 504 -3.69 7.98 68.40
C ILE E 504 -3.93 9.36 67.82
N SER E 505 -4.93 9.51 66.95
CA SER E 505 -5.12 10.76 66.25
C SER E 505 -5.39 11.91 67.21
N ILE E 506 -6.08 11.63 68.31
CA ILE E 506 -6.38 12.70 69.26
C ILE E 506 -5.09 13.23 69.87
N LYS E 507 -4.15 12.34 70.14
CA LYS E 507 -2.92 12.72 70.82
C LYS E 507 -2.18 13.80 70.04
N TYR E 508 -2.10 13.66 68.74
CA TYR E 508 -1.30 14.53 67.90
C TYR E 508 -2.10 15.64 67.24
N GLN E 509 -3.37 15.79 67.59
CA GLN E 509 -4.26 16.75 66.92
C GLN E 509 -3.85 18.21 67.15
N ASN E 510 -2.89 18.48 68.03
CA ASN E 510 -2.54 19.87 68.33
C ASN E 510 -2.00 20.59 67.10
N GLN E 511 -2.31 21.88 67.00
CA GLN E 511 -2.13 22.60 65.74
C GLN E 511 -0.68 22.99 65.49
N GLY E 512 0.03 23.42 66.52
CA GLY E 512 1.36 23.94 66.28
C GLY E 512 2.49 22.98 66.55
N LYS E 513 2.17 21.83 67.16
CA LYS E 513 3.19 20.93 67.64
C LYS E 513 3.82 20.15 66.50
N LYS E 514 5.14 19.98 66.59
CA LYS E 514 5.92 19.08 65.73
C LYS E 514 6.17 17.74 66.39
N ASP E 515 5.53 17.46 67.52
CA ASP E 515 5.88 16.33 68.37
C ASP E 515 5.96 15.00 67.63
N LEU E 516 5.39 14.90 66.43
CA LEU E 516 5.35 13.60 65.75
C LEU E 516 6.75 13.08 65.49
N LEU E 517 7.69 13.94 65.11
CA LEU E 517 9.04 13.46 64.81
C LEU E 517 9.96 13.52 66.02
N GLN E 518 9.45 13.90 67.19
CA GLN E 518 10.24 13.85 68.40
C GLN E 518 10.46 12.39 68.83
N ALA E 519 11.46 12.18 69.67
CA ALA E 519 11.84 10.82 70.04
C ALA E 519 10.75 10.14 70.83
N SER E 520 10.08 10.86 71.73
CA SER E 520 9.07 10.25 72.58
C SER E 520 7.97 9.60 71.77
N ALA E 521 7.75 10.05 70.54
CA ALA E 521 6.63 9.60 69.72
C ALA E 521 7.00 8.46 68.79
N GLU E 522 8.21 7.93 68.91
CA GLU E 522 8.72 6.97 67.94
C GLU E 522 7.74 5.84 67.69
N ASP E 523 7.24 5.22 68.76
CA ASP E 523 6.31 4.09 68.61
C ASP E 523 5.11 4.47 67.75
N ASP E 524 4.52 5.64 68.00
CA ASP E 524 3.33 6.02 67.26
C ASP E 524 3.64 6.18 65.77
N VAL E 525 4.81 6.72 65.44
CA VAL E 525 5.19 6.83 64.04
C VAL E 525 5.12 5.47 63.37
N LYS E 526 5.72 4.46 63.99
CA LYS E 526 5.68 3.11 63.44
C LYS E 526 4.24 2.66 63.20
N ALA E 527 3.36 2.91 64.16
CA ALA E 527 1.95 2.58 63.96
C ALA E 527 1.38 3.30 62.74
N ILE E 528 1.79 4.56 62.52
CA ILE E 528 1.34 5.27 61.33
C ILE E 528 1.94 4.64 60.08
N LYS E 529 3.25 4.42 60.08
CA LYS E 529 3.93 3.91 58.89
C LYS E 529 3.30 2.59 58.42
N ASP E 530 3.13 1.64 59.34
CA ASP E 530 2.57 0.35 58.97
C ASP E 530 1.24 0.49 58.23
N LEU E 531 0.34 1.32 58.75
CA LEU E 531 -0.94 1.53 58.08
C LEU E 531 -0.73 1.97 56.64
N LEU E 532 0.01 3.06 56.44
CA LEU E 532 0.33 3.49 55.09
C LEU E 532 1.00 2.35 54.32
N ASP E 533 2.00 1.72 54.92
CA ASP E 533 2.67 0.59 54.27
C ASP E 533 1.67 -0.49 53.87
N GLN E 534 0.78 -0.88 54.79
CA GLN E 534 -0.23 -1.88 54.47
C GLN E 534 -1.08 -1.44 53.28
N THR E 535 -1.51 -0.17 53.28
CA THR E 535 -2.26 0.35 52.14
C THR E 535 -1.39 0.39 50.89
N ASN E 536 -0.18 0.93 51.02
CA ASN E 536 0.71 1.06 49.86
C ASN E 536 0.97 -0.29 49.21
N ASN E 537 1.41 -1.28 49.99
CA ASN E 537 1.66 -2.60 49.44
C ASN E 537 0.44 -3.15 48.71
N LEU E 538 -0.76 -2.93 49.25
CA LEU E 538 -1.97 -3.38 48.59
C LEU E 538 -2.07 -2.80 47.18
N LEU E 539 -1.86 -1.49 47.05
CA LEU E 539 -1.92 -0.86 45.74
C LEU E 539 -0.94 -1.52 44.78
N HIS E 540 0.29 -1.78 45.25
CA HIS E 540 1.27 -2.45 44.40
C HIS E 540 0.74 -3.76 43.84
N LYS E 541 0.10 -4.57 44.69
CA LYS E 541 -0.47 -5.82 44.20
C LYS E 541 -1.56 -5.57 43.16
N LEU E 542 -2.36 -4.52 43.36
CA LEU E 542 -3.39 -4.20 42.39
C LEU E 542 -2.82 -3.56 41.13
N LYS E 543 -1.59 -3.06 41.17
CA LYS E 543 -1.03 -2.34 40.05
C LYS E 543 -1.04 -3.17 38.77
N ILE E 544 -1.00 -4.50 38.91
CA ILE E 544 -0.89 -5.35 37.73
C ILE E 544 -2.15 -5.26 36.88
N PHE E 545 -3.29 -5.00 37.49
CA PHE E 545 -4.54 -4.95 36.73
C PHE E 545 -4.70 -3.63 35.99
N HIS E 546 -4.14 -2.54 36.52
CA HIS E 546 -4.45 -1.22 36.02
C HIS E 546 -4.00 -1.03 34.57
N ILE E 547 -4.80 -0.32 33.80
CA ILE E 547 -4.49 0.00 32.41
C ILE E 547 -3.88 1.39 32.38
N SER E 548 -2.59 1.46 32.05
CA SER E 548 -1.87 2.72 31.95
C SER E 548 -1.35 2.88 30.53
N GLN E 549 -1.67 4.01 29.89
CA GLN E 549 -1.11 4.30 28.58
C GLN E 549 0.39 4.42 28.69
N SER E 550 1.12 3.63 27.91
CA SER E 550 2.56 3.66 27.88
C SER E 550 3.02 4.13 26.51
N GLU E 551 4.08 4.93 26.49
CA GLU E 551 4.55 5.47 25.21
C GLU E 551 5.02 4.34 24.30
N ASP E 552 4.88 4.57 23.00
CA ASP E 552 5.13 3.68 21.87
C ASP E 552 3.98 2.72 21.62
N LYS E 553 2.95 2.69 22.47
CA LYS E 553 1.78 1.86 22.21
C LYS E 553 0.55 2.55 22.77
N ALA E 554 -0.56 2.44 22.04
CA ALA E 554 -1.82 2.96 22.57
C ALA E 554 -2.29 2.14 23.75
N ASN E 555 -1.95 0.85 23.78
CA ASN E 555 -2.38 -0.05 24.84
C ASN E 555 -3.89 -0.04 24.99
N ILE E 556 -4.58 -0.15 23.86
CA ILE E 556 -6.03 -0.34 23.83
C ILE E 556 -6.29 -1.83 23.66
N LEU E 557 -7.14 -2.39 24.53
CA LEU E 557 -7.42 -3.81 24.49
C LEU E 557 -8.90 -4.06 24.73
N ASP E 558 -9.39 -5.15 24.16
CA ASP E 558 -10.76 -5.59 24.40
C ASP E 558 -10.88 -6.10 25.82
N LYS E 559 -11.79 -5.54 26.60
CA LYS E 559 -11.82 -5.79 28.03
C LYS E 559 -13.25 -5.99 28.51
N ASP E 560 -13.37 -6.62 29.67
CA ASP E 560 -14.66 -6.70 30.33
C ASP E 560 -15.03 -5.31 30.80
N GLU E 561 -16.15 -4.78 30.30
CA GLU E 561 -16.52 -3.41 30.65
C GLU E 561 -16.89 -3.30 32.12
N HIS E 562 -17.55 -4.32 32.65
CA HIS E 562 -17.93 -4.32 34.06
C HIS E 562 -16.70 -4.35 34.95
N PHE E 563 -15.83 -5.33 34.74
CA PHE E 563 -14.64 -5.49 35.58
C PHE E 563 -13.81 -4.22 35.63
N TYR E 564 -13.51 -3.66 34.45
CA TYR E 564 -12.61 -2.51 34.42
C TYR E 564 -13.30 -1.24 34.88
N LEU E 565 -14.62 -1.13 34.71
CA LEU E 565 -15.31 0.05 35.23
C LEU E 565 -15.19 0.11 36.74
N VAL E 566 -15.54 -0.97 37.43
CA VAL E 566 -15.50 -0.96 38.89
C VAL E 566 -14.07 -0.99 39.40
N PHE E 567 -13.19 -1.73 38.71
CA PHE E 567 -11.81 -1.78 39.17
C PHE E 567 -11.15 -0.41 39.09
N GLU E 568 -11.30 0.27 37.96
CA GLU E 568 -10.69 1.59 37.83
C GLU E 568 -11.27 2.54 38.87
N GLU E 569 -12.55 2.43 39.18
CA GLU E 569 -13.12 3.28 40.21
C GLU E 569 -12.46 3.01 41.56
N CYS E 570 -12.19 1.75 41.86
CA CYS E 570 -11.51 1.42 43.11
C CYS E 570 -10.05 1.86 43.06
N TYR E 571 -9.38 1.61 41.94
CA TYR E 571 -7.94 1.87 41.89
C TYR E 571 -7.64 3.36 42.02
N PHE E 572 -8.46 4.20 41.41
CA PHE E 572 -8.22 5.64 41.48
C PHE E 572 -8.39 6.13 42.91
N GLU E 573 -9.46 5.70 43.58
CA GLU E 573 -9.62 6.07 44.98
C GLU E 573 -8.49 5.53 45.83
N LEU E 574 -8.07 4.30 45.55
CA LEU E 574 -7.00 3.71 46.37
C LEU E 574 -5.67 4.38 46.10
N ALA E 575 -5.47 4.89 44.88
CA ALA E 575 -4.15 5.39 44.51
C ALA E 575 -3.75 6.64 45.28
N ASN E 576 -4.65 7.23 46.06
CA ASN E 576 -4.31 8.48 46.71
C ASN E 576 -3.32 8.32 47.85
N ILE E 577 -2.88 7.11 48.20
CA ILE E 577 -1.92 6.99 49.29
C ILE E 577 -0.57 7.55 48.88
N VAL E 578 -0.12 7.26 47.66
CA VAL E 578 1.24 7.60 47.29
C VAL E 578 1.52 9.09 47.37
N PRO E 579 0.57 10.01 47.08
CA PRO E 579 0.80 11.40 47.51
C PRO E 579 0.83 11.51 49.02
N LEU E 580 -0.14 10.90 49.70
CA LEU E 580 -0.20 10.97 51.15
C LEU E 580 1.00 10.27 51.78
N TYR E 581 1.36 9.11 51.28
CA TYR E 581 2.55 8.41 51.77
C TYR E 581 3.77 9.30 51.68
N ASN E 582 3.95 9.96 50.54
CA ASN E 582 5.13 10.80 50.35
C ASN E 582 5.06 12.05 51.23
N LYS E 583 3.89 12.66 51.35
CA LYS E 583 3.79 13.88 52.14
C LYS E 583 4.08 13.60 53.61
N ILE E 584 3.49 12.53 54.15
CA ILE E 584 3.71 12.22 55.55
C ILE E 584 5.15 11.78 55.78
N ARG E 585 5.68 10.95 54.89
CA ARG E 585 7.07 10.53 55.04
C ARG E 585 7.99 11.74 55.04
N ASN E 586 7.82 12.64 54.07
CA ASN E 586 8.63 13.85 54.04
C ASN E 586 8.52 14.61 55.34
N TYR E 587 7.33 14.66 55.92
CA TYR E 587 7.17 15.38 57.19
C TYR E 587 7.99 14.72 58.29
N ILE E 588 8.06 13.40 58.29
CA ILE E 588 8.72 12.70 59.39
C ILE E 588 10.23 12.86 59.29
N THR E 589 10.77 12.86 58.08
CA THR E 589 12.21 12.87 57.89
C THR E 589 12.80 14.26 57.77
N GLN E 590 11.99 15.31 57.92
CA GLN E 590 12.49 16.66 57.70
C GLN E 590 13.60 17.00 58.69
N LYS E 591 14.51 17.85 58.25
CA LYS E 591 15.54 18.36 59.12
C LYS E 591 14.94 19.37 60.09
N PRO E 592 15.63 19.67 61.19
CA PRO E 592 15.10 20.68 62.11
C PRO E 592 14.95 22.04 61.47
N TYR E 593 15.95 22.49 60.74
CA TYR E 593 15.93 23.79 60.10
C TYR E 593 15.07 23.79 58.84
N SER E 594 14.69 24.99 58.41
CA SER E 594 13.94 25.20 57.19
C SER E 594 14.78 26.01 56.23
N ASP E 595 14.74 25.64 54.95
CA ASP E 595 15.43 26.37 53.90
C ASP E 595 14.57 27.44 53.26
N GLU E 596 13.38 27.67 53.78
CA GLU E 596 12.47 28.62 53.18
C GLU E 596 13.07 30.02 53.20
N LYS E 597 12.94 30.71 52.07
CA LYS E 597 13.46 32.05 51.90
C LYS E 597 12.59 32.77 50.90
N PHE E 598 12.69 34.10 50.86
CA PHE E 598 11.92 34.89 49.93
C PHE E 598 12.82 35.89 49.22
N LYS E 599 12.43 36.24 48.00
CA LYS E 599 13.27 37.09 47.17
C LYS E 599 13.36 38.48 47.76
N LEU E 600 14.56 39.04 47.73
CA LEU E 600 14.81 40.40 48.16
C LEU E 600 15.16 41.21 46.92
N ASN E 601 14.29 42.16 46.59
CA ASN E 601 14.60 43.20 45.63
C ASN E 601 14.36 44.52 46.34
N PHE E 602 15.36 45.39 46.37
CA PHE E 602 15.21 46.60 47.16
C PHE E 602 14.56 47.62 46.24
N GLU E 603 13.25 47.76 46.39
CA GLU E 603 12.45 48.78 45.73
C GLU E 603 12.69 48.86 44.23
N ASN E 604 13.15 47.79 43.60
CA ASN E 604 13.54 47.84 42.20
C ASN E 604 12.96 46.64 41.47
N SER E 605 12.26 46.91 40.37
CA SER E 605 11.69 45.83 39.59
C SER E 605 12.78 44.95 38.98
N THR E 606 13.81 45.56 38.45
CA THR E 606 14.96 44.83 37.93
C THR E 606 16.15 45.17 38.81
N LEU E 607 16.57 44.21 39.63
CA LEU E 607 17.67 44.45 40.57
C LEU E 607 19.00 44.14 39.88
N ALA E 608 19.24 42.87 39.62
CA ALA E 608 20.52 42.46 39.07
C ALA E 608 20.53 42.27 37.57
N ASN E 609 19.47 42.66 36.87
CA ASN E 609 19.30 42.26 35.46
C ASN E 609 20.57 42.48 34.63
N GLY E 610 21.35 43.50 34.92
CA GLY E 610 22.62 43.66 34.25
C GLY E 610 23.56 44.46 35.12
N TRP E 611 24.85 44.24 34.92
CA TRP E 611 25.86 44.98 35.65
C TRP E 611 26.42 46.16 34.86
N ASP E 612 25.92 46.39 33.66
CA ASP E 612 26.46 47.44 32.81
C ASP E 612 26.43 48.78 33.53
N LYS E 613 27.44 49.61 33.26
CA LYS E 613 27.47 50.95 33.82
C LYS E 613 26.30 51.78 33.33
N ASN E 614 25.85 51.55 32.09
CA ASN E 614 24.80 52.37 31.53
C ASN E 614 23.47 52.15 32.22
N LYS E 615 23.18 50.90 32.62
CA LYS E 615 21.94 50.57 33.29
C LYS E 615 22.06 50.65 34.81
N GLU E 616 23.20 51.10 35.31
CA GLU E 616 23.44 51.13 36.76
C GLU E 616 22.35 51.83 37.55
N PRO E 617 21.87 53.03 37.20
CA PRO E 617 20.78 53.61 37.98
C PRO E 617 19.50 52.81 37.89
N ASP E 618 19.26 52.16 36.76
CA ASP E 618 18.04 51.36 36.63
C ASP E 618 18.14 50.09 37.46
N ASN E 619 19.27 49.38 37.36
CA ASN E 619 19.42 48.10 38.05
C ASN E 619 19.86 48.27 39.50
N THR E 620 20.65 49.30 39.79
CA THR E 620 21.03 49.72 41.14
C THR E 620 21.89 48.69 41.89
N ALA E 621 22.60 47.81 41.20
CA ALA E 621 23.47 46.83 41.84
C ALA E 621 24.92 47.07 41.43
N ILE E 622 25.82 47.12 42.40
CA ILE E 622 27.24 47.39 42.16
C ILE E 622 28.09 46.36 42.90
N LEU E 623 29.35 46.26 42.47
CA LEU E 623 30.32 45.36 43.07
C LEU E 623 31.59 46.11 43.38
N PHE E 624 32.08 45.96 44.61
CA PHE E 624 33.31 46.59 45.07
C PHE E 624 34.30 45.53 45.53
N ILE E 625 35.58 45.91 45.54
CA ILE E 625 36.64 45.07 46.08
C ILE E 625 37.48 45.93 47.02
N LYS E 626 37.58 45.51 48.28
CA LYS E 626 38.42 46.18 49.25
C LYS E 626 39.38 45.16 49.86
N ASP E 627 40.68 45.45 49.80
CA ASP E 627 41.71 44.48 50.16
C ASP E 627 41.43 43.23 49.34
N ASP E 628 41.39 42.04 49.92
CA ASP E 628 41.04 40.83 49.20
C ASP E 628 39.59 40.41 49.39
N LYS E 629 38.79 41.20 50.07
CA LYS E 629 37.40 40.87 50.31
C LYS E 629 36.51 41.58 49.29
N TYR E 630 35.47 40.88 48.83
CA TYR E 630 34.56 41.41 47.84
C TYR E 630 33.26 41.86 48.51
N TYR E 631 32.76 43.01 48.10
CA TYR E 631 31.53 43.55 48.64
C TYR E 631 30.54 43.80 47.51
N LEU E 632 29.27 43.58 47.80
CA LEU E 632 28.18 43.93 46.90
C LEU E 632 27.39 45.07 47.52
N GLY E 633 26.83 45.92 46.69
CA GLY E 633 26.07 47.04 47.21
C GLY E 633 24.92 47.37 46.28
N VAL E 634 23.89 47.96 46.87
CA VAL E 634 22.63 48.22 46.21
C VAL E 634 22.27 49.66 46.53
N MET E 635 22.24 50.50 45.51
CA MET E 635 21.90 51.90 45.76
C MET E 635 20.43 52.00 46.09
N ASN E 636 20.10 52.92 46.99
CA ASN E 636 18.69 53.19 47.25
C ASN E 636 18.05 53.80 46.02
N LYS E 637 16.83 53.39 45.73
CA LYS E 637 16.20 53.73 44.46
C LYS E 637 16.16 55.23 44.24
N LYS E 638 15.76 55.98 45.26
CA LYS E 638 15.69 57.43 45.11
C LYS E 638 17.07 58.03 44.92
N ASN E 639 18.07 57.44 45.56
CA ASN E 639 19.43 57.94 45.55
C ASN E 639 20.28 57.33 44.44
N ASN E 640 19.67 56.62 43.50
CA ASN E 640 20.34 55.68 42.61
C ASN E 640 21.47 56.30 41.80
N LYS E 641 21.61 57.61 41.83
CA LYS E 641 22.64 58.27 41.06
C LYS E 641 23.97 58.37 41.79
N ILE E 642 24.11 57.74 42.96
CA ILE E 642 25.30 57.90 43.79
C ILE E 642 26.58 57.79 42.98
N PHE E 643 26.62 56.87 42.01
CA PHE E 643 27.85 56.54 41.31
C PHE E 643 27.97 57.17 39.93
N ASP E 644 27.13 58.14 39.60
CA ASP E 644 27.24 58.80 38.30
C ASP E 644 28.61 59.46 38.15
N ASP E 645 29.01 59.69 36.90
CA ASP E 645 30.37 60.11 36.59
C ASP E 645 30.80 61.30 37.44
N LYS E 646 29.89 62.23 37.71
CA LYS E 646 30.22 63.36 38.56
C LYS E 646 30.75 62.91 39.91
N ALA E 647 30.08 61.94 40.51
CA ALA E 647 30.45 61.54 41.87
C ALA E 647 31.74 60.73 41.88
N ILE E 648 31.95 59.88 40.89
CA ILE E 648 33.17 59.08 40.90
C ILE E 648 34.38 59.95 40.61
N LYS E 649 34.22 60.97 39.76
CA LYS E 649 35.32 61.88 39.52
C LYS E 649 35.62 62.69 40.77
N GLU E 650 34.57 63.18 41.43
CA GLU E 650 34.75 64.00 42.61
C GLU E 650 35.37 63.21 43.75
N ASN E 651 34.88 62.00 43.97
CA ASN E 651 35.20 61.19 45.14
C ASN E 651 36.30 60.17 44.90
N LYS E 652 36.96 60.20 43.75
CA LYS E 652 37.98 59.21 43.42
C LYS E 652 39.04 59.13 44.52
N GLY E 653 39.24 57.94 45.06
CA GLY E 653 40.14 57.73 46.18
C GLY E 653 40.41 56.24 46.35
N GLU E 654 41.22 55.93 47.35
CA GLU E 654 41.85 54.61 47.40
C GLU E 654 41.08 53.56 48.18
N GLY E 655 39.97 53.89 48.83
CA GLY E 655 39.35 52.91 49.71
C GLY E 655 38.71 51.69 49.09
N TYR E 656 37.66 51.87 48.30
CA TYR E 656 36.96 50.78 47.64
C TYR E 656 37.15 50.94 46.13
N LYS E 657 37.22 49.83 45.41
CA LYS E 657 37.33 49.90 43.95
C LYS E 657 36.05 49.34 43.33
N LYS E 658 35.26 50.23 42.75
CA LYS E 658 34.03 49.84 42.10
C LYS E 658 34.32 49.12 40.79
N ILE E 659 33.50 48.14 40.46
CA ILE E 659 33.70 47.36 39.25
C ILE E 659 32.93 48.01 38.12
N VAL E 660 33.63 48.31 37.02
CA VAL E 660 33.02 48.88 35.83
C VAL E 660 32.80 47.75 34.84
N TYR E 661 31.53 47.53 34.51
CA TYR E 661 31.09 46.36 33.75
C TYR E 661 30.56 46.85 32.41
N LYS E 662 31.17 46.39 31.31
CA LYS E 662 30.78 46.80 29.98
C LYS E 662 30.61 45.58 29.10
N LEU E 663 29.45 45.48 28.44
CA LEU E 663 29.08 44.30 27.69
C LEU E 663 28.32 44.70 26.44
N LEU E 664 28.53 43.94 25.37
CA LEU E 664 27.81 44.12 24.11
C LEU E 664 27.18 42.77 23.75
N PRO E 665 26.06 42.44 24.36
CA PRO E 665 25.45 41.14 24.12
C PRO E 665 24.64 41.13 22.83
N GLY E 666 24.51 39.93 22.27
CA GLY E 666 23.63 39.75 21.13
C GLY E 666 23.98 40.65 19.98
N ALA E 667 25.23 40.57 19.53
CA ALA E 667 25.73 41.48 18.51
C ALA E 667 24.87 41.46 17.27
N ASN E 668 24.33 40.29 16.92
CA ASN E 668 23.58 40.18 15.67
C ASN E 668 22.37 41.08 15.69
N LYS E 669 21.64 41.12 16.80
CA LYS E 669 20.54 42.05 16.91
C LYS E 669 20.92 43.39 17.52
N MET E 670 22.06 43.49 18.20
CA MET E 670 22.38 44.74 18.88
C MET E 670 22.97 45.75 17.90
N LEU E 671 23.90 45.33 17.06
CA LEU E 671 24.52 46.24 16.11
C LEU E 671 23.50 46.90 15.21
N PRO E 672 22.63 46.18 14.50
CA PRO E 672 21.69 46.86 13.62
C PRO E 672 20.74 47.77 14.37
N LYS E 673 20.22 47.33 15.51
CA LYS E 673 19.26 48.15 16.23
C LYS E 673 19.85 49.50 16.56
N VAL E 674 21.13 49.54 16.94
CA VAL E 674 21.74 50.81 17.30
C VAL E 674 22.05 51.62 16.05
N PHE E 675 22.67 50.97 15.06
CA PHE E 675 23.18 51.72 13.93
C PHE E 675 22.07 52.15 12.98
N PHE E 676 21.07 51.31 12.78
CA PHE E 676 20.08 51.51 11.74
C PHE E 676 18.78 52.14 12.21
N SER E 677 18.67 52.59 13.47
CA SER E 677 17.40 53.07 13.98
C SER E 677 17.48 54.47 14.54
N ALA E 678 16.40 55.22 14.33
CA ALA E 678 16.06 56.52 14.94
C ALA E 678 17.17 57.53 14.66
N LYS E 679 17.53 58.38 15.64
CA LYS E 679 18.41 59.51 15.37
C LYS E 679 19.80 59.04 14.95
N SER E 680 20.25 57.92 15.53
CA SER E 680 21.59 57.43 15.24
C SER E 680 21.80 57.24 13.73
N ILE E 681 20.74 56.93 12.99
CA ILE E 681 20.87 56.65 11.56
C ILE E 681 21.64 57.76 10.89
N LYS E 682 21.24 59.01 11.12
CA LYS E 682 21.85 60.10 10.40
C LYS E 682 23.32 60.25 10.76
N PHE E 683 23.69 59.90 12.00
CA PHE E 683 25.09 60.05 12.38
C PHE E 683 25.95 59.04 11.64
N TYR E 684 25.56 57.77 11.66
CA TYR E 684 26.43 56.74 11.09
C TYR E 684 26.49 56.85 9.59
N ASN E 685 25.53 57.53 8.98
CA ASN E 685 25.55 57.81 7.55
C ASN E 685 25.67 56.54 6.75
N PRO E 686 24.78 55.56 6.95
CA PRO E 686 24.86 54.36 6.12
C PRO E 686 24.70 54.72 4.65
N SER E 687 25.63 54.24 3.84
CA SER E 687 25.59 54.59 2.43
C SER E 687 24.39 53.95 1.75
N GLU E 688 23.99 54.56 0.63
CA GLU E 688 22.93 53.97 -0.18
C GLU E 688 23.23 52.53 -0.52
N ASP E 689 24.52 52.20 -0.72
CA ASP E 689 24.90 50.84 -1.03
C ASP E 689 24.62 49.91 0.13
N ILE E 690 25.16 50.23 1.31
CA ILE E 690 24.98 49.31 2.42
C ILE E 690 23.54 49.29 2.87
N LEU E 691 22.81 50.39 2.69
CA LEU E 691 21.38 50.35 2.95
C LEU E 691 20.71 49.34 2.05
N ARG E 692 21.08 49.33 0.76
CA ARG E 692 20.61 48.29 -0.14
C ARG E 692 20.96 46.90 0.40
N ILE E 693 22.17 46.73 0.93
CA ILE E 693 22.56 45.44 1.48
C ILE E 693 21.60 45.05 2.59
N ARG E 694 21.34 45.97 3.51
CA ARG E 694 20.47 45.63 4.64
C ARG E 694 19.07 45.32 4.17
N ASN E 695 18.56 46.12 3.24
CA ASN E 695 17.17 45.98 2.84
C ASN E 695 16.93 44.60 2.21
N HIS E 696 17.82 44.17 1.33
CA HIS E 696 17.67 42.85 0.72
C HIS E 696 18.40 41.75 1.48
N SER E 697 19.16 42.09 2.51
CA SER E 697 19.79 41.12 3.39
C SER E 697 20.66 40.14 2.60
N THR E 698 21.50 40.70 1.72
CA THR E 698 22.41 39.87 0.96
C THR E 698 23.52 39.29 1.81
N HIS E 699 23.80 39.91 2.96
CA HIS E 699 24.92 39.46 3.77
C HIS E 699 24.61 38.16 4.49
N THR E 700 23.34 37.88 4.76
CA THR E 700 22.94 36.65 5.40
C THR E 700 22.64 35.59 4.36
N LYS E 701 23.09 34.37 4.61
CA LYS E 701 22.75 33.26 3.72
C LYS E 701 21.24 33.06 3.65
N ASN E 702 20.60 32.91 4.81
CA ASN E 702 19.16 32.88 4.90
C ASN E 702 18.74 33.78 6.04
N GLY E 703 18.05 34.86 5.72
CA GLY E 703 17.59 35.80 6.72
C GLY E 703 16.43 36.58 6.16
N SER E 704 15.64 37.15 7.06
CA SER E 704 14.47 37.88 6.63
C SER E 704 14.86 39.28 6.19
N PRO E 705 14.61 39.68 4.96
CA PRO E 705 14.92 41.04 4.54
C PRO E 705 13.98 42.05 5.14
N GLN E 706 14.38 43.31 5.07
CA GLN E 706 13.53 44.38 5.57
C GLN E 706 12.19 44.35 4.85
N LYS E 707 11.12 44.62 5.61
CA LYS E 707 9.78 44.48 5.07
C LYS E 707 9.61 45.28 3.80
N GLY E 708 8.95 44.67 2.82
CA GLY E 708 8.79 45.27 1.52
C GLY E 708 9.96 45.08 0.58
N TYR E 709 11.00 44.39 0.99
CA TYR E 709 12.17 44.17 0.13
C TYR E 709 12.41 42.69 -0.02
N GLU E 710 12.81 42.27 -1.21
CA GLU E 710 12.94 40.87 -1.55
C GLU E 710 14.34 40.39 -1.21
N LYS E 711 14.42 39.16 -0.71
CA LYS E 711 15.68 38.56 -0.33
C LYS E 711 16.46 38.15 -1.57
N PHE E 712 17.77 38.35 -1.52
CA PHE E 712 18.64 38.01 -2.63
C PHE E 712 19.66 36.97 -2.19
N GLU E 713 20.29 36.32 -3.16
CA GLU E 713 21.29 35.31 -2.85
C GLU E 713 22.50 35.94 -2.18
N PHE E 714 23.16 35.15 -1.32
CA PHE E 714 24.23 35.64 -0.49
C PHE E 714 25.44 36.02 -1.33
N ASN E 715 26.02 37.18 -1.05
CA ASN E 715 27.19 37.68 -1.79
C ASN E 715 28.30 38.02 -0.83
N ILE E 716 29.48 37.43 -1.07
CA ILE E 716 30.58 37.61 -0.14
C ILE E 716 31.11 39.03 -0.16
N GLU E 717 31.14 39.66 -1.35
CA GLU E 717 31.61 41.04 -1.42
C GLU E 717 30.69 41.96 -0.64
N ASP E 718 29.39 41.76 -0.79
CA ASP E 718 28.44 42.57 -0.03
C ASP E 718 28.57 42.32 1.46
N CYS E 719 28.71 41.06 1.85
CA CYS E 719 28.82 40.73 3.26
C CYS E 719 29.99 41.47 3.90
N ARG E 720 31.17 41.37 3.28
CA ARG E 720 32.33 42.04 3.83
C ARG E 720 32.17 43.55 3.83
N LYS E 721 31.49 44.09 2.81
CA LYS E 721 31.19 45.52 2.85
C LYS E 721 30.36 45.86 4.08
N PHE E 722 29.35 45.03 4.38
CA PHE E 722 28.54 45.29 5.55
C PHE E 722 29.38 45.23 6.81
N ILE E 723 30.27 44.23 6.91
CA ILE E 723 31.14 44.12 8.06
C ILE E 723 31.97 45.39 8.22
N ASP E 724 32.57 45.86 7.14
CA ASP E 724 33.36 47.08 7.21
C ASP E 724 32.52 48.24 7.69
N PHE E 725 31.27 48.33 7.25
CA PHE E 725 30.41 49.38 7.78
C PHE E 725 30.21 49.23 9.28
N TYR E 726 30.00 47.99 9.73
CA TYR E 726 29.87 47.75 11.16
C TYR E 726 31.11 48.22 11.91
N LYS E 727 32.30 47.89 11.37
CA LYS E 727 33.53 48.28 12.04
C LYS E 727 33.64 49.79 12.13
N GLN E 728 33.40 50.48 11.03
CA GLN E 728 33.45 51.93 11.06
C GLN E 728 32.50 52.48 12.12
N SER E 729 31.27 51.96 12.15
CA SER E 729 30.30 52.46 13.11
C SER E 729 30.73 52.15 14.53
N ILE E 730 31.37 51.01 14.73
CA ILE E 730 31.90 50.70 16.05
C ILE E 730 32.94 51.73 16.43
N SER E 731 33.81 52.10 15.49
CA SER E 731 34.78 53.14 15.77
C SER E 731 34.10 54.47 16.09
N LYS E 732 32.94 54.71 15.49
CA LYS E 732 32.26 55.97 15.73
C LYS E 732 31.45 55.96 17.02
N HIS E 733 30.98 54.80 17.45
CA HIS E 733 30.08 54.74 18.60
C HIS E 733 30.79 55.19 19.86
N PRO E 734 30.17 56.04 20.68
CA PRO E 734 30.89 56.56 21.85
C PRO E 734 31.27 55.50 22.87
N GLU E 735 30.34 54.61 23.22
CA GLU E 735 30.61 53.67 24.29
C GLU E 735 31.43 52.48 23.81
N TRP E 736 31.12 51.95 22.63
CA TRP E 736 31.84 50.79 22.11
C TRP E 736 33.24 51.14 21.63
N LYS E 737 33.53 52.43 21.40
CA LYS E 737 34.86 52.85 20.98
C LYS E 737 35.91 52.46 22.00
N ASP E 738 35.56 52.46 23.29
CA ASP E 738 36.49 52.17 24.35
C ASP E 738 36.77 50.68 24.51
N PHE E 739 36.06 49.82 23.78
CA PHE E 739 36.34 48.40 23.89
C PHE E 739 37.69 48.03 23.30
N GLY E 740 38.22 48.86 22.42
CA GLY E 740 39.49 48.55 21.79
C GLY E 740 39.44 47.23 21.06
N PHE E 741 38.42 47.04 20.23
CA PHE E 741 38.31 45.81 19.47
C PHE E 741 39.54 45.62 18.62
N ARG E 742 40.09 44.42 18.67
CA ARG E 742 41.10 44.00 17.71
C ARG E 742 40.48 42.90 16.88
N PHE E 743 40.17 43.21 15.62
CA PHE E 743 39.44 42.30 14.75
C PHE E 743 40.40 41.61 13.80
N SER E 744 40.13 40.34 13.52
CA SER E 744 40.81 39.69 12.42
C SER E 744 40.46 40.42 11.14
N ASP E 745 41.37 40.33 10.17
CA ASP E 745 41.19 41.07 8.93
C ASP E 745 39.83 40.77 8.32
N THR E 746 39.12 41.84 7.93
CA THR E 746 37.79 41.67 7.38
C THR E 746 37.79 40.71 6.19
N GLN E 747 38.85 40.70 5.40
CA GLN E 747 38.95 39.77 4.30
C GLN E 747 39.08 38.32 4.78
N ARG E 748 39.39 38.11 6.06
CA ARG E 748 39.74 36.76 6.49
C ARG E 748 38.50 35.89 6.72
N TYR E 749 37.43 36.45 7.26
CA TYR E 749 36.28 35.62 7.61
C TYR E 749 35.26 35.56 6.48
N ASN E 750 34.69 34.38 6.32
CA ASN E 750 33.75 34.10 5.23
C ASN E 750 32.31 34.50 5.53
N SER E 751 31.93 34.65 6.79
CA SER E 751 30.53 34.90 7.09
C SER E 751 30.38 35.98 8.15
N ILE E 752 29.21 36.62 8.14
CA ILE E 752 28.96 37.70 9.07
C ILE E 752 28.92 37.18 10.51
N ASP E 753 28.45 35.95 10.71
CA ASP E 753 28.34 35.41 12.06
C ASP E 753 29.69 35.27 12.71
N GLU E 754 30.74 35.06 11.93
CA GLU E 754 32.07 35.00 12.50
C GLU E 754 32.50 36.36 13.02
N PHE E 755 32.15 37.44 12.31
CA PHE E 755 32.41 38.77 12.84
C PHE E 755 31.59 39.01 14.10
N TYR E 756 30.33 38.59 14.10
CA TYR E 756 29.49 38.76 15.28
C TYR E 756 30.11 38.09 16.50
N ARG E 757 30.58 36.84 16.34
CA ARG E 757 31.19 36.16 17.46
C ARG E 757 32.44 36.89 17.94
N GLU E 758 33.27 37.35 17.01
CA GLU E 758 34.43 38.13 17.42
C GLU E 758 34.00 39.36 18.21
N VAL E 759 32.90 40.01 17.80
CA VAL E 759 32.41 41.15 18.56
C VAL E 759 31.96 40.71 19.94
N GLU E 760 31.25 39.59 20.02
CA GLU E 760 30.70 39.17 21.30
C GLU E 760 31.79 38.75 22.26
N ASN E 761 32.81 38.04 21.77
CA ASN E 761 33.86 37.55 22.65
C ASN E 761 34.60 38.71 23.30
N GLN E 762 34.98 39.70 22.51
CA GLN E 762 35.64 40.88 23.05
C GLN E 762 34.64 41.88 23.60
N GLY E 763 33.34 41.57 23.52
CA GLY E 763 32.33 42.49 24.02
C GLY E 763 32.27 42.59 25.53
N TYR E 764 32.80 41.61 26.25
CA TYR E 764 32.81 41.65 27.70
C TYR E 764 34.16 42.18 28.16
N LYS E 765 34.14 43.27 28.91
CA LYS E 765 35.35 43.88 29.43
C LYS E 765 35.09 44.45 30.81
N LEU E 766 36.04 44.26 31.72
CA LEU E 766 35.88 44.60 33.11
C LEU E 766 36.96 45.59 33.53
N THR E 767 36.55 46.71 34.12
CA THR E 767 37.45 47.76 34.58
C THR E 767 37.14 48.07 36.04
N PHE E 768 38.07 48.71 36.71
CA PHE E 768 37.92 49.09 38.11
C PHE E 768 38.19 50.57 38.28
N GLU E 769 37.42 51.21 39.16
CA GLU E 769 37.57 52.63 39.47
C GLU E 769 37.72 52.78 40.97
N ASN E 770 38.82 53.37 41.40
CA ASN E 770 39.07 53.56 42.82
C ASN E 770 38.15 54.65 43.37
N ILE E 771 37.63 54.42 44.56
CA ILE E 771 36.72 55.35 45.22
C ILE E 771 37.13 55.46 46.68
N SER E 772 37.09 56.67 47.21
CA SER E 772 37.53 56.89 48.59
C SER E 772 36.59 56.18 49.55
N GLU E 773 37.17 55.62 50.61
CA GLU E 773 36.36 54.91 51.60
C GLU E 773 35.42 55.86 52.32
N SER E 774 35.84 57.11 52.52
CA SER E 774 35.02 58.05 53.27
C SER E 774 33.69 58.29 52.59
N TYR E 775 33.66 58.25 51.25
CA TYR E 775 32.40 58.47 50.55
C TYR E 775 31.47 57.29 50.74
N ILE E 776 31.98 56.07 50.55
CA ILE E 776 31.15 54.88 50.75
C ILE E 776 30.61 54.86 52.17
N ASP E 777 31.46 55.16 53.15
CA ASP E 777 31.01 55.13 54.54
C ASP E 777 29.96 56.19 54.79
N SER E 778 30.11 57.37 54.20
CA SER E 778 29.11 58.41 54.38
C SER E 778 27.83 58.05 53.66
N VAL E 779 27.94 57.49 52.45
CA VAL E 779 26.77 57.22 51.65
C VAL E 779 25.98 56.05 52.23
N VAL E 780 26.65 55.12 52.91
CA VAL E 780 25.91 54.07 53.58
C VAL E 780 25.36 54.58 54.90
N ASN E 781 26.07 55.50 55.55
CA ASN E 781 25.56 56.07 56.80
C ASN E 781 24.26 56.81 56.56
N GLN E 782 24.21 57.60 55.49
CA GLN E 782 23.02 58.36 55.17
C GLN E 782 21.90 57.50 54.62
N GLY E 783 22.14 56.22 54.44
CA GLY E 783 21.11 55.37 53.88
C GLY E 783 21.00 55.43 52.39
N LYS E 784 21.93 56.09 51.71
CA LYS E 784 21.85 56.18 50.27
C LYS E 784 22.22 54.86 49.61
N LEU E 785 23.12 54.09 50.21
CA LEU E 785 23.60 52.84 49.63
C LEU E 785 23.63 51.75 50.70
N TYR E 786 23.32 50.53 50.27
CA TYR E 786 23.34 49.37 51.15
C TYR E 786 24.53 48.51 50.78
N LEU E 787 25.45 48.31 51.72
CA LEU E 787 26.70 47.61 51.46
C LEU E 787 26.71 46.29 52.21
N PHE E 788 26.89 45.20 51.49
CA PHE E 788 27.05 43.88 52.05
C PHE E 788 28.39 43.31 51.63
N GLN E 789 28.87 42.31 52.37
CA GLN E 789 30.08 41.60 52.02
C GLN E 789 29.72 40.24 51.44
N ILE E 790 30.22 39.95 50.25
CA ILE E 790 30.02 38.63 49.66
C ILE E 790 30.94 37.66 50.38
N TYR E 791 30.37 36.63 50.99
CA TYR E 791 31.12 35.86 51.96
C TYR E 791 30.79 34.39 51.90
N ASN E 792 31.82 33.59 52.13
CA ASN E 792 31.73 32.19 52.49
C ASN E 792 32.93 31.90 53.38
N LYS E 793 32.93 30.75 54.06
CA LYS E 793 33.98 30.51 55.04
C LYS E 793 35.37 30.61 54.43
N ASP E 794 35.50 30.48 53.11
CA ASP E 794 36.81 30.60 52.49
C ASP E 794 37.32 32.03 52.49
N PHE E 795 36.46 33.00 52.70
CA PHE E 795 36.86 34.39 52.79
C PHE E 795 37.17 34.81 54.22
N SER E 796 37.12 33.89 55.16
CA SER E 796 37.43 34.23 56.54
C SER E 796 38.91 34.50 56.70
N ALA E 797 39.25 35.35 57.67
CA ALA E 797 40.65 35.61 57.96
C ALA E 797 41.33 34.36 58.47
N TYR E 798 40.58 33.49 59.15
CA TYR E 798 41.18 32.31 59.77
C TYR E 798 41.39 31.17 58.79
N SER E 799 40.93 31.28 57.55
CA SER E 799 40.92 30.14 56.66
C SER E 799 42.19 30.13 55.83
N LYS E 800 43.11 29.22 56.16
CA LYS E 800 44.32 28.98 55.40
C LYS E 800 44.22 27.74 54.52
N GLY E 801 43.13 27.00 54.59
CA GLY E 801 43.01 25.76 53.84
C GLY E 801 42.60 25.97 52.40
N ARG E 802 42.45 24.86 51.70
CA ARG E 802 42.13 24.92 50.28
C ARG E 802 40.70 25.42 50.09
N PRO E 803 40.50 26.43 49.25
CA PRO E 803 39.17 27.02 49.12
C PRO E 803 38.22 26.16 48.31
N ASN E 804 36.94 26.47 48.44
CA ASN E 804 35.93 25.80 47.64
C ASN E 804 36.07 26.18 46.18
N LEU E 805 35.71 25.25 45.30
CA LEU E 805 35.84 25.50 43.87
C LEU E 805 35.11 26.76 43.45
N HIS E 806 33.90 26.96 43.97
CA HIS E 806 33.17 28.16 43.61
C HIS E 806 33.91 29.41 44.08
N THR E 807 34.56 29.33 45.24
CA THR E 807 35.38 30.47 45.67
C THR E 807 36.47 30.75 44.64
N LEU E 808 37.07 29.69 44.09
CA LEU E 808 38.07 29.90 43.05
C LEU E 808 37.44 30.51 41.82
N TYR E 809 36.22 30.10 41.47
CA TYR E 809 35.57 30.68 40.30
C TYR E 809 35.27 32.16 40.53
N TRP E 810 34.63 32.48 41.64
CA TRP E 810 34.30 33.87 41.91
C TRP E 810 35.54 34.73 41.98
N LYS E 811 36.60 34.26 42.65
CA LYS E 811 37.85 35.00 42.64
C LYS E 811 38.40 35.13 41.24
N ALA E 812 38.19 34.12 40.40
CA ALA E 812 38.74 34.16 39.05
C ALA E 812 38.03 35.16 38.16
N LEU E 813 36.80 35.53 38.48
CA LEU E 813 36.07 36.47 37.64
C LEU E 813 36.86 37.74 37.42
N PHE E 814 37.43 38.30 38.49
CA PHE E 814 38.10 39.58 38.47
C PHE E 814 39.61 39.47 38.40
N ASP E 815 40.15 38.26 38.27
CA ASP E 815 41.60 38.10 38.22
C ASP E 815 42.17 38.74 36.97
N GLU E 816 43.31 39.41 37.10
CA GLU E 816 43.93 40.03 35.93
C GLU E 816 44.26 38.98 34.88
N ARG E 817 44.87 37.87 35.31
CA ARG E 817 45.17 36.79 34.39
C ARG E 817 43.92 36.34 33.65
N ASN E 818 42.79 36.36 34.33
CA ASN E 818 41.53 36.04 33.67
C ASN E 818 41.09 37.18 32.77
N LEU E 819 41.32 38.41 33.19
CA LEU E 819 40.80 39.55 32.44
C LEU E 819 41.53 39.79 31.13
N GLN E 820 42.75 39.27 30.98
CA GLN E 820 43.44 39.38 29.69
C GLN E 820 42.66 38.67 28.60
N ASP E 821 42.40 37.38 28.79
CA ASP E 821 41.67 36.55 27.85
C ASP E 821 40.56 35.91 28.66
N VAL E 822 39.32 36.30 28.39
CA VAL E 822 38.25 36.05 29.34
C VAL E 822 37.84 34.59 29.30
N VAL E 823 37.95 33.92 30.44
CA VAL E 823 37.35 32.62 30.69
C VAL E 823 36.08 32.70 31.52
N TYR E 824 36.21 33.24 32.74
CA TYR E 824 35.06 33.43 33.63
C TYR E 824 34.45 34.80 33.40
N LYS E 825 33.12 34.85 33.19
CA LYS E 825 32.40 36.07 32.88
C LYS E 825 31.28 36.29 33.89
N LEU E 826 31.08 37.53 34.29
CA LEU E 826 29.96 37.89 35.15
C LEU E 826 28.69 38.01 34.32
N ASN E 827 27.60 37.44 34.83
CA ASN E 827 26.32 37.47 34.15
C ASN E 827 25.30 38.25 34.97
N GLY E 828 24.28 38.77 34.29
CA GLY E 828 23.23 39.49 34.96
C GLY E 828 22.15 38.56 35.44
N GLU E 829 21.06 39.17 35.92
CA GLU E 829 19.90 38.46 36.44
C GLU E 829 20.24 37.68 37.72
N ALA E 830 21.12 38.23 38.53
CA ALA E 830 21.40 37.68 39.86
C ALA E 830 20.24 37.97 40.80
N GLU E 831 20.22 37.28 41.93
CA GLU E 831 19.13 37.44 42.87
C GLU E 831 19.65 37.54 44.29
N LEU E 832 18.94 38.32 45.10
CA LEU E 832 19.17 38.41 46.54
C LEU E 832 17.99 37.79 47.27
N PHE E 833 18.27 37.08 48.34
CA PHE E 833 17.23 36.40 49.12
C PHE E 833 17.43 36.67 50.61
N TYR E 834 16.37 36.40 51.37
CA TYR E 834 16.39 36.55 52.82
C TYR E 834 15.81 35.28 53.43
N ARG E 835 16.54 34.71 54.39
CA ARG E 835 16.13 33.46 55.03
C ARG E 835 16.03 33.70 56.52
N LYS E 836 14.84 33.49 57.07
CA LYS E 836 14.62 33.75 58.47
C LYS E 836 15.29 32.70 59.33
N GLN E 837 15.18 32.88 60.63
CA GLN E 837 15.75 31.95 61.61
C GLN E 837 14.80 30.79 61.80
N SER E 838 15.28 29.57 61.54
CA SER E 838 14.41 28.40 61.63
C SER E 838 14.43 27.71 62.99
N ILE E 839 15.43 27.98 63.83
CA ILE E 839 15.61 27.21 65.06
C ILE E 839 16.18 28.11 66.15
N PRO E 840 15.95 27.80 67.42
CA PRO E 840 16.61 28.57 68.48
C PRO E 840 18.10 28.32 68.45
N LYS E 841 18.86 29.31 68.91
CA LYS E 841 20.30 29.14 68.99
C LYS E 841 20.63 28.43 70.28
N LYS E 842 21.20 27.24 70.17
CA LYS E 842 21.63 26.45 71.31
C LYS E 842 23.13 26.29 71.24
N ILE E 843 23.79 26.39 72.39
CA ILE E 843 25.22 26.15 72.44
C ILE E 843 25.33 24.65 72.63
N THR E 844 25.66 23.94 71.55
CA THR E 844 25.62 22.50 71.62
C THR E 844 26.82 21.97 72.38
N HIS E 845 27.99 22.57 72.17
CA HIS E 845 29.19 22.25 72.92
C HIS E 845 29.71 23.48 73.63
N PRO E 846 29.67 23.54 74.95
CA PRO E 846 30.22 24.71 75.64
C PRO E 846 31.72 24.81 75.40
N ALA E 847 32.23 26.01 75.54
CA ALA E 847 33.66 26.21 75.35
C ALA E 847 34.43 25.52 76.47
N LYS E 848 35.69 25.21 76.19
CA LYS E 848 36.60 24.62 77.15
C LYS E 848 36.10 23.28 77.69
N GLU E 849 35.20 22.62 76.98
CA GLU E 849 34.70 21.31 77.36
C GLU E 849 35.13 20.31 76.30
N ALA E 850 35.81 19.25 76.72
CA ALA E 850 36.32 18.29 75.76
C ALA E 850 35.20 17.59 75.02
N ILE E 851 35.46 17.22 73.77
CA ILE E 851 34.44 16.64 72.90
C ILE E 851 34.97 15.34 72.32
N ALA E 852 34.13 14.32 72.30
CA ALA E 852 34.50 13.07 71.67
C ALA E 852 34.55 13.26 70.15
N ASN E 853 35.40 12.47 69.50
CA ASN E 853 35.55 12.51 68.06
C ASN E 853 34.88 11.29 67.44
N LYS E 854 33.94 11.52 66.53
CA LYS E 854 33.13 10.42 66.02
C LYS E 854 33.94 9.45 65.17
N ASN E 855 34.98 9.91 64.51
CA ASN E 855 35.72 9.03 63.62
C ASN E 855 36.51 8.02 64.42
N LYS E 856 36.40 6.75 64.05
CA LYS E 856 37.05 5.70 64.81
C LYS E 856 38.57 5.79 64.69
N ASP E 857 39.08 6.01 63.49
CA ASP E 857 40.51 5.91 63.25
C ASP E 857 41.28 7.15 63.67
N ASN E 858 40.60 8.22 64.04
CA ASN E 858 41.31 9.45 64.37
C ASN E 858 42.13 9.26 65.64
N PRO E 859 43.42 9.56 65.62
CA PRO E 859 44.22 9.40 66.84
C PRO E 859 43.76 10.27 68.00
N LYS E 860 43.33 11.51 67.73
CA LYS E 860 42.83 12.32 68.82
C LYS E 860 41.42 11.84 69.14
N LYS E 861 41.22 11.32 70.34
CA LYS E 861 39.91 10.84 70.74
C LYS E 861 39.11 11.92 71.44
N GLU E 862 39.69 13.11 71.61
CA GLU E 862 39.02 14.24 72.23
C GLU E 862 39.46 15.51 71.52
N SER E 863 38.59 16.52 71.58
CA SER E 863 38.94 17.83 71.07
C SER E 863 38.33 18.86 72.00
N VAL E 864 39.07 19.93 72.25
CA VAL E 864 38.69 20.99 73.17
C VAL E 864 38.74 22.31 72.42
N PHE E 865 37.73 23.15 72.63
CA PHE E 865 37.61 24.39 71.87
C PHE E 865 37.52 25.60 72.79
N GLU E 866 38.20 26.67 72.37
CA GLU E 866 38.15 27.95 73.07
C GLU E 866 36.87 28.71 72.78
N TYR E 867 36.14 28.34 71.75
CA TYR E 867 34.92 29.02 71.34
C TYR E 867 33.76 28.04 71.30
N ASP E 868 32.55 28.58 71.46
CA ASP E 868 31.36 27.74 71.45
C ASP E 868 31.08 27.22 70.05
N LEU E 869 30.46 26.04 69.99
CA LEU E 869 30.02 25.45 68.74
C LEU E 869 28.51 25.26 68.80
N ILE E 870 27.82 25.69 67.75
CA ILE E 870 26.38 25.74 67.70
C ILE E 870 25.89 24.86 66.56
N LYS E 871 25.11 23.83 66.90
CA LYS E 871 24.62 22.91 65.88
C LYS E 871 23.77 23.65 64.86
N ASP E 872 24.07 23.42 63.58
CA ASP E 872 23.35 24.06 62.49
C ASP E 872 23.25 25.57 62.70
N LYS E 873 24.40 26.18 62.99
CA LYS E 873 24.42 27.59 63.36
C LYS E 873 23.87 28.46 62.26
N ARG E 874 24.14 28.12 61.01
CA ARG E 874 23.74 28.97 59.89
C ARG E 874 22.25 29.27 59.92
N PHE E 875 21.45 28.38 60.48
CA PHE E 875 20.01 28.58 60.55
C PHE E 875 19.58 29.18 61.87
N THR E 876 20.52 29.48 62.76
CA THR E 876 20.15 30.06 64.04
C THR E 876 19.87 31.55 63.95
N GLU E 877 20.22 32.21 62.85
CA GLU E 877 20.03 33.64 62.72
C GLU E 877 19.53 33.96 61.32
N ASP E 878 18.84 35.09 61.20
CA ASP E 878 18.42 35.58 59.90
C ASP E 878 19.63 35.87 59.03
N LYS E 879 19.54 35.58 57.75
CA LYS E 879 20.68 35.74 56.87
C LYS E 879 20.26 36.25 55.50
N PHE E 880 21.20 36.92 54.84
CA PHE E 880 21.04 37.47 53.51
C PHE E 880 21.86 36.64 52.52
N PHE E 881 21.27 36.31 51.37
CA PHE E 881 21.93 35.44 50.41
C PHE E 881 22.02 36.12 49.04
N PHE E 882 23.02 35.71 48.27
CA PHE E 882 23.33 36.30 46.96
C PHE E 882 23.62 35.19 45.96
N HIS E 883 22.84 35.12 44.88
CA HIS E 883 23.01 34.11 43.84
C HIS E 883 23.43 34.81 42.56
N CYS E 884 24.67 34.57 42.13
CA CYS E 884 25.24 35.29 41.00
C CYS E 884 25.57 34.33 39.87
N PRO E 885 24.91 34.42 38.71
CA PRO E 885 25.28 33.56 37.59
C PRO E 885 26.56 34.03 36.93
N ILE E 886 27.33 33.06 36.44
CA ILE E 886 28.57 33.33 35.71
C ILE E 886 28.64 32.39 34.52
N THR E 887 29.45 32.75 33.54
CA THR E 887 29.63 31.97 32.33
C THR E 887 31.04 31.43 32.30
N ILE E 888 31.18 30.14 32.04
CA ILE E 888 32.47 29.49 32.03
C ILE E 888 32.90 29.28 30.59
N ASN E 889 34.18 29.55 30.30
CA ASN E 889 34.70 29.47 28.93
C ASN E 889 33.91 30.37 27.99
N PHE E 890 33.81 31.65 28.36
CA PHE E 890 32.91 32.58 27.69
C PHE E 890 33.19 32.65 26.20
N LYS E 891 34.45 32.67 25.81
CA LYS E 891 34.77 32.84 24.40
C LYS E 891 34.44 31.60 23.58
N SER E 892 34.26 30.46 24.22
CA SER E 892 34.09 29.23 23.47
C SER E 892 32.66 29.11 22.97
N SER E 893 32.42 28.03 22.24
CA SER E 893 31.12 27.74 21.64
C SER E 893 30.52 26.52 22.30
N GLY E 894 29.19 26.41 22.21
CA GLY E 894 28.51 25.31 22.85
C GLY E 894 29.04 23.96 22.37
N ALA E 895 28.81 22.95 23.19
CA ALA E 895 29.37 21.63 22.91
C ALA E 895 28.54 20.91 21.88
N ASN E 896 29.20 20.35 20.88
CA ASN E 896 28.50 19.56 19.87
C ASN E 896 29.45 18.50 19.34
N LYS E 897 28.87 17.36 18.96
CA LYS E 897 29.64 16.23 18.44
C LYS E 897 30.79 15.90 19.38
N PHE E 898 30.53 15.95 20.68
CA PHE E 898 31.58 15.74 21.66
C PHE E 898 32.07 14.30 21.63
N ASN E 899 31.14 13.36 21.58
CA ASN E 899 31.52 11.95 21.64
C ASN E 899 32.44 11.59 20.47
N ASP E 900 32.12 12.07 19.28
CA ASP E 900 32.96 11.80 18.11
C ASP E 900 34.36 12.35 18.32
N GLU E 901 34.45 13.60 18.81
CA GLU E 901 35.75 14.20 19.05
C GLU E 901 36.54 13.39 20.06
N ILE E 902 35.90 12.96 21.15
CA ILE E 902 36.58 12.16 22.16
C ILE E 902 37.04 10.83 21.56
N ASN E 903 36.15 10.16 20.83
CA ASN E 903 36.52 8.91 20.20
C ASN E 903 37.73 9.08 19.30
N LEU E 904 37.81 10.22 18.59
CA LEU E 904 38.97 10.47 17.75
C LEU E 904 40.23 10.61 18.58
N LEU E 905 40.16 11.40 19.65
CA LEU E 905 41.30 11.53 20.55
C LEU E 905 41.77 10.18 21.06
N LEU E 906 40.83 9.34 21.47
CA LEU E 906 41.21 8.01 21.94
C LEU E 906 41.85 7.20 20.81
N LYS E 907 41.30 7.30 19.60
CA LYS E 907 41.87 6.57 18.48
C LYS E 907 43.33 6.95 18.25
N GLU E 908 43.63 8.23 18.34
CA GLU E 908 45.01 8.67 18.20
C GLU E 908 45.87 8.11 19.32
N LYS E 909 45.39 8.24 20.56
CA LYS E 909 46.19 7.95 21.74
C LYS E 909 45.94 6.57 22.32
N ALA E 910 45.17 5.72 21.64
CA ALA E 910 44.76 4.44 22.21
C ALA E 910 45.93 3.59 22.67
N ASN E 911 47.15 3.90 22.23
CA ASN E 911 48.29 3.13 22.69
C ASN E 911 48.55 3.37 24.17
N ASP E 912 48.32 4.59 24.64
CA ASP E 912 48.62 4.98 26.01
C ASP E 912 47.40 4.95 26.93
N VAL E 913 46.21 4.62 26.43
CA VAL E 913 45.03 4.70 27.28
C VAL E 913 45.00 3.53 28.25
N HIS E 914 44.28 3.74 29.35
CA HIS E 914 44.01 2.74 30.36
C HIS E 914 42.51 2.69 30.56
N ILE E 915 42.03 1.67 31.28
CA ILE E 915 40.60 1.53 31.50
C ILE E 915 40.34 1.49 33.00
N LEU E 916 39.52 2.41 33.46
CA LEU E 916 39.08 2.48 34.84
C LEU E 916 37.66 1.94 34.90
N SER E 917 37.50 0.76 35.47
CA SER E 917 36.20 0.10 35.55
C SER E 917 35.73 0.11 36.99
N ILE E 918 34.48 0.51 37.18
CA ILE E 918 33.91 0.70 38.50
C ILE E 918 32.67 -0.15 38.64
N ASP E 919 32.51 -0.80 39.78
CA ASP E 919 31.39 -1.70 39.98
C ASP E 919 30.94 -1.61 41.42
N ARG E 920 29.65 -1.83 41.64
CA ARG E 920 29.09 -1.80 42.99
C ARG E 920 29.08 -3.22 43.53
N GLY E 921 29.90 -3.47 44.53
CA GLY E 921 30.05 -4.82 45.00
C GLY E 921 29.03 -5.20 46.04
N GLU E 922 29.00 -6.50 46.35
CA GLU E 922 28.12 -6.98 47.41
C GLU E 922 28.71 -6.65 48.77
N ARG E 923 30.00 -6.88 48.95
CA ARG E 923 30.69 -6.52 50.17
C ARG E 923 31.39 -5.18 50.05
N HIS E 924 31.33 -4.54 48.90
CA HIS E 924 32.02 -3.28 48.66
C HIS E 924 31.04 -2.23 48.18
N LEU E 925 31.09 -1.05 48.78
CA LEU E 925 30.31 0.06 48.26
C LEU E 925 30.63 0.30 46.80
N ALA E 926 31.92 0.42 46.48
CA ALA E 926 32.36 0.57 45.11
C ALA E 926 33.77 0.03 45.00
N TYR E 927 34.12 -0.42 43.80
CA TYR E 927 35.43 -1.00 43.54
C TYR E 927 35.85 -0.61 42.12
N TYR E 928 37.15 -0.42 41.94
CA TYR E 928 37.68 -0.04 40.64
C TYR E 928 38.85 -0.93 40.27
N THR E 929 39.05 -1.11 38.96
CA THR E 929 40.21 -1.82 38.45
C THR E 929 40.75 -1.08 37.25
N LEU E 930 42.05 -0.78 37.28
CA LEU E 930 42.77 -0.26 36.14
C LEU E 930 43.25 -1.42 35.31
N VAL E 931 42.87 -1.48 34.03
CA VAL E 931 43.28 -2.61 33.20
C VAL E 931 44.14 -2.14 32.05
N ASP E 932 45.11 -2.98 31.70
CA ASP E 932 46.09 -2.75 30.64
C ASP E 932 45.43 -2.82 29.28
N GLY E 933 46.11 -2.28 28.26
CA GLY E 933 45.67 -2.51 26.90
C GLY E 933 45.58 -3.98 26.56
N LYS E 934 46.38 -4.81 27.24
CA LYS E 934 46.34 -6.26 27.06
C LYS E 934 45.29 -6.94 27.93
N GLY E 935 44.79 -6.27 28.97
CA GLY E 935 43.88 -6.89 29.89
C GLY E 935 44.47 -7.23 31.25
N ASN E 936 45.73 -6.90 31.50
CA ASN E 936 46.27 -7.04 32.84
C ASN E 936 45.73 -5.95 33.74
N ILE E 937 45.79 -6.18 35.04
CA ILE E 937 45.29 -5.23 36.01
C ILE E 937 46.48 -4.46 36.56
N ILE E 938 46.57 -3.18 36.22
CA ILE E 938 47.67 -2.37 36.71
C ILE E 938 47.45 -1.96 38.15
N LYS E 939 46.22 -1.59 38.50
CA LYS E 939 45.94 -1.11 39.85
C LYS E 939 44.49 -1.43 40.19
N GLN E 940 44.25 -1.82 41.44
CA GLN E 940 42.89 -2.01 41.94
C GLN E 940 42.85 -1.68 43.42
N ASP E 941 41.78 -1.03 43.85
CA ASP E 941 41.58 -0.71 45.26
C ASP E 941 40.12 -0.41 45.48
N THR E 942 39.70 -0.49 46.73
CA THR E 942 38.31 -0.22 47.07
C THR E 942 38.09 1.27 47.27
N PHE E 943 36.87 1.71 46.96
CA PHE E 943 36.45 3.07 47.25
C PHE E 943 35.86 3.21 48.65
N ASN E 944 35.92 2.14 49.44
CA ASN E 944 35.43 2.20 50.82
C ASN E 944 36.10 3.33 51.59
N ILE E 945 37.41 3.46 51.47
CA ILE E 945 38.16 4.44 52.23
C ILE E 945 38.34 5.67 51.36
N ILE E 946 37.66 6.74 51.71
CA ILE E 946 37.90 8.05 51.13
C ILE E 946 38.59 8.88 52.20
N GLY E 947 39.86 9.13 52.04
CA GLY E 947 40.57 9.81 53.09
C GLY E 947 41.84 10.42 52.57
N ASN E 948 42.29 11.47 53.26
CA ASN E 948 43.55 12.13 53.01
C ASN E 948 44.57 11.60 54.01
N ASP E 949 45.80 12.12 53.92
CA ASP E 949 46.79 11.77 54.94
C ASP E 949 46.29 12.09 56.33
N ARG E 950 45.65 13.25 56.50
CA ARG E 950 45.28 13.73 57.82
C ARG E 950 44.13 12.93 58.41
N MET E 951 43.10 12.67 57.62
CA MET E 951 41.89 12.02 58.11
C MET E 951 41.52 10.91 57.15
N LYS E 952 41.23 9.74 57.70
CA LYS E 952 40.76 8.60 56.93
C LYS E 952 39.35 8.25 57.40
N THR E 953 38.40 8.32 56.48
CA THR E 953 37.02 7.97 56.77
C THR E 953 36.70 6.69 56.02
N ASN E 954 36.22 5.68 56.74
CA ASN E 954 35.83 4.43 56.12
C ASN E 954 34.32 4.44 56.00
N TYR E 955 33.82 4.63 54.80
CA TYR E 955 32.39 4.75 54.63
C TYR E 955 31.72 3.39 54.71
N HIS E 956 32.44 2.33 54.38
CA HIS E 956 31.87 0.99 54.50
C HIS E 956 31.51 0.70 55.93
N ASP E 957 32.46 0.90 56.84
CA ASP E 957 32.21 0.65 58.27
C ASP E 957 31.15 1.59 58.82
N LYS E 958 31.22 2.87 58.45
CA LYS E 958 30.24 3.83 58.93
C LYS E 958 28.84 3.48 58.45
N LEU E 959 28.71 3.10 57.18
CA LEU E 959 27.41 2.71 56.65
C LEU E 959 26.93 1.41 57.28
N ALA E 960 27.82 0.42 57.39
CA ALA E 960 27.45 -0.82 58.05
C ALA E 960 27.00 -0.57 59.48
N ALA E 961 27.60 0.40 60.14
CA ALA E 961 27.19 0.72 61.50
C ALA E 961 25.74 1.19 61.54
N ILE E 962 25.35 2.03 60.58
CA ILE E 962 23.98 2.53 60.58
C ILE E 962 23.00 1.42 60.31
N GLU E 963 23.32 0.52 59.38
CA GLU E 963 22.40 -0.52 59.01
C GLU E 963 22.22 -1.52 60.15
N ARG E 970 17.41 0.42 58.75
CA ARG E 970 16.51 0.19 57.64
C ARG E 970 15.08 0.03 58.14
N LYS E 971 14.89 0.13 59.46
CA LYS E 971 13.58 -0.18 60.03
C LYS E 971 12.59 0.97 59.86
N ASP E 972 13.03 2.21 60.07
CA ASP E 972 12.10 3.34 60.07
C ASP E 972 12.57 4.42 59.13
N TRP E 973 11.64 5.31 58.80
CA TRP E 973 11.86 6.30 57.75
C TRP E 973 13.10 7.12 58.01
N LYS E 974 13.23 7.66 59.22
CA LYS E 974 14.35 8.54 59.52
C LYS E 974 15.67 7.86 59.24
N LYS E 975 15.80 6.60 59.68
CA LYS E 975 17.03 5.87 59.46
C LYS E 975 17.27 5.65 57.98
N ILE E 976 16.23 5.21 57.27
CA ILE E 976 16.38 4.93 55.84
C ILE E 976 16.86 6.18 55.12
N ASN E 977 16.21 7.31 55.36
CA ASN E 977 16.62 8.54 54.71
C ASN E 977 18.05 8.90 55.05
N ASN E 978 18.46 8.64 56.29
CA ASN E 978 19.83 8.96 56.68
C ASN E 978 20.82 8.11 55.91
N ILE E 979 20.51 6.83 55.75
CA ILE E 979 21.39 5.95 54.98
C ILE E 979 21.50 6.45 53.55
N LYS E 980 20.37 6.76 52.94
CA LYS E 980 20.38 7.28 51.58
C LYS E 980 21.21 8.55 51.49
N GLU E 981 20.98 9.49 52.41
CA GLU E 981 21.70 10.75 52.35
C GLU E 981 23.20 10.54 52.48
N MET E 982 23.61 9.63 53.35
CA MET E 982 25.04 9.39 53.52
C MET E 982 25.64 8.79 52.26
N LYS E 983 24.93 7.86 51.63
CA LYS E 983 25.42 7.28 50.40
C LYS E 983 25.61 8.36 49.35
N GLU E 984 24.60 9.21 49.17
CA GLU E 984 24.70 10.27 48.18
C GLU E 984 25.85 11.22 48.50
N GLY E 985 26.05 11.53 49.77
CA GLY E 985 27.18 12.36 50.13
C GLY E 985 28.49 11.64 49.89
N TYR E 986 28.53 10.35 50.17
CA TYR E 986 29.74 9.58 49.91
C TYR E 986 30.09 9.63 48.44
N LEU E 987 29.09 9.68 47.57
CA LEU E 987 29.36 9.71 46.14
C LEU E 987 30.12 10.97 45.78
N SER E 988 29.80 12.09 46.42
CA SER E 988 30.52 13.33 46.12
C SER E 988 32.00 13.15 46.35
N GLN E 989 32.37 12.29 47.27
CA GLN E 989 33.79 12.01 47.47
C GLN E 989 34.33 11.12 46.37
N VAL E 990 33.61 10.06 46.04
CA VAL E 990 34.16 9.07 45.13
C VAL E 990 34.34 9.67 43.74
N VAL E 991 33.49 10.61 43.34
CA VAL E 991 33.66 11.17 42.00
C VAL E 991 34.98 11.90 41.90
N HIS E 992 35.44 12.52 42.99
CA HIS E 992 36.73 13.17 42.93
C HIS E 992 37.84 12.15 42.83
N GLU E 993 37.71 11.06 43.58
CA GLU E 993 38.70 9.99 43.44
C GLU E 993 38.72 9.47 42.02
N ILE E 994 37.55 9.32 41.41
CA ILE E 994 37.52 8.84 40.03
C ILE E 994 38.24 9.81 39.12
N ALA E 995 37.96 11.10 39.28
CA ALA E 995 38.59 12.09 38.41
C ALA E 995 40.10 12.09 38.59
N LYS E 996 40.57 12.02 39.83
CA LYS E 996 42.00 11.94 40.06
C LYS E 996 42.59 10.73 39.33
N LEU E 997 41.93 9.58 39.43
CA LEU E 997 42.43 8.41 38.75
C LEU E 997 42.44 8.61 37.23
N VAL E 998 41.42 9.26 36.70
CA VAL E 998 41.32 9.45 35.25
C VAL E 998 42.53 10.22 34.74
N ILE E 999 42.81 11.38 35.34
CA ILE E 999 43.90 12.20 34.87
C ILE E 999 45.24 11.52 35.14
N GLU E 1000 45.37 10.89 36.30
CA GLU E 1000 46.66 10.33 36.69
C GLU E 1000 47.05 9.20 35.75
N TYR E 1001 46.16 8.26 35.52
CA TYR E 1001 46.48 7.07 34.74
C TYR E 1001 46.01 7.12 33.30
N ASN E 1002 45.45 8.25 32.85
CA ASN E 1002 45.03 8.42 31.45
C ASN E 1002 43.99 7.38 31.06
N ALA E 1003 42.96 7.25 31.87
CA ALA E 1003 42.02 6.16 31.69
C ALA E 1003 40.71 6.65 31.08
N ILE E 1004 39.83 5.71 30.81
CA ILE E 1004 38.44 5.97 30.47
C ILE E 1004 37.58 5.25 31.49
N VAL E 1005 36.51 5.89 31.91
CA VAL E 1005 35.66 5.35 32.96
C VAL E 1005 34.62 4.46 32.31
N VAL E 1006 34.49 3.24 32.82
CA VAL E 1006 33.50 2.29 32.32
C VAL E 1006 32.59 1.93 33.48
N PHE E 1007 31.30 2.18 33.29
CA PHE E 1007 30.27 1.89 34.26
C PHE E 1007 29.33 0.86 33.68
N GLU E 1008 28.57 0.19 34.54
CA GLU E 1008 27.51 -0.65 34.02
C GLU E 1008 26.37 0.20 33.50
N ASP E 1009 25.68 -0.29 32.49
CA ASP E 1009 24.57 0.44 31.90
C ASP E 1009 23.37 0.29 32.81
N LEU E 1010 22.88 1.40 33.33
CA LEU E 1010 21.73 1.32 34.22
C LEU E 1010 20.41 1.45 33.47
N ASN E 1011 20.46 1.78 32.19
CA ASN E 1011 19.23 1.85 31.41
C ASN E 1011 18.79 0.47 30.93
N PHE E 1012 19.73 -0.38 30.53
CA PHE E 1012 19.38 -1.68 30.00
C PHE E 1012 20.37 -2.71 30.51
N GLY E 1013 19.86 -3.79 31.10
CA GLY E 1013 20.71 -4.86 31.58
C GLY E 1013 21.41 -4.62 32.89
N PHE E 1014 20.76 -3.94 33.83
CA PHE E 1014 21.34 -3.64 35.13
C PHE E 1014 21.36 -4.88 36.02
N LYS E 1015 22.19 -4.81 37.06
CA LYS E 1015 22.45 -5.96 37.93
C LYS E 1015 21.21 -6.37 38.72
N ARG E 1016 21.12 -7.68 38.98
CA ARG E 1016 19.96 -8.24 39.66
C ARG E 1016 20.05 -8.09 41.19
N GLY E 1017 21.19 -8.40 41.77
CA GLY E 1017 21.26 -8.81 43.16
C GLY E 1017 21.11 -7.68 44.17
N ARG E 1018 21.42 -8.03 45.41
CA ARG E 1018 21.40 -7.09 46.53
C ARG E 1018 22.79 -6.52 46.71
N PHE E 1019 22.89 -5.20 46.67
CA PHE E 1019 24.17 -4.52 46.70
C PHE E 1019 24.15 -3.39 47.73
N LYS E 1020 25.35 -2.93 48.08
CA LYS E 1020 25.45 -1.91 49.11
C LYS E 1020 24.90 -0.58 48.63
N VAL E 1021 25.09 -0.25 47.36
CA VAL E 1021 24.54 0.96 46.77
C VAL E 1021 23.48 0.53 45.76
N GLU E 1022 22.25 0.98 45.98
CA GLU E 1022 21.16 0.59 45.10
C GLU E 1022 21.29 1.29 43.75
N LYS E 1023 20.58 0.75 42.76
CA LYS E 1023 20.66 1.28 41.41
C LYS E 1023 20.36 2.77 41.40
N GLN E 1024 19.38 3.21 42.18
CA GLN E 1024 19.00 4.62 42.19
C GLN E 1024 20.18 5.48 42.60
N VAL E 1025 20.81 5.16 43.73
CA VAL E 1025 21.92 5.95 44.21
C VAL E 1025 23.11 5.85 43.26
N TYR E 1026 23.38 4.64 42.76
CA TYR E 1026 24.48 4.48 41.82
C TYR E 1026 24.24 5.30 40.58
N GLN E 1027 22.99 5.38 40.12
CA GLN E 1027 22.66 6.26 39.02
C GLN E 1027 23.04 7.69 39.35
N LYS E 1028 22.85 8.10 40.60
CA LYS E 1028 23.29 9.42 41.02
C LYS E 1028 24.82 9.53 40.89
N LEU E 1029 25.53 8.45 41.18
CA LEU E 1029 26.98 8.49 41.03
C LEU E 1029 27.37 8.76 39.59
N GLU E 1030 26.76 8.04 38.64
CA GLU E 1030 27.10 8.23 37.25
C GLU E 1030 26.79 9.65 36.81
N LYS E 1031 25.59 10.13 37.09
CA LYS E 1031 25.24 11.49 36.74
C LYS E 1031 26.21 12.48 37.34
N MET E 1032 26.59 12.26 38.60
CA MET E 1032 27.47 13.21 39.25
C MET E 1032 28.85 13.22 38.63
N LEU E 1033 29.31 12.07 38.15
CA LEU E 1033 30.61 12.04 37.48
C LEU E 1033 30.54 12.78 36.15
N ILE E 1034 29.43 12.64 35.44
CA ILE E 1034 29.26 13.38 34.20
C ILE E 1034 29.35 14.87 34.47
N GLU E 1035 28.52 15.35 35.40
CA GLU E 1035 28.50 16.79 35.69
C GLU E 1035 29.84 17.27 36.18
N LYS E 1036 30.58 16.44 36.91
CA LYS E 1036 31.88 16.86 37.39
C LYS E 1036 32.84 17.00 36.23
N LEU E 1037 32.85 16.04 35.33
CA LEU E 1037 33.75 16.07 34.19
C LEU E 1037 33.35 17.11 33.16
N ASN E 1038 32.21 17.79 33.33
CA ASN E 1038 31.92 18.96 32.49
C ASN E 1038 32.98 20.03 32.67
N TYR E 1039 33.32 20.36 33.92
CA TYR E 1039 34.37 21.32 34.21
C TYR E 1039 35.18 20.77 35.37
N LEU E 1040 36.45 20.48 35.13
CA LEU E 1040 37.28 19.73 36.07
C LEU E 1040 38.48 20.58 36.46
N VAL E 1041 38.56 20.96 37.72
CA VAL E 1041 39.64 21.79 38.24
C VAL E 1041 40.22 21.13 39.47
N PHE E 1042 41.55 21.14 39.57
CA PHE E 1042 42.23 20.62 40.75
C PHE E 1042 42.75 21.79 41.58
N LYS E 1043 42.45 21.76 42.87
CA LYS E 1043 42.62 22.95 43.70
C LYS E 1043 44.08 23.36 43.76
N ASP E 1044 45.00 22.40 43.75
CA ASP E 1044 46.41 22.71 43.87
C ASP E 1044 47.13 22.85 42.55
N ASN E 1045 46.49 22.53 41.43
CA ASN E 1045 47.15 22.72 40.15
C ASN E 1045 47.39 24.20 39.89
N GLU E 1046 48.34 24.48 39.02
CA GLU E 1046 48.72 25.86 38.75
C GLU E 1046 47.62 26.58 38.00
N PHE E 1047 47.57 27.90 38.18
CA PHE E 1047 46.47 28.69 37.66
C PHE E 1047 46.46 28.73 36.15
N ASP E 1048 47.62 28.93 35.53
CA ASP E 1048 47.71 29.05 34.08
C ASP E 1048 47.74 27.71 33.37
N LYS E 1049 48.38 26.70 33.95
CA LYS E 1049 48.56 25.41 33.31
C LYS E 1049 47.28 24.58 33.33
N THR E 1050 47.24 23.59 32.44
CA THR E 1050 46.06 22.75 32.28
C THR E 1050 45.68 22.09 33.59
N GLY E 1051 44.38 21.87 33.76
CA GLY E 1051 43.85 21.44 35.02
C GLY E 1051 43.67 22.55 36.03
N GLY E 1052 44.13 23.75 35.74
CA GLY E 1052 44.06 24.84 36.68
C GLY E 1052 42.76 25.62 36.57
N VAL E 1053 42.71 26.72 37.30
CA VAL E 1053 41.49 27.52 37.36
C VAL E 1053 41.13 28.05 35.98
N LEU E 1054 42.13 28.43 35.20
CA LEU E 1054 41.85 28.97 33.88
C LEU E 1054 41.62 27.84 32.88
N ARG E 1055 42.41 26.79 32.96
CA ARG E 1055 42.31 25.69 32.00
C ARG E 1055 41.83 24.45 32.73
N ALA E 1056 40.58 24.07 32.49
CA ALA E 1056 39.96 22.96 33.17
C ALA E 1056 39.63 21.87 32.17
N TYR E 1057 39.94 20.63 32.50
CA TYR E 1057 39.61 19.53 31.63
C TYR E 1057 38.11 19.50 31.36
N GLN E 1058 37.74 19.42 30.09
CA GLN E 1058 36.35 19.16 29.72
C GLN E 1058 36.32 17.80 29.04
N LEU E 1059 35.87 16.80 29.77
CA LEU E 1059 35.81 15.44 29.27
C LEU E 1059 34.41 14.97 28.92
N THR E 1060 33.38 15.79 29.12
CA THR E 1060 32.02 15.32 28.90
C THR E 1060 31.13 16.45 28.41
N ALA E 1061 30.14 16.08 27.61
CA ALA E 1061 29.11 16.99 27.22
C ALA E 1061 28.13 17.17 28.37
N PRO E 1062 27.42 18.29 28.40
CA PRO E 1062 26.47 18.52 29.48
C PRO E 1062 25.47 17.37 29.60
N PHE E 1063 25.04 17.13 30.84
CA PHE E 1063 24.05 16.10 31.08
C PHE E 1063 22.73 16.50 30.44
N GLU E 1064 22.05 15.52 29.85
CA GLU E 1064 20.76 15.76 29.23
C GLU E 1064 19.65 15.07 30.01
N THR E 1065 19.56 13.75 29.89
CA THR E 1065 18.61 12.96 30.65
C THR E 1065 19.18 11.56 30.79
N PHE E 1066 18.64 10.81 31.74
CA PHE E 1066 19.20 9.50 32.04
C PHE E 1066 19.14 8.59 30.81
N LYS E 1067 18.06 8.66 30.05
CA LYS E 1067 17.93 7.77 28.90
C LYS E 1067 18.92 8.11 27.81
N LYS E 1068 19.12 9.40 27.55
CA LYS E 1068 20.04 9.80 26.50
C LYS E 1068 21.50 9.55 26.83
N MET E 1069 21.81 9.12 28.05
CA MET E 1069 23.19 8.78 28.37
C MET E 1069 23.72 7.78 27.35
N GLY E 1070 22.97 6.74 27.08
CA GLY E 1070 23.37 5.81 26.06
C GLY E 1070 24.63 5.05 26.44
N LYS E 1071 25.24 4.45 25.43
CA LYS E 1071 26.43 3.67 25.68
C LYS E 1071 27.61 4.54 26.07
N GLN E 1072 27.65 5.79 25.60
CA GLN E 1072 28.79 6.65 25.84
C GLN E 1072 28.31 8.07 26.05
N THR E 1073 28.83 8.72 27.07
CA THR E 1073 28.74 10.17 27.21
C THR E 1073 30.12 10.66 27.53
N GLY E 1074 30.69 11.42 26.61
CA GLY E 1074 32.02 11.95 26.83
C GLY E 1074 33.00 10.81 26.99
N ILE E 1075 33.72 10.84 28.12
CA ILE E 1075 34.79 9.89 28.36
C ILE E 1075 34.29 8.62 29.04
N ILE E 1076 33.01 8.56 29.42
CA ILE E 1076 32.47 7.45 30.20
C ILE E 1076 31.70 6.53 29.28
N TYR E 1077 31.94 5.23 29.40
CA TYR E 1077 31.29 4.22 28.59
C TYR E 1077 30.50 3.28 29.47
N TYR E 1078 29.31 2.91 29.04
CA TYR E 1078 28.40 2.08 29.83
C TYR E 1078 28.26 0.72 29.14
N VAL E 1079 28.61 -0.33 29.84
CA VAL E 1079 28.54 -1.67 29.28
C VAL E 1079 27.52 -2.47 30.07
N PRO E 1080 26.84 -3.43 29.46
CA PRO E 1080 25.91 -4.27 30.23
C PRO E 1080 26.65 -4.99 31.34
N ALA E 1081 26.01 -5.06 32.50
CA ALA E 1081 26.58 -5.74 33.64
C ALA E 1081 26.30 -7.23 33.64
N GLY E 1082 25.61 -7.73 32.62
CA GLY E 1082 25.29 -9.15 32.60
C GLY E 1082 26.55 -9.99 32.47
N PHE E 1083 26.62 -11.05 33.26
CA PHE E 1083 27.72 -12.02 33.21
C PHE E 1083 29.05 -11.39 33.57
N THR E 1084 29.05 -10.32 34.36
CA THR E 1084 30.34 -9.75 34.74
C THR E 1084 30.97 -10.48 35.92
N SER E 1085 30.21 -10.74 36.98
CA SER E 1085 30.80 -11.19 38.24
C SER E 1085 30.84 -12.69 38.41
N LYS E 1086 30.21 -13.45 37.55
CA LYS E 1086 30.15 -14.89 37.67
C LYS E 1086 31.18 -15.62 36.82
N ILE E 1087 32.12 -14.90 36.20
CA ILE E 1087 33.01 -15.46 35.19
C ILE E 1087 34.38 -15.76 35.79
N CYS E 1088 35.01 -16.81 35.29
CA CYS E 1088 36.39 -17.12 35.63
C CYS E 1088 37.34 -16.13 34.97
N PRO E 1089 38.23 -15.49 35.74
CA PRO E 1089 39.13 -14.51 35.12
C PRO E 1089 40.13 -15.11 34.15
N VAL E 1090 40.70 -16.28 34.46
CA VAL E 1090 41.77 -16.79 33.61
C VAL E 1090 41.21 -17.43 32.35
N THR E 1091 40.20 -18.27 32.49
CA THR E 1091 39.67 -19.01 31.35
C THR E 1091 38.42 -18.41 30.74
N GLY E 1092 37.83 -17.37 31.33
CA GLY E 1092 36.57 -16.87 30.82
C GLY E 1092 35.41 -17.84 30.90
N PHE E 1093 35.46 -18.80 31.81
CA PHE E 1093 34.35 -19.75 31.94
C PHE E 1093 33.10 -19.04 32.43
N VAL E 1094 31.95 -19.45 31.90
CA VAL E 1094 30.66 -19.00 32.35
C VAL E 1094 29.78 -20.23 32.54
N ASN E 1095 28.86 -20.17 33.48
CA ASN E 1095 27.96 -21.29 33.70
C ASN E 1095 26.64 -20.93 33.05
N GLN E 1096 26.43 -21.46 31.84
CA GLN E 1096 25.15 -21.35 31.16
C GLN E 1096 24.35 -22.64 31.15
N LEU E 1097 24.88 -23.74 31.66
CA LEU E 1097 24.12 -24.98 31.78
C LEU E 1097 23.81 -25.16 33.26
N TYR E 1098 22.56 -24.96 33.63
CA TYR E 1098 22.18 -24.91 35.02
C TYR E 1098 21.46 -26.20 35.36
N PRO E 1099 22.02 -27.08 36.19
CA PRO E 1099 21.23 -28.23 36.62
C PRO E 1099 20.04 -27.74 37.42
N LYS E 1100 18.84 -28.04 36.92
CA LYS E 1100 17.61 -27.66 37.60
C LYS E 1100 16.89 -28.81 38.28
N TYR E 1101 17.31 -30.04 38.03
CA TYR E 1101 16.53 -31.24 38.39
C TYR E 1101 15.04 -31.00 38.17
N GLU E 1102 14.62 -30.82 36.92
CA GLU E 1102 13.18 -30.69 36.66
C GLU E 1102 12.47 -32.02 36.85
N SER E 1103 13.05 -33.09 36.31
CA SER E 1103 12.44 -34.41 36.36
C SER E 1103 13.51 -35.46 36.20
N VAL E 1104 13.17 -36.71 36.52
CA VAL E 1104 14.11 -37.81 36.38
C VAL E 1104 14.53 -37.96 34.92
N SER E 1105 13.55 -37.99 34.02
CA SER E 1105 13.87 -38.16 32.60
C SER E 1105 14.76 -37.04 32.10
N LYS E 1106 14.43 -35.80 32.45
CA LYS E 1106 15.25 -34.68 32.02
C LYS E 1106 16.64 -34.75 32.63
N SER E 1107 16.77 -35.28 33.85
CA SER E 1107 18.09 -35.45 34.44
C SER E 1107 18.91 -36.48 33.67
N GLN E 1108 18.28 -37.60 33.30
CA GLN E 1108 18.98 -38.60 32.50
C GLN E 1108 19.45 -38.01 31.18
N GLU E 1109 18.56 -37.28 30.49
CA GLU E 1109 18.96 -36.58 29.28
C GLU E 1109 20.12 -35.64 29.55
N PHE E 1110 20.04 -34.89 30.66
CA PHE E 1110 21.04 -33.86 30.95
C PHE E 1110 22.43 -34.46 31.14
N PHE E 1111 22.54 -35.50 31.95
CA PHE E 1111 23.85 -36.12 32.14
C PHE E 1111 24.28 -36.89 30.90
N SER E 1112 23.32 -37.44 30.15
CA SER E 1112 23.68 -38.14 28.92
C SER E 1112 24.31 -37.20 27.91
N LYS E 1113 23.87 -35.93 27.89
CA LYS E 1113 24.45 -34.98 26.96
C LYS E 1113 25.92 -34.73 27.22
N PHE E 1114 26.38 -34.98 28.44
CA PHE E 1114 27.78 -34.77 28.76
C PHE E 1114 28.67 -35.61 27.86
N ASP E 1115 29.81 -35.03 27.47
CA ASP E 1115 30.79 -35.80 26.71
C ASP E 1115 31.34 -36.95 27.55
N LYS E 1116 31.94 -36.65 28.69
CA LYS E 1116 32.48 -37.67 29.56
C LYS E 1116 32.50 -37.18 31.00
N ILE E 1117 32.27 -38.11 31.94
CA ILE E 1117 32.31 -37.84 33.37
C ILE E 1117 33.17 -38.93 33.99
N CYS E 1118 34.30 -38.54 34.57
CA CYS E 1118 35.27 -39.50 35.08
C CYS E 1118 35.88 -38.98 36.37
N TYR E 1119 36.52 -39.88 37.11
CA TYR E 1119 37.35 -39.53 38.25
C TYR E 1119 38.79 -39.47 37.78
N ASN E 1120 39.48 -38.39 38.11
CA ASN E 1120 40.86 -38.21 37.72
C ASN E 1120 41.74 -38.76 38.84
N LEU E 1121 42.41 -39.88 38.56
CA LEU E 1121 43.02 -40.64 39.63
C LEU E 1121 44.21 -39.90 40.23
N ASP E 1122 45.09 -39.37 39.39
CA ASP E 1122 46.32 -38.78 39.89
C ASP E 1122 46.02 -37.53 40.71
N LYS E 1123 45.12 -36.68 40.21
CA LYS E 1123 44.87 -35.40 40.87
C LYS E 1123 43.92 -35.56 42.05
N GLY E 1124 42.96 -36.47 41.95
CA GLY E 1124 42.05 -36.73 43.05
C GLY E 1124 40.74 -35.98 43.03
N TYR E 1125 40.28 -35.51 41.87
CA TYR E 1125 38.98 -34.86 41.78
C TYR E 1125 38.23 -35.35 40.55
N PHE E 1126 36.92 -35.28 40.61
CA PHE E 1126 36.10 -35.68 39.48
C PHE E 1126 36.14 -34.64 38.38
N GLU E 1127 35.88 -35.08 37.15
CA GLU E 1127 35.91 -34.21 35.98
C GLU E 1127 34.62 -34.40 35.20
N PHE E 1128 33.94 -33.29 34.92
CA PHE E 1128 32.80 -33.28 34.03
C PHE E 1128 33.21 -32.58 32.74
N SER E 1129 33.18 -33.33 31.63
CA SER E 1129 33.58 -32.81 30.32
C SER E 1129 32.36 -32.71 29.43
N PHE E 1130 32.19 -31.55 28.80
CA PHE E 1130 30.95 -31.31 28.08
C PHE E 1130 31.20 -30.24 27.02
N ASP E 1131 30.25 -30.16 26.08
CA ASP E 1131 30.26 -29.17 25.00
C ASP E 1131 28.93 -28.44 25.03
N TYR E 1132 28.99 -27.11 25.06
CA TYR E 1132 27.76 -26.33 25.09
C TYR E 1132 26.96 -26.45 23.82
N LYS E 1133 27.52 -27.03 22.77
CA LYS E 1133 26.76 -27.23 21.54
C LYS E 1133 25.55 -28.12 21.79
N ASN E 1134 25.68 -29.10 22.68
CA ASN E 1134 24.60 -30.05 22.90
C ASN E 1134 23.48 -29.43 23.73
N PHE E 1135 23.83 -28.64 24.73
CA PHE E 1135 22.84 -28.12 25.64
C PHE E 1135 22.16 -26.90 25.06
N ALA E 1139 23.34 -20.85 23.45
CA ALA E 1139 23.73 -19.65 24.19
C ALA E 1139 25.22 -19.41 24.06
N ALA E 1140 26.03 -20.26 24.70
CA ALA E 1140 27.46 -20.25 24.56
C ALA E 1140 27.89 -21.49 23.80
N LYS E 1141 29.03 -21.40 23.12
CA LYS E 1141 29.58 -22.54 22.40
C LYS E 1141 31.05 -22.71 22.75
N GLY E 1142 31.43 -23.95 23.03
CA GLY E 1142 32.80 -24.28 23.37
C GLY E 1142 32.86 -25.59 24.13
N LYS E 1143 34.08 -26.06 24.32
CA LYS E 1143 34.35 -27.31 25.03
C LYS E 1143 35.18 -26.98 26.26
N TRP E 1144 34.73 -27.48 27.41
CA TRP E 1144 35.10 -26.88 28.69
C TRP E 1144 35.76 -27.83 29.67
N THR E 1145 35.09 -28.93 30.04
CA THR E 1145 35.59 -29.96 30.99
C THR E 1145 35.95 -29.38 32.37
N ILE E 1146 34.90 -29.11 33.17
CA ILE E 1146 35.03 -28.57 34.55
C ILE E 1146 35.49 -29.64 35.53
N ALA E 1147 35.96 -29.19 36.70
CA ALA E 1147 36.48 -30.07 37.73
C ALA E 1147 35.95 -29.65 39.09
N SER E 1148 36.10 -30.56 40.06
CA SER E 1148 35.54 -30.45 41.39
C SER E 1148 36.50 -29.95 42.45
N PHE E 1149 37.68 -29.46 42.06
CA PHE E 1149 38.83 -29.38 42.97
C PHE E 1149 38.53 -28.69 44.30
N GLY E 1150 38.06 -27.45 44.25
CA GLY E 1150 38.07 -26.61 45.43
C GLY E 1150 37.09 -27.06 46.50
N SER E 1151 37.05 -26.27 47.57
CA SER E 1151 36.03 -26.39 48.60
C SER E 1151 35.09 -25.19 48.50
N ARG E 1152 33.79 -25.47 48.61
CA ARG E 1152 32.76 -24.46 48.38
C ARG E 1152 31.98 -24.19 49.65
N LEU E 1153 31.88 -22.92 50.02
CA LEU E 1153 31.04 -22.51 51.13
C LEU E 1153 29.60 -22.39 50.65
N ILE E 1154 28.69 -23.13 51.27
CA ILE E 1154 27.32 -23.20 50.80
C ILE E 1154 26.43 -22.32 51.65
N ASN E 1155 25.64 -21.50 50.98
CA ASN E 1155 24.57 -20.74 51.60
C ASN E 1155 23.25 -20.99 50.86
N ASN E 1164 22.22 -14.47 56.17
CA ASN E 1164 21.01 -15.05 56.75
C ASN E 1164 21.32 -16.39 57.42
N TRP E 1165 21.01 -17.47 56.72
CA TRP E 1165 21.30 -18.80 57.23
C TRP E 1165 22.81 -19.00 57.27
N ASP E 1166 23.34 -19.35 58.45
CA ASP E 1166 24.78 -19.37 58.66
C ASP E 1166 25.42 -20.34 57.68
N THR E 1167 26.65 -20.06 57.30
CA THR E 1167 27.30 -20.79 56.22
C THR E 1167 27.82 -22.13 56.71
N ARG E 1168 27.82 -23.10 55.80
CA ARG E 1168 28.41 -24.41 56.04
C ARG E 1168 29.33 -24.73 54.88
N GLU E 1169 30.49 -25.27 55.18
CA GLU E 1169 31.50 -25.53 54.18
C GLU E 1169 31.39 -26.97 53.70
N VAL E 1170 31.38 -27.16 52.38
CA VAL E 1170 31.20 -28.47 51.78
C VAL E 1170 32.40 -28.77 50.89
N TYR E 1171 32.86 -30.01 50.92
CA TYR E 1171 33.90 -30.45 50.02
C TYR E 1171 33.27 -31.28 48.91
N PRO E 1172 33.16 -30.77 47.68
CA PRO E 1172 32.33 -31.46 46.69
C PRO E 1172 32.87 -32.79 46.23
N THR E 1173 34.18 -32.93 46.12
CA THR E 1173 34.76 -34.20 45.70
C THR E 1173 34.41 -35.29 46.70
N LYS E 1174 34.63 -35.02 47.98
CA LYS E 1174 34.27 -35.99 49.01
C LYS E 1174 32.78 -36.29 48.98
N GLU E 1175 31.95 -35.26 48.77
CA GLU E 1175 30.52 -35.49 48.68
C GLU E 1175 30.20 -36.43 47.52
N LEU E 1176 30.91 -36.27 46.40
CA LEU E 1176 30.70 -37.17 45.28
C LEU E 1176 31.14 -38.58 45.61
N GLU E 1177 32.25 -38.71 46.35
CA GLU E 1177 32.69 -40.03 46.78
C GLU E 1177 31.60 -40.73 47.58
N LYS E 1178 31.00 -40.03 48.54
CA LYS E 1178 29.97 -40.63 49.37
C LYS E 1178 28.76 -41.00 48.53
N LEU E 1179 28.30 -40.10 47.67
CA LEU E 1179 27.12 -40.38 46.87
C LEU E 1179 27.33 -41.58 45.97
N LEU E 1180 28.52 -41.70 45.38
CA LEU E 1180 28.80 -42.86 44.54
C LEU E 1180 28.89 -44.13 45.36
N LYS E 1181 29.48 -44.05 46.55
CA LYS E 1181 29.57 -45.23 47.41
C LYS E 1181 28.19 -45.74 47.78
N ASP E 1182 27.24 -44.84 48.00
CA ASP E 1182 25.89 -45.27 48.38
C ASP E 1182 25.27 -46.16 47.31
N TYR E 1183 25.47 -45.82 46.05
CA TYR E 1183 24.95 -46.59 44.94
C TYR E 1183 26.04 -47.52 44.39
N SER E 1184 25.76 -48.16 43.26
CA SER E 1184 26.61 -49.23 42.77
C SER E 1184 27.99 -48.73 42.34
N ILE E 1185 28.08 -47.47 41.89
CA ILE E 1185 29.22 -47.01 41.11
C ILE E 1185 30.51 -47.12 41.90
N GLU E 1186 31.58 -47.53 41.22
CA GLU E 1186 32.93 -47.58 41.79
C GLU E 1186 33.82 -46.61 41.03
N TYR E 1187 34.20 -45.51 41.69
CA TYR E 1187 35.06 -44.49 41.12
C TYR E 1187 36.54 -44.75 41.37
N GLY E 1188 36.87 -45.68 42.27
CA GLY E 1188 38.20 -45.72 42.83
C GLY E 1188 39.31 -45.86 41.82
N HIS E 1189 39.04 -46.47 40.69
CA HIS E 1189 40.05 -46.70 39.67
C HIS E 1189 40.02 -45.64 38.58
N GLY E 1190 39.17 -44.63 38.71
CA GLY E 1190 39.15 -43.57 37.73
C GLY E 1190 38.29 -43.84 36.53
N GLU E 1191 37.27 -44.69 36.66
CA GLU E 1191 36.47 -45.07 35.52
C GLU E 1191 35.42 -44.01 35.21
N CYS E 1192 35.12 -43.84 33.93
CA CYS E 1192 34.17 -42.83 33.51
C CYS E 1192 32.74 -43.29 33.77
N ILE E 1193 31.96 -42.43 34.42
CA ILE E 1193 30.67 -42.78 35.00
C ILE E 1193 29.48 -42.39 34.14
N LYS E 1194 29.70 -41.79 32.98
CA LYS E 1194 28.59 -41.23 32.20
C LYS E 1194 27.46 -42.22 32.05
N ALA E 1195 27.76 -43.42 31.55
CA ALA E 1195 26.73 -44.44 31.42
C ALA E 1195 26.24 -44.90 32.77
N ALA E 1196 27.15 -45.03 33.75
CA ALA E 1196 26.75 -45.51 35.06
C ALA E 1196 25.92 -44.47 35.80
N ILE E 1197 26.27 -43.20 35.67
CA ILE E 1197 25.43 -42.15 36.24
C ILE E 1197 24.03 -42.25 35.64
N CYS E 1198 23.96 -42.39 34.32
CA CYS E 1198 22.67 -42.61 33.66
C CYS E 1198 22.09 -43.98 33.96
N GLY E 1199 22.85 -44.86 34.62
CA GLY E 1199 22.37 -46.21 34.83
C GLY E 1199 21.19 -46.28 35.79
N GLU E 1200 21.20 -45.46 36.83
CA GLU E 1200 20.17 -45.52 37.84
C GLU E 1200 18.82 -45.03 37.32
N LYS E 1203 15.17 -41.04 42.36
CA LYS E 1203 15.18 -39.59 42.32
C LYS E 1203 16.25 -39.01 43.23
N LYS E 1204 16.50 -39.69 44.35
CA LYS E 1204 17.47 -39.21 45.32
C LYS E 1204 18.85 -39.06 44.68
N PHE E 1205 19.28 -40.05 43.91
CA PHE E 1205 20.63 -40.03 43.37
C PHE E 1205 20.84 -38.81 42.48
N PHE E 1206 19.94 -38.58 41.55
CA PHE E 1206 20.12 -37.48 40.61
C PHE E 1206 19.92 -36.12 41.29
N ALA E 1207 18.98 -36.03 42.22
CA ALA E 1207 18.78 -34.78 42.94
C ALA E 1207 20.04 -34.37 43.67
N LYS E 1208 20.63 -35.29 44.45
CA LYS E 1208 21.87 -34.99 45.13
C LYS E 1208 22.99 -34.73 44.13
N LEU E 1209 23.05 -35.51 43.06
CA LEU E 1209 24.13 -35.36 42.09
C LEU E 1209 24.07 -33.98 41.43
N THR E 1210 22.89 -33.57 41.00
CA THR E 1210 22.76 -32.24 40.42
C THR E 1210 23.07 -31.17 41.44
N SER E 1211 22.71 -31.40 42.70
CA SER E 1211 23.07 -30.46 43.74
C SER E 1211 24.58 -30.35 43.89
N VAL E 1212 25.27 -31.48 43.88
CA VAL E 1212 26.73 -31.46 43.98
C VAL E 1212 27.31 -30.72 42.78
N LEU E 1213 26.83 -31.04 41.58
CA LEU E 1213 27.33 -30.37 40.39
C LEU E 1213 27.14 -28.86 40.50
N ASN E 1214 25.98 -28.43 41.00
CA ASN E 1214 25.77 -27.01 41.22
C ASN E 1214 26.75 -26.45 42.22
N THR E 1215 27.04 -27.19 43.29
CA THR E 1215 28.04 -26.74 44.24
C THR E 1215 29.39 -26.62 43.57
N ILE E 1216 29.71 -27.54 42.66
CA ILE E 1216 30.92 -27.39 41.87
C ILE E 1216 30.85 -26.13 41.02
N LEU E 1217 29.67 -25.88 40.44
CA LEU E 1217 29.50 -24.76 39.52
C LEU E 1217 29.44 -23.40 40.21
N GLN E 1218 29.44 -23.36 41.54
CA GLN E 1218 29.24 -22.09 42.24
C GLN E 1218 30.61 -21.47 42.47
N MET E 1219 30.88 -20.40 41.74
CA MET E 1219 32.21 -19.79 41.76
C MET E 1219 32.37 -18.82 42.93
N ARG E 1220 31.31 -18.10 43.27
CA ARG E 1220 31.38 -17.10 44.33
C ARG E 1220 31.04 -17.76 45.65
N ASN E 1221 31.94 -17.66 46.63
CA ASN E 1221 31.75 -18.26 47.93
C ASN E 1221 31.96 -17.22 49.01
N SER E 1222 31.06 -17.18 49.99
CA SER E 1222 31.06 -16.13 50.99
C SER E 1222 30.70 -16.70 52.35
N LYS E 1223 31.29 -16.15 53.40
CA LYS E 1223 30.89 -16.43 54.77
C LYS E 1223 30.16 -15.22 55.32
N THR E 1224 28.89 -15.42 55.70
CA THR E 1224 28.04 -14.30 56.07
C THR E 1224 28.64 -13.46 57.19
N GLY E 1225 29.20 -14.11 58.20
CA GLY E 1225 29.75 -13.38 59.32
C GLY E 1225 31.12 -12.79 59.05
N THR E 1226 31.96 -13.54 58.35
CA THR E 1226 33.34 -13.11 58.15
C THR E 1226 33.45 -11.89 57.25
N GLU E 1227 32.40 -11.57 56.49
CA GLU E 1227 32.46 -10.50 55.49
C GLU E 1227 33.54 -10.80 54.44
N LEU E 1228 33.79 -12.09 54.20
CA LEU E 1228 34.77 -12.55 53.23
C LEU E 1228 34.06 -13.31 52.14
N ASP E 1229 34.31 -12.94 50.90
CA ASP E 1229 33.85 -13.70 49.75
C ASP E 1229 34.97 -13.75 48.73
N TYR E 1230 34.97 -14.80 47.91
CA TYR E 1230 36.06 -15.01 46.98
C TYR E 1230 35.55 -15.82 45.81
N LEU E 1231 36.34 -15.83 44.74
CA LEU E 1231 35.95 -16.45 43.49
C LEU E 1231 36.95 -17.53 43.13
N ILE E 1232 36.44 -18.73 42.85
CA ILE E 1232 37.26 -19.83 42.33
C ILE E 1232 36.49 -20.50 41.22
N SER E 1233 37.22 -21.09 40.28
CA SER E 1233 36.55 -21.60 39.10
C SER E 1233 36.75 -23.09 38.95
N PRO E 1234 35.76 -23.80 38.44
CA PRO E 1234 35.90 -25.24 38.28
C PRO E 1234 36.91 -25.65 37.23
N VAL E 1235 37.04 -24.89 36.16
CA VAL E 1235 37.94 -25.27 35.07
C VAL E 1235 39.36 -24.89 35.42
N ALA E 1236 40.32 -25.63 34.87
CA ALA E 1236 41.73 -25.39 35.11
C ALA E 1236 42.35 -24.75 33.88
N ASP E 1237 43.34 -23.89 34.11
CA ASP E 1237 44.02 -23.27 33.00
C ASP E 1237 44.96 -24.28 32.34
N VAL E 1238 45.72 -23.79 31.35
CA VAL E 1238 46.54 -24.69 30.54
C VAL E 1238 47.51 -25.48 31.40
N ASN E 1239 47.99 -24.91 32.50
CA ASN E 1239 48.95 -25.61 33.34
C ASN E 1239 48.27 -26.51 34.36
N GLY E 1240 46.96 -26.42 34.52
CA GLY E 1240 46.26 -27.20 35.50
C GLY E 1240 46.09 -26.52 36.85
N ASN E 1241 46.39 -25.24 36.94
CA ASN E 1241 46.16 -24.48 38.16
C ASN E 1241 44.73 -23.95 38.17
N PHE E 1242 44.09 -24.01 39.32
CA PHE E 1242 42.74 -23.49 39.47
C PHE E 1242 42.80 -22.09 40.06
N PHE E 1243 42.02 -21.17 39.49
CA PHE E 1243 42.05 -19.79 39.96
C PHE E 1243 41.49 -19.71 41.37
N ASP E 1244 42.19 -19.01 42.24
CA ASP E 1244 41.78 -18.87 43.64
C ASP E 1244 41.96 -17.42 44.03
N SER E 1245 40.88 -16.81 44.50
CA SER E 1245 40.92 -15.38 44.79
C SER E 1245 41.87 -15.08 45.95
N ARG E 1246 41.93 -15.95 46.96
CA ARG E 1246 42.82 -15.66 48.07
C ARG E 1246 44.28 -15.80 47.65
N GLN E 1247 44.56 -16.75 46.75
CA GLN E 1247 45.91 -16.98 46.26
C GLN E 1247 46.22 -16.19 45.01
N ALA E 1248 45.32 -15.31 44.58
CA ALA E 1248 45.49 -14.65 43.30
C ALA E 1248 46.62 -13.62 43.35
N PRO E 1249 47.34 -13.45 42.26
CA PRO E 1249 48.40 -12.44 42.20
C PRO E 1249 47.85 -11.03 42.09
N LYS E 1250 48.73 -10.06 42.31
CA LYS E 1250 48.33 -8.67 42.30
C LYS E 1250 47.72 -8.26 40.97
N ASN E 1251 48.09 -8.91 39.88
CA ASN E 1251 47.57 -8.51 38.58
C ASN E 1251 46.24 -9.18 38.26
N MET E 1252 45.72 -9.97 39.19
CA MET E 1252 44.45 -10.65 39.04
C MET E 1252 43.50 -10.17 40.11
N PRO E 1253 42.20 -10.28 39.89
CA PRO E 1253 41.23 -9.78 40.88
C PRO E 1253 41.42 -10.43 42.24
N GLN E 1254 41.40 -9.59 43.28
CA GLN E 1254 41.68 -10.09 44.62
C GLN E 1254 40.47 -10.75 45.27
N ASP E 1255 39.26 -10.24 45.03
CA ASP E 1255 38.07 -10.81 45.64
C ASP E 1255 36.92 -10.81 44.63
N ALA E 1256 35.76 -11.30 45.08
CA ALA E 1256 34.65 -11.55 44.17
C ALA E 1256 34.19 -10.27 43.49
N ASP E 1257 34.14 -9.17 44.23
CA ASP E 1257 33.75 -7.92 43.60
C ASP E 1257 34.77 -7.49 42.58
N ALA E 1258 36.05 -7.67 42.89
CA ALA E 1258 37.08 -7.31 41.94
C ALA E 1258 36.88 -8.00 40.61
N ASN E 1259 36.37 -9.24 40.62
CA ASN E 1259 36.09 -9.91 39.37
C ASN E 1259 35.11 -9.11 38.53
N GLY E 1260 34.01 -8.67 39.13
CA GLY E 1260 33.00 -7.96 38.38
C GLY E 1260 33.51 -6.66 37.79
N ALA E 1261 34.26 -5.91 38.58
CA ALA E 1261 34.88 -4.70 38.05
C ALA E 1261 35.83 -5.04 36.91
N TYR E 1262 36.62 -6.09 37.08
CA TYR E 1262 37.58 -6.45 36.04
C TYR E 1262 36.88 -6.76 34.73
N HIS E 1263 35.77 -7.49 34.79
CA HIS E 1263 35.12 -7.89 33.55
C HIS E 1263 34.33 -6.74 32.94
N ILE E 1264 33.78 -5.85 33.76
CA ILE E 1264 33.30 -4.59 33.20
C ILE E 1264 34.41 -3.91 32.44
N GLY E 1265 35.63 -3.99 32.96
CA GLY E 1265 36.74 -3.40 32.24
C GLY E 1265 37.07 -4.14 30.97
N LEU E 1266 36.91 -5.47 30.98
CA LEU E 1266 37.16 -6.23 29.77
C LEU E 1266 36.19 -5.81 28.68
N LYS E 1267 34.91 -5.65 29.02
CA LYS E 1267 33.98 -5.12 28.04
C LYS E 1267 34.40 -3.73 27.58
N GLY E 1268 34.95 -2.93 28.49
CA GLY E 1268 35.50 -1.66 28.07
C GLY E 1268 36.68 -1.83 27.13
N LEU E 1269 37.46 -2.88 27.32
CA LEU E 1269 38.53 -3.16 26.37
C LEU E 1269 37.97 -3.38 24.98
N MET E 1270 36.88 -4.13 24.88
CA MET E 1270 36.24 -4.31 23.59
C MET E 1270 35.86 -2.97 22.99
N LEU E 1271 35.19 -2.13 23.77
CA LEU E 1271 34.85 -0.80 23.28
C LEU E 1271 36.10 -0.04 22.86
N LEU E 1272 37.17 -0.17 23.63
CA LEU E 1272 38.42 0.49 23.28
C LEU E 1272 38.90 0.04 21.91
N GLY E 1273 38.92 -1.28 21.70
CA GLY E 1273 39.38 -1.78 20.42
C GLY E 1273 38.51 -1.32 19.27
N ARG E 1274 37.19 -1.41 19.44
CA ARG E 1274 36.30 -0.95 18.40
C ARG E 1274 36.57 0.51 18.07
N ILE E 1275 36.87 1.31 19.09
CA ILE E 1275 37.19 2.71 18.83
C ILE E 1275 38.53 2.81 18.12
N LYS E 1276 39.45 1.89 18.40
CA LYS E 1276 40.79 2.00 17.82
C LYS E 1276 40.78 1.69 16.34
N ASN E 1277 39.98 0.71 15.92
CA ASN E 1277 39.96 0.28 14.53
C ASN E 1277 38.83 0.92 13.73
N ASN E 1278 38.07 1.84 14.32
CA ASN E 1278 37.00 2.50 13.59
C ASN E 1278 37.57 3.57 12.68
N GLN E 1279 36.99 3.67 11.48
CA GLN E 1279 37.39 4.67 10.51
C GLN E 1279 36.51 5.91 10.64
N GLU E 1280 36.53 6.78 9.65
CA GLU E 1280 35.68 7.96 9.63
C GLU E 1280 34.23 7.64 9.24
N GLY E 1281 33.93 6.37 8.99
CA GLY E 1281 32.54 5.97 8.77
C GLY E 1281 31.65 6.30 9.96
N LYS E 1282 30.37 6.53 9.65
CA LYS E 1282 29.42 7.10 10.60
C LYS E 1282 29.28 6.31 11.89
N LYS E 1283 28.67 5.14 11.84
CA LYS E 1283 28.10 4.51 13.03
C LYS E 1283 29.13 3.64 13.73
N LEU E 1284 29.34 3.90 15.01
CA LEU E 1284 30.19 3.10 15.89
C LEU E 1284 29.29 2.16 16.69
N ASN E 1285 29.66 0.89 16.75
CA ASN E 1285 28.86 -0.09 17.47
C ASN E 1285 29.43 -0.23 18.87
N LEU E 1286 28.72 0.33 19.85
CA LEU E 1286 29.11 0.22 21.24
C LEU E 1286 28.34 -0.85 21.99
N VAL E 1287 27.44 -1.56 21.32
CA VAL E 1287 26.62 -2.56 21.98
C VAL E 1287 27.38 -3.87 21.97
N ILE E 1288 27.57 -4.45 23.15
CA ILE E 1288 28.28 -5.70 23.31
C ILE E 1288 27.25 -6.81 23.44
N LYS E 1289 27.17 -7.66 22.44
CA LYS E 1289 26.34 -8.85 22.55
C LYS E 1289 27.06 -9.90 23.39
N ASN E 1290 26.27 -10.73 24.05
CA ASN E 1290 26.86 -11.72 24.95
C ASN E 1290 27.79 -12.65 24.19
N GLU E 1291 27.45 -12.96 22.94
CA GLU E 1291 28.29 -13.89 22.19
C GLU E 1291 29.67 -13.31 21.99
N GLU E 1292 29.76 -12.05 21.55
CA GLU E 1292 31.07 -11.42 21.37
C GLU E 1292 31.83 -11.37 22.67
N TYR E 1293 31.13 -11.12 23.78
CA TYR E 1293 31.78 -11.05 25.08
C TYR E 1293 32.43 -12.37 25.43
N PHE E 1294 31.67 -13.46 25.36
CA PHE E 1294 32.22 -14.76 25.73
C PHE E 1294 33.40 -15.12 24.84
N GLU E 1295 33.25 -14.97 23.52
CA GLU E 1295 34.33 -15.32 22.61
C GLU E 1295 35.58 -14.50 22.91
N PHE E 1296 35.42 -13.21 23.16
CA PHE E 1296 36.59 -12.37 23.44
C PHE E 1296 37.26 -12.77 24.75
N VAL E 1297 36.47 -12.99 25.79
CA VAL E 1297 37.06 -13.21 27.10
C VAL E 1297 37.66 -14.60 27.19
N GLN E 1298 37.05 -15.57 26.51
CA GLN E 1298 37.51 -16.95 26.64
C GLN E 1298 38.80 -17.16 25.88
N ASN E 1299 38.88 -16.67 24.65
CA ASN E 1299 39.98 -16.97 23.76
C ASN E 1299 41.24 -16.17 24.07
N ARG E 1300 41.19 -15.25 25.04
CA ARG E 1300 42.33 -14.37 25.31
C ARG E 1300 43.58 -15.15 25.70
N ASN E 1301 43.46 -15.99 26.73
CA ASN E 1301 44.63 -16.72 27.23
C ASN E 1301 44.43 -18.22 27.08
N ASN G 2 17.27 5.26 -16.96
CA ASN G 2 17.63 6.13 -15.85
C ASN G 2 18.30 7.40 -16.34
N ALA G 3 18.38 8.40 -15.45
CA ALA G 3 18.92 9.70 -15.84
C ALA G 3 20.43 9.61 -16.08
N SER G 4 20.91 10.51 -16.93
CA SER G 4 22.33 10.59 -17.26
C SER G 4 23.02 11.56 -16.32
N ILE G 5 23.99 11.05 -15.56
CA ILE G 5 24.63 11.87 -14.55
C ILE G 5 25.51 12.93 -15.19
N TYR G 6 26.09 12.63 -16.34
CA TYR G 6 27.05 13.52 -16.98
C TYR G 6 26.45 14.43 -18.03
N GLN G 7 25.12 14.42 -18.19
CA GLN G 7 24.49 15.19 -19.26
C GLN G 7 24.96 16.63 -19.28
N GLU G 8 25.20 17.21 -18.11
CA GLU G 8 25.58 18.61 -18.05
C GLU G 8 27.08 18.83 -18.06
N PHE G 9 27.89 17.77 -18.10
CA PHE G 9 29.33 17.98 -18.26
C PHE G 9 29.58 17.96 -19.76
N VAL G 10 29.60 19.15 -20.35
CA VAL G 10 29.74 19.36 -21.77
C VAL G 10 30.22 20.79 -21.92
N ASN G 11 31.03 21.04 -22.95
CA ASN G 11 31.50 22.41 -23.21
C ASN G 11 32.14 23.02 -21.98
N LYS G 12 32.77 22.20 -21.15
CA LYS G 12 33.35 22.72 -19.92
C LYS G 12 34.68 23.42 -20.18
N TYR G 13 35.50 22.88 -21.08
CA TYR G 13 36.79 23.53 -21.31
C TYR G 13 37.24 23.31 -22.74
N SER G 14 38.18 24.15 -23.15
CA SER G 14 38.68 24.22 -24.51
C SER G 14 40.03 23.53 -24.62
N LEU G 15 40.24 22.83 -25.72
CA LEU G 15 41.50 22.17 -25.97
C LEU G 15 41.81 22.22 -27.45
N SER G 16 43.07 22.05 -27.78
CA SER G 16 43.55 22.16 -29.15
C SER G 16 43.86 20.78 -29.70
N LYS G 17 43.64 20.64 -31.01
CA LYS G 17 43.75 19.38 -31.71
C LYS G 17 44.19 19.71 -33.13
N THR G 18 44.99 18.83 -33.74
CA THR G 18 45.43 19.04 -35.13
C THR G 18 45.01 17.86 -35.96
N LEU G 19 44.23 18.13 -37.00
CA LEU G 19 43.75 17.10 -37.91
C LEU G 19 44.73 16.93 -39.06
N ARG G 20 44.88 15.70 -39.54
CA ARG G 20 45.82 15.38 -40.60
C ARG G 20 45.07 14.84 -41.82
N PHE G 21 45.48 15.28 -43.00
CA PHE G 21 44.84 14.90 -44.24
C PHE G 21 45.88 14.77 -45.34
N GLU G 22 45.48 14.12 -46.43
CA GLU G 22 46.31 14.01 -47.62
C GLU G 22 45.84 15.01 -48.66
N LEU G 23 46.80 15.63 -49.35
CA LEU G 23 46.53 16.57 -50.43
C LEU G 23 46.77 15.89 -51.75
N ILE G 24 45.76 15.84 -52.60
CA ILE G 24 45.85 15.23 -53.91
C ILE G 24 45.91 16.36 -54.95
N PRO G 25 46.98 16.47 -55.73
CA PRO G 25 47.06 17.56 -56.69
C PRO G 25 45.91 17.53 -57.67
N GLN G 26 45.43 18.70 -58.04
CA GLN G 26 44.26 18.83 -58.89
C GLN G 26 44.61 19.56 -60.17
N GLY G 27 44.13 19.04 -61.29
CA GLY G 27 44.36 19.72 -62.54
C GLY G 27 45.83 19.72 -62.90
N LYS G 28 46.31 20.86 -63.37
CA LYS G 28 47.67 21.00 -63.82
C LYS G 28 48.62 21.36 -62.70
N THR G 29 48.14 21.34 -61.45
CA THR G 29 48.96 21.78 -60.32
C THR G 29 50.33 21.12 -60.31
N LEU G 30 50.36 19.79 -60.28
CA LEU G 30 51.62 19.08 -60.15
C LEU G 30 52.58 19.47 -61.25
N GLU G 31 52.08 19.56 -62.49
CA GLU G 31 52.94 19.91 -63.61
C GLU G 31 53.58 21.28 -63.38
N ASN G 32 52.81 22.23 -62.86
CA ASN G 32 53.37 23.54 -62.61
C ASN G 32 54.38 23.50 -61.48
N ILE G 33 54.10 22.71 -60.44
CA ILE G 33 55.04 22.64 -59.32
C ILE G 33 56.37 22.08 -59.79
N LYS G 34 56.32 20.94 -60.49
CA LYS G 34 57.56 20.36 -60.98
C LYS G 34 58.24 21.28 -61.98
N ALA G 35 57.47 22.04 -62.74
CA ALA G 35 58.07 22.99 -63.68
C ALA G 35 58.86 24.05 -62.94
N ARG G 36 58.30 24.59 -61.85
CA ARG G 36 59.05 25.53 -61.03
C ARG G 36 59.95 24.83 -60.03
N GLY G 37 59.88 23.52 -59.92
CA GLY G 37 60.78 22.80 -59.04
C GLY G 37 60.66 23.19 -57.59
N LEU G 38 59.44 23.47 -57.11
CA LEU G 38 59.28 23.87 -55.73
C LEU G 38 59.61 22.73 -54.78
N ILE G 39 59.16 21.52 -55.09
CA ILE G 39 59.41 20.37 -54.21
C ILE G 39 60.91 20.21 -53.99
N LEU G 40 61.68 20.24 -55.06
CA LEU G 40 63.12 20.01 -54.94
C LEU G 40 63.79 21.08 -54.10
N ASP G 41 63.38 22.34 -54.28
CA ASP G 41 63.90 23.41 -53.44
C ASP G 41 63.65 23.12 -51.97
N ASP G 42 62.47 22.61 -51.65
CA ASP G 42 62.15 22.38 -50.24
C ASP G 42 62.85 21.13 -49.72
N GLU G 43 63.03 20.12 -50.56
CA GLU G 43 63.82 18.97 -50.14
C GLU G 43 65.25 19.37 -49.86
N LYS G 44 65.82 20.23 -50.71
CA LYS G 44 67.15 20.74 -50.44
C LYS G 44 67.17 21.53 -49.14
N ARG G 45 66.12 22.30 -48.87
CA ARG G 45 66.05 23.05 -47.63
C ARG G 45 66.09 22.11 -46.44
N ALA G 46 65.46 20.95 -46.56
CA ALA G 46 65.47 20.00 -45.46
C ALA G 46 66.86 19.47 -45.23
N LYS G 47 67.59 19.17 -46.31
CA LYS G 47 68.92 18.64 -46.16
C LYS G 47 69.87 19.70 -45.61
N ASP G 48 69.74 20.93 -46.11
CA ASP G 48 70.56 22.02 -45.57
C ASP G 48 70.19 22.36 -44.14
N TYR G 49 68.99 21.99 -43.69
CA TYR G 49 68.62 22.25 -42.31
C TYR G 49 69.58 21.55 -41.35
N LYS G 50 69.89 20.28 -41.64
CA LYS G 50 70.76 19.52 -40.75
C LYS G 50 72.12 20.18 -40.62
N LYS G 51 72.71 20.55 -41.76
CA LYS G 51 73.99 21.24 -41.71
C LYS G 51 73.87 22.55 -40.95
N ALA G 52 72.81 23.31 -41.21
CA ALA G 52 72.60 24.54 -40.48
C ALA G 52 72.54 24.28 -38.97
N LYS G 53 71.89 23.19 -38.57
CA LYS G 53 71.91 22.83 -37.16
C LYS G 53 73.34 22.67 -36.67
N GLN G 54 74.21 22.09 -37.50
CA GLN G 54 75.57 21.85 -37.06
C GLN G 54 76.34 23.15 -36.88
N ILE G 55 76.14 24.11 -37.78
CA ILE G 55 76.77 25.42 -37.57
C ILE G 55 76.29 26.03 -36.27
N ILE G 56 74.98 26.00 -36.04
CA ILE G 56 74.44 26.59 -34.83
C ILE G 56 75.02 25.91 -33.59
N ASP G 57 75.30 24.62 -33.69
CA ASP G 57 75.90 23.93 -32.57
C ASP G 57 77.31 24.40 -32.32
N LYS G 58 78.12 24.54 -33.37
CA LYS G 58 79.48 25.02 -33.18
C LYS G 58 79.48 26.42 -32.60
N TYR G 59 78.59 27.29 -33.08
CA TYR G 59 78.48 28.61 -32.49
C TYR G 59 78.04 28.49 -31.04
N HIS G 60 77.20 27.51 -30.73
CA HIS G 60 76.79 27.31 -29.35
C HIS G 60 77.98 26.96 -28.48
N GLN G 61 78.80 26.01 -28.93
CA GLN G 61 79.93 25.59 -28.11
C GLN G 61 80.94 26.72 -27.95
N PHE G 62 81.17 27.49 -29.01
CA PHE G 62 82.04 28.65 -28.90
C PHE G 62 81.51 29.63 -27.88
N PHE G 63 80.22 29.94 -27.95
CA PHE G 63 79.63 30.84 -26.97
C PHE G 63 79.76 30.29 -25.56
N ILE G 64 79.53 28.99 -25.39
CA ILE G 64 79.67 28.37 -24.07
C ILE G 64 81.07 28.63 -23.51
N GLU G 65 82.10 28.33 -24.31
CA GLU G 65 83.47 28.55 -23.88
C GLU G 65 83.68 29.99 -23.46
N GLU G 66 83.32 30.94 -24.33
CA GLU G 66 83.62 32.34 -24.05
C GLU G 66 82.86 32.84 -22.84
N ILE G 67 81.55 32.56 -22.76
CA ILE G 67 80.78 33.10 -21.66
C ILE G 67 81.24 32.49 -20.34
N LEU G 68 81.49 31.17 -20.33
CA LEU G 68 81.93 30.55 -19.09
C LEU G 68 83.30 31.05 -18.68
N SER G 69 84.17 31.33 -19.65
CA SER G 69 85.48 31.88 -19.32
C SER G 69 85.32 33.20 -18.57
N SER G 70 84.37 34.01 -18.98
CA SER G 70 84.20 35.32 -18.34
C SER G 70 83.56 35.18 -16.97
N VAL G 71 82.75 34.14 -16.76
CA VAL G 71 81.96 34.06 -15.54
C VAL G 71 82.86 33.92 -14.32
N CYS G 72 82.49 34.63 -13.26
CA CYS G 72 83.07 34.48 -11.93
C CYS G 72 81.94 34.23 -10.96
N ILE G 73 82.23 33.56 -9.85
CA ILE G 73 81.20 33.28 -8.86
C ILE G 73 81.69 33.71 -7.48
N SER G 74 80.80 34.35 -6.72
CA SER G 74 81.14 34.87 -5.40
C SER G 74 81.63 33.75 -4.48
N GLU G 75 82.70 34.04 -3.74
CA GLU G 75 83.27 33.05 -2.84
C GLU G 75 82.29 32.63 -1.75
N ASP G 76 81.35 33.52 -1.39
CA ASP G 76 80.37 33.19 -0.36
C ASP G 76 79.68 31.88 -0.68
N LEU G 77 79.20 31.73 -1.91
CA LEU G 77 78.38 30.58 -2.25
C LEU G 77 79.22 29.34 -2.50
N LEU G 78 80.40 29.50 -3.10
CA LEU G 78 81.28 28.34 -3.27
C LEU G 78 81.72 27.79 -1.92
N GLN G 79 82.13 28.67 -1.01
CA GLN G 79 82.60 28.21 0.30
C GLN G 79 81.46 27.61 1.11
N ASN G 80 80.30 28.29 1.15
CA ASN G 80 79.14 27.71 1.79
C ASN G 80 78.80 26.36 1.19
N TYR G 81 78.94 26.23 -0.14
CA TYR G 81 78.65 24.96 -0.78
C TYR G 81 79.60 23.88 -0.28
N SER G 82 80.91 24.15 -0.34
CA SER G 82 81.88 23.18 0.14
C SER G 82 81.58 22.76 1.57
N ASP G 83 81.22 23.72 2.42
CA ASP G 83 80.91 23.42 3.81
C ASP G 83 79.72 22.47 3.90
N VAL G 84 78.58 22.87 3.33
CA VAL G 84 77.39 22.04 3.44
C VAL G 84 77.59 20.70 2.77
N TYR G 85 78.37 20.67 1.69
CA TYR G 85 78.64 19.42 0.99
C TYR G 85 79.35 18.44 1.91
N PHE G 86 80.50 18.84 2.46
CA PHE G 86 81.23 17.95 3.33
C PHE G 86 80.45 17.62 4.58
N LYS G 87 79.71 18.59 5.11
CA LYS G 87 78.90 18.31 6.30
C LYS G 87 77.83 17.28 5.98
N LEU G 88 77.25 17.34 4.79
CA LEU G 88 76.24 16.37 4.43
C LEU G 88 76.85 15.01 4.15
N LYS G 89 78.13 14.96 3.80
CA LYS G 89 78.81 13.69 3.55
C LYS G 89 78.66 12.75 4.74
N LYS G 90 78.93 13.27 5.94
CA LYS G 90 78.96 12.44 7.13
C LYS G 90 77.55 12.20 7.68
N SER G 91 76.87 13.26 8.06
CA SER G 91 75.55 13.16 8.69
C SER G 91 74.49 13.74 7.77
N ASP G 92 73.38 13.02 7.62
CA ASP G 92 72.26 13.47 6.81
C ASP G 92 71.20 14.03 7.75
N ASP G 93 71.06 15.34 7.76
CA ASP G 93 69.95 16.01 8.41
C ASP G 93 68.93 16.37 7.34
N ASP G 94 67.66 16.06 7.60
CA ASP G 94 66.62 16.37 6.62
C ASP G 94 66.52 17.87 6.40
N ASN G 95 66.74 18.66 7.45
CA ASN G 95 66.75 20.11 7.31
C ASN G 95 67.98 20.57 6.56
N LEU G 96 69.12 19.89 6.74
CA LEU G 96 70.35 20.24 6.03
C LEU G 96 70.19 20.13 4.51
N GLN G 97 69.27 19.28 4.04
CA GLN G 97 69.07 19.13 2.60
C GLN G 97 68.51 20.40 1.98
N LYS G 98 67.55 21.04 2.65
CA LYS G 98 67.04 22.32 2.16
C LYS G 98 68.16 23.34 2.08
N ASP G 99 69.05 23.37 3.07
CA ASP G 99 70.24 24.20 2.98
C ASP G 99 71.04 23.85 1.73
N PHE G 100 71.13 22.55 1.40
CA PHE G 100 71.93 22.13 0.26
C PHE G 100 71.27 22.54 -1.05
N LYS G 101 69.98 22.26 -1.20
CA LYS G 101 69.28 22.63 -2.41
C LYS G 101 69.34 24.12 -2.65
N SER G 102 69.08 24.92 -1.62
CA SER G 102 69.08 26.37 -1.78
C SER G 102 70.47 26.88 -2.13
N ALA G 103 71.51 26.32 -1.52
CA ALA G 103 72.87 26.72 -1.88
C ALA G 103 73.17 26.38 -3.33
N LYS G 104 72.79 25.19 -3.78
CA LYS G 104 72.93 24.84 -5.19
C LYS G 104 72.21 25.87 -6.08
N ASP G 105 70.93 26.13 -5.79
CA ASP G 105 70.14 26.97 -6.66
C ASP G 105 70.69 28.39 -6.76
N THR G 106 71.16 28.95 -5.65
CA THR G 106 71.73 30.28 -5.73
C THR G 106 73.08 30.27 -6.44
N ILE G 107 73.82 29.16 -6.36
CA ILE G 107 75.04 29.05 -7.14
C ILE G 107 74.72 29.07 -8.63
N LYS G 108 73.69 28.34 -9.05
CA LYS G 108 73.27 28.40 -10.44
C LYS G 108 72.79 29.80 -10.81
N LYS G 109 72.12 30.48 -9.88
CA LYS G 109 71.54 31.79 -10.18
C LYS G 109 72.59 32.77 -10.66
N GLN G 110 73.74 32.82 -9.98
CA GLN G 110 74.78 33.77 -10.38
C GLN G 110 75.25 33.49 -11.79
N ILE G 111 75.52 32.23 -12.10
CA ILE G 111 76.00 31.86 -13.43
C ILE G 111 74.93 32.17 -14.46
N SER G 112 73.74 31.60 -14.28
CA SER G 112 72.68 31.74 -15.27
C SER G 112 72.36 33.20 -15.53
N GLU G 113 72.01 33.94 -14.48
CA GLU G 113 71.66 35.34 -14.66
C GLU G 113 72.83 36.10 -15.28
N TYR G 114 74.06 35.62 -15.10
CA TYR G 114 75.18 36.25 -15.77
C TYR G 114 75.10 36.02 -17.27
N ILE G 115 74.83 34.78 -17.68
CA ILE G 115 74.86 34.51 -19.11
C ILE G 115 73.63 35.10 -19.79
N LYS G 116 72.50 35.16 -19.09
CA LYS G 116 71.28 35.64 -19.71
C LYS G 116 71.39 37.10 -20.09
N ASP G 117 72.28 37.84 -19.43
CA ASP G 117 72.44 39.24 -19.74
C ASP G 117 73.40 39.49 -20.89
N SER G 118 74.02 38.44 -21.43
CA SER G 118 75.04 38.65 -22.45
C SER G 118 74.41 39.16 -23.75
N GLU G 119 75.17 40.01 -24.45
CA GLU G 119 74.68 40.56 -25.71
C GLU G 119 74.53 39.48 -26.77
N LYS G 120 75.50 38.58 -26.89
CA LYS G 120 75.37 37.48 -27.83
C LYS G 120 74.21 36.57 -27.45
N PHE G 121 73.87 36.49 -26.16
CA PHE G 121 72.79 35.62 -25.75
C PHE G 121 71.44 36.19 -26.13
N LYS G 122 71.34 37.51 -26.23
CA LYS G 122 70.06 38.15 -26.53
C LYS G 122 69.42 37.53 -27.77
N ASN G 123 70.06 37.66 -28.92
CA ASN G 123 69.62 36.98 -30.13
C ASN G 123 70.51 35.75 -30.27
N LEU G 124 69.97 34.62 -29.85
CA LEU G 124 70.63 33.33 -29.87
C LEU G 124 69.63 32.31 -30.37
N PHE G 125 68.53 32.22 -29.64
CA PHE G 125 67.42 31.33 -29.93
C PHE G 125 66.31 31.97 -30.76
N ASN G 126 66.50 33.20 -31.23
CA ASN G 126 65.48 33.88 -32.01
C ASN G 126 65.93 34.07 -33.45
N GLN G 127 65.13 34.80 -34.22
CA GLN G 127 65.40 34.95 -35.65
C GLN G 127 66.57 35.88 -35.92
N ASN G 128 66.81 36.85 -35.05
CA ASN G 128 67.93 37.77 -35.27
C ASN G 128 69.28 37.07 -35.25
N LEU G 129 69.35 35.80 -34.85
CA LEU G 129 70.60 35.07 -34.94
C LEU G 129 71.04 34.93 -36.40
N ILE G 130 70.13 34.50 -37.27
CA ILE G 130 70.41 34.39 -38.69
C ILE G 130 69.89 35.58 -39.49
N ASP G 131 69.15 36.49 -38.87
CA ASP G 131 68.61 37.64 -39.57
C ASP G 131 69.50 38.86 -39.35
N ALA G 132 69.12 39.98 -39.97
CA ALA G 132 69.89 41.20 -39.90
C ALA G 132 68.97 42.38 -39.77
N LYS G 133 69.21 43.22 -38.77
CA LYS G 133 68.47 44.47 -38.65
C LYS G 133 69.08 45.49 -39.61
N LYS G 134 68.50 46.70 -39.63
CA LYS G 134 69.12 47.80 -40.36
C LYS G 134 70.56 48.01 -39.91
N GLY G 135 70.87 47.61 -38.68
CA GLY G 135 72.18 47.60 -38.08
C GLY G 135 72.90 46.30 -38.30
N GLN G 136 73.51 45.80 -37.22
CA GLN G 136 74.48 44.71 -37.29
C GLN G 136 73.98 43.53 -38.11
N GLU G 137 74.91 42.94 -38.85
CA GLU G 137 74.71 41.66 -39.51
C GLU G 137 74.55 40.54 -38.47
N SER G 138 74.03 39.41 -38.93
CA SER G 138 73.74 38.29 -38.04
C SER G 138 74.98 37.86 -37.25
N ASP G 139 74.79 37.70 -35.94
CA ASP G 139 75.90 37.29 -35.07
C ASP G 139 76.53 36.00 -35.57
N LEU G 140 75.72 35.06 -36.05
CA LEU G 140 76.27 33.82 -36.55
C LEU G 140 77.07 34.05 -37.82
N ILE G 141 76.58 34.91 -38.70
CA ILE G 141 77.35 35.25 -39.88
C ILE G 141 78.65 35.94 -39.50
N LEU G 142 78.57 36.89 -38.56
CA LEU G 142 79.77 37.61 -38.14
C LEU G 142 80.82 36.66 -37.57
N TRP G 143 80.39 35.75 -36.70
CA TRP G 143 81.31 34.76 -36.14
C TRP G 143 81.97 33.96 -37.24
N LEU G 144 81.21 33.57 -38.27
CA LEU G 144 81.80 32.84 -39.39
C LEU G 144 82.74 33.72 -40.19
N LYS G 145 82.40 35.01 -40.34
CA LYS G 145 83.25 35.90 -41.11
C LYS G 145 84.58 36.12 -40.41
N GLN G 146 84.55 36.45 -39.12
CA GLN G 146 85.80 36.53 -38.36
C GLN G 146 86.54 35.21 -38.38
N SER G 147 85.81 34.10 -38.44
CA SER G 147 86.47 32.80 -38.62
C SER G 147 87.20 32.74 -39.96
N LYS G 148 86.70 33.44 -40.96
CA LYS G 148 87.40 33.51 -42.25
C LYS G 148 88.58 34.47 -42.19
N ASP G 149 88.36 35.67 -41.65
CA ASP G 149 89.44 36.64 -41.54
C ASP G 149 90.59 36.07 -40.72
N ASN G 150 90.28 35.34 -39.66
CA ASN G 150 91.30 34.68 -38.86
C ASN G 150 91.59 33.31 -39.47
N GLY G 151 92.43 32.54 -38.80
CA GLY G 151 92.89 31.28 -39.35
C GLY G 151 92.27 30.05 -38.74
N ILE G 152 91.12 30.19 -38.10
CA ILE G 152 90.55 29.06 -37.38
C ILE G 152 89.92 28.09 -38.36
N GLU G 153 90.18 26.80 -38.18
CA GLU G 153 89.57 25.75 -38.97
C GLU G 153 88.45 25.17 -38.12
N LEU G 154 87.21 25.53 -38.47
CA LEU G 154 86.06 25.10 -37.68
C LEU G 154 85.60 23.69 -38.03
N PHE G 155 85.44 23.43 -39.33
CA PHE G 155 84.62 22.32 -39.79
C PHE G 155 85.41 21.08 -40.18
N LYS G 156 86.72 21.05 -39.96
CA LYS G 156 87.47 19.84 -40.26
C LYS G 156 86.86 18.62 -39.60
N ALA G 157 86.33 18.78 -38.39
CA ALA G 157 85.66 17.68 -37.71
C ALA G 157 84.39 17.26 -38.45
N ASN G 158 83.59 18.22 -38.88
CA ASN G 158 82.35 17.91 -39.58
C ASN G 158 82.65 17.45 -41.00
N SER G 159 82.21 16.24 -41.34
CA SER G 159 82.45 15.75 -42.68
C SER G 159 81.60 16.47 -43.72
N ASP G 160 80.38 16.85 -43.34
CA ASP G 160 79.44 17.37 -44.34
C ASP G 160 79.86 18.75 -44.82
N ILE G 161 80.28 19.63 -43.93
CA ILE G 161 80.61 20.99 -44.31
C ILE G 161 82.10 21.06 -44.57
N THR G 162 82.47 21.33 -45.82
CA THR G 162 83.87 21.38 -46.20
C THR G 162 84.50 22.71 -45.81
N ASP G 163 84.01 23.81 -46.37
CA ASP G 163 84.61 25.12 -46.25
C ASP G 163 83.72 26.03 -45.42
N ILE G 164 84.35 26.99 -44.74
CA ILE G 164 83.59 28.00 -44.00
C ILE G 164 82.72 28.82 -44.95
N ASP G 165 83.18 29.01 -46.19
CA ASP G 165 82.33 29.68 -47.18
C ASP G 165 81.04 28.91 -47.40
N GLU G 166 81.14 27.58 -47.49
CA GLU G 166 79.96 26.75 -47.64
C GLU G 166 79.02 26.93 -46.46
N ALA G 167 79.56 26.86 -45.23
CA ALA G 167 78.74 27.13 -44.06
C ALA G 167 78.11 28.51 -44.13
N LEU G 168 78.85 29.50 -44.60
CA LEU G 168 78.28 30.82 -44.79
C LEU G 168 77.12 30.79 -45.76
N GLU G 169 77.23 30.00 -46.82
CA GLU G 169 76.12 29.88 -47.77
C GLU G 169 74.91 29.23 -47.10
N ILE G 170 75.14 28.13 -46.39
CA ILE G 170 74.04 27.43 -45.72
C ILE G 170 73.28 28.39 -44.82
N ILE G 171 74.01 29.09 -43.96
CA ILE G 171 73.36 30.00 -43.03
C ILE G 171 72.70 31.15 -43.78
N LYS G 172 73.24 31.54 -44.94
CA LYS G 172 72.65 32.65 -45.66
C LYS G 172 71.34 32.25 -46.30
N SER G 173 71.25 31.00 -46.76
CA SER G 173 70.05 30.57 -47.45
C SER G 173 68.85 30.64 -46.53
N PHE G 174 69.05 30.52 -45.24
CA PHE G 174 67.97 30.50 -44.26
C PHE G 174 67.61 31.90 -43.78
N LYS G 175 68.15 32.94 -44.42
CA LYS G 175 68.07 34.29 -43.90
C LYS G 175 66.62 34.75 -43.69
N GLY G 176 65.72 34.34 -44.57
CA GLY G 176 64.34 34.75 -44.41
C GLY G 176 63.51 33.64 -43.80
N TRP G 177 64.13 32.46 -43.78
CA TRP G 177 63.49 31.22 -43.39
C TRP G 177 63.75 30.85 -41.94
N THR G 178 64.25 31.78 -41.14
CA THR G 178 64.69 31.50 -39.77
C THR G 178 63.68 30.67 -39.00
N THR G 179 62.40 30.76 -39.35
CA THR G 179 61.38 29.98 -38.66
C THR G 179 61.63 28.49 -38.75
N TYR G 180 62.49 28.03 -39.66
CA TYR G 180 62.82 26.62 -39.74
C TYR G 180 63.41 26.11 -38.43
N PHE G 181 64.00 26.99 -37.64
CA PHE G 181 64.72 26.63 -36.43
C PHE G 181 63.89 26.76 -35.17
N LYS G 182 62.61 27.13 -35.31
CA LYS G 182 61.75 27.37 -34.15
C LYS G 182 61.80 26.22 -33.16
N GLY G 183 61.64 24.99 -33.64
CA GLY G 183 61.68 23.86 -32.74
C GLY G 183 63.08 23.56 -32.26
N PHE G 184 64.07 23.68 -33.13
CA PHE G 184 65.44 23.38 -32.74
C PHE G 184 65.89 24.26 -31.58
N HIS G 185 65.74 25.58 -31.72
CA HIS G 185 66.13 26.48 -30.65
C HIS G 185 65.51 26.12 -29.31
N GLU G 186 64.30 25.55 -29.32
CA GLU G 186 63.65 25.19 -28.07
C GLU G 186 64.49 24.22 -27.25
N ASN G 187 64.94 23.14 -27.87
CA ASN G 187 65.79 22.20 -27.14
C ASN G 187 67.08 22.87 -26.69
N ARG G 188 67.69 23.67 -27.55
CA ARG G 188 68.92 24.35 -27.18
C ARG G 188 68.72 25.36 -26.06
N LYS G 189 67.49 25.83 -25.86
CA LYS G 189 67.22 26.67 -24.69
C LYS G 189 67.67 25.98 -23.41
N ASN G 190 67.57 24.65 -23.36
CA ASN G 190 67.88 23.92 -22.13
C ASN G 190 69.36 23.98 -21.79
N VAL G 191 70.23 24.08 -22.79
CA VAL G 191 71.66 24.05 -22.55
C VAL G 191 72.05 25.06 -21.48
N TYR G 192 71.40 26.22 -21.48
CA TYR G 192 71.72 27.29 -20.57
C TYR G 192 70.79 27.36 -19.36
N SER G 193 69.92 26.38 -19.19
CA SER G 193 68.94 26.40 -18.11
C SER G 193 69.55 25.98 -16.78
N SER G 194 68.94 26.43 -15.69
CA SER G 194 69.38 26.13 -14.34
C SER G 194 68.61 25.00 -13.67
N ASN G 195 67.70 24.35 -14.38
CA ASN G 195 66.84 23.34 -13.77
C ASN G 195 67.53 21.98 -13.73
N ASP G 196 66.75 20.94 -13.42
CA ASP G 196 67.23 19.57 -13.21
C ASP G 196 67.66 18.89 -14.50
N ILE G 197 67.51 19.53 -15.64
CA ILE G 197 67.80 18.91 -16.94
C ILE G 197 69.24 18.40 -16.95
N PRO G 198 69.46 17.11 -17.14
CA PRO G 198 70.83 16.59 -17.15
C PRO G 198 71.69 17.17 -18.24
N THR G 199 71.10 17.69 -19.32
CA THR G 199 71.88 18.26 -20.41
C THR G 199 71.84 19.78 -20.26
N SER G 200 72.88 20.34 -19.66
CA SER G 200 72.97 21.77 -19.44
C SER G 200 74.41 22.11 -19.10
N ILE G 201 74.77 23.37 -19.29
CA ILE G 201 76.09 23.77 -18.84
C ILE G 201 76.10 23.95 -17.33
N ILE G 202 75.02 24.51 -16.79
CA ILE G 202 75.00 24.81 -15.37
C ILE G 202 74.93 23.53 -14.55
N TYR G 203 74.01 22.64 -14.92
CA TYR G 203 73.90 21.35 -14.25
C TYR G 203 75.25 20.65 -14.22
N ARG G 204 76.02 20.77 -15.29
CA ARG G 204 77.32 20.13 -15.29
C ARG G 204 78.29 20.84 -14.36
N ILE G 205 78.24 22.17 -14.31
CA ILE G 205 79.18 22.92 -13.50
C ILE G 205 78.94 22.65 -12.02
N VAL G 206 77.69 22.76 -11.59
CA VAL G 206 77.41 22.66 -10.16
C VAL G 206 77.02 21.22 -9.81
N ASP G 207 75.96 20.70 -10.42
CA ASP G 207 75.46 19.38 -10.02
C ASP G 207 76.49 18.29 -10.30
N ASP G 208 77.39 18.49 -11.26
CA ASP G 208 78.31 17.43 -11.68
C ASP G 208 79.75 17.74 -11.29
N ASN G 209 80.35 18.80 -11.87
CA ASN G 209 81.80 18.97 -11.77
C ASN G 209 82.23 19.42 -10.38
N LEU G 210 81.52 20.38 -9.79
CA LEU G 210 81.99 20.97 -8.54
C LEU G 210 82.22 19.94 -7.46
N PRO G 211 81.31 19.00 -7.17
CA PRO G 211 81.63 17.97 -6.18
C PRO G 211 82.89 17.22 -6.51
N LYS G 212 83.08 16.82 -7.76
CA LYS G 212 84.32 16.15 -8.14
C LYS G 212 85.53 16.98 -7.76
N PHE G 213 85.45 18.30 -7.99
CA PHE G 213 86.57 19.16 -7.67
C PHE G 213 86.80 19.24 -6.16
N LEU G 214 85.71 19.27 -5.39
CA LEU G 214 85.85 19.35 -3.94
C LEU G 214 86.50 18.10 -3.39
N GLU G 215 86.02 16.92 -3.79
CA GLU G 215 86.70 15.69 -3.41
C GLU G 215 88.16 15.73 -3.82
N ASN G 216 88.45 16.20 -5.03
CA ASN G 216 89.83 16.23 -5.50
C ASN G 216 90.68 17.15 -4.64
N LYS G 217 90.12 18.28 -4.20
CA LYS G 217 90.90 19.20 -3.39
C LYS G 217 91.17 18.62 -2.01
N ALA G 218 90.16 17.95 -1.42
CA ALA G 218 90.39 17.28 -0.14
C ALA G 218 91.50 16.27 -0.26
N LYS G 219 91.56 15.56 -1.38
CA LYS G 219 92.66 14.63 -1.59
C LYS G 219 93.99 15.36 -1.77
N TYR G 220 93.98 16.54 -2.38
CA TYR G 220 95.22 17.26 -2.57
C TYR G 220 95.76 17.76 -1.24
N GLU G 221 94.91 18.37 -0.43
CA GLU G 221 95.32 18.78 0.91
C GLU G 221 95.83 17.59 1.72
N SER G 222 95.09 16.49 1.69
CA SER G 222 95.53 15.28 2.39
C SER G 222 96.84 14.77 1.81
N LEU G 223 97.05 14.92 0.51
CA LEU G 223 98.29 14.46 -0.08
C LEU G 223 99.47 15.23 0.47
N LYS G 224 99.38 16.55 0.50
CA LYS G 224 100.46 17.34 1.08
C LYS G 224 100.55 17.12 2.57
N ASP G 225 99.42 16.88 3.24
CA ASP G 225 99.45 16.76 4.69
C ASP G 225 100.08 15.44 5.11
N LYS G 226 99.54 14.32 4.63
CA LYS G 226 99.99 13.01 5.10
C LYS G 226 101.11 12.41 4.27
N ALA G 227 101.39 12.96 3.10
CA ALA G 227 102.50 12.50 2.26
C ALA G 227 103.15 13.70 1.60
N PRO G 228 103.79 14.55 2.40
CA PRO G 228 104.15 15.89 1.91
C PRO G 228 105.16 15.89 0.77
N GLU G 229 106.02 14.90 0.68
CA GLU G 229 107.10 14.89 -0.29
C GLU G 229 106.70 14.26 -1.62
N ALA G 230 105.41 13.94 -1.78
CA ALA G 230 104.96 13.10 -2.88
C ALA G 230 105.19 13.76 -4.24
N ILE G 231 104.81 15.01 -4.40
CA ILE G 231 104.74 15.64 -5.71
C ILE G 231 106.05 16.34 -6.03
N ASN G 232 106.52 16.18 -7.27
CA ASN G 232 107.64 16.95 -7.77
C ASN G 232 107.08 18.18 -8.45
N TYR G 233 107.29 19.34 -7.83
CA TYR G 233 106.66 20.55 -8.30
C TYR G 233 107.44 21.21 -9.44
N GLU G 234 108.77 21.10 -9.42
CA GLU G 234 109.57 21.72 -10.47
C GLU G 234 109.29 21.07 -11.81
N GLN G 235 109.36 19.74 -11.87
CA GLN G 235 109.17 19.05 -13.13
C GLN G 235 107.74 19.20 -13.63
N ILE G 236 106.76 19.14 -12.72
CA ILE G 236 105.38 19.38 -13.13
C ILE G 236 105.23 20.79 -13.69
N LYS G 237 106.04 21.73 -13.20
CA LYS G 237 105.98 23.08 -13.73
C LYS G 237 106.48 23.13 -15.17
N LYS G 238 107.62 22.51 -15.44
CA LYS G 238 108.17 22.65 -16.79
C LYS G 238 107.41 21.77 -17.78
N ASP G 239 106.94 20.60 -17.35
CA ASP G 239 106.23 19.72 -18.26
C ASP G 239 104.87 20.28 -18.61
N LEU G 240 104.07 20.59 -17.60
CA LEU G 240 102.66 20.93 -17.74
C LEU G 240 102.41 22.43 -17.86
N ALA G 241 103.46 23.23 -18.02
CA ALA G 241 103.36 24.68 -17.89
C ALA G 241 102.16 25.27 -18.62
N GLU G 242 101.88 24.80 -19.84
CA GLU G 242 100.77 25.37 -20.59
C GLU G 242 99.45 25.13 -19.85
N GLU G 243 99.28 23.94 -19.28
CA GLU G 243 98.08 23.67 -18.50
C GLU G 243 98.10 24.47 -17.20
N LEU G 244 99.27 24.62 -16.59
CA LEU G 244 99.34 25.43 -15.38
C LEU G 244 99.09 26.89 -15.70
N THR G 245 99.40 27.33 -16.91
CA THR G 245 99.21 28.73 -17.24
C THR G 245 97.73 29.09 -17.23
N PHE G 246 97.38 30.12 -16.48
CA PHE G 246 96.00 30.59 -16.36
C PHE G 246 95.97 32.10 -16.51
N ASP G 247 94.85 32.60 -17.02
CA ASP G 247 94.79 34.02 -17.37
C ASP G 247 94.62 34.89 -16.13
N ILE G 248 93.69 34.54 -15.25
CA ILE G 248 93.44 35.33 -14.05
C ILE G 248 93.38 34.42 -12.82
N ASP G 249 93.87 34.94 -11.69
CA ASP G 249 93.88 34.24 -10.41
C ASP G 249 92.71 34.76 -9.57
N TYR G 250 91.77 33.88 -9.27
CA TYR G 250 90.50 34.33 -8.71
C TYR G 250 90.60 34.66 -7.23
N LYS G 251 91.43 33.93 -6.48
CA LYS G 251 91.58 34.24 -5.06
C LYS G 251 92.15 35.64 -4.89
N THR G 252 93.25 35.93 -5.58
CA THR G 252 93.86 37.24 -5.51
C THR G 252 93.17 38.26 -6.41
N SER G 253 92.27 37.82 -7.29
CA SER G 253 91.47 38.68 -8.14
C SER G 253 92.30 39.40 -9.20
N GLU G 254 93.62 39.20 -9.21
CA GLU G 254 94.50 39.89 -10.15
C GLU G 254 94.52 39.19 -11.50
N VAL G 255 94.64 39.99 -12.57
CA VAL G 255 94.67 39.47 -13.92
C VAL G 255 96.12 39.52 -14.40
N ASN G 256 96.77 38.37 -14.46
CA ASN G 256 98.11 38.27 -15.00
C ASN G 256 98.32 36.84 -15.45
N GLN G 257 99.12 36.65 -16.50
CA GLN G 257 99.39 35.31 -17.02
C GLN G 257 100.75 34.82 -16.55
N ARG G 258 100.75 33.73 -15.78
CA ARG G 258 101.94 33.17 -15.18
C ARG G 258 101.66 31.70 -14.90
N VAL G 259 102.72 30.92 -14.76
CA VAL G 259 102.56 29.55 -14.33
C VAL G 259 101.96 29.56 -12.93
N PHE G 260 101.03 28.64 -12.67
CA PHE G 260 100.33 28.64 -11.40
C PHE G 260 100.84 27.53 -10.49
N SER G 261 100.81 27.80 -9.19
CA SER G 261 101.20 26.82 -8.20
C SER G 261 100.13 25.77 -8.05
N LEU G 262 100.54 24.53 -7.81
CA LEU G 262 99.58 23.50 -7.44
C LEU G 262 98.76 23.92 -6.22
N ASP G 263 99.33 24.78 -5.37
CA ASP G 263 98.54 25.41 -4.32
C ASP G 263 97.51 26.35 -4.91
N GLU G 264 97.90 27.13 -5.92
CA GLU G 264 96.97 28.09 -6.50
C GLU G 264 95.84 27.38 -7.23
N VAL G 265 96.17 26.35 -8.02
CA VAL G 265 95.16 25.74 -8.87
C VAL G 265 94.09 25.06 -8.05
N PHE G 266 94.40 24.68 -6.82
CA PHE G 266 93.41 23.98 -6.03
C PHE G 266 92.67 24.89 -5.07
N GLU G 267 92.92 26.19 -5.11
CA GLU G 267 92.13 27.10 -4.30
C GLU G 267 90.69 27.12 -4.80
N ILE G 268 89.74 27.14 -3.86
CA ILE G 268 88.34 27.01 -4.24
C ILE G 268 87.91 28.18 -5.13
N ALA G 269 88.46 29.37 -4.89
CA ALA G 269 88.09 30.52 -5.71
C ALA G 269 88.50 30.32 -7.15
N ASN G 270 89.54 29.54 -7.41
CA ASN G 270 90.03 29.32 -8.76
C ASN G 270 89.30 28.20 -9.48
N PHE G 271 88.24 27.64 -8.87
CA PHE G 271 87.38 26.70 -9.59
C PHE G 271 86.87 27.29 -10.90
N ASN G 272 86.81 28.62 -10.99
CA ASN G 272 86.26 29.26 -12.18
C ASN G 272 87.19 29.18 -13.38
N ASN G 273 88.49 28.91 -13.17
CA ASN G 273 89.35 28.67 -14.32
C ASN G 273 88.98 27.36 -14.99
N TYR G 274 88.51 26.40 -14.22
CA TYR G 274 87.84 25.22 -14.73
C TYR G 274 86.38 25.62 -14.95
N LEU G 275 85.49 24.64 -15.18
CA LEU G 275 84.05 24.78 -15.41
C LEU G 275 83.71 25.04 -16.88
N ASN G 276 84.70 25.31 -17.73
CA ASN G 276 84.48 25.35 -19.18
C ASN G 276 85.48 24.42 -19.83
N GLN G 277 85.19 24.04 -21.08
CA GLN G 277 85.86 22.91 -21.71
C GLN G 277 87.38 23.04 -21.68
N SER G 278 87.90 24.23 -21.99
CA SER G 278 89.34 24.42 -22.00
C SER G 278 89.94 24.21 -20.61
N GLY G 279 89.36 24.86 -19.61
CA GLY G 279 89.86 24.67 -18.25
C GLY G 279 89.69 23.24 -17.77
N ILE G 280 88.57 22.61 -18.12
CA ILE G 280 88.36 21.22 -17.77
C ILE G 280 89.47 20.36 -18.37
N THR G 281 89.84 20.64 -19.62
CA THR G 281 90.94 19.92 -20.23
C THR G 281 92.23 20.12 -19.43
N LYS G 282 92.52 21.36 -19.08
CA LYS G 282 93.74 21.64 -18.32
C LYS G 282 93.74 20.90 -17.00
N PHE G 283 92.68 21.06 -16.21
CA PHE G 283 92.62 20.39 -14.92
C PHE G 283 92.85 18.90 -15.07
N ASN G 284 92.11 18.26 -15.99
CA ASN G 284 92.26 16.82 -16.16
C ASN G 284 93.67 16.46 -16.58
N THR G 285 94.30 17.30 -17.40
CA THR G 285 95.67 17.01 -17.80
C THR G 285 96.60 17.06 -16.59
N ILE G 286 96.42 18.07 -15.73
CA ILE G 286 97.18 18.13 -14.49
C ILE G 286 96.99 16.85 -13.68
N ILE G 287 95.77 16.34 -13.67
CA ILE G 287 95.46 15.16 -12.87
C ILE G 287 96.15 13.93 -13.44
N GLY G 288 96.04 13.73 -14.75
CA GLY G 288 96.51 12.49 -15.35
C GLY G 288 97.81 12.56 -16.15
N GLY G 289 98.29 13.76 -16.46
CA GLY G 289 99.45 13.93 -17.31
C GLY G 289 99.07 14.31 -18.73
N LYS G 290 100.10 14.51 -19.55
CA LYS G 290 99.90 14.91 -20.94
C LYS G 290 100.89 14.18 -21.82
N PHE G 291 100.65 14.28 -23.14
CA PHE G 291 101.46 13.62 -24.14
C PHE G 291 101.98 14.63 -25.15
N VAL G 292 103.25 14.48 -25.52
CA VAL G 292 103.83 15.26 -26.59
C VAL G 292 104.38 14.32 -27.66
N THR G 297 107.61 8.74 -24.51
CA THR G 297 107.19 8.56 -23.13
C THR G 297 106.23 9.66 -22.66
N LYS G 298 105.42 9.33 -21.66
CA LYS G 298 104.37 10.24 -21.22
C LYS G 298 104.90 11.18 -20.13
N ARG G 299 104.43 12.42 -20.16
CA ARG G 299 104.74 13.36 -19.09
C ARG G 299 104.02 12.97 -17.81
N LYS G 300 104.73 13.06 -16.70
CA LYS G 300 104.13 12.69 -15.43
C LYS G 300 103.06 13.69 -15.02
N GLY G 301 102.16 13.23 -14.14
CA GLY G 301 101.10 14.06 -13.62
C GLY G 301 100.80 13.68 -12.19
N ILE G 302 99.94 14.48 -11.55
CA ILE G 302 99.72 14.35 -10.12
C ILE G 302 99.44 12.91 -9.75
N ASN G 303 98.54 12.27 -10.50
CA ASN G 303 98.20 10.89 -10.18
C ASN G 303 99.38 9.97 -10.42
N GLU G 304 100.15 10.22 -11.49
CA GLU G 304 101.35 9.44 -11.70
C GLU G 304 102.35 9.65 -10.58
N TYR G 305 102.40 10.87 -10.02
CA TYR G 305 103.26 11.12 -8.87
C TYR G 305 102.79 10.31 -7.66
N ILE G 306 101.48 10.24 -7.44
CA ILE G 306 100.97 9.38 -6.38
C ILE G 306 101.37 7.94 -6.64
N ASN G 307 101.25 7.50 -7.89
CA ASN G 307 101.61 6.12 -8.23
C ASN G 307 103.09 5.86 -7.99
N LEU G 308 103.95 6.69 -8.55
CA LEU G 308 105.39 6.49 -8.41
C LEU G 308 105.82 6.63 -6.95
N TYR G 309 105.30 7.63 -6.24
CA TYR G 309 105.63 7.78 -4.83
C TYR G 309 105.14 6.58 -4.04
N SER G 310 103.96 6.05 -4.41
CA SER G 310 103.48 4.84 -3.75
C SER G 310 104.45 3.69 -3.96
N GLN G 311 105.06 3.59 -5.14
CA GLN G 311 106.09 2.59 -5.36
C GLN G 311 107.35 2.91 -4.56
N GLN G 312 107.67 4.19 -4.41
CA GLN G 312 108.88 4.59 -3.70
C GLN G 312 108.80 4.21 -2.23
N ILE G 313 107.70 4.56 -1.58
CA ILE G 313 107.47 4.16 -0.19
C ILE G 313 106.85 2.77 -0.10
N ASN G 314 106.49 2.15 -1.23
CA ASN G 314 105.98 0.77 -1.27
C ASN G 314 104.72 0.61 -0.43
N ASP G 315 103.80 1.56 -0.55
CA ASP G 315 102.54 1.51 0.18
C ASP G 315 101.38 1.67 -0.79
N LYS G 316 100.45 0.72 -0.78
CA LYS G 316 99.27 0.76 -1.62
C LYS G 316 98.12 1.54 -1.00
N THR G 317 98.24 1.95 0.26
CA THR G 317 97.17 2.72 0.89
C THR G 317 97.04 4.10 0.28
N LEU G 318 98.16 4.72 -0.08
CA LEU G 318 98.16 6.10 -0.54
C LEU G 318 97.30 6.29 -1.79
N LYS G 319 97.01 5.22 -2.52
CA LYS G 319 96.19 5.31 -3.72
C LYS G 319 94.80 5.86 -3.46
N LYS G 320 94.38 5.94 -2.19
CA LYS G 320 93.11 6.57 -1.87
C LYS G 320 93.06 8.03 -2.29
N TYR G 321 94.21 8.63 -2.53
CA TYR G 321 94.29 10.05 -2.87
C TYR G 321 94.33 10.29 -4.37
N LYS G 322 94.18 9.24 -5.18
CA LYS G 322 94.05 9.41 -6.62
C LYS G 322 92.84 10.27 -6.94
N MET G 323 92.92 11.01 -8.04
CA MET G 323 91.93 12.04 -8.34
C MET G 323 91.12 11.69 -9.58
N SER G 324 89.81 11.89 -9.49
CA SER G 324 88.91 11.67 -10.62
C SER G 324 88.98 12.84 -11.60
N VAL G 325 88.77 12.53 -12.87
CA VAL G 325 88.83 13.55 -13.92
C VAL G 325 87.54 14.35 -13.93
N LEU G 326 87.65 15.62 -14.31
CA LEU G 326 86.47 16.45 -14.44
C LEU G 326 85.67 16.06 -15.68
N PHE G 327 84.35 16.11 -15.55
CA PHE G 327 83.49 15.74 -16.67
C PHE G 327 83.66 16.73 -17.81
N LYS G 328 83.63 16.20 -19.03
CA LYS G 328 83.73 17.04 -20.21
C LYS G 328 82.51 17.94 -20.34
N GLN G 329 82.73 19.15 -20.87
CA GLN G 329 81.65 20.11 -20.99
C GLN G 329 80.64 19.66 -22.05
N ILE G 330 79.42 20.19 -21.94
CA ILE G 330 78.38 19.85 -22.90
C ILE G 330 78.75 20.37 -24.29
N LEU G 331 78.23 19.71 -25.31
CA LEU G 331 78.46 20.06 -26.71
C LEU G 331 79.94 20.06 -27.06
N SER G 332 80.75 19.30 -26.32
CA SER G 332 82.18 19.24 -26.59
C SER G 332 82.45 18.41 -27.84
N ASP G 333 83.63 18.64 -28.42
CA ASP G 333 84.05 17.90 -29.59
C ASP G 333 84.59 16.51 -29.22
N ASP G 342 75.90 8.09 -34.62
CA ASP G 342 74.63 8.39 -33.96
C ASP G 342 73.50 7.51 -34.52
N LYS G 343 72.77 8.01 -35.52
CA LYS G 343 71.66 7.25 -36.08
C LYS G 343 72.16 6.24 -37.10
N LEU G 344 71.54 5.06 -37.12
CA LEU G 344 71.99 3.91 -37.89
C LEU G 344 71.07 3.70 -39.07
N GLU G 345 71.56 3.98 -40.29
CA GLU G 345 70.74 3.82 -41.48
C GLU G 345 70.98 2.52 -42.25
N ASP G 346 71.95 1.70 -41.89
CA ASP G 346 72.27 0.55 -42.72
C ASP G 346 73.09 -0.46 -41.93
N ASP G 347 73.39 -1.59 -42.59
CA ASP G 347 74.18 -2.64 -41.95
C ASP G 347 75.60 -2.18 -41.67
N SER G 348 76.16 -1.36 -42.55
CA SER G 348 77.50 -0.83 -42.29
C SER G 348 77.52 -0.02 -41.00
N ASP G 349 76.49 0.79 -40.78
CA ASP G 349 76.43 1.56 -39.55
C ASP G 349 76.29 0.66 -38.34
N VAL G 350 75.46 -0.38 -38.43
CA VAL G 350 75.29 -1.30 -37.31
C VAL G 350 76.61 -1.95 -36.96
N VAL G 351 77.29 -2.50 -37.97
CA VAL G 351 78.51 -3.26 -37.74
C VAL G 351 79.63 -2.35 -37.25
N THR G 352 79.87 -1.25 -37.96
CA THR G 352 80.96 -0.35 -37.58
C THR G 352 80.74 0.19 -36.17
N THR G 353 79.51 0.58 -35.85
CA THR G 353 79.25 1.14 -34.53
C THR G 353 79.43 0.10 -33.43
N MET G 354 78.92 -1.10 -33.66
CA MET G 354 79.03 -2.16 -32.65
C MET G 354 80.49 -2.50 -32.40
N GLN G 355 81.24 -2.78 -33.47
CA GLN G 355 82.65 -3.12 -33.31
C GLN G 355 83.44 -1.94 -32.72
N SER G 356 83.14 -0.72 -33.17
CA SER G 356 83.81 0.44 -32.60
C SER G 356 83.56 0.52 -31.10
N PHE G 357 82.37 0.16 -30.65
CA PHE G 357 82.08 0.23 -29.23
C PHE G 357 82.89 -0.80 -28.46
N TYR G 358 82.86 -2.05 -28.90
CA TYR G 358 83.51 -3.10 -28.13
C TYR G 358 85.04 -2.99 -28.18
N GLU G 359 85.59 -2.42 -29.24
CA GLU G 359 87.04 -2.26 -29.30
C GLU G 359 87.53 -1.35 -28.18
N GLN G 360 86.75 -0.32 -27.84
CA GLN G 360 87.14 0.57 -26.75
C GLN G 360 87.17 -0.18 -25.43
N ILE G 361 86.12 -0.95 -25.14
CA ILE G 361 86.10 -1.71 -23.89
C ILE G 361 87.31 -2.63 -23.81
N ALA G 362 87.60 -3.34 -24.89
CA ALA G 362 88.76 -4.23 -24.89
C ALA G 362 90.04 -3.43 -24.69
N ALA G 363 90.13 -2.26 -25.30
CA ALA G 363 91.37 -1.49 -25.28
C ALA G 363 91.40 -0.44 -24.18
N PHE G 364 90.35 -0.29 -23.40
CA PHE G 364 90.33 0.76 -22.39
C PHE G 364 91.30 0.44 -21.27
N LYS G 365 91.97 1.48 -20.77
CA LYS G 365 92.93 1.36 -19.69
C LYS G 365 92.47 2.23 -18.53
N THR G 366 92.28 1.61 -17.37
CA THR G 366 91.78 2.31 -16.19
C THR G 366 92.90 3.12 -15.54
N VAL G 367 92.57 3.79 -14.43
CA VAL G 367 93.58 4.49 -13.64
C VAL G 367 94.62 3.50 -13.11
N GLU G 368 94.19 2.29 -12.74
CA GLU G 368 95.11 1.21 -12.38
C GLU G 368 95.90 0.71 -13.57
N GLU G 369 95.62 1.22 -14.78
CA GLU G 369 96.35 0.89 -16.00
C GLU G 369 96.17 -0.57 -16.41
N LYS G 370 95.05 -1.16 -16.01
CA LYS G 370 94.70 -2.51 -16.40
C LYS G 370 93.33 -2.49 -17.07
N SER G 371 93.04 -3.55 -17.81
CA SER G 371 91.78 -3.62 -18.53
C SER G 371 90.62 -3.66 -17.55
N ILE G 372 89.43 -3.28 -18.05
CA ILE G 372 88.25 -3.22 -17.21
C ILE G 372 88.02 -4.56 -16.52
N LYS G 373 88.11 -5.65 -17.29
CA LYS G 373 88.06 -6.98 -16.67
C LYS G 373 89.12 -7.10 -15.59
N GLU G 374 90.37 -6.78 -15.92
CA GLU G 374 91.45 -6.89 -14.96
C GLU G 374 91.23 -5.95 -13.78
N THR G 375 90.84 -4.71 -14.07
CA THR G 375 90.68 -3.74 -13.00
C THR G 375 89.53 -4.11 -12.07
N LEU G 376 88.35 -4.36 -12.64
CA LEU G 376 87.21 -4.72 -11.80
C LEU G 376 87.47 -6.02 -11.03
N SER G 377 88.18 -6.96 -11.65
CA SER G 377 88.48 -8.21 -10.95
C SER G 377 89.36 -7.96 -9.74
N LEU G 378 90.40 -7.13 -9.89
CA LEU G 378 91.22 -6.76 -8.75
C LEU G 378 90.38 -6.14 -7.65
N LEU G 379 89.47 -5.24 -8.02
CA LEU G 379 88.65 -4.55 -7.03
C LEU G 379 87.71 -5.52 -6.32
N PHE G 380 86.92 -6.27 -7.08
CA PHE G 380 85.98 -7.19 -6.45
C PHE G 380 86.70 -8.28 -5.66
N ASP G 381 87.87 -8.71 -6.13
CA ASP G 381 88.66 -9.65 -5.34
C ASP G 381 89.05 -9.03 -3.99
N ASP G 382 89.41 -7.74 -4.00
CA ASP G 382 89.66 -7.04 -2.74
C ASP G 382 88.43 -7.06 -1.84
N LEU G 383 87.26 -6.79 -2.40
CA LEU G 383 86.04 -6.85 -1.63
C LEU G 383 85.81 -8.25 -1.07
N LYS G 384 86.13 -9.28 -1.87
CA LYS G 384 86.00 -10.64 -1.40
C LYS G 384 87.02 -10.94 -0.29
N ALA G 385 88.25 -10.45 -0.45
CA ALA G 385 89.29 -10.70 0.53
C ALA G 385 89.11 -9.90 1.81
N GLN G 386 88.13 -9.00 1.88
CA GLN G 386 87.74 -8.19 3.03
C GLN G 386 88.66 -6.99 3.23
N LYS G 387 89.70 -6.82 2.41
CA LYS G 387 90.59 -5.66 2.56
C LYS G 387 89.81 -4.35 2.58
N LEU G 388 88.79 -4.23 1.74
CA LEU G 388 88.03 -3.00 1.61
C LEU G 388 87.07 -2.80 2.78
N ASP G 389 86.64 -1.56 2.95
CA ASP G 389 85.74 -1.19 4.04
C ASP G 389 84.30 -1.24 3.56
N LEU G 390 83.52 -2.16 4.13
CA LEU G 390 82.14 -2.32 3.72
C LEU G 390 81.23 -1.22 4.26
N SER G 391 81.67 -0.48 5.27
CA SER G 391 80.82 0.58 5.80
C SER G 391 80.72 1.74 4.82
N LYS G 392 81.78 1.98 4.04
CA LYS G 392 81.83 3.10 3.12
C LYS G 392 81.48 2.73 1.67
N ILE G 393 81.05 1.50 1.41
CA ILE G 393 80.68 1.07 0.07
C ILE G 393 79.22 0.64 0.09
N TYR G 394 78.45 1.04 -0.94
CA TYR G 394 77.00 1.04 -0.85
C TYR G 394 76.33 0.24 -1.96
N PHE G 395 75.13 -0.23 -1.64
CA PHE G 395 74.19 -0.83 -2.58
C PHE G 395 73.04 0.14 -2.81
N LYS G 396 72.58 0.24 -4.06
CA LYS G 396 71.33 0.95 -4.31
C LYS G 396 70.17 0.19 -3.68
N ASN G 397 69.20 0.91 -3.16
CA ASN G 397 68.06 0.29 -2.49
C ASN G 397 66.87 0.08 -3.43
N ASP G 398 67.03 0.34 -4.71
CA ASP G 398 65.95 0.21 -5.67
C ASP G 398 65.78 -1.27 -6.05
N LYS G 399 65.02 -1.53 -7.12
CA LYS G 399 64.72 -2.91 -7.52
C LYS G 399 65.98 -3.74 -7.74
N SER G 400 67.13 -3.10 -7.92
CA SER G 400 68.36 -3.86 -8.13
C SER G 400 68.69 -4.70 -6.91
N LEU G 401 68.57 -4.13 -5.71
CA LEU G 401 68.79 -4.90 -4.50
C LEU G 401 67.82 -6.07 -4.42
N THR G 402 66.56 -5.84 -4.77
CA THR G 402 65.60 -6.93 -4.86
C THR G 402 66.08 -8.00 -5.82
N ASP G 403 66.61 -7.58 -6.98
CA ASP G 403 67.12 -8.55 -7.94
C ASP G 403 68.30 -9.33 -7.37
N LEU G 404 69.19 -8.64 -6.65
CA LEU G 404 70.31 -9.33 -6.03
C LEU G 404 69.82 -10.38 -5.05
N SER G 405 68.92 -9.99 -4.16
CA SER G 405 68.39 -10.92 -3.17
C SER G 405 67.77 -12.14 -3.84
N GLN G 406 66.99 -11.94 -4.90
CA GLN G 406 66.42 -13.07 -5.62
C GLN G 406 67.50 -13.87 -6.32
N GLN G 407 68.54 -13.20 -6.81
CA GLN G 407 69.55 -13.88 -7.61
C GLN G 407 70.35 -14.86 -6.75
N VAL G 408 70.91 -14.38 -5.65
CA VAL G 408 71.76 -15.25 -4.82
C VAL G 408 70.93 -16.09 -3.87
N PHE G 409 69.93 -15.50 -3.22
CA PHE G 409 69.20 -16.19 -2.15
C PHE G 409 67.88 -16.79 -2.59
N ASP G 410 67.49 -16.64 -3.85
CA ASP G 410 66.26 -17.21 -4.42
C ASP G 410 64.98 -16.54 -3.92
N ASP G 411 65.06 -15.56 -3.03
CA ASP G 411 63.88 -14.85 -2.55
C ASP G 411 64.13 -13.36 -2.57
N TYR G 412 63.19 -12.60 -3.15
CA TYR G 412 63.40 -11.16 -3.29
C TYR G 412 63.23 -10.43 -1.96
N SER G 413 62.42 -10.98 -1.05
CA SER G 413 62.07 -10.28 0.17
C SER G 413 63.06 -10.51 1.32
N VAL G 414 63.99 -11.44 1.17
CA VAL G 414 64.82 -11.85 2.30
C VAL G 414 65.63 -10.67 2.82
N ILE G 415 66.40 -10.02 1.95
CA ILE G 415 67.29 -8.97 2.41
C ILE G 415 66.48 -7.83 3.04
N GLY G 416 65.39 -7.44 2.39
CA GLY G 416 64.58 -6.36 2.92
C GLY G 416 63.97 -6.71 4.26
N THR G 417 63.39 -7.91 4.35
CA THR G 417 62.89 -8.37 5.65
C THR G 417 64.00 -8.40 6.67
N ALA G 418 65.20 -8.81 6.26
CA ALA G 418 66.32 -8.89 7.20
C ALA G 418 66.68 -7.53 7.76
N VAL G 419 66.89 -6.55 6.89
CA VAL G 419 67.31 -5.24 7.37
C VAL G 419 66.18 -4.55 8.12
N LEU G 420 64.93 -4.76 7.70
CA LEU G 420 63.81 -4.12 8.38
C LEU G 420 63.70 -4.64 9.81
N GLU G 421 63.76 -5.96 9.98
CA GLU G 421 63.71 -6.50 11.33
C GLU G 421 64.97 -6.13 12.12
N TYR G 422 66.10 -5.95 11.42
CA TYR G 422 67.36 -5.68 12.10
C TYR G 422 67.33 -4.32 12.79
N ILE G 423 66.87 -3.30 12.08
CA ILE G 423 66.94 -1.95 12.63
C ILE G 423 65.95 -1.77 13.77
N THR G 424 64.82 -2.45 13.71
CA THR G 424 63.84 -2.39 14.79
C THR G 424 64.43 -2.90 16.10
N GLN G 440 58.81 5.33 16.25
CA GLN G 440 58.76 4.13 15.42
C GLN G 440 58.98 4.43 13.94
N GLU G 441 58.50 5.59 13.49
CA GLU G 441 58.69 5.94 12.09
C GLU G 441 60.14 6.29 11.79
N LEU G 442 60.89 6.78 12.79
CA LEU G 442 62.22 7.32 12.53
C LEU G 442 63.15 6.25 11.96
N ILE G 443 62.99 5.00 12.40
CA ILE G 443 63.89 3.96 11.90
C ILE G 443 63.71 3.76 10.41
N ALA G 444 62.48 3.96 9.91
CA ALA G 444 62.24 3.79 8.49
C ALA G 444 63.13 4.70 7.67
N LYS G 445 63.30 5.95 8.11
CA LYS G 445 64.19 6.88 7.43
C LYS G 445 65.59 6.30 7.31
N LYS G 446 66.03 5.55 8.34
CA LYS G 446 67.34 4.94 8.28
C LYS G 446 67.39 3.80 7.27
N THR G 447 66.24 3.18 6.98
CA THR G 447 66.25 2.05 6.04
C THR G 447 65.17 2.12 4.97
N GLU G 448 63.90 1.94 5.36
CA GLU G 448 62.84 1.79 4.37
C GLU G 448 62.81 2.97 3.41
N LYS G 449 62.96 4.18 3.92
CA LYS G 449 63.06 5.36 3.08
C LYS G 449 64.49 5.69 2.69
N ALA G 450 65.46 4.88 3.09
CA ALA G 450 66.85 5.16 2.76
C ALA G 450 67.15 4.73 1.33
N LYS G 451 67.67 5.66 0.53
CA LYS G 451 67.91 5.38 -0.89
C LYS G 451 69.13 4.49 -1.10
N TYR G 452 70.11 4.54 -0.20
CA TYR G 452 71.32 3.76 -0.33
C TYR G 452 71.63 3.07 0.99
N LEU G 453 72.09 1.82 0.89
CA LEU G 453 72.46 1.02 2.05
C LEU G 453 73.94 0.69 1.96
N SER G 454 74.61 0.66 3.11
CA SER G 454 76.01 0.27 3.16
C SER G 454 76.12 -1.25 3.24
N LEU G 455 77.17 -1.78 2.60
CA LEU G 455 77.36 -3.23 2.60
C LEU G 455 77.63 -3.74 4.01
N GLU G 456 78.37 -2.98 4.81
CA GLU G 456 78.55 -3.36 6.21
C GLU G 456 77.21 -3.53 6.91
N THR G 457 76.28 -2.60 6.69
CA THR G 457 74.94 -2.75 7.26
C THR G 457 74.31 -4.08 6.84
N ILE G 458 74.47 -4.46 5.59
CA ILE G 458 73.90 -5.72 5.13
C ILE G 458 74.59 -6.90 5.80
N LYS G 459 75.91 -6.81 5.96
CA LYS G 459 76.66 -7.88 6.61
C LYS G 459 76.16 -8.10 8.03
N LEU G 460 76.18 -7.04 8.85
CA LEU G 460 75.63 -7.14 10.20
C LEU G 460 74.19 -7.61 10.19
N ALA G 461 73.37 -7.04 9.31
CA ALA G 461 71.97 -7.43 9.23
C ALA G 461 71.83 -8.91 8.93
N LEU G 462 72.66 -9.43 8.02
CA LEU G 462 72.58 -10.84 7.67
C LEU G 462 72.97 -11.73 8.83
N GLU G 463 74.02 -11.35 9.58
CA GLU G 463 74.48 -12.20 10.68
C GLU G 463 73.44 -12.26 11.79
N GLU G 464 72.94 -11.11 12.23
CA GLU G 464 71.86 -11.10 13.19
C GLU G 464 70.61 -11.77 12.64
N PHE G 465 70.39 -11.65 11.33
CA PHE G 465 69.26 -12.29 10.67
C PHE G 465 69.35 -13.81 10.79
N ASN G 466 70.55 -14.35 10.71
CA ASN G 466 70.75 -15.79 10.71
C ASN G 466 70.80 -16.40 12.11
N LYS G 467 70.76 -15.56 13.15
CA LYS G 467 70.98 -16.07 14.50
C LYS G 467 70.01 -17.20 14.84
N HIS G 468 68.72 -16.99 14.56
CA HIS G 468 67.71 -17.98 14.93
C HIS G 468 67.27 -18.87 13.77
N ARG G 469 67.81 -18.69 12.57
CA ARG G 469 67.38 -19.45 11.40
C ARG G 469 68.29 -20.66 11.16
N ASP G 470 67.68 -21.74 10.67
CA ASP G 470 68.39 -23.01 10.48
C ASP G 470 69.54 -22.88 9.51
N ILE G 471 70.59 -23.67 9.74
CA ILE G 471 71.76 -23.70 8.86
C ILE G 471 71.36 -24.05 7.43
N ASP G 472 70.31 -24.87 7.27
CA ASP G 472 69.80 -25.14 5.93
C ASP G 472 69.31 -23.87 5.27
N LYS G 473 68.54 -23.07 5.99
CA LYS G 473 67.89 -21.88 5.44
C LYS G 473 68.67 -20.58 5.70
N GLN G 474 69.82 -20.65 6.34
CA GLN G 474 70.58 -19.43 6.63
C GLN G 474 71.14 -18.83 5.35
N CYS G 475 71.18 -17.50 5.29
CA CYS G 475 71.67 -16.76 4.13
C CYS G 475 72.89 -15.97 4.54
N ARG G 476 74.03 -16.21 3.89
CA ARG G 476 75.30 -15.68 4.31
C ARG G 476 75.77 -14.57 3.36
N PHE G 477 76.46 -13.58 3.94
CA PHE G 477 76.98 -12.48 3.15
C PHE G 477 78.06 -12.93 2.18
N GLU G 478 78.82 -13.97 2.54
CA GLU G 478 79.86 -14.45 1.66
C GLU G 478 79.30 -14.84 0.31
N GLU G 479 78.01 -15.16 0.25
CA GLU G 479 77.41 -15.54 -1.02
C GLU G 479 77.19 -14.33 -1.90
N ILE G 480 76.67 -13.23 -1.33
CA ILE G 480 76.59 -11.98 -2.06
C ILE G 480 77.97 -11.56 -2.52
N LEU G 481 78.93 -11.57 -1.61
CA LEU G 481 80.32 -11.29 -1.93
C LEU G 481 80.79 -12.14 -3.10
N ALA G 482 80.50 -13.45 -3.04
CA ALA G 482 80.94 -14.34 -4.12
C ALA G 482 80.21 -14.06 -5.42
N ASN G 483 78.94 -13.68 -5.35
CA ASN G 483 78.21 -13.31 -6.56
C ASN G 483 78.96 -12.23 -7.33
N PHE G 484 79.35 -11.16 -6.65
CA PHE G 484 80.07 -10.09 -7.32
C PHE G 484 81.51 -10.49 -7.64
N ALA G 485 82.05 -11.48 -6.95
CA ALA G 485 83.36 -11.99 -7.34
C ALA G 485 83.28 -12.71 -8.67
N ALA G 486 82.14 -13.31 -8.98
CA ALA G 486 82.00 -14.07 -10.21
C ALA G 486 81.74 -13.19 -11.43
N ILE G 487 81.38 -11.93 -11.21
CA ILE G 487 80.95 -11.08 -12.32
C ILE G 487 82.01 -10.94 -13.40
N PRO G 488 83.29 -10.70 -13.10
CA PRO G 488 84.26 -10.50 -14.17
C PRO G 488 84.33 -11.66 -15.15
N MET G 489 83.92 -12.86 -14.76
CA MET G 489 83.91 -13.97 -15.70
C MET G 489 83.08 -13.66 -16.93
N ILE G 490 82.05 -12.83 -16.76
CA ILE G 490 81.17 -12.49 -17.89
C ILE G 490 81.98 -11.84 -19.00
N PHE G 491 82.94 -10.98 -18.65
CA PHE G 491 83.73 -10.30 -19.67
C PHE G 491 84.38 -11.29 -20.62
N ASP G 492 84.89 -12.41 -20.09
CA ASP G 492 85.44 -13.44 -20.96
C ASP G 492 84.42 -13.90 -21.99
N GLU G 493 83.21 -14.22 -21.54
CA GLU G 493 82.15 -14.62 -22.47
C GLU G 493 81.94 -13.57 -23.56
N ILE G 494 81.84 -12.30 -23.15
CA ILE G 494 81.69 -11.22 -24.13
C ILE G 494 82.81 -11.28 -25.16
N ALA G 495 84.06 -11.32 -24.71
CA ALA G 495 85.20 -11.34 -25.62
C ALA G 495 85.09 -12.48 -26.63
N GLN G 496 84.85 -13.71 -26.15
CA GLN G 496 84.64 -14.83 -27.06
C GLN G 496 83.53 -14.54 -28.06
N ASN G 497 82.38 -14.07 -27.57
CA ASN G 497 81.27 -13.76 -28.45
C ASN G 497 81.66 -12.71 -29.50
N LYS G 498 82.30 -11.62 -29.07
CA LYS G 498 82.72 -10.60 -30.02
C LYS G 498 83.69 -11.17 -31.06
N ASP G 499 84.67 -11.95 -30.62
CA ASP G 499 85.61 -12.56 -31.55
C ASP G 499 84.89 -13.39 -32.61
N ASN G 500 83.81 -14.06 -32.22
CA ASN G 500 82.99 -14.77 -33.20
C ASN G 500 82.26 -13.80 -34.11
N LEU G 501 81.58 -12.82 -33.53
CA LEU G 501 80.76 -11.92 -34.31
C LEU G 501 81.58 -11.00 -35.21
N ALA G 502 82.86 -10.83 -34.92
CA ALA G 502 83.72 -10.07 -35.83
C ALA G 502 83.75 -10.70 -37.21
N GLN G 503 83.73 -12.03 -37.28
CA GLN G 503 83.65 -12.69 -38.58
C GLN G 503 82.33 -12.42 -39.26
N ILE G 504 81.23 -12.44 -38.50
CA ILE G 504 79.93 -12.06 -39.06
C ILE G 504 79.98 -10.64 -39.62
N SER G 505 80.76 -9.76 -39.02
CA SER G 505 80.85 -8.37 -39.48
C SER G 505 81.22 -8.28 -40.95
N ILE G 506 81.88 -9.31 -41.49
CA ILE G 506 82.32 -9.26 -42.88
C ILE G 506 81.11 -9.22 -43.81
N LYS G 507 80.14 -10.11 -43.58
CA LYS G 507 79.06 -10.27 -44.55
C LYS G 507 78.19 -9.03 -44.59
N TYR G 508 77.97 -8.39 -43.45
CA TYR G 508 77.06 -7.27 -43.36
C TYR G 508 77.77 -5.91 -43.45
N GLN G 509 79.07 -5.89 -43.72
CA GLN G 509 79.79 -4.62 -43.74
C GLN G 509 79.40 -3.74 -44.92
N ASN G 510 78.55 -4.20 -45.83
CA ASN G 510 78.20 -3.42 -47.02
C ASN G 510 77.55 -2.10 -46.67
N GLN G 511 77.94 -1.04 -47.37
CA GLN G 511 77.46 0.30 -47.06
C GLN G 511 75.98 0.47 -47.39
N GLY G 512 75.54 -0.03 -48.53
CA GLY G 512 74.18 0.25 -48.98
C GLY G 512 73.15 -0.78 -48.60
N LYS G 513 73.60 -1.98 -48.23
CA LYS G 513 72.69 -3.09 -48.02
C LYS G 513 71.94 -2.97 -46.70
N LYS G 514 70.64 -3.23 -46.74
CA LYS G 514 69.77 -3.25 -45.57
C LYS G 514 69.50 -4.66 -45.06
N ASP G 515 70.15 -5.68 -45.63
CA ASP G 515 69.65 -7.05 -45.52
C ASP G 515 69.64 -7.60 -44.09
N LEU G 516 70.19 -6.90 -43.11
CA LEU G 516 70.30 -7.49 -41.78
C LEU G 516 68.94 -7.83 -41.19
N LEU G 517 67.91 -7.10 -41.56
CA LEU G 517 66.57 -7.36 -41.05
C LEU G 517 65.80 -8.37 -41.90
N GLN G 518 66.45 -8.93 -42.91
CA GLN G 518 65.82 -9.97 -43.71
C GLN G 518 65.72 -11.27 -42.93
N ALA G 519 64.88 -12.18 -43.42
CA ALA G 519 64.70 -13.47 -42.76
C ALA G 519 65.96 -14.33 -42.84
N SER G 520 66.70 -14.24 -43.94
CA SER G 520 67.85 -15.12 -44.12
C SER G 520 68.91 -14.87 -43.06
N ALA G 521 69.02 -13.63 -42.57
CA ALA G 521 70.00 -13.26 -41.57
C ALA G 521 69.51 -13.51 -40.14
N GLU G 522 68.30 -14.06 -39.99
CA GLU G 522 67.72 -14.25 -38.66
C GLU G 522 68.67 -15.02 -37.75
N ASP G 523 69.25 -16.10 -38.26
CA ASP G 523 70.20 -16.87 -37.48
C ASP G 523 71.31 -15.98 -36.92
N ASP G 524 71.82 -15.07 -37.74
CA ASP G 524 72.89 -14.18 -37.28
C ASP G 524 72.35 -13.12 -36.33
N VAL G 525 71.16 -12.60 -36.62
CA VAL G 525 70.61 -11.51 -35.81
C VAL G 525 70.56 -11.89 -34.34
N LYS G 526 69.98 -13.05 -34.04
CA LYS G 526 69.92 -13.50 -32.65
C LYS G 526 71.31 -13.53 -32.02
N ALA G 527 72.29 -14.05 -32.74
CA ALA G 527 73.67 -14.00 -32.24
C ALA G 527 74.09 -12.58 -31.96
N ILE G 528 73.89 -11.67 -32.91
CA ILE G 528 74.18 -10.26 -32.68
C ILE G 528 73.44 -9.76 -31.46
N LYS G 529 72.20 -10.21 -31.28
CA LYS G 529 71.42 -9.77 -30.13
C LYS G 529 72.01 -10.30 -28.84
N ASP G 530 72.32 -11.59 -28.80
CA ASP G 530 72.76 -12.22 -27.56
C ASP G 530 73.98 -11.51 -26.97
N LEU G 531 74.95 -11.17 -27.81
CA LEU G 531 76.12 -10.42 -27.33
C LEU G 531 75.69 -9.17 -26.58
N LEU G 532 74.84 -8.35 -27.22
CA LEU G 532 74.38 -7.12 -26.60
C LEU G 532 73.67 -7.40 -25.27
N ASP G 533 72.71 -8.32 -25.28
CA ASP G 533 72.08 -8.75 -24.03
C ASP G 533 73.12 -9.10 -22.98
N GLN G 534 74.06 -9.99 -23.32
CA GLN G 534 75.09 -10.37 -22.36
C GLN G 534 75.79 -9.15 -21.78
N THR G 535 76.18 -8.20 -22.62
CA THR G 535 76.83 -7.01 -22.11
C THR G 535 75.88 -6.16 -21.28
N ASN G 536 74.68 -5.91 -21.81
CA ASN G 536 73.72 -5.06 -21.12
C ASN G 536 73.35 -5.65 -19.77
N ASN G 537 73.02 -6.94 -19.75
CA ASN G 537 72.70 -7.59 -18.48
C ASN G 537 73.83 -7.42 -17.47
N LEU G 538 75.08 -7.60 -17.91
CA LEU G 538 76.23 -7.34 -17.05
C LEU G 538 76.15 -5.96 -16.41
N LEU G 539 75.88 -4.94 -17.22
CA LEU G 539 75.76 -3.59 -16.68
C LEU G 539 74.71 -3.52 -15.59
N HIS G 540 73.54 -4.13 -15.81
CA HIS G 540 72.50 -4.14 -14.79
C HIS G 540 73.05 -4.60 -13.45
N LYS G 541 73.81 -5.68 -13.44
CA LYS G 541 74.34 -6.21 -12.19
C LYS G 541 75.32 -5.22 -11.55
N LEU G 542 76.10 -4.51 -12.37
CA LEU G 542 76.99 -3.51 -11.80
C LEU G 542 76.24 -2.28 -11.32
N LYS G 543 75.07 -2.00 -11.90
CA LYS G 543 74.37 -0.76 -11.61
C LYS G 543 74.09 -0.57 -10.12
N ILE G 544 74.05 -1.66 -9.36
CA ILE G 544 73.69 -1.55 -7.95
C ILE G 544 74.71 -0.72 -7.18
N PHE G 545 75.97 -0.73 -7.60
CA PHE G 545 76.97 0.05 -6.91
C PHE G 545 76.93 1.52 -7.28
N HIS G 546 76.37 1.86 -8.44
CA HIS G 546 76.45 3.22 -8.95
C HIS G 546 75.80 4.22 -8.01
N ILE G 547 76.39 5.41 -7.91
CA ILE G 547 75.85 6.49 -7.10
C ILE G 547 75.23 7.50 -8.04
N SER G 548 73.91 7.60 -8.03
CA SER G 548 73.18 8.49 -8.92
C SER G 548 72.34 9.45 -8.10
N GLN G 549 72.53 10.75 -8.34
CA GLN G 549 71.75 11.77 -7.66
C GLN G 549 70.29 11.68 -8.09
N SER G 550 69.40 11.69 -7.10
CA SER G 550 67.97 11.60 -7.35
C SER G 550 67.30 12.89 -6.95
N GLU G 551 66.36 13.35 -7.77
CA GLU G 551 65.57 14.53 -7.40
C GLU G 551 64.83 14.25 -6.10
N ASP G 552 64.73 15.28 -5.26
CA ASP G 552 64.18 15.28 -3.91
C ASP G 552 65.20 14.80 -2.86
N LYS G 553 66.39 14.35 -3.28
CA LYS G 553 67.37 13.87 -2.32
C LYS G 553 68.78 14.26 -2.75
N ALA G 554 69.59 14.72 -1.81
CA ALA G 554 70.96 15.07 -2.14
C ALA G 554 71.80 13.84 -2.42
N ASN G 555 71.63 12.79 -1.61
CA ASN G 555 72.27 11.49 -1.85
C ASN G 555 73.79 11.58 -1.88
N ILE G 556 74.36 12.32 -0.95
CA ILE G 556 75.80 12.42 -0.81
C ILE G 556 76.22 11.67 0.44
N LEU G 557 77.16 10.75 0.29
CA LEU G 557 77.54 9.87 1.38
C LEU G 557 79.04 9.59 1.33
N ASP G 558 79.61 9.31 2.50
CA ASP G 558 81.03 9.01 2.61
C ASP G 558 81.30 7.63 2.01
N LYS G 559 82.33 7.56 1.16
CA LYS G 559 82.59 6.35 0.41
C LYS G 559 84.08 6.08 0.36
N ASP G 560 84.44 4.83 0.09
CA ASP G 560 85.84 4.52 -0.20
C ASP G 560 86.16 5.13 -1.55
N GLU G 561 87.11 6.05 -1.57
CA GLU G 561 87.28 6.86 -2.77
C GLU G 561 87.92 6.07 -3.89
N HIS G 562 88.81 5.15 -3.55
CA HIS G 562 89.43 4.30 -4.57
C HIS G 562 88.38 3.41 -5.23
N PHE G 563 87.61 2.68 -4.42
CA PHE G 563 86.59 1.79 -4.96
C PHE G 563 85.71 2.51 -5.96
N TYR G 564 85.19 3.67 -5.57
CA TYR G 564 84.25 4.35 -6.45
C TYR G 564 84.96 5.06 -7.60
N LEU G 565 86.21 5.46 -7.43
CA LEU G 565 86.93 6.04 -8.55
C LEU G 565 87.04 5.04 -9.69
N VAL G 566 87.60 3.86 -9.41
CA VAL G 566 87.76 2.87 -10.47
C VAL G 566 86.41 2.37 -10.96
N PHE G 567 85.46 2.20 -10.04
CA PHE G 567 84.17 1.65 -10.46
C PHE G 567 83.45 2.60 -11.40
N GLU G 568 83.39 3.89 -11.03
CA GLU G 568 82.73 4.84 -11.91
C GLU G 568 83.44 4.92 -13.25
N GLU G 569 84.77 4.79 -13.25
CA GLU G 569 85.51 4.84 -14.52
C GLU G 569 85.11 3.68 -15.40
N CYS G 570 85.02 2.48 -14.83
CA CYS G 570 84.58 1.33 -15.61
C CYS G 570 83.12 1.46 -16.01
N TYR G 571 82.27 1.89 -15.08
CA TYR G 571 80.84 1.93 -15.34
C TYR G 571 80.50 2.89 -16.47
N PHE G 572 81.18 4.04 -16.52
CA PHE G 572 80.84 5.03 -17.53
C PHE G 572 81.18 4.54 -18.93
N GLU G 573 82.29 3.81 -19.07
CA GLU G 573 82.59 3.22 -20.37
C GLU G 573 81.60 2.11 -20.69
N LEU G 574 81.22 1.32 -19.70
CA LEU G 574 80.30 0.22 -19.96
C LEU G 574 78.90 0.73 -20.27
N ALA G 575 78.54 1.90 -19.75
CA ALA G 575 77.18 2.40 -19.89
C ALA G 575 76.80 2.75 -21.31
N ASN G 576 77.76 2.79 -22.24
CA ASN G 576 77.46 3.09 -23.63
C ASN G 576 76.59 2.02 -24.29
N ILE G 577 76.30 0.92 -23.60
CA ILE G 577 75.47 -0.13 -24.18
C ILE G 577 74.07 0.40 -24.47
N VAL G 578 73.45 1.04 -23.48
CA VAL G 578 72.02 1.33 -23.59
C VAL G 578 71.70 2.24 -24.77
N PRO G 579 72.53 3.23 -25.16
CA PRO G 579 72.26 3.86 -26.45
C PRO G 579 72.45 2.90 -27.60
N LEU G 580 73.53 2.13 -27.57
CA LEU G 580 73.81 1.20 -28.64
C LEU G 580 72.73 0.12 -28.72
N TYR G 581 72.37 -0.46 -27.58
CA TYR G 581 71.36 -1.50 -27.58
C TYR G 581 70.05 -0.97 -28.15
N ASN G 582 69.64 0.22 -27.72
CA ASN G 582 68.38 0.76 -28.20
C ASN G 582 68.45 1.07 -29.69
N LYS G 583 69.59 1.59 -30.16
CA LYS G 583 69.70 1.97 -31.57
C LYS G 583 69.68 0.76 -32.48
N ILE G 584 70.48 -0.26 -32.16
CA ILE G 584 70.51 -1.45 -33.00
C ILE G 584 69.17 -2.15 -32.97
N ARG G 585 68.55 -2.24 -31.80
CA ARG G 585 67.22 -2.84 -31.68
C ARG G 585 66.22 -2.10 -32.55
N ASN G 586 66.18 -0.77 -32.43
CA ASN G 586 65.31 0.02 -33.29
C ASN G 586 65.58 -0.28 -34.76
N TYR G 587 66.84 -0.38 -35.14
CA TYR G 587 67.18 -0.67 -36.53
C TYR G 587 66.59 -2.00 -36.96
N ILE G 588 66.62 -2.99 -36.07
CA ILE G 588 66.15 -4.32 -36.46
C ILE G 588 64.64 -4.33 -36.64
N THR G 589 63.93 -3.55 -35.83
CA THR G 589 62.48 -3.61 -35.83
C THR G 589 61.83 -2.62 -36.78
N GLN G 590 62.60 -1.84 -37.52
CA GLN G 590 62.02 -0.78 -38.34
C GLN G 590 61.07 -1.38 -39.37
N LYS G 591 60.02 -0.64 -39.67
CA LYS G 591 59.05 -1.07 -40.64
C LYS G 591 59.66 -1.02 -42.04
N PRO G 592 59.06 -1.71 -43.00
CA PRO G 592 59.58 -1.62 -44.38
C PRO G 592 59.57 -0.20 -44.90
N TYR G 593 58.52 0.54 -44.63
CA TYR G 593 58.42 1.90 -45.15
C TYR G 593 59.14 2.87 -44.23
N SER G 594 59.11 4.15 -44.60
CA SER G 594 59.73 5.21 -43.84
C SER G 594 58.75 6.35 -43.71
N ASP G 595 58.74 7.00 -42.56
CA ASP G 595 57.84 8.12 -42.32
C ASP G 595 58.49 9.45 -42.62
N GLU G 596 59.71 9.45 -43.15
CA GLU G 596 60.42 10.70 -43.37
C GLU G 596 59.65 11.61 -44.31
N LYS G 597 59.65 12.90 -44.00
CA LYS G 597 59.02 13.90 -44.84
C LYS G 597 59.69 15.22 -44.56
N PHE G 598 59.49 16.18 -45.45
CA PHE G 598 60.08 17.50 -45.29
C PHE G 598 59.04 18.58 -45.52
N LYS G 599 59.17 19.66 -44.76
CA LYS G 599 58.19 20.72 -44.81
C LYS G 599 58.13 21.31 -46.20
N LEU G 600 56.92 21.57 -46.66
CA LEU G 600 56.69 22.15 -47.98
C LEU G 600 56.01 23.49 -47.76
N ASN G 601 56.71 24.57 -48.05
CA ASN G 601 56.12 25.88 -48.13
C ASN G 601 56.36 26.40 -49.53
N PHE G 602 55.32 26.88 -50.18
CA PHE G 602 55.50 27.24 -51.58
C PHE G 602 55.97 28.68 -51.54
N GLU G 603 57.28 28.85 -51.62
CA GLU G 603 57.90 30.14 -51.83
C GLU G 603 57.62 31.15 -50.73
N ASN G 604 56.79 30.83 -49.75
CA ASN G 604 56.36 31.79 -48.75
C ASN G 604 56.87 31.40 -47.37
N SER G 605 57.51 32.35 -46.68
CA SER G 605 58.02 32.11 -45.34
C SER G 605 56.89 31.76 -44.37
N THR G 606 55.85 32.58 -44.35
CA THR G 606 54.67 32.31 -43.54
C THR G 606 53.59 31.82 -44.49
N LEU G 607 53.31 30.53 -44.45
CA LEU G 607 52.34 29.95 -45.38
C LEU G 607 50.96 29.95 -44.74
N ALA G 608 50.76 29.10 -43.75
CA ALA G 608 49.45 28.96 -43.13
C ALA G 608 49.28 29.79 -41.88
N ASN G 609 50.25 30.67 -41.57
CA ASN G 609 50.26 31.35 -40.26
C ASN G 609 48.91 31.93 -39.87
N GLY G 610 48.14 32.38 -40.84
CA GLY G 610 46.77 32.80 -40.57
C GLY G 610 45.95 32.65 -41.81
N TRP G 611 44.65 32.44 -41.63
CA TRP G 611 43.72 32.36 -42.73
C TRP G 611 43.01 33.66 -42.98
N ASP G 612 43.36 34.72 -42.24
CA ASP G 612 42.68 35.99 -42.32
C ASP G 612 42.61 36.49 -43.76
N LYS G 613 41.46 37.03 -44.13
CA LYS G 613 41.33 37.60 -45.46
C LYS G 613 42.32 38.73 -45.67
N ASN G 614 42.48 39.59 -44.66
CA ASN G 614 43.42 40.70 -44.82
C ASN G 614 44.83 40.20 -45.06
N LYS G 615 45.18 39.09 -44.43
CA LYS G 615 46.52 38.54 -44.57
C LYS G 615 46.61 37.50 -45.69
N GLU G 616 45.54 37.32 -46.45
CA GLU G 616 45.54 36.35 -47.55
C GLU G 616 46.72 36.52 -48.51
N PRO G 617 47.03 37.71 -49.01
CA PRO G 617 48.17 37.79 -49.94
C PRO G 617 49.49 37.44 -49.29
N ASP G 618 49.70 37.85 -48.03
CA ASP G 618 50.94 37.53 -47.36
C ASP G 618 51.04 36.05 -47.05
N ASN G 619 49.97 35.47 -46.52
CA ASN G 619 50.01 34.07 -46.11
C ASN G 619 49.76 33.13 -47.28
N THR G 620 48.87 33.50 -48.20
CA THR G 620 48.75 32.91 -49.52
C THR G 620 47.99 31.58 -49.55
N ALA G 621 47.52 31.06 -48.41
CA ALA G 621 46.78 29.82 -48.36
C ALA G 621 45.28 30.05 -48.17
N ILE G 622 44.47 29.37 -48.97
CA ILE G 622 43.01 29.50 -48.94
C ILE G 622 42.38 28.12 -48.99
N LEU G 623 41.12 28.05 -48.55
CA LEU G 623 40.36 26.81 -48.47
C LEU G 623 39.05 26.95 -49.22
N PHE G 624 38.74 25.97 -50.08
CA PHE G 624 37.53 25.94 -50.89
C PHE G 624 36.70 24.72 -50.56
N ILE G 625 35.41 24.82 -50.88
CA ILE G 625 34.48 23.71 -50.76
C ILE G 625 33.72 23.59 -52.07
N LYS G 626 33.85 22.46 -52.74
CA LYS G 626 33.08 22.16 -53.94
C LYS G 626 32.36 20.84 -53.76
N ASP G 627 31.06 20.82 -54.04
CA ASP G 627 30.22 19.66 -53.77
C ASP G 627 30.37 19.37 -52.28
N ASP G 628 30.62 18.12 -51.88
CA ASP G 628 30.89 17.79 -50.50
C ASP G 628 32.38 17.65 -50.20
N LYS G 629 33.24 17.99 -51.16
CA LYS G 629 34.68 17.84 -51.01
C LYS G 629 35.34 19.16 -50.64
N TYR G 630 36.38 19.07 -49.82
CA TYR G 630 37.13 20.23 -49.36
C TYR G 630 38.46 20.30 -50.08
N TYR G 631 38.82 21.50 -50.53
CA TYR G 631 40.08 21.72 -51.22
C TYR G 631 40.88 22.78 -50.50
N LEU G 632 42.21 22.65 -50.58
CA LEU G 632 43.15 23.66 -50.13
C LEU G 632 43.89 24.20 -51.34
N GLY G 633 44.23 25.48 -51.32
CA GLY G 633 44.95 26.06 -52.43
C GLY G 633 45.91 27.13 -51.96
N VAL G 634 46.96 27.31 -52.76
CA VAL G 634 48.10 28.12 -52.41
C VAL G 634 48.46 28.97 -53.61
N MET G 635 48.33 30.28 -53.49
CA MET G 635 48.67 31.14 -54.60
C MET G 635 50.17 31.15 -54.82
N ASN G 636 50.59 31.21 -56.08
CA ASN G 636 51.99 31.39 -56.39
C ASN G 636 52.43 32.76 -55.90
N LYS G 637 53.64 32.83 -55.36
CA LYS G 637 54.09 34.04 -54.72
C LYS G 637 54.05 35.23 -55.68
N LYS G 638 54.29 34.98 -56.96
CA LYS G 638 54.33 36.09 -57.92
C LYS G 638 52.97 36.73 -58.07
N ASN G 639 51.91 35.94 -58.13
CA ASN G 639 50.56 36.49 -58.16
C ASN G 639 49.86 36.09 -56.87
N ASN G 640 49.86 37.00 -55.89
CA ASN G 640 49.13 36.80 -54.66
C ASN G 640 47.84 37.60 -54.60
N LYS G 641 47.58 38.45 -55.58
CA LYS G 641 46.37 39.27 -55.58
C LYS G 641 45.22 38.55 -56.26
N ILE G 642 45.41 37.29 -56.64
CA ILE G 642 44.44 36.53 -57.41
C ILE G 642 43.05 36.66 -56.81
N PHE G 643 42.95 36.66 -55.50
CA PHE G 643 41.66 36.62 -54.81
C PHE G 643 41.21 37.95 -54.24
N ASP G 644 41.85 39.06 -54.60
CA ASP G 644 41.44 40.34 -54.03
C ASP G 644 39.99 40.64 -54.39
N ASP G 645 39.38 41.53 -53.60
CA ASP G 645 37.93 41.76 -53.70
C ASP G 645 37.48 41.96 -55.14
N LYS G 646 38.28 42.66 -55.94
CA LYS G 646 37.91 42.88 -57.33
C LYS G 646 37.74 41.56 -58.07
N ALA G 647 38.65 40.63 -57.84
CA ALA G 647 38.58 39.37 -58.57
C ALA G 647 37.38 38.55 -58.15
N ILE G 648 37.12 38.44 -56.85
CA ILE G 648 36.00 37.63 -56.41
C ILE G 648 34.69 38.24 -56.90
N LYS G 649 34.63 39.57 -56.96
CA LYS G 649 33.40 40.20 -57.42
C LYS G 649 33.23 40.00 -58.92
N GLU G 650 34.31 40.07 -59.69
CA GLU G 650 34.19 39.87 -61.12
C GLU G 650 33.78 38.45 -61.45
N ASN G 651 34.41 37.49 -60.78
CA ASN G 651 34.31 36.09 -61.16
C ASN G 651 33.29 35.30 -60.34
N LYS G 652 32.49 35.97 -59.51
CA LYS G 652 31.56 35.25 -58.65
C LYS G 652 30.65 34.34 -59.45
N GLY G 653 30.58 33.08 -59.02
CA GLY G 653 29.76 32.03 -59.60
C GLY G 653 29.70 30.90 -58.61
N GLU G 654 28.81 29.94 -58.86
CA GLU G 654 28.41 28.98 -57.85
C GLU G 654 29.30 27.75 -57.78
N GLY G 655 30.42 27.72 -58.51
CA GLY G 655 31.26 26.54 -58.54
C GLY G 655 32.03 26.16 -57.29
N TYR G 656 32.90 27.03 -56.80
CA TYR G 656 33.70 26.77 -55.62
C TYR G 656 33.31 27.75 -54.51
N LYS G 657 33.39 27.28 -53.27
CA LYS G 657 33.09 28.10 -52.10
C LYS G 657 34.40 28.48 -51.44
N LYS G 658 34.81 29.74 -51.59
CA LYS G 658 35.99 30.21 -50.91
C LYS G 658 35.63 30.57 -49.47
N ILE G 659 36.51 30.23 -48.54
CA ILE G 659 36.26 30.48 -47.14
C ILE G 659 36.82 31.85 -46.79
N VAL G 660 35.96 32.72 -46.29
CA VAL G 660 36.35 34.04 -45.82
C VAL G 660 36.49 33.97 -44.32
N TYR G 661 37.69 34.23 -43.83
CA TYR G 661 38.09 33.98 -42.45
C TYR G 661 38.29 35.31 -41.75
N LYS G 662 37.59 35.52 -40.65
CA LYS G 662 37.69 36.74 -39.89
C LYS G 662 37.94 36.39 -38.44
N LEU G 663 38.95 37.02 -37.82
CA LEU G 663 39.36 36.69 -36.47
C LEU G 663 39.85 37.93 -35.75
N LEU G 664 39.52 38.06 -34.47
CA LEU G 664 39.98 39.14 -33.62
C LEU G 664 40.55 38.52 -32.35
N PRO G 665 41.77 38.04 -32.40
CA PRO G 665 42.33 37.36 -31.24
C PRO G 665 42.83 38.36 -30.21
N GLY G 666 42.84 37.91 -28.96
CA GLY G 666 43.42 38.70 -27.89
C GLY G 666 42.81 40.07 -27.77
N ALA G 667 41.50 40.13 -27.55
CA ALA G 667 40.82 41.41 -27.55
C ALA G 667 41.36 42.34 -26.49
N ASN G 668 41.78 41.78 -25.35
CA ASN G 668 42.27 42.62 -24.26
C ASN G 668 43.46 43.44 -24.68
N LYS G 669 44.42 42.81 -25.36
CA LYS G 669 45.56 43.55 -25.88
C LYS G 669 45.29 44.19 -27.24
N MET G 670 44.46 43.58 -28.09
CA MET G 670 44.37 44.05 -29.46
C MET G 670 43.56 45.33 -29.55
N LEU G 671 42.45 45.41 -28.83
CA LEU G 671 41.63 46.61 -28.89
C LEU G 671 42.40 47.85 -28.50
N PRO G 672 43.08 47.91 -27.35
CA PRO G 672 43.80 49.15 -27.02
C PRO G 672 44.96 49.42 -27.94
N LYS G 673 45.64 48.37 -28.39
CA LYS G 673 46.79 48.55 -29.26
C LYS G 673 46.40 49.24 -30.56
N VAL G 674 45.28 48.83 -31.15
CA VAL G 674 44.87 49.39 -32.42
C VAL G 674 44.24 50.77 -32.22
N PHE G 675 43.35 50.89 -31.24
CA PHE G 675 42.59 52.12 -31.12
C PHE G 675 43.46 53.26 -30.63
N PHE G 676 44.40 52.98 -29.73
CA PHE G 676 45.13 54.01 -29.01
C PHE G 676 46.52 54.31 -29.54
N SER G 677 46.92 53.77 -30.69
CA SER G 677 48.31 53.92 -31.14
C SER G 677 48.41 54.63 -32.49
N ALA G 678 49.41 55.50 -32.61
CA ALA G 678 49.95 56.08 -33.84
C ALA G 678 48.86 56.78 -34.64
N LYS G 679 48.83 56.57 -35.96
CA LYS G 679 47.89 57.28 -36.82
C LYS G 679 46.46 57.07 -36.37
N SER G 680 46.17 55.92 -35.76
CA SER G 680 44.79 55.59 -35.42
C SER G 680 44.22 56.54 -34.39
N ILE G 681 45.05 57.04 -33.47
CA ILE G 681 44.55 57.82 -32.34
C ILE G 681 43.69 58.97 -32.83
N LYS G 682 44.22 59.78 -33.75
CA LYS G 682 43.48 60.95 -34.21
C LYS G 682 42.16 60.55 -34.87
N PHE G 683 42.10 59.38 -35.50
CA PHE G 683 40.86 58.91 -36.10
C PHE G 683 39.79 58.73 -35.04
N TYR G 684 40.11 58.02 -33.97
CA TYR G 684 39.06 57.59 -33.05
C TYR G 684 38.64 58.68 -32.09
N ASN G 685 39.40 59.78 -32.01
CA ASN G 685 39.04 60.94 -31.22
C ASN G 685 38.64 60.60 -29.78
N PRO G 686 39.47 59.86 -29.05
CA PRO G 686 39.12 59.57 -27.65
C PRO G 686 38.94 60.86 -26.86
N SER G 687 37.81 60.96 -26.18
CA SER G 687 37.54 62.17 -25.42
C SER G 687 38.50 62.27 -24.26
N GLU G 688 38.76 63.51 -23.84
CA GLU G 688 39.68 63.72 -22.73
C GLU G 688 39.26 62.89 -21.52
N ASP G 689 37.96 62.65 -21.36
CA ASP G 689 37.50 61.79 -20.28
C ASP G 689 38.06 60.38 -20.45
N ILE G 690 37.83 59.76 -21.60
CA ILE G 690 38.24 58.37 -21.73
C ILE G 690 39.75 58.26 -21.83
N LEU G 691 40.41 59.28 -22.39
CA LEU G 691 41.86 59.32 -22.32
C LEU G 691 42.32 59.35 -20.87
N ARG G 692 41.64 60.14 -20.04
CA ARG G 692 41.90 60.10 -18.61
C ARG G 692 41.73 58.69 -18.06
N ILE G 693 40.66 58.00 -18.48
CA ILE G 693 40.43 56.63 -18.01
C ILE G 693 41.65 55.78 -18.32
N ARG G 694 42.10 55.80 -19.57
CA ARG G 694 43.19 54.92 -19.97
C ARG G 694 44.48 55.28 -19.25
N ASN G 695 44.75 56.57 -19.10
CA ASN G 695 46.00 56.99 -18.47
C ASN G 695 46.05 56.49 -17.03
N HIS G 696 44.99 56.72 -16.28
CA HIS G 696 44.94 56.31 -14.87
C HIS G 696 44.40 54.91 -14.68
N SER G 697 43.91 54.26 -15.74
CA SER G 697 43.47 52.86 -15.70
C SER G 697 42.42 52.63 -14.62
N THR G 698 41.46 53.55 -14.53
CA THR G 698 40.39 53.37 -13.57
C THR G 698 39.48 52.22 -13.95
N HIS G 699 39.49 51.79 -15.21
CA HIS G 699 38.57 50.75 -15.64
C HIS G 699 38.98 49.38 -15.13
N THR G 700 40.26 49.18 -14.83
CA THR G 700 40.74 47.91 -14.33
C THR G 700 40.84 47.94 -12.82
N LYS G 701 40.40 46.87 -12.17
CA LYS G 701 40.62 46.74 -10.75
C LYS G 701 42.11 46.66 -10.44
N ASN G 702 42.82 45.80 -11.15
CA ASN G 702 44.28 45.70 -11.05
C ASN G 702 44.85 45.76 -12.46
N GLY G 703 45.55 46.84 -12.75
CA GLY G 703 46.13 47.02 -14.07
C GLY G 703 47.15 48.13 -14.06
N SER G 704 48.03 48.10 -15.05
CA SER G 704 49.13 49.05 -15.11
C SER G 704 48.66 50.30 -15.82
N PRO G 705 48.75 51.48 -15.20
CA PRO G 705 48.36 52.71 -15.88
C PRO G 705 49.41 53.13 -16.89
N GLN G 706 49.00 54.05 -17.76
CA GLN G 706 49.93 54.61 -18.74
C GLN G 706 51.14 55.19 -18.01
N LYS G 707 52.33 54.92 -18.54
CA LYS G 707 53.55 55.27 -17.84
C LYS G 707 53.62 56.78 -17.59
N GLY G 708 54.14 57.14 -16.42
CA GLY G 708 54.09 58.51 -15.97
C GLY G 708 52.78 58.93 -15.37
N TYR G 709 51.82 58.03 -15.22
CA TYR G 709 50.50 58.36 -14.71
C TYR G 709 50.12 57.41 -13.59
N GLU G 710 49.41 57.95 -12.61
CA GLU G 710 49.12 57.27 -11.35
C GLU G 710 47.83 56.47 -11.43
N LYS G 711 47.81 55.35 -10.72
CA LYS G 711 46.61 54.53 -10.63
C LYS G 711 45.56 55.19 -9.77
N PHE G 712 44.30 55.08 -10.17
CA PHE G 712 43.16 55.56 -9.40
C PHE G 712 42.26 54.39 -9.06
N GLU G 713 41.39 54.57 -8.07
CA GLU G 713 40.48 53.51 -7.68
C GLU G 713 39.55 53.16 -8.84
N PHE G 714 39.19 51.88 -8.93
CA PHE G 714 38.34 51.42 -10.02
C PHE G 714 36.96 52.04 -9.93
N ASN G 715 36.45 52.53 -11.06
CA ASN G 715 35.15 53.18 -11.12
C ASN G 715 34.31 52.53 -12.21
N ILE G 716 33.15 52.01 -11.86
CA ILE G 716 32.38 51.22 -12.81
C ILE G 716 31.81 52.10 -13.90
N GLU G 717 31.37 53.32 -13.55
CA GLU G 717 30.91 54.23 -14.60
C GLU G 717 32.02 54.49 -15.60
N ASP G 718 33.24 54.67 -15.10
CA ASP G 718 34.37 54.85 -16.00
C ASP G 718 34.58 53.62 -16.87
N CYS G 719 34.55 52.43 -16.26
CA CYS G 719 34.75 51.21 -17.03
C CYS G 719 33.72 51.10 -18.14
N ARG G 720 32.46 51.39 -17.81
CA ARG G 720 31.41 51.26 -18.81
C ARG G 720 31.58 52.33 -19.89
N LYS G 721 32.03 53.52 -19.52
CA LYS G 721 32.37 54.51 -20.54
C LYS G 721 33.43 53.95 -21.48
N PHE G 722 34.46 53.31 -20.91
CA PHE G 722 35.52 52.75 -21.72
C PHE G 722 34.98 51.68 -22.65
N ILE G 723 34.09 50.84 -22.15
CA ILE G 723 33.48 49.82 -22.99
C ILE G 723 32.75 50.46 -24.15
N ASP G 724 31.96 51.49 -23.86
CA ASP G 724 31.20 52.16 -24.92
C ASP G 724 32.14 52.78 -25.95
N PHE G 725 33.24 53.37 -25.50
CA PHE G 725 34.21 53.85 -26.47
C PHE G 725 34.70 52.72 -27.35
N TYR G 726 35.01 51.57 -26.74
CA TYR G 726 35.43 50.42 -27.52
C TYR G 726 34.38 50.05 -28.56
N LYS G 727 33.11 50.05 -28.17
CA LYS G 727 32.05 49.68 -29.11
C LYS G 727 32.00 50.66 -30.26
N GLN G 728 31.93 51.96 -29.95
CA GLN G 728 31.95 52.98 -31.00
C GLN G 728 33.12 52.75 -31.94
N SER G 729 34.30 52.52 -31.37
CA SER G 729 35.49 52.35 -32.18
C SER G 729 35.40 51.11 -33.04
N ILE G 730 34.80 50.04 -32.53
CA ILE G 730 34.65 48.84 -33.34
C ILE G 730 33.74 49.14 -34.53
N SER G 731 32.70 49.94 -34.31
CA SER G 731 31.84 50.32 -35.42
C SER G 731 32.61 51.16 -36.44
N LYS G 732 33.57 51.95 -35.98
CA LYS G 732 34.33 52.79 -36.89
C LYS G 732 35.38 52.01 -37.65
N HIS G 733 35.92 50.96 -37.06
CA HIS G 733 37.08 50.29 -37.63
C HIS G 733 36.74 49.73 -39.01
N PRO G 734 37.65 49.82 -39.98
CA PRO G 734 37.30 49.38 -41.33
C PRO G 734 37.05 47.89 -41.45
N GLU G 735 37.88 47.06 -40.84
CA GLU G 735 37.73 45.62 -40.96
C GLU G 735 36.68 45.09 -39.99
N TRP G 736 36.62 45.65 -38.78
CA TRP G 736 35.78 45.10 -37.73
C TRP G 736 34.33 45.55 -37.81
N LYS G 737 34.03 46.62 -38.56
CA LYS G 737 32.65 47.06 -38.70
C LYS G 737 31.77 45.95 -39.25
N ASP G 738 32.33 45.12 -40.13
CA ASP G 738 31.60 44.05 -40.79
C ASP G 738 31.59 42.76 -39.98
N PHE G 739 32.25 42.73 -38.84
CA PHE G 739 32.20 41.52 -38.03
C PHE G 739 30.80 41.24 -37.51
N GLY G 740 29.94 42.25 -37.47
CA GLY G 740 28.58 42.05 -37.02
C GLY G 740 28.52 41.59 -35.59
N PHE G 741 29.25 42.26 -34.71
CA PHE G 741 29.17 41.94 -33.30
C PHE G 741 27.77 42.24 -32.77
N ARG G 742 27.25 41.34 -31.96
CA ARG G 742 26.06 41.57 -31.15
C ARG G 742 26.52 41.57 -29.70
N PHE G 743 26.52 42.74 -29.09
CA PHE G 743 27.03 42.88 -27.74
C PHE G 743 25.88 42.97 -26.75
N SER G 744 26.10 42.42 -25.56
CA SER G 744 25.19 42.69 -24.47
C SER G 744 25.20 44.18 -24.17
N ASP G 745 24.09 44.66 -23.61
CA ASP G 745 24.00 46.09 -23.34
C ASP G 745 25.16 46.53 -22.47
N THR G 746 25.80 47.62 -22.90
CA THR G 746 27.02 48.07 -22.25
C THR G 746 26.84 48.23 -20.74
N GLN G 747 25.66 48.64 -20.31
CA GLN G 747 25.44 48.82 -18.89
C GLN G 747 25.31 47.50 -18.16
N ARG G 748 25.19 46.39 -18.86
CA ARG G 748 24.91 45.14 -18.19
C ARG G 748 26.15 44.45 -17.63
N TYR G 749 27.33 44.61 -18.25
CA TYR G 749 28.50 43.94 -17.68
C TYR G 749 29.12 44.78 -16.57
N ASN G 750 29.56 44.11 -15.52
CA ASN G 750 30.21 44.77 -14.41
C ASN G 750 31.70 45.02 -14.63
N SER G 751 32.37 44.21 -15.45
CA SER G 751 33.82 44.32 -15.59
C SER G 751 34.22 44.34 -17.05
N ILE G 752 35.39 44.91 -17.32
CA ILE G 752 35.86 45.05 -18.69
C ILE G 752 36.20 43.69 -19.29
N ASP G 753 36.65 42.74 -18.46
CA ASP G 753 37.03 41.45 -19.00
C ASP G 753 35.84 40.71 -19.59
N GLU G 754 34.64 41.01 -19.13
CA GLU G 754 33.46 40.39 -19.73
C GLU G 754 33.23 40.91 -21.15
N PHE G 755 33.46 42.20 -21.36
CA PHE G 755 33.36 42.72 -22.72
C PHE G 755 34.45 42.16 -23.61
N TYR G 756 35.67 42.07 -23.10
CA TYR G 756 36.75 41.46 -23.87
C TYR G 756 36.37 40.05 -24.32
N ARG G 757 35.83 39.26 -23.40
CA ARG G 757 35.48 37.89 -23.75
C ARG G 757 34.40 37.85 -24.81
N GLU G 758 33.40 38.74 -24.71
CA GLU G 758 32.40 38.81 -25.75
C GLU G 758 33.04 39.14 -27.09
N VAL G 759 34.01 40.05 -27.10
CA VAL G 759 34.67 40.40 -28.34
C VAL G 759 35.41 39.18 -28.90
N GLU G 760 36.05 38.42 -28.03
CA GLU G 760 36.83 37.28 -28.51
C GLU G 760 35.92 36.18 -29.04
N ASN G 761 34.83 35.93 -28.36
CA ASN G 761 33.95 34.83 -28.76
C ASN G 761 33.28 35.13 -30.09
N GLN G 762 32.78 36.34 -30.25
CA GLN G 762 32.21 36.72 -31.53
C GLN G 762 33.28 37.16 -32.51
N GLY G 763 34.54 37.18 -32.10
CA GLY G 763 35.60 37.61 -33.00
C GLY G 763 35.88 36.64 -34.11
N TYR G 764 35.60 35.36 -33.91
CA TYR G 764 35.83 34.37 -34.94
C TYR G 764 34.56 34.15 -35.73
N LYS G 765 34.60 34.42 -37.03
CA LYS G 765 33.45 34.21 -37.89
C LYS G 765 33.90 33.69 -39.24
N LEU G 766 33.21 32.67 -39.74
CA LEU G 766 33.53 32.05 -41.02
C LEU G 766 32.38 32.30 -41.99
N THR G 767 32.70 32.81 -43.17
CA THR G 767 31.73 33.08 -44.21
C THR G 767 32.24 32.49 -45.51
N PHE G 768 31.39 32.47 -46.53
CA PHE G 768 31.76 31.89 -47.80
C PHE G 768 31.48 32.88 -48.92
N GLU G 769 32.31 32.81 -49.95
CA GLU G 769 32.14 33.58 -51.18
C GLU G 769 32.23 32.61 -52.34
N ASN G 770 31.19 32.58 -53.17
CA ASN G 770 31.14 31.65 -54.29
C ASN G 770 31.97 32.16 -55.45
N ILE G 771 32.71 31.26 -56.09
CA ILE G 771 33.64 31.61 -57.16
C ILE G 771 33.44 30.65 -58.32
N SER G 772 33.54 31.18 -59.53
CA SER G 772 33.21 30.40 -60.72
C SER G 772 34.24 29.32 -60.97
N GLU G 773 33.76 28.15 -61.39
CA GLU G 773 34.64 27.02 -61.63
C GLU G 773 35.61 27.30 -62.78
N SER G 774 35.17 28.05 -63.78
CA SER G 774 36.05 28.38 -64.90
C SER G 774 37.25 29.20 -64.43
N TYR G 775 37.06 30.05 -63.42
CA TYR G 775 38.16 30.89 -62.96
C TYR G 775 39.19 30.08 -62.20
N ILE G 776 38.75 29.27 -61.25
CA ILE G 776 39.67 28.41 -60.52
C ILE G 776 40.44 27.54 -61.51
N ASP G 777 39.73 26.98 -62.49
CA ASP G 777 40.37 26.08 -63.45
C ASP G 777 41.40 26.82 -64.28
N SER G 778 41.07 28.02 -64.73
CA SER G 778 42.03 28.77 -65.51
C SER G 778 43.20 29.19 -64.66
N VAL G 779 42.92 29.67 -63.45
CA VAL G 779 43.98 30.20 -62.60
C VAL G 779 44.91 29.08 -62.17
N VAL G 780 44.40 27.85 -62.00
CA VAL G 780 45.31 26.76 -61.70
C VAL G 780 46.01 26.31 -62.95
N ASN G 781 45.35 26.41 -64.11
CA ASN G 781 45.99 26.06 -65.36
C ASN G 781 47.16 26.98 -65.65
N GLN G 782 46.99 28.27 -65.38
CA GLN G 782 48.05 29.22 -65.65
C GLN G 782 49.24 29.08 -64.71
N GLY G 783 49.13 28.21 -63.70
CA GLY G 783 50.15 28.13 -62.67
C GLY G 783 50.04 29.18 -61.60
N LYS G 784 49.00 30.01 -61.62
CA LYS G 784 48.86 31.05 -60.62
C LYS G 784 48.48 30.50 -59.25
N LEU G 785 47.78 29.38 -59.20
CA LEU G 785 47.33 28.80 -57.94
C LEU G 785 47.53 27.31 -57.98
N TYR G 786 47.82 26.73 -56.82
CA TYR G 786 48.02 25.30 -56.66
C TYR G 786 46.86 24.73 -55.86
N LEU G 787 46.08 23.84 -56.48
CA LEU G 787 44.87 23.32 -55.86
C LEU G 787 45.05 21.85 -55.53
N PHE G 788 44.85 21.51 -54.27
CA PHE G 788 44.90 20.15 -53.78
C PHE G 788 43.55 19.79 -53.17
N GLN G 789 43.27 18.50 -53.06
CA GLN G 789 42.06 18.03 -52.41
C GLN G 789 42.40 17.44 -51.05
N ILE G 790 41.70 17.94 -50.01
CA ILE G 790 41.86 17.38 -48.69
C ILE G 790 41.10 16.06 -48.66
N TYR G 791 41.81 14.98 -48.35
CA TYR G 791 41.24 13.67 -48.55
C TYR G 791 41.70 12.72 -47.47
N ASN G 792 40.87 11.70 -47.25
CA ASN G 792 41.14 10.50 -46.47
C ASN G 792 39.92 9.62 -46.62
N LYS G 793 40.06 8.31 -46.40
CA LYS G 793 39.16 7.36 -47.05
C LYS G 793 37.70 7.69 -46.78
N ASP G 794 37.40 8.40 -45.70
CA ASP G 794 36.03 8.82 -45.45
C ASP G 794 35.52 9.77 -46.51
N PHE G 795 36.41 10.38 -47.29
CA PHE G 795 35.98 11.24 -48.38
C PHE G 795 35.91 10.49 -49.70
N SER G 796 36.18 9.19 -49.69
CA SER G 796 36.09 8.41 -50.90
C SER G 796 34.64 8.32 -51.36
N ALA G 797 34.47 8.11 -52.66
CA ALA G 797 33.12 7.96 -53.18
C ALA G 797 32.52 6.63 -52.73
N TYR G 798 33.35 5.64 -52.46
CA TYR G 798 32.88 4.30 -52.17
C TYR G 798 32.58 4.06 -50.70
N SER G 799 32.86 5.02 -49.82
CA SER G 799 32.78 4.77 -48.38
C SER G 799 31.41 5.17 -47.85
N LYS G 800 30.60 4.18 -47.53
CA LYS G 800 29.32 4.39 -46.87
C LYS G 800 29.37 4.11 -45.37
N GLY G 801 30.49 3.65 -44.85
CA GLY G 801 30.56 3.33 -43.45
C GLY G 801 30.80 4.55 -42.59
N ARG G 802 30.98 4.31 -41.30
CA ARG G 802 31.01 5.40 -40.34
C ARG G 802 32.35 6.13 -40.43
N PRO G 803 32.35 7.45 -40.52
CA PRO G 803 33.58 8.20 -40.76
C PRO G 803 34.47 8.29 -39.54
N ASN G 804 35.71 8.68 -39.77
CA ASN G 804 36.63 8.87 -38.66
C ASN G 804 36.19 10.02 -37.76
N LEU G 805 36.64 9.97 -36.50
CA LEU G 805 36.27 11.04 -35.59
C LEU G 805 36.85 12.37 -36.06
N HIS G 806 38.08 12.35 -36.56
CA HIS G 806 38.66 13.58 -37.09
C HIS G 806 37.88 14.07 -38.30
N THR G 807 37.43 13.16 -39.16
CA THR G 807 36.59 13.57 -40.28
C THR G 807 35.36 14.32 -39.77
N LEU G 808 34.77 13.85 -38.68
CA LEU G 808 33.61 14.55 -38.13
C LEU G 808 34.00 15.93 -37.63
N TYR G 809 35.16 16.03 -36.97
CA TYR G 809 35.60 17.33 -36.50
C TYR G 809 35.84 18.26 -37.68
N TRP G 810 36.57 17.80 -38.69
CA TRP G 810 36.88 18.66 -39.83
C TRP G 810 35.61 19.12 -40.52
N LYS G 811 34.69 18.20 -40.78
CA LYS G 811 33.42 18.61 -41.36
C LYS G 811 32.68 19.56 -40.42
N ALA G 812 32.85 19.37 -39.11
CA ALA G 812 32.15 20.22 -38.16
C ALA G 812 32.66 21.65 -38.16
N LEU G 813 33.87 21.88 -38.66
CA LEU G 813 34.42 23.24 -38.67
C LEU G 813 33.52 24.18 -39.44
N PHE G 814 33.07 23.75 -40.62
CA PHE G 814 32.30 24.58 -41.53
C PHE G 814 30.80 24.31 -41.48
N ASP G 815 30.34 23.46 -40.57
CA ASP G 815 28.92 23.17 -40.47
C ASP G 815 28.15 24.42 -40.04
N GLU G 816 27.00 24.65 -40.69
CA GLU G 816 26.19 25.82 -40.37
C GLU G 816 25.82 25.84 -38.90
N ARG G 817 25.41 24.71 -38.35
CA ARG G 817 25.05 24.65 -36.95
C ARG G 817 26.23 25.04 -36.07
N ASN G 818 27.44 24.70 -36.50
CA ASN G 818 28.62 25.10 -35.77
C ASN G 818 28.85 26.60 -35.88
N LEU G 819 28.55 27.17 -37.05
CA LEU G 819 28.89 28.56 -37.28
C LEU G 819 27.95 29.53 -36.58
N GLN G 820 26.74 29.10 -36.22
CA GLN G 820 25.89 29.99 -35.43
C GLN G 820 26.55 30.29 -34.10
N ASP G 821 26.87 29.25 -33.34
CA ASP G 821 27.52 29.34 -32.04
C ASP G 821 28.72 28.43 -32.12
N VAL G 822 29.91 29.02 -32.14
CA VAL G 822 31.08 28.30 -32.58
C VAL G 822 31.54 27.33 -31.51
N VAL G 823 31.69 26.07 -31.89
CA VAL G 823 32.41 25.07 -31.13
C VAL G 823 33.79 24.77 -31.70
N TYR G 824 33.81 24.35 -32.96
CA TYR G 824 35.06 24.04 -33.65
C TYR G 824 35.55 25.27 -34.41
N LYS G 825 36.82 25.65 -34.20
CA LYS G 825 37.42 26.84 -34.81
C LYS G 825 38.60 26.44 -35.66
N LEU G 826 38.80 27.15 -36.77
CA LEU G 826 39.97 26.96 -37.61
C LEU G 826 41.14 27.75 -37.04
N ASN G 827 42.29 27.13 -36.91
CA ASN G 827 43.47 27.76 -36.34
C ASN G 827 44.55 27.95 -37.39
N GLY G 828 45.36 28.98 -37.21
CA GLY G 828 46.43 29.26 -38.13
C GLY G 828 47.68 28.43 -37.84
N GLU G 829 48.73 28.74 -38.58
CA GLU G 829 50.02 28.08 -38.42
C GLU G 829 49.91 26.59 -38.75
N ALA G 830 49.13 26.25 -39.77
CA ALA G 830 49.13 24.92 -40.33
C ALA G 830 50.40 24.69 -41.15
N GLU G 831 50.67 23.43 -41.45
CA GLU G 831 51.86 23.09 -42.21
C GLU G 831 51.52 22.08 -43.30
N LEU G 832 52.23 22.20 -44.42
CA LEU G 832 52.14 21.26 -45.53
C LEU G 832 53.44 20.48 -45.60
N PHE G 833 53.34 19.21 -45.96
CA PHE G 833 54.52 18.35 -46.00
C PHE G 833 54.50 17.53 -47.28
N TYR G 834 55.66 16.96 -47.60
CA TYR G 834 55.84 16.10 -48.75
C TYR G 834 56.60 14.87 -48.30
N ARG G 835 56.10 13.69 -48.62
CA ARG G 835 56.70 12.44 -48.18
C ARG G 835 57.04 11.58 -49.39
N LYS G 836 58.33 11.32 -49.58
CA LYS G 836 58.79 10.55 -50.72
C LYS G 836 58.42 9.08 -50.58
N GLN G 837 58.47 8.38 -51.70
CA GLN G 837 58.14 6.96 -51.76
C GLN G 837 59.21 6.15 -51.04
N SER G 838 58.80 5.36 -50.06
CA SER G 838 59.75 4.59 -49.26
C SER G 838 59.93 3.14 -49.69
N ILE G 839 59.06 2.61 -50.54
CA ILE G 839 59.12 1.17 -50.87
C ILE G 839 58.68 0.95 -52.31
N PRO G 840 59.08 -0.16 -52.93
CA PRO G 840 58.56 -0.46 -54.26
C PRO G 840 57.10 -0.82 -54.21
N LYS G 841 56.39 -0.50 -55.28
CA LYS G 841 54.98 -0.85 -55.36
C LYS G 841 54.86 -2.29 -55.81
N LYS G 842 54.34 -3.14 -54.95
CA LYS G 842 54.23 -4.55 -55.24
C LYS G 842 52.80 -4.96 -54.98
N ILE G 843 52.24 -5.78 -55.86
CA ILE G 843 50.86 -6.20 -55.70
C ILE G 843 50.93 -7.44 -54.83
N THR G 844 50.59 -7.28 -53.56
CA THR G 844 50.65 -8.43 -52.67
C THR G 844 49.51 -9.37 -52.96
N HIS G 845 48.34 -8.84 -53.28
CA HIS G 845 47.28 -9.70 -53.73
C HIS G 845 46.77 -9.23 -55.07
N PRO G 846 46.66 -10.14 -56.04
CA PRO G 846 46.14 -9.77 -57.35
C PRO G 846 44.63 -9.79 -57.40
N ALA G 847 44.07 -8.97 -58.27
CA ALA G 847 42.63 -9.01 -58.47
C ALA G 847 42.23 -10.38 -59.02
N LYS G 848 40.99 -10.77 -58.72
CA LYS G 848 40.38 -12.02 -59.16
C LYS G 848 40.96 -13.26 -58.47
N GLU G 849 41.95 -13.11 -57.60
CA GLU G 849 42.57 -14.25 -56.92
C GLU G 849 42.10 -14.30 -55.47
N ALA G 850 41.60 -15.47 -55.06
CA ALA G 850 40.98 -15.61 -53.76
C ALA G 850 42.01 -15.51 -52.63
N ILE G 851 41.54 -15.09 -51.46
CA ILE G 851 42.40 -14.86 -50.32
C ILE G 851 41.80 -15.50 -49.09
N ALA G 852 42.64 -16.09 -48.25
CA ALA G 852 42.21 -16.57 -46.96
C ALA G 852 41.97 -15.41 -46.01
N ASN G 853 41.04 -15.59 -45.09
CA ASN G 853 40.69 -14.57 -44.10
C ASN G 853 41.38 -14.89 -42.78
N LYS G 854 42.15 -13.93 -42.27
CA LYS G 854 42.99 -14.22 -41.12
C LYS G 854 42.18 -14.40 -39.84
N ASN G 855 41.02 -13.76 -39.73
CA ASN G 855 40.26 -13.86 -38.49
C ASN G 855 39.68 -15.25 -38.36
N LYS G 856 39.96 -15.89 -37.23
CA LYS G 856 39.57 -17.28 -37.03
C LYS G 856 38.06 -17.43 -36.98
N ASP G 857 37.37 -16.47 -36.37
CA ASP G 857 35.94 -16.62 -36.13
C ASP G 857 35.08 -16.22 -37.31
N ASN G 858 35.64 -15.53 -38.31
CA ASN G 858 34.82 -14.99 -39.38
C ASN G 858 34.18 -16.12 -40.19
N PRO G 859 32.88 -16.06 -40.44
CA PRO G 859 32.24 -17.18 -41.17
C PRO G 859 32.79 -17.40 -42.56
N LYS G 860 33.02 -16.34 -43.33
CA LYS G 860 33.50 -16.49 -44.68
C LYS G 860 35.02 -16.48 -44.63
N LYS G 861 35.62 -17.63 -44.90
CA LYS G 861 37.06 -17.78 -44.75
C LYS G 861 37.80 -17.46 -46.04
N GLU G 862 37.09 -17.02 -47.06
CA GLU G 862 37.69 -16.54 -48.29
C GLU G 862 36.92 -15.34 -48.80
N SER G 863 37.62 -14.39 -49.42
CA SER G 863 36.96 -13.25 -50.04
C SER G 863 37.80 -12.80 -51.22
N VAL G 864 37.13 -12.34 -52.28
CA VAL G 864 37.77 -12.01 -53.54
C VAL G 864 37.26 -10.67 -54.03
N PHE G 865 38.17 -9.83 -54.53
CA PHE G 865 37.83 -8.54 -55.11
C PHE G 865 38.30 -8.47 -56.56
N GLU G 866 37.63 -7.61 -57.32
CA GLU G 866 38.00 -7.39 -58.71
C GLU G 866 39.16 -6.42 -58.87
N TYR G 867 39.66 -5.84 -57.79
CA TYR G 867 40.73 -4.85 -57.86
C TYR G 867 41.95 -5.34 -57.09
N ASP G 868 43.11 -4.79 -57.44
CA ASP G 868 44.35 -5.20 -56.82
C ASP G 868 44.46 -4.66 -55.40
N LEU G 869 45.22 -5.37 -54.57
CA LEU G 869 45.53 -4.93 -53.22
C LEU G 869 47.04 -4.85 -53.08
N ILE G 870 47.53 -3.71 -52.58
CA ILE G 870 48.95 -3.44 -52.50
C ILE G 870 49.31 -3.18 -51.04
N LYS G 871 50.18 -4.01 -50.49
CA LYS G 871 50.56 -3.88 -49.09
C LYS G 871 51.23 -2.53 -48.87
N ASP G 872 50.80 -1.83 -47.83
CA ASP G 872 51.34 -0.52 -47.47
C ASP G 872 51.36 0.40 -48.68
N LYS G 873 50.23 0.43 -49.39
CA LYS G 873 50.13 1.19 -50.62
C LYS G 873 50.47 2.66 -50.40
N ARG G 874 50.15 3.20 -49.22
CA ARG G 874 50.33 4.63 -48.99
C ARG G 874 51.78 5.06 -49.14
N PHE G 875 52.72 4.16 -48.91
CA PHE G 875 54.13 4.48 -49.06
C PHE G 875 54.69 4.07 -50.41
N THR G 876 53.86 3.53 -51.30
CA THR G 876 54.35 3.15 -52.61
C THR G 876 54.50 4.34 -53.55
N GLU G 877 53.93 5.50 -53.23
CA GLU G 877 54.01 6.66 -54.09
C GLU G 877 54.25 7.91 -53.25
N ASP G 878 54.81 8.93 -53.90
CA ASP G 878 54.99 10.21 -53.24
C ASP G 878 53.63 10.80 -52.87
N LYS G 879 53.57 11.47 -51.72
CA LYS G 879 52.30 11.99 -51.24
C LYS G 879 52.48 13.37 -50.60
N PHE G 880 51.41 14.16 -50.67
CA PHE G 880 51.33 15.48 -50.06
C PHE G 880 50.47 15.40 -48.81
N PHE G 881 50.91 16.07 -47.73
CA PHE G 881 50.22 15.99 -46.46
C PHE G 881 49.90 17.38 -45.95
N PHE G 882 48.82 17.47 -45.18
CA PHE G 882 48.27 18.73 -44.68
C PHE G 882 47.94 18.54 -43.21
N HIS G 883 48.57 19.33 -42.34
CA HIS G 883 48.33 19.28 -40.91
C HIS G 883 47.68 20.60 -40.53
N CYS G 884 46.42 20.53 -40.08
CA CYS G 884 45.64 21.71 -39.77
C CYS G 884 45.24 21.72 -38.30
N PRO G 885 45.72 22.67 -37.50
CA PRO G 885 45.26 22.76 -36.12
C PRO G 885 43.87 23.35 -36.04
N ILE G 886 43.10 22.87 -35.05
CA ILE G 886 41.77 23.38 -34.77
C ILE G 886 41.64 23.51 -33.26
N THR G 887 40.70 24.34 -32.83
CA THR G 887 40.42 24.55 -31.42
C THR G 887 39.04 24.00 -31.08
N ILE G 888 38.96 23.23 -30.02
CA ILE G 888 37.71 22.61 -29.61
C ILE G 888 37.12 23.42 -28.47
N ASN G 889 35.80 23.65 -28.52
CA ASN G 889 35.11 24.45 -27.51
C ASN G 889 35.70 25.86 -27.42
N PHE G 890 35.71 26.54 -28.57
CA PHE G 890 36.39 27.82 -28.67
C PHE G 890 35.82 28.83 -27.69
N LYS G 891 34.49 28.90 -27.57
CA LYS G 891 33.91 29.90 -26.70
C LYS G 891 34.17 29.60 -25.23
N SER G 892 34.44 28.35 -24.88
CA SER G 892 34.56 27.96 -23.49
C SER G 892 35.92 28.36 -22.95
N SER G 893 35.98 28.50 -21.63
CA SER G 893 37.20 28.85 -20.92
C SER G 893 38.10 27.64 -20.72
N GLY G 894 39.38 27.91 -20.49
CA GLY G 894 40.31 26.83 -20.19
C GLY G 894 39.95 26.09 -18.91
N ALA G 895 40.54 24.91 -18.75
CA ALA G 895 40.19 24.00 -17.67
C ALA G 895 40.98 24.31 -16.41
N ASN G 896 40.26 24.44 -15.29
CA ASN G 896 40.93 24.53 -14.00
C ASN G 896 39.98 23.99 -12.93
N LYS G 897 40.56 23.40 -11.88
CA LYS G 897 39.78 22.87 -10.76
C LYS G 897 38.72 21.88 -11.23
N PHE G 898 39.12 20.98 -12.14
CA PHE G 898 38.15 20.06 -12.72
C PHE G 898 37.75 19.00 -11.73
N ASN G 899 38.72 18.43 -11.02
CA ASN G 899 38.40 17.37 -10.07
C ASN G 899 37.40 17.85 -9.03
N ASP G 900 37.54 19.11 -8.58
CA ASP G 900 36.59 19.64 -7.61
C ASP G 900 35.17 19.61 -8.17
N GLU G 901 35.01 20.03 -9.42
CA GLU G 901 33.68 20.01 -10.03
C GLU G 901 33.14 18.58 -10.12
N ILE G 902 33.97 17.65 -10.57
CA ILE G 902 33.51 16.26 -10.69
C ILE G 902 33.11 15.73 -9.33
N ASN G 903 33.90 16.02 -8.29
CA ASN G 903 33.59 15.52 -6.96
C ASN G 903 32.27 16.08 -6.46
N LEU G 904 32.01 17.37 -6.71
CA LEU G 904 30.71 17.94 -6.34
C LEU G 904 29.59 17.24 -7.08
N LEU G 905 29.74 17.03 -8.39
CA LEU G 905 28.71 16.35 -9.16
C LEU G 905 28.43 14.97 -8.60
N LEU G 906 29.48 14.22 -8.28
CA LEU G 906 29.28 12.90 -7.72
C LEU G 906 28.58 12.99 -6.38
N LYS G 907 28.97 13.96 -5.55
CA LYS G 907 28.35 14.09 -4.23
C LYS G 907 26.86 14.31 -4.34
N GLU G 908 26.44 15.12 -5.32
CA GLU G 908 25.01 15.37 -5.49
C GLU G 908 24.31 14.15 -6.07
N LYS G 909 24.92 13.51 -7.06
CA LYS G 909 24.27 12.45 -7.82
C LYS G 909 24.61 11.05 -7.30
N ALA G 910 25.32 10.95 -6.17
CA ALA G 910 25.90 9.69 -5.73
C ALA G 910 24.91 8.54 -5.66
N ASN G 911 23.61 8.82 -5.54
CA ASN G 911 22.65 7.73 -5.51
C ASN G 911 22.66 6.96 -6.82
N ASP G 912 22.91 7.65 -7.94
CA ASP G 912 22.88 7.02 -9.25
C ASP G 912 24.25 6.60 -9.76
N VAL G 913 25.32 6.89 -9.04
CA VAL G 913 26.62 6.50 -9.57
C VAL G 913 26.79 4.99 -9.47
N HIS G 914 27.66 4.48 -10.32
CA HIS G 914 28.11 3.09 -10.32
C HIS G 914 29.63 3.13 -10.37
N ILE G 915 30.26 1.98 -10.16
CA ILE G 915 31.71 1.91 -10.16
C ILE G 915 32.14 0.85 -11.15
N LEU G 916 32.89 1.27 -12.15
CA LEU G 916 33.47 0.41 -13.16
C LEU G 916 34.93 0.20 -12.80
N SER G 917 35.29 -1.01 -12.42
CA SER G 917 36.64 -1.33 -11.98
C SER G 917 37.31 -2.20 -13.04
N ILE G 918 38.55 -1.83 -13.39
CA ILE G 918 39.29 -2.52 -14.44
C ILE G 918 40.55 -3.10 -13.84
N ASP G 919 40.90 -4.32 -14.23
CA ASP G 919 42.08 -4.97 -13.71
C ASP G 919 42.72 -5.81 -14.81
N ARG G 920 44.04 -5.96 -14.73
CA ARG G 920 44.78 -6.78 -15.68
C ARG G 920 44.93 -8.16 -15.09
N GLY G 921 44.28 -9.14 -15.69
CA GLY G 921 44.29 -10.47 -15.12
C GLY G 921 45.49 -11.28 -15.53
N GLU G 922 45.70 -12.39 -14.83
CA GLU G 922 46.73 -13.34 -15.22
C GLU G 922 46.31 -14.09 -16.47
N ARG G 923 45.08 -14.56 -16.49
CA ARG G 923 44.52 -15.27 -17.63
C ARG G 923 43.69 -14.38 -18.54
N HIS G 924 43.50 -13.12 -18.19
CA HIS G 924 42.67 -12.19 -18.96
C HIS G 924 43.47 -10.93 -19.27
N LEU G 925 43.32 -10.43 -20.50
CA LEU G 925 43.97 -9.17 -20.85
C LEU G 925 43.45 -8.05 -19.99
N ALA G 926 42.13 -7.93 -19.86
CA ALA G 926 41.52 -6.93 -19.00
C ALA G 926 40.15 -7.43 -18.58
N TYR G 927 39.68 -6.96 -17.43
CA TYR G 927 38.42 -7.42 -16.86
C TYR G 927 37.80 -6.27 -16.11
N TYR G 928 36.47 -6.17 -16.16
CA TYR G 928 35.76 -5.08 -15.52
C TYR G 928 34.61 -5.59 -14.66
N THR G 929 34.24 -4.81 -13.66
CA THR G 929 33.08 -5.09 -12.83
C THR G 929 32.33 -3.80 -12.53
N LEU G 930 31.03 -3.78 -12.84
CA LEU G 930 30.14 -2.72 -12.39
C LEU G 930 29.63 -3.10 -11.01
N VAL G 931 29.80 -2.21 -10.04
CA VAL G 931 29.36 -2.51 -8.68
C VAL G 931 28.29 -1.54 -8.24
N ASP G 932 27.31 -2.06 -7.50
CA ASP G 932 26.21 -1.31 -6.93
C ASP G 932 26.69 -0.44 -5.78
N GLY G 933 25.86 0.53 -5.41
CA GLY G 933 26.19 1.39 -4.29
C GLY G 933 26.49 0.63 -3.02
N LYS G 934 25.83 -0.51 -2.81
CA LYS G 934 26.09 -1.34 -1.64
C LYS G 934 27.22 -2.32 -1.87
N GLY G 935 27.71 -2.45 -3.10
CA GLY G 935 28.77 -3.38 -3.39
C GLY G 935 28.36 -4.62 -4.16
N ASN G 936 27.11 -4.74 -4.57
CA ASN G 936 26.71 -5.83 -5.42
C ASN G 936 27.29 -5.62 -6.82
N ILE G 937 27.37 -6.70 -7.59
CA ILE G 937 27.90 -6.65 -8.95
C ILE G 937 26.74 -6.64 -9.92
N ILE G 938 26.58 -5.52 -10.64
CA ILE G 938 25.53 -5.46 -11.65
C ILE G 938 25.95 -6.22 -12.91
N LYS G 939 27.18 -6.01 -13.37
CA LYS G 939 27.61 -6.64 -14.61
C LYS G 939 29.12 -6.84 -14.55
N GLN G 940 29.58 -7.95 -15.12
CA GLN G 940 31.01 -8.22 -15.26
C GLN G 940 31.24 -8.99 -16.55
N ASP G 941 32.30 -8.61 -17.29
CA ASP G 941 32.67 -9.32 -18.50
C ASP G 941 34.11 -9.01 -18.85
N THR G 942 34.67 -9.83 -19.72
CA THR G 942 36.04 -9.66 -20.18
C THR G 942 36.09 -8.75 -21.41
N PHE G 943 37.18 -7.99 -21.50
CA PHE G 943 37.47 -7.16 -22.65
C PHE G 943 38.22 -7.91 -23.74
N ASN G 944 38.38 -9.22 -23.61
CA ASN G 944 39.08 -10.00 -24.63
C ASN G 944 38.43 -9.88 -26.00
N ILE G 945 37.11 -9.77 -26.06
CA ILE G 945 36.39 -9.81 -27.33
C ILE G 945 35.97 -8.39 -27.67
N ILE G 946 36.59 -7.82 -28.70
CA ILE G 946 36.18 -6.54 -29.25
C ILE G 946 35.55 -6.83 -30.60
N GLY G 947 34.25 -6.66 -30.70
CA GLY G 947 33.65 -6.81 -31.99
C GLY G 947 32.23 -6.32 -32.10
N ASN G 948 31.85 -6.02 -33.33
CA ASN G 948 30.48 -5.75 -33.70
C ASN G 948 29.82 -7.08 -34.06
N ASP G 949 28.52 -7.06 -34.27
CA ASP G 949 27.85 -8.29 -34.68
C ASP G 949 28.38 -8.76 -36.03
N ARG G 950 28.77 -7.82 -36.89
CA ARG G 950 29.36 -8.18 -38.18
C ARG G 950 30.61 -9.01 -38.00
N MET G 951 31.55 -8.54 -37.17
CA MET G 951 32.79 -9.25 -36.96
C MET G 951 33.23 -9.10 -35.51
N LYS G 952 33.64 -10.20 -34.91
CA LYS G 952 34.16 -10.22 -33.55
C LYS G 952 35.59 -10.70 -33.61
N THR G 953 36.49 -9.92 -33.02
CA THR G 953 37.89 -10.29 -32.93
C THR G 953 38.21 -10.63 -31.48
N ASN G 954 38.85 -11.78 -31.27
CA ASN G 954 39.26 -12.20 -29.94
C ASN G 954 40.74 -11.87 -29.81
N TYR G 955 41.04 -10.83 -29.04
CA TYR G 955 42.43 -10.43 -28.93
C TYR G 955 43.20 -11.35 -28.00
N HIS G 956 42.51 -11.98 -27.05
CA HIS G 956 43.19 -12.91 -26.16
C HIS G 956 43.74 -14.09 -26.95
N ASP G 957 42.92 -14.71 -27.78
CA ASP G 957 43.37 -15.85 -28.57
C ASP G 957 44.48 -15.43 -29.53
N LYS G 958 44.28 -14.29 -30.20
CA LYS G 958 45.30 -13.79 -31.12
C LYS G 958 46.64 -13.61 -30.40
N LEU G 959 46.62 -12.91 -29.27
CA LEU G 959 47.85 -12.70 -28.52
C LEU G 959 48.44 -14.02 -28.03
N ALA G 960 47.58 -14.91 -27.51
CA ALA G 960 48.06 -16.19 -27.03
C ALA G 960 48.72 -16.98 -28.14
N ALA G 961 48.20 -16.88 -29.36
CA ALA G 961 48.82 -17.56 -30.48
C ALA G 961 50.21 -17.03 -30.74
N ILE G 962 50.40 -15.72 -30.63
CA ILE G 962 51.71 -15.14 -30.91
C ILE G 962 52.71 -15.53 -29.82
N GLU G 963 52.28 -15.48 -28.56
CA GLU G 963 53.18 -15.77 -27.45
C GLU G 963 53.61 -17.22 -27.46
N ARG G 970 58.77 -15.39 -27.82
CA ARG G 970 59.08 -13.98 -27.95
C ARG G 970 60.52 -13.69 -27.57
N LYS G 971 61.43 -14.57 -27.99
CA LYS G 971 62.83 -14.38 -27.63
C LYS G 971 63.48 -13.28 -28.45
N ASP G 972 63.22 -13.24 -29.75
CA ASP G 972 63.86 -12.26 -30.63
C ASP G 972 63.15 -10.91 -30.58
N TRP G 973 63.90 -9.87 -30.94
CA TRP G 973 63.42 -8.50 -30.85
C TRP G 973 62.10 -8.29 -31.56
N LYS G 974 62.01 -8.78 -32.80
CA LYS G 974 60.88 -8.43 -33.64
C LYS G 974 59.57 -8.93 -33.05
N LYS G 975 59.55 -10.15 -32.54
CA LYS G 975 58.33 -10.67 -31.95
C LYS G 975 57.92 -9.84 -30.75
N ILE G 976 58.87 -9.49 -29.89
CA ILE G 976 58.56 -8.62 -28.76
C ILE G 976 57.87 -7.36 -29.24
N ASN G 977 58.44 -6.72 -30.24
CA ASN G 977 57.88 -5.46 -30.72
C ASN G 977 56.49 -5.67 -31.28
N ASN G 978 56.27 -6.76 -32.01
CA ASN G 978 54.96 -6.99 -32.61
C ASN G 978 53.91 -7.23 -31.53
N ILE G 979 54.27 -7.97 -30.48
CA ILE G 979 53.32 -8.19 -29.40
C ILE G 979 53.00 -6.88 -28.71
N LYS G 980 54.03 -6.09 -28.42
CA LYS G 980 53.83 -4.81 -27.75
C LYS G 980 52.91 -3.92 -28.56
N GLU G 981 53.23 -3.72 -29.84
CA GLU G 981 52.43 -2.84 -30.67
C GLU G 981 50.99 -3.32 -30.76
N MET G 982 50.81 -4.63 -30.95
CA MET G 982 49.46 -5.16 -30.97
C MET G 982 48.75 -4.86 -29.67
N LYS G 983 49.44 -5.03 -28.54
CA LYS G 983 48.83 -4.75 -27.26
C LYS G 983 48.36 -3.30 -27.20
N GLU G 984 49.16 -2.39 -27.71
CA GLU G 984 48.78 -0.98 -27.66
C GLU G 984 47.56 -0.72 -28.52
N GLY G 985 47.51 -1.29 -29.72
CA GLY G 985 46.35 -1.13 -30.56
C GLY G 985 45.10 -1.74 -29.95
N TYR G 986 45.25 -2.92 -29.37
CA TYR G 986 44.13 -3.51 -28.63
C TYR G 986 43.64 -2.58 -27.54
N LEU G 987 44.57 -1.90 -26.85
CA LEU G 987 44.15 -0.91 -25.88
C LEU G 987 43.36 0.19 -26.54
N SER G 988 43.77 0.62 -27.73
CA SER G 988 43.00 1.63 -28.45
C SER G 988 41.58 1.15 -28.66
N GLN G 989 41.39 -0.16 -28.81
CA GLN G 989 40.03 -0.68 -28.91
C GLN G 989 39.31 -0.59 -27.57
N VAL G 990 39.98 -0.96 -26.48
CA VAL G 990 39.29 -1.16 -25.23
C VAL G 990 38.81 0.17 -24.65
N VAL G 991 39.49 1.27 -24.95
CA VAL G 991 39.10 2.53 -24.35
C VAL G 991 37.70 2.92 -24.80
N HIS G 992 37.32 2.55 -26.03
CA HIS G 992 35.98 2.85 -26.49
C HIS G 992 34.95 2.08 -25.68
N GLU G 993 35.19 0.78 -25.51
CA GLU G 993 34.28 -0.02 -24.70
C GLU G 993 34.16 0.57 -23.30
N ILE G 994 35.28 0.97 -22.71
CA ILE G 994 35.21 1.57 -21.38
C ILE G 994 34.37 2.82 -21.41
N ALA G 995 34.53 3.64 -22.45
CA ALA G 995 33.78 4.88 -22.52
C ALA G 995 32.29 4.61 -22.63
N LYS G 996 31.90 3.66 -23.49
CA LYS G 996 30.49 3.32 -23.61
C LYS G 996 29.92 2.86 -22.28
N LEU G 997 30.65 1.99 -21.59
CA LEU G 997 30.19 1.55 -20.27
C LEU G 997 30.04 2.73 -19.33
N VAL G 998 31.02 3.63 -19.31
CA VAL G 998 30.97 4.77 -18.40
C VAL G 998 29.67 5.54 -18.59
N ILE G 999 29.36 5.89 -19.83
CA ILE G 999 28.17 6.70 -20.07
C ILE G 999 26.91 5.88 -19.85
N GLU G 1000 26.94 4.61 -20.25
CA GLU G 1000 25.71 3.82 -20.23
C GLU G 1000 25.25 3.57 -18.80
N TYR G 1001 26.16 3.11 -17.95
CA TYR G 1001 25.82 2.69 -16.60
C TYR G 1001 26.06 3.76 -15.55
N ASN G 1002 26.41 4.98 -15.93
CA ASN G 1002 26.60 6.09 -15.00
C ASN G 1002 27.71 5.78 -13.99
N ALA G 1003 28.83 5.26 -14.48
CA ALA G 1003 29.86 4.76 -13.59
C ALA G 1003 31.02 5.74 -13.49
N ILE G 1004 31.99 5.38 -12.64
CA ILE G 1004 33.29 6.03 -12.58
C ILE G 1004 34.34 4.93 -12.72
N VAL G 1005 35.46 5.26 -13.35
CA VAL G 1005 36.47 4.27 -13.67
C VAL G 1005 37.47 4.21 -12.54
N VAL G 1006 37.78 3.00 -12.09
CA VAL G 1006 38.77 2.78 -11.05
C VAL G 1006 39.87 1.90 -11.61
N PHE G 1007 41.09 2.42 -11.61
CA PHE G 1007 42.28 1.73 -12.07
C PHE G 1007 43.23 1.56 -10.91
N GLU G 1008 44.16 0.63 -11.03
CA GLU G 1008 45.19 0.52 -10.01
C GLU G 1008 46.19 1.65 -10.18
N ASP G 1009 46.77 2.07 -9.06
CA ASP G 1009 47.73 3.16 -9.09
C ASP G 1009 49.07 2.61 -9.54
N LEU G 1010 49.56 3.09 -10.67
CA LEU G 1010 50.82 2.61 -11.18
C LEU G 1010 52.01 3.41 -10.67
N ASN G 1011 51.76 4.55 -10.04
CA ASN G 1011 52.87 5.31 -9.47
C ASN G 1011 53.37 4.68 -8.18
N PHE G 1012 52.46 4.15 -7.38
CA PHE G 1012 52.82 3.52 -6.12
C PHE G 1012 51.91 2.34 -5.88
N GLY G 1013 52.50 1.18 -5.57
CA GLY G 1013 51.72 0.03 -5.20
C GLY G 1013 51.15 -0.77 -6.35
N PHE G 1014 51.88 -0.89 -7.45
CA PHE G 1014 51.42 -1.69 -8.58
C PHE G 1014 51.64 -3.19 -8.31
N LYS G 1015 50.87 -4.00 -9.03
CA LYS G 1015 50.94 -5.45 -8.83
C LYS G 1015 52.30 -6.01 -9.20
N ARG G 1016 52.74 -7.03 -8.46
CA ARG G 1016 54.06 -7.60 -8.67
C ARG G 1016 54.08 -8.62 -9.81
N GLY G 1017 53.07 -9.48 -9.88
CA GLY G 1017 53.19 -10.74 -10.60
C GLY G 1017 53.24 -10.60 -12.11
N ARG G 1018 53.16 -11.77 -12.75
CA ARG G 1018 53.19 -11.89 -14.19
C ARG G 1018 51.78 -11.77 -14.75
N PHE G 1019 51.60 -10.88 -15.72
CA PHE G 1019 50.27 -10.62 -16.28
C PHE G 1019 50.35 -10.54 -17.79
N LYS G 1020 49.18 -10.68 -18.43
CA LYS G 1020 49.13 -10.67 -19.88
C LYS G 1020 49.56 -9.33 -20.45
N VAL G 1021 49.20 -8.24 -19.77
CA VAL G 1021 49.55 -6.90 -20.20
C VAL G 1021 50.49 -6.30 -19.18
N GLU G 1022 51.67 -5.90 -19.64
CA GLU G 1022 52.71 -5.39 -18.76
C GLU G 1022 52.33 -4.05 -18.18
N LYS G 1023 53.02 -3.67 -17.09
CA LYS G 1023 52.75 -2.40 -16.44
C LYS G 1023 52.88 -1.24 -17.41
N GLN G 1024 53.91 -1.24 -18.25
CA GLN G 1024 54.11 -0.14 -19.17
C GLN G 1024 52.94 -0.01 -20.14
N VAL G 1025 52.48 -1.13 -20.68
CA VAL G 1025 51.37 -1.10 -21.62
C VAL G 1025 50.09 -0.66 -20.93
N TYR G 1026 49.82 -1.23 -19.76
CA TYR G 1026 48.64 -0.80 -19.02
C TYR G 1026 48.71 0.68 -18.69
N GLN G 1027 49.90 1.17 -18.35
CA GLN G 1027 50.08 2.60 -18.16
C GLN G 1027 49.61 3.37 -19.39
N LYS G 1028 49.92 2.84 -20.58
CA LYS G 1028 49.44 3.47 -21.80
C LYS G 1028 47.91 3.44 -21.84
N LEU G 1029 47.31 2.35 -21.39
CA LEU G 1029 45.85 2.28 -21.37
C LEU G 1029 45.28 3.41 -20.53
N GLU G 1030 45.81 3.60 -19.33
CA GLU G 1030 45.29 4.65 -18.46
C GLU G 1030 45.46 6.02 -19.09
N LYS G 1031 46.63 6.29 -19.67
CA LYS G 1031 46.84 7.56 -20.35
C LYS G 1031 45.83 7.74 -21.48
N MET G 1032 45.61 6.69 -22.26
CA MET G 1032 44.72 6.82 -23.41
C MET G 1032 43.30 7.08 -22.96
N LEU G 1033 42.86 6.45 -21.87
CA LEU G 1033 41.51 6.71 -21.39
C LEU G 1033 41.37 8.14 -20.92
N ILE G 1034 42.39 8.67 -20.25
CA ILE G 1034 42.38 10.08 -19.88
C ILE G 1034 42.21 10.95 -21.12
N GLU G 1035 43.09 10.75 -22.10
CA GLU G 1035 43.07 11.60 -23.28
C GLU G 1035 41.79 11.44 -24.07
N LYS G 1036 41.23 10.23 -24.09
CA LYS G 1036 39.99 10.03 -24.81
C LYS G 1036 38.86 10.76 -24.12
N LEU G 1037 38.77 10.65 -22.80
CA LEU G 1037 37.69 11.29 -22.08
C LEU G 1037 37.84 12.80 -22.04
N ASN G 1038 38.93 13.36 -22.57
CA ASN G 1038 39.01 14.81 -22.73
C ASN G 1038 37.90 15.32 -23.64
N TYR G 1039 37.68 14.63 -24.76
CA TYR G 1039 36.61 14.96 -25.69
C TYR G 1039 35.99 13.65 -26.15
N LEU G 1040 34.73 13.43 -25.83
CA LEU G 1040 34.09 12.14 -26.05
C LEU G 1040 32.91 12.31 -26.98
N VAL G 1041 33.02 11.78 -28.18
CA VAL G 1041 31.96 11.81 -29.17
C VAL G 1041 31.55 10.38 -29.46
N PHE G 1042 30.24 10.15 -29.55
CA PHE G 1042 29.70 8.91 -30.07
C PHE G 1042 29.22 9.16 -31.49
N LYS G 1043 29.69 8.34 -32.42
CA LYS G 1043 29.51 8.64 -33.81
C LYS G 1043 28.06 8.50 -34.26
N ASP G 1044 27.25 7.76 -33.52
CA ASP G 1044 25.84 7.63 -33.83
C ASP G 1044 24.98 8.75 -33.24
N ASN G 1045 25.36 9.29 -32.09
CA ASN G 1045 24.51 10.27 -31.40
C ASN G 1045 24.18 11.46 -32.31
N GLU G 1046 23.05 12.08 -32.05
CA GLU G 1046 22.60 13.18 -32.88
C GLU G 1046 23.55 14.36 -32.77
N PHE G 1047 23.64 15.13 -33.85
CA PHE G 1047 24.64 16.18 -33.95
C PHE G 1047 24.45 17.25 -32.88
N ASP G 1048 23.23 17.74 -32.72
CA ASP G 1048 23.00 18.84 -31.78
C ASP G 1048 22.85 18.35 -30.34
N LYS G 1049 22.33 17.16 -30.14
CA LYS G 1049 22.06 16.67 -28.80
C LYS G 1049 23.32 16.17 -28.10
N THR G 1050 23.27 16.12 -26.79
CA THR G 1050 24.44 15.79 -25.98
C THR G 1050 25.03 14.45 -26.39
N GLY G 1051 26.34 14.34 -26.25
CA GLY G 1051 27.06 13.22 -26.80
C GLY G 1051 27.35 13.31 -28.28
N GLY G 1052 26.89 14.35 -28.95
CA GLY G 1052 27.09 14.50 -30.36
C GLY G 1052 28.33 15.31 -30.69
N VAL G 1053 28.47 15.60 -31.97
CA VAL G 1053 29.68 16.25 -32.46
C VAL G 1053 29.85 17.62 -31.82
N LEU G 1054 28.75 18.31 -31.57
CA LEU G 1054 28.87 19.62 -30.95
C LEU G 1054 29.00 19.53 -29.44
N ARG G 1055 28.28 18.60 -28.82
CA ARG G 1055 28.07 18.54 -27.39
C ARG G 1055 28.96 17.52 -26.66
N ALA G 1056 30.05 17.07 -27.25
CA ALA G 1056 30.81 15.94 -26.74
C ALA G 1056 31.12 16.04 -25.24
N TYR G 1057 31.10 14.89 -24.57
CA TYR G 1057 31.33 14.81 -23.13
C TYR G 1057 32.74 15.22 -22.78
N GLN G 1058 32.89 16.01 -21.72
CA GLN G 1058 34.19 16.25 -21.11
C GLN G 1058 34.16 15.71 -19.69
N LEU G 1059 34.76 14.53 -19.48
CA LEU G 1059 34.83 13.92 -18.17
C LEU G 1059 36.19 14.02 -17.49
N THR G 1060 37.21 14.57 -18.14
CA THR G 1060 38.55 14.54 -17.57
C THR G 1060 39.32 15.80 -17.96
N ALA G 1061 40.21 16.21 -17.09
CA ALA G 1061 41.11 17.30 -17.38
C ALA G 1061 42.22 16.83 -18.30
N PRO G 1062 42.84 17.73 -19.06
CA PRO G 1062 43.89 17.31 -19.97
C PRO G 1062 45.00 16.59 -19.25
N PHE G 1063 45.66 15.70 -19.98
CA PHE G 1063 46.75 14.92 -19.43
C PHE G 1063 47.95 15.81 -19.15
N GLU G 1064 48.65 15.54 -18.07
CA GLU G 1064 49.81 16.34 -17.72
C GLU G 1064 51.06 15.48 -17.81
N THR G 1065 51.25 14.61 -16.82
CA THR G 1065 52.33 13.65 -16.83
C THR G 1065 51.92 12.46 -15.97
N PHE G 1066 52.64 11.34 -16.17
CA PHE G 1066 52.27 10.12 -15.47
C PHE G 1066 52.29 10.34 -13.95
N LYS G 1067 53.29 11.05 -13.45
CA LYS G 1067 53.41 11.24 -12.01
C LYS G 1067 52.24 12.07 -11.49
N LYS G 1068 51.86 13.10 -12.22
CA LYS G 1068 50.80 13.99 -11.74
C LYS G 1068 49.42 13.40 -11.87
N MET G 1069 49.28 12.21 -12.45
CA MET G 1069 47.97 11.55 -12.47
C MET G 1069 47.38 11.48 -11.07
N GLY G 1070 48.17 11.01 -10.11
CA GLY G 1070 47.71 11.00 -8.74
C GLY G 1070 46.60 10.00 -8.49
N LYS G 1071 45.91 10.24 -7.37
CA LYS G 1071 44.82 9.34 -6.99
C LYS G 1071 43.59 9.55 -7.84
N GLN G 1072 43.41 10.75 -8.40
CA GLN G 1072 42.26 11.05 -9.22
C GLN G 1072 42.68 11.95 -10.38
N THR G 1073 42.25 11.60 -11.58
CA THR G 1073 42.31 12.49 -12.73
C THR G 1073 40.92 12.54 -13.35
N GLY G 1074 40.29 13.70 -13.30
CA GLY G 1074 38.94 13.80 -13.79
C GLY G 1074 38.06 12.80 -13.06
N ILE G 1075 37.46 11.90 -13.83
CA ILE G 1075 36.52 10.93 -13.31
C ILE G 1075 37.18 9.59 -13.01
N ILE G 1076 38.46 9.44 -13.29
CA ILE G 1076 39.17 8.19 -13.12
C ILE G 1076 39.92 8.23 -11.80
N TYR G 1077 39.85 7.17 -11.02
CA TYR G 1077 40.47 7.10 -9.71
C TYR G 1077 41.45 5.93 -9.66
N TYR G 1078 42.61 6.17 -9.05
CA TYR G 1078 43.68 5.17 -8.99
C TYR G 1078 43.88 4.74 -7.54
N VAL G 1079 43.62 3.46 -7.27
CA VAL G 1079 43.72 2.92 -5.92
C VAL G 1079 44.81 1.85 -5.90
N PRO G 1080 45.45 1.62 -4.76
CA PRO G 1080 46.48 0.58 -4.71
C PRO G 1080 45.89 -0.79 -5.04
N ALA G 1081 46.62 -1.53 -5.84
CA ALA G 1081 46.17 -2.87 -6.21
C ALA G 1081 46.52 -3.90 -5.16
N GLY G 1082 47.20 -3.51 -4.09
CA GLY G 1082 47.62 -4.47 -3.10
C GLY G 1082 46.42 -5.16 -2.46
N PHE G 1083 46.57 -6.46 -2.24
CA PHE G 1083 45.55 -7.27 -1.57
C PHE G 1083 44.22 -7.23 -2.31
N THR G 1084 44.24 -7.05 -3.62
CA THR G 1084 42.98 -7.09 -4.35
C THR G 1084 42.55 -8.52 -4.68
N SER G 1085 43.46 -9.35 -5.16
CA SER G 1085 43.11 -10.65 -5.70
C SER G 1085 43.19 -11.78 -4.69
N LYS G 1086 43.75 -11.53 -3.50
CA LYS G 1086 43.92 -12.56 -2.49
C LYS G 1086 42.81 -12.58 -1.46
N ILE G 1087 41.76 -11.80 -1.65
CA ILE G 1087 40.74 -11.60 -0.63
C ILE G 1087 39.52 -12.46 -0.91
N CYS G 1088 38.90 -12.92 0.15
CA CYS G 1088 37.61 -13.59 0.07
C CYS G 1088 36.51 -12.60 -0.28
N PRO G 1089 35.74 -12.84 -1.34
CA PRO G 1089 34.69 -11.87 -1.69
C PRO G 1089 33.61 -11.71 -0.64
N VAL G 1090 33.16 -12.78 -0.02
CA VAL G 1090 32.05 -12.67 0.92
C VAL G 1090 32.55 -12.14 2.26
N THR G 1091 33.62 -12.70 2.79
CA THR G 1091 34.07 -12.35 4.13
C THR G 1091 35.22 -11.36 4.18
N GLY G 1092 35.81 -11.00 3.05
CA GLY G 1092 36.94 -10.09 3.09
C GLY G 1092 38.17 -10.64 3.78
N PHE G 1093 38.37 -11.96 3.78
CA PHE G 1093 39.50 -12.52 4.49
C PHE G 1093 40.80 -12.31 3.72
N VAL G 1094 41.89 -12.19 4.47
CA VAL G 1094 43.22 -12.02 3.90
C VAL G 1094 44.17 -12.91 4.67
N ASN G 1095 45.25 -13.33 4.01
CA ASN G 1095 46.29 -14.09 4.69
C ASN G 1095 47.45 -13.14 4.94
N GLN G 1096 47.59 -12.70 6.19
CA GLN G 1096 48.75 -11.92 6.57
C GLN G 1096 49.75 -12.70 7.41
N LEU G 1097 49.48 -13.95 7.75
CA LEU G 1097 50.41 -14.76 8.53
C LEU G 1097 51.03 -15.80 7.59
N TYR G 1098 52.30 -15.63 7.30
CA TYR G 1098 52.94 -16.46 6.28
C TYR G 1098 53.80 -17.51 6.95
N PRO G 1099 53.39 -18.78 6.95
CA PRO G 1099 54.29 -19.82 7.48
C PRO G 1099 55.47 -20.01 6.54
N LYS G 1100 56.69 -19.81 7.07
CA LYS G 1100 57.89 -20.09 6.31
C LYS G 1100 58.68 -21.29 6.79
N TYR G 1101 58.33 -21.89 7.92
CA TYR G 1101 59.27 -22.76 8.64
C TYR G 1101 60.67 -22.14 8.68
N GLU G 1102 60.83 -21.10 9.49
CA GLU G 1102 62.15 -20.54 9.71
C GLU G 1102 63.03 -21.49 10.52
N SER G 1103 62.51 -21.96 11.64
CA SER G 1103 63.24 -22.82 12.55
C SER G 1103 62.23 -23.63 13.34
N VAL G 1104 62.72 -24.69 13.98
CA VAL G 1104 61.84 -25.53 14.80
C VAL G 1104 61.22 -24.70 15.92
N SER G 1105 62.07 -24.08 16.73
CA SER G 1105 61.57 -23.27 17.83
C SER G 1105 60.65 -22.16 17.32
N LYS G 1106 61.04 -21.50 16.23
CA LYS G 1106 60.19 -20.46 15.65
C LYS G 1106 58.86 -21.04 15.21
N SER G 1107 58.86 -22.25 14.66
CA SER G 1107 57.61 -22.89 14.28
C SER G 1107 56.74 -23.16 15.49
N GLN G 1108 57.35 -23.62 16.58
CA GLN G 1108 56.58 -23.89 17.80
C GLN G 1108 55.99 -22.59 18.34
N GLU G 1109 56.78 -21.52 18.40
CA GLU G 1109 56.23 -20.22 18.74
C GLU G 1109 55.12 -19.84 17.78
N PHE G 1110 55.30 -20.14 16.49
CA PHE G 1110 54.33 -19.72 15.49
C PHE G 1110 53.00 -20.43 15.68
N PHE G 1111 53.04 -21.73 15.96
CA PHE G 1111 51.79 -22.45 16.17
C PHE G 1111 51.19 -22.16 17.53
N SER G 1112 52.02 -21.89 18.53
CA SER G 1112 51.51 -21.61 19.86
C SER G 1112 50.62 -20.39 19.87
N LYS G 1113 50.92 -19.40 19.03
CA LYS G 1113 50.12 -18.18 19.03
C LYS G 1113 48.71 -18.44 18.56
N PHE G 1114 48.47 -19.52 17.81
CA PHE G 1114 47.13 -19.87 17.41
C PHE G 1114 46.23 -19.97 18.64
N ASP G 1115 44.99 -19.50 18.50
CA ASP G 1115 44.04 -19.67 19.59
C ASP G 1115 43.76 -21.14 19.86
N LYS G 1116 43.28 -21.87 18.86
CA LYS G 1116 43.04 -23.29 19.00
C LYS G 1116 43.14 -23.96 17.63
N ILE G 1117 43.59 -25.20 17.62
CA ILE G 1117 43.69 -26.04 16.43
C ILE G 1117 42.97 -27.34 16.75
N CYS G 1118 41.83 -27.59 16.10
CA CYS G 1118 41.02 -28.75 16.41
C CYS G 1118 40.42 -29.32 15.12
N TYR G 1119 39.90 -30.53 15.21
CA TYR G 1119 39.15 -31.18 14.14
C TYR G 1119 37.66 -30.99 14.42
N ASN G 1120 36.92 -30.66 13.37
CA ASN G 1120 35.47 -30.52 13.49
C ASN G 1120 34.84 -31.85 13.12
N LEU G 1121 34.25 -32.52 14.10
CA LEU G 1121 33.77 -33.88 13.90
C LEU G 1121 32.60 -33.91 12.93
N ASP G 1122 31.58 -33.09 13.21
CA ASP G 1122 30.35 -33.19 12.44
C ASP G 1122 30.54 -32.70 11.01
N LYS G 1123 31.26 -31.57 10.84
CA LYS G 1123 31.44 -31.04 9.49
C LYS G 1123 32.48 -31.83 8.74
N GLY G 1124 33.52 -32.29 9.41
CA GLY G 1124 34.50 -33.16 8.79
C GLY G 1124 35.76 -32.50 8.28
N TYR G 1125 36.10 -31.30 8.74
CA TYR G 1125 37.32 -30.62 8.32
C TYR G 1125 38.05 -30.04 9.52
N PHE G 1126 39.36 -29.85 9.36
CA PHE G 1126 40.15 -29.24 10.41
C PHE G 1126 39.89 -27.74 10.47
N GLU G 1127 40.08 -27.16 11.66
CA GLU G 1127 39.86 -25.73 11.86
C GLU G 1127 41.04 -25.14 12.61
N PHE G 1128 41.58 -24.03 12.09
CA PHE G 1128 42.66 -23.30 12.72
C PHE G 1128 42.13 -21.94 13.15
N SER G 1129 42.12 -21.69 14.46
CA SER G 1129 41.57 -20.46 15.02
C SER G 1129 42.69 -19.59 15.58
N PHE G 1130 42.65 -18.31 15.24
CA PHE G 1130 43.71 -17.39 15.62
C PHE G 1130 43.14 -15.98 15.62
N ASP G 1131 43.85 -15.08 16.30
CA ASP G 1131 43.52 -13.67 16.31
C ASP G 1131 44.75 -12.90 15.86
N TYR G 1132 44.57 -12.04 14.87
CA TYR G 1132 45.69 -11.26 14.37
C TYR G 1132 46.26 -10.33 15.43
N LYS G 1133 45.54 -10.10 16.53
CA LYS G 1133 46.11 -9.30 17.62
C LYS G 1133 47.42 -9.91 18.10
N ASN G 1134 47.49 -11.24 18.12
CA ASN G 1134 48.70 -11.89 18.62
C ASN G 1134 49.87 -11.69 17.67
N PHE G 1135 49.63 -11.82 16.37
CA PHE G 1135 50.70 -11.67 15.40
C PHE G 1135 50.98 -10.21 15.09
N ALA G 1139 48.29 -5.49 10.48
CA ALA G 1139 47.49 -4.67 9.58
C ALA G 1139 46.02 -5.06 9.65
N ALA G 1140 45.71 -6.30 9.27
CA ALA G 1140 44.36 -6.81 9.43
C ALA G 1140 44.13 -7.20 10.88
N LYS G 1141 42.87 -7.14 11.31
CA LYS G 1141 42.50 -7.45 12.67
C LYS G 1141 41.20 -8.23 12.69
N GLY G 1142 41.17 -9.29 13.48
CA GLY G 1142 39.95 -10.06 13.65
C GLY G 1142 40.25 -11.47 14.12
N LYS G 1143 39.17 -12.19 14.38
CA LYS G 1143 39.21 -13.61 14.69
C LYS G 1143 38.60 -14.36 13.51
N TRP G 1144 39.34 -15.33 12.97
CA TRP G 1144 39.07 -15.83 11.63
C TRP G 1144 38.64 -17.28 11.58
N THR G 1145 39.45 -18.23 12.06
CA THR G 1145 39.10 -19.65 12.06
C THR G 1145 38.97 -20.19 10.62
N ILE G 1146 40.14 -20.31 9.98
CA ILE G 1146 40.18 -20.86 8.64
C ILE G 1146 39.92 -22.36 8.69
N ALA G 1147 39.55 -22.91 7.54
CA ALA G 1147 39.21 -24.31 7.42
C ALA G 1147 39.91 -24.95 6.22
N SER G 1148 40.00 -26.28 6.26
CA SER G 1148 40.68 -27.09 5.25
C SER G 1148 39.75 -27.61 4.16
N PHE G 1149 38.51 -27.12 4.14
CA PHE G 1149 37.41 -27.75 3.42
C PHE G 1149 37.77 -28.11 1.98
N GLY G 1150 38.23 -27.16 1.20
CA GLY G 1150 38.29 -27.34 -0.24
C GLY G 1150 39.41 -28.26 -0.70
N SER G 1151 39.52 -28.34 -2.03
CA SER G 1151 40.61 -29.03 -2.70
C SER G 1151 41.50 -28.01 -3.38
N ARG G 1152 42.82 -28.21 -3.31
CA ARG G 1152 43.78 -27.19 -3.69
C ARG G 1152 44.71 -27.72 -4.77
N LEU G 1153 44.92 -26.91 -5.81
CA LEU G 1153 45.84 -27.22 -6.88
C LEU G 1153 47.21 -26.59 -6.56
N ILE G 1154 48.27 -27.35 -6.79
CA ILE G 1154 49.62 -26.85 -6.51
C ILE G 1154 50.21 -26.24 -7.77
N ASP G 1166 54.31 -28.38 -13.09
CA ASP G 1166 52.95 -28.83 -13.28
C ASP G 1166 52.23 -28.91 -11.94
N THR G 1167 50.90 -28.82 -12.00
CA THR G 1167 50.06 -28.81 -10.82
C THR G 1167 49.41 -30.18 -10.62
N ARG G 1168 49.25 -30.55 -9.35
CA ARG G 1168 48.54 -31.75 -8.96
C ARG G 1168 47.49 -31.37 -7.92
N GLU G 1169 46.39 -32.12 -7.92
CA GLU G 1169 45.29 -31.83 -7.00
C GLU G 1169 45.57 -32.49 -5.65
N VAL G 1170 45.58 -31.69 -4.59
CA VAL G 1170 45.93 -32.13 -3.24
C VAL G 1170 44.74 -31.88 -2.32
N TYR G 1171 44.52 -32.78 -1.39
CA TYR G 1171 43.43 -32.63 -0.43
C TYR G 1171 43.99 -32.25 0.93
N PRO G 1172 43.77 -31.03 1.41
CA PRO G 1172 44.42 -30.61 2.67
C PRO G 1172 43.94 -31.39 3.89
N THR G 1173 42.64 -31.66 4.00
CA THR G 1173 42.15 -32.43 5.13
C THR G 1173 42.85 -33.78 5.20
N LYS G 1174 42.83 -34.53 4.09
CA LYS G 1174 43.50 -35.82 4.06
C LYS G 1174 44.99 -35.68 4.33
N GLU G 1175 45.63 -34.66 3.76
CA GLU G 1175 47.03 -34.42 4.04
C GLU G 1175 47.27 -34.24 5.53
N LEU G 1176 46.37 -33.53 6.20
CA LEU G 1176 46.50 -33.38 7.64
C LEU G 1176 46.27 -34.70 8.36
N GLU G 1177 45.35 -35.52 7.84
CA GLU G 1177 45.10 -36.83 8.43
C GLU G 1177 46.37 -37.67 8.45
N LYS G 1178 47.05 -37.78 7.30
CA LYS G 1178 48.26 -38.58 7.26
C LYS G 1178 49.35 -37.96 8.13
N LEU G 1179 49.50 -36.64 8.07
CA LEU G 1179 50.55 -36.01 8.86
C LEU G 1179 50.37 -36.30 10.34
N LEU G 1180 49.15 -36.13 10.85
CA LEU G 1180 48.91 -36.39 12.26
C LEU G 1180 49.02 -37.88 12.57
N LYS G 1181 48.35 -38.72 11.76
CA LYS G 1181 48.33 -40.14 12.06
C LYS G 1181 49.71 -40.76 11.98
N ASP G 1182 50.58 -40.24 11.10
CA ASP G 1182 51.93 -40.77 11.00
C ASP G 1182 52.65 -40.67 12.34
N TYR G 1183 52.49 -39.55 13.03
CA TYR G 1183 53.06 -39.40 14.36
C TYR G 1183 52.04 -39.86 15.39
N SER G 1184 52.41 -39.77 16.67
CA SER G 1184 51.51 -40.23 17.72
C SER G 1184 50.22 -39.43 17.72
N ILE G 1185 50.28 -38.15 17.39
CA ILE G 1185 49.10 -37.31 17.48
C ILE G 1185 47.97 -37.97 16.72
N GLU G 1186 46.86 -38.17 17.40
CA GLU G 1186 45.66 -38.69 16.77
C GLU G 1186 44.73 -37.50 16.57
N TYR G 1187 44.44 -37.18 15.31
CA TYR G 1187 43.44 -36.16 15.05
C TYR G 1187 42.16 -36.49 15.79
N GLY G 1188 41.95 -37.75 16.14
CA GLY G 1188 40.91 -38.15 17.02
C GLY G 1188 39.61 -37.70 16.42
N HIS G 1189 38.62 -37.51 17.29
CA HIS G 1189 37.33 -37.03 16.83
C HIS G 1189 36.89 -35.91 17.76
N GLY G 1190 36.87 -34.69 17.22
CA GLY G 1190 36.45 -33.51 17.94
C GLY G 1190 37.47 -32.91 18.89
N GLU G 1191 38.73 -33.33 18.83
CA GLU G 1191 39.71 -32.96 19.85
C GLU G 1191 40.68 -31.92 19.34
N CYS G 1192 41.15 -31.07 20.25
CA CYS G 1192 41.99 -29.94 19.92
C CYS G 1192 43.47 -30.32 19.91
N ILE G 1193 44.16 -29.96 18.82
CA ILE G 1193 45.49 -30.46 18.51
C ILE G 1193 46.60 -29.49 18.86
N LYS G 1194 46.26 -28.28 19.35
CA LYS G 1194 47.24 -27.22 19.42
C LYS G 1194 48.45 -27.61 20.27
N ALA G 1195 48.21 -28.04 21.50
CA ALA G 1195 49.32 -28.41 22.38
C ALA G 1195 50.06 -29.62 21.85
N ALA G 1196 49.33 -30.61 21.34
CA ALA G 1196 49.99 -31.77 20.75
C ALA G 1196 50.84 -31.35 19.56
N ILE G 1197 50.32 -30.44 18.74
CA ILE G 1197 51.10 -29.96 17.59
C ILE G 1197 52.41 -29.36 18.08
N CYS G 1198 52.35 -28.50 19.09
CA CYS G 1198 53.57 -27.94 19.64
C CYS G 1198 54.44 -29.01 20.31
N GLY G 1199 53.92 -30.20 20.52
CA GLY G 1199 54.65 -31.19 21.30
C GLY G 1199 55.82 -31.78 20.55
N GLU G 1200 55.60 -32.15 19.29
CA GLU G 1200 56.66 -32.78 18.52
C GLU G 1200 57.75 -31.77 18.23
N SER G 1201 59.00 -32.21 18.36
CA SER G 1201 60.16 -31.37 18.08
C SER G 1201 60.81 -31.61 16.73
N ASP G 1202 60.31 -32.53 15.91
CA ASP G 1202 61.04 -32.90 14.70
C ASP G 1202 60.81 -31.88 13.59
N LYS G 1203 61.90 -31.58 12.86
CA LYS G 1203 61.82 -30.59 11.79
C LYS G 1203 60.87 -31.04 10.68
N LYS G 1204 60.96 -32.31 10.27
CA LYS G 1204 60.14 -32.79 9.18
C LYS G 1204 58.66 -32.58 9.46
N PHE G 1205 58.25 -32.72 10.71
CA PHE G 1205 56.84 -32.56 11.06
C PHE G 1205 56.38 -31.14 10.79
N PHE G 1206 57.14 -30.16 11.27
CA PHE G 1206 56.73 -28.77 11.12
C PHE G 1206 56.80 -28.32 9.66
N ALA G 1207 57.83 -28.75 8.94
CA ALA G 1207 57.90 -28.43 7.52
C ALA G 1207 56.66 -28.92 6.78
N LYS G 1208 56.26 -30.16 7.05
CA LYS G 1208 55.05 -30.68 6.41
C LYS G 1208 53.82 -29.94 6.87
N LEU G 1209 53.72 -29.66 8.18
CA LEU G 1209 52.51 -29.03 8.70
C LEU G 1209 52.36 -27.62 8.14
N THR G 1210 53.41 -26.81 8.22
CA THR G 1210 53.33 -25.47 7.67
C THR G 1210 53.04 -25.52 6.19
N SER G 1211 53.58 -26.53 5.50
CA SER G 1211 53.32 -26.67 4.08
C SER G 1211 51.85 -26.93 3.83
N VAL G 1212 51.25 -27.81 4.61
CA VAL G 1212 49.83 -28.10 4.46
C VAL G 1212 49.02 -26.84 4.76
N LEU G 1213 49.33 -26.15 5.85
CA LEU G 1213 48.63 -24.92 6.17
C LEU G 1213 48.76 -23.91 5.04
N ASN G 1214 49.94 -23.82 4.43
CA ASN G 1214 50.10 -22.95 3.27
C ASN G 1214 49.16 -23.38 2.14
N THR G 1215 49.07 -24.68 1.88
CA THR G 1215 48.14 -25.16 0.88
C THR G 1215 46.71 -24.77 1.22
N ILE G 1216 46.38 -24.76 2.51
CA ILE G 1216 45.05 -24.33 2.92
C ILE G 1216 44.88 -22.85 2.63
N LEU G 1217 45.95 -22.08 2.75
CA LEU G 1217 45.87 -20.64 2.71
C LEU G 1217 45.77 -20.06 1.31
N GLN G 1218 46.01 -20.84 0.25
CA GLN G 1218 46.02 -20.29 -1.09
C GLN G 1218 44.61 -20.35 -1.66
N MET G 1219 44.06 -19.17 -1.96
CA MET G 1219 42.69 -19.09 -2.47
C MET G 1219 42.61 -19.34 -3.96
N ARG G 1220 43.63 -18.93 -4.71
CA ARG G 1220 43.61 -19.02 -6.16
C ARG G 1220 44.28 -20.32 -6.61
N ASN G 1221 43.57 -21.12 -7.40
CA ASN G 1221 44.09 -22.38 -7.90
C ASN G 1221 43.88 -22.47 -9.40
N SER G 1222 44.89 -22.96 -10.10
CA SER G 1222 44.92 -22.92 -11.56
C SER G 1222 45.59 -24.17 -12.11
N LYS G 1223 45.05 -24.67 -13.23
CA LYS G 1223 45.72 -25.68 -14.03
C LYS G 1223 46.42 -24.99 -15.20
N THR G 1224 47.75 -25.10 -15.26
CA THR G 1224 48.51 -24.39 -16.27
C THR G 1224 48.01 -24.67 -17.69
N GLY G 1225 47.65 -25.94 -17.97
CA GLY G 1225 47.16 -26.24 -19.30
C GLY G 1225 45.74 -25.79 -19.52
N THR G 1226 44.89 -25.90 -18.50
CA THR G 1226 43.48 -25.60 -18.69
C THR G 1226 43.22 -24.11 -18.91
N GLU G 1227 44.14 -23.25 -18.47
CA GLU G 1227 44.04 -21.81 -18.61
C GLU G 1227 42.92 -21.21 -17.77
N LEU G 1228 42.17 -22.04 -17.03
CA LEU G 1228 41.04 -21.60 -16.21
C LEU G 1228 41.41 -21.73 -14.73
N ASP G 1229 41.18 -20.67 -13.96
CA ASP G 1229 41.53 -20.62 -12.54
C ASP G 1229 40.36 -20.09 -11.73
N TYR G 1230 40.41 -20.29 -10.41
CA TYR G 1230 39.28 -19.98 -9.57
C TYR G 1230 39.74 -19.65 -8.15
N LEU G 1231 38.82 -19.08 -7.38
CA LEU G 1231 39.08 -18.54 -6.05
C LEU G 1231 38.16 -19.23 -5.05
N ILE G 1232 38.72 -19.75 -3.96
CA ILE G 1232 37.94 -20.34 -2.87
C ILE G 1232 38.56 -19.91 -1.54
N SER G 1233 37.70 -19.66 -0.54
CA SER G 1233 38.11 -19.02 0.71
C SER G 1233 38.09 -20.00 1.87
N PRO G 1234 39.17 -20.08 2.64
CA PRO G 1234 39.19 -21.00 3.78
C PRO G 1234 38.19 -20.67 4.87
N VAL G 1235 37.84 -19.41 5.06
CA VAL G 1235 36.88 -19.07 6.11
C VAL G 1235 35.47 -19.34 5.59
N ALA G 1236 34.56 -19.60 6.52
CA ALA G 1236 33.17 -19.88 6.20
C ALA G 1236 32.30 -18.71 6.62
N ASP G 1237 31.21 -18.51 5.89
CA ASP G 1237 30.33 -17.38 6.17
C ASP G 1237 29.44 -17.70 7.36
N VAL G 1238 28.60 -16.74 7.72
CA VAL G 1238 27.66 -16.94 8.82
C VAL G 1238 26.71 -18.09 8.51
N ASN G 1239 26.44 -18.33 7.23
CA ASN G 1239 25.57 -19.43 6.84
C ASN G 1239 26.26 -20.79 6.93
N GLY G 1240 27.57 -20.80 7.15
CA GLY G 1240 28.30 -22.05 7.11
C GLY G 1240 28.71 -22.51 5.73
N ASN G 1241 28.45 -21.71 4.70
CA ASN G 1241 28.80 -22.07 3.34
C ASN G 1241 30.15 -21.47 2.97
N PHE G 1242 30.92 -22.20 2.16
CA PHE G 1242 32.21 -21.73 1.70
C PHE G 1242 32.09 -21.13 0.31
N PHE G 1243 32.79 -20.01 0.09
CA PHE G 1243 32.71 -19.35 -1.21
C PHE G 1243 33.48 -20.13 -2.26
N ASP G 1244 32.84 -20.36 -3.39
CA ASP G 1244 33.43 -21.10 -4.49
C ASP G 1244 33.24 -20.31 -5.76
N SER G 1245 34.35 -20.01 -6.44
CA SER G 1245 34.27 -19.21 -7.66
C SER G 1245 33.41 -19.89 -8.72
N ARG G 1246 33.51 -21.23 -8.83
CA ARG G 1246 32.81 -21.92 -9.90
C ARG G 1246 31.30 -21.89 -9.71
N GLN G 1247 30.84 -21.99 -8.46
CA GLN G 1247 29.43 -22.00 -8.17
C GLN G 1247 28.89 -20.63 -7.78
N ALA G 1248 29.72 -19.59 -7.82
CA ALA G 1248 29.29 -18.28 -7.39
C ALA G 1248 28.20 -17.75 -8.30
N PRO G 1249 27.28 -16.95 -7.76
CA PRO G 1249 26.21 -16.37 -8.57
C PRO G 1249 26.71 -15.23 -9.44
N LYS G 1250 25.79 -14.67 -10.25
CA LYS G 1250 26.17 -13.62 -11.18
C LYS G 1250 26.54 -12.33 -10.46
N ASN G 1251 25.98 -12.09 -9.28
CA ASN G 1251 26.30 -10.88 -8.54
C ASN G 1251 27.61 -11.02 -7.75
N MET G 1252 28.26 -12.16 -7.83
CA MET G 1252 29.54 -12.43 -7.23
C MET G 1252 30.57 -12.69 -8.31
N PRO G 1253 31.84 -12.43 -8.05
CA PRO G 1253 32.85 -12.64 -9.10
C PRO G 1253 32.85 -14.05 -9.63
N GLN G 1254 32.93 -14.17 -10.96
CA GLN G 1254 32.86 -15.47 -11.59
C GLN G 1254 34.20 -16.22 -11.55
N ASP G 1255 35.33 -15.51 -11.67
CA ASP G 1255 36.62 -16.17 -11.61
C ASP G 1255 37.58 -15.31 -10.79
N ALA G 1256 38.82 -15.79 -10.66
CA ALA G 1256 39.79 -15.13 -9.81
C ALA G 1256 40.09 -13.72 -10.29
N ASP G 1257 40.32 -13.55 -11.58
CA ASP G 1257 40.51 -12.22 -12.12
C ASP G 1257 39.31 -11.33 -11.81
N ALA G 1258 38.10 -11.87 -11.95
CA ALA G 1258 36.91 -11.12 -11.58
C ALA G 1258 36.96 -10.69 -10.12
N ASN G 1259 37.52 -11.52 -9.25
CA ASN G 1259 37.70 -11.11 -7.87
C ASN G 1259 38.61 -9.88 -7.79
N GLY G 1260 39.74 -9.92 -8.50
CA GLY G 1260 40.63 -8.77 -8.48
C GLY G 1260 39.94 -7.51 -8.94
N ALA G 1261 39.20 -7.60 -10.04
CA ALA G 1261 38.46 -6.45 -10.52
C ALA G 1261 37.42 -5.99 -9.50
N TYR G 1262 36.73 -6.95 -8.89
CA TYR G 1262 35.66 -6.61 -7.96
C TYR G 1262 36.20 -5.84 -6.77
N HIS G 1263 37.34 -6.25 -6.25
CA HIS G 1263 37.86 -5.56 -5.08
C HIS G 1263 38.52 -4.24 -5.43
N ILE G 1264 39.07 -4.14 -6.63
CA ILE G 1264 39.39 -2.81 -7.15
C ILE G 1264 38.15 -1.92 -7.07
N GLY G 1265 37.00 -2.44 -7.44
CA GLY G 1265 35.79 -1.65 -7.34
C GLY G 1265 35.43 -1.33 -5.92
N LEU G 1266 35.71 -2.26 -5.00
CA LEU G 1266 35.40 -2.00 -3.61
C LEU G 1266 36.21 -0.83 -3.09
N LYS G 1267 37.51 -0.82 -3.38
CA LYS G 1267 38.29 0.36 -3.04
C LYS G 1267 37.70 1.59 -3.69
N GLY G 1268 37.20 1.46 -4.90
CA GLY G 1268 36.48 2.56 -5.49
C GLY G 1268 35.26 2.93 -4.68
N LEU G 1269 34.60 1.93 -4.09
CA LEU G 1269 33.45 2.24 -3.24
C LEU G 1269 33.88 3.08 -2.05
N MET G 1270 35.01 2.73 -1.44
CA MET G 1270 35.52 3.55 -0.35
C MET G 1270 35.72 4.98 -0.79
N LEU G 1271 36.39 5.18 -1.93
CA LEU G 1271 36.58 6.53 -2.43
C LEU G 1271 35.25 7.19 -2.73
N LEU G 1272 34.29 6.44 -3.27
CA LEU G 1272 32.98 7.00 -3.54
C LEU G 1272 32.36 7.56 -2.26
N GLY G 1273 32.39 6.78 -1.19
CA GLY G 1273 31.82 7.25 0.06
C GLY G 1273 32.53 8.49 0.56
N ARG G 1274 33.86 8.48 0.53
CA ARG G 1274 34.61 9.65 0.95
C ARG G 1274 34.19 10.85 0.13
N ILE G 1275 33.98 10.66 -1.17
CA ILE G 1275 33.51 11.75 -2.01
C ILE G 1275 32.16 12.25 -1.52
N LYS G 1276 31.30 11.34 -1.08
CA LYS G 1276 29.96 11.73 -0.70
C LYS G 1276 29.96 12.54 0.58
N ASN G 1277 30.87 12.23 1.49
CA ASN G 1277 30.80 12.74 2.84
C ASN G 1277 31.70 13.95 3.09
N ASN G 1278 32.37 14.47 2.07
CA ASN G 1278 33.17 15.67 2.25
C ASN G 1278 32.29 16.90 2.25
N GLN G 1279 32.53 17.83 3.19
CA GLN G 1279 31.72 19.04 3.17
C GLN G 1279 32.51 20.35 3.07
N GLU G 1280 32.97 20.88 4.21
CA GLU G 1280 33.68 22.15 4.20
C GLU G 1280 35.17 21.99 3.97
N GLY G 1281 35.79 21.02 4.63
CA GLY G 1281 37.22 20.85 4.59
C GLY G 1281 37.73 20.63 3.17
N LYS G 1282 38.65 21.48 2.74
CA LYS G 1282 39.07 21.47 1.35
C LYS G 1282 39.65 20.13 0.93
N LYS G 1283 40.29 19.41 1.85
CA LYS G 1283 41.08 18.24 1.49
C LYS G 1283 40.22 16.98 1.59
N LEU G 1284 40.04 16.32 0.45
CA LEU G 1284 39.47 14.99 0.39
C LEU G 1284 40.62 13.99 0.42
N ASN G 1285 40.51 12.96 1.24
CA ASN G 1285 41.58 11.98 1.33
C ASN G 1285 41.25 10.83 0.39
N LEU G 1286 41.99 10.74 -0.71
CA LEU G 1286 41.79 9.68 -1.68
C LEU G 1286 42.79 8.54 -1.52
N VAL G 1287 43.67 8.63 -0.55
CA VAL G 1287 44.69 7.61 -0.35
C VAL G 1287 44.14 6.53 0.58
N ILE G 1288 44.21 5.28 0.15
CA ILE G 1288 43.64 4.16 0.88
C ILE G 1288 44.76 3.37 1.52
N LYS G 1289 44.76 3.31 2.85
CA LYS G 1289 45.68 2.50 3.62
C LYS G 1289 45.05 1.15 3.94
N ASN G 1290 45.90 0.13 4.03
CA ASN G 1290 45.42 -1.23 4.23
C ASN G 1290 44.49 -1.34 5.43
N GLU G 1291 44.78 -0.59 6.50
CA GLU G 1291 43.90 -0.60 7.67
C GLU G 1291 42.46 -0.31 7.26
N GLU G 1292 42.26 0.82 6.59
CA GLU G 1292 40.92 1.22 6.19
C GLU G 1292 40.31 0.23 5.21
N TYR G 1293 41.12 -0.34 4.33
CA TYR G 1293 40.61 -1.30 3.36
C TYR G 1293 40.09 -2.54 4.06
N PHE G 1294 40.91 -3.12 4.95
CA PHE G 1294 40.52 -4.35 5.62
C PHE G 1294 39.25 -4.15 6.45
N GLU G 1295 39.23 -3.10 7.29
CA GLU G 1295 38.04 -2.86 8.10
C GLU G 1295 36.80 -2.69 7.23
N PHE G 1296 36.91 -1.88 6.17
CA PHE G 1296 35.75 -1.61 5.33
C PHE G 1296 35.24 -2.90 4.69
N VAL G 1297 36.11 -3.63 4.01
CA VAL G 1297 35.64 -4.78 3.25
C VAL G 1297 35.12 -5.86 4.17
N GLN G 1298 35.71 -6.00 5.35
CA GLN G 1298 35.38 -7.14 6.20
C GLN G 1298 34.04 -6.94 6.90
N ASN G 1299 33.82 -5.77 7.50
CA ASN G 1299 32.64 -5.55 8.31
C ASN G 1299 31.38 -5.34 7.49
N ARG G 1300 31.51 -4.89 6.25
CA ARG G 1300 30.34 -4.75 5.38
C ARG G 1300 29.87 -6.12 4.92
N ASN G 1301 28.77 -6.10 4.14
CA ASN G 1301 28.34 -7.20 3.26
C ASN G 1301 26.92 -6.94 2.80
#